data_4OMD
#
_entry.id   4OMD
#
_cell.length_a   141.616
_cell.length_b   152.612
_cell.length_c   168.538
_cell.angle_alpha   90.00
_cell.angle_beta   90.00
_cell.angle_gamma   90.00
#
_symmetry.space_group_name_H-M   'P 21 21 21'
#
loop_
_entity.id
_entity.type
_entity.pdbx_description
1 polymer Furin
2 polymer phenylacetyl-Arg-Val-Arg-(amidomethyl)benzamidine
3 non-polymer 'FORMIC ACID'
4 non-polymer 'CALCIUM ION'
5 non-polymer 'SODIUM ION'
6 water water
#
loop_
_entity_poly.entity_id
_entity_poly.type
_entity_poly.pdbx_seq_one_letter_code
_entity_poly.pdbx_strand_id
1 'polypeptide(L)'
;DVYQEPTDPKFPQQWYLSGVTQRDLNVKAAWAQGYTGHGIVVSILDDGIEKNHPDLAGNYDPGASFDVNDQDPDPQPRYT
QMNDNRHGTRCAGEVAAVANNGVCGVGVAYNARIGGVRMLDGEVTDAVEARSLGLNPNHIHIYSASWGPEDDGKTVDGPA
RLAEEAFFRGVSQGRGGLGSIFVWASGNGGREHDSCNCDGYTNSIYTLSISSATQFGNVPWYSEACSSTLATTYSSGNQN
EKQIVTTDLRQKCTESHTGTSASAPLAAGIIALTLEANKNLTWRDMQHLVVQTSKPAHLNANDWATNGVGRKVSHSYGYG
LLDAGAMVALAQNWTTVAPQRKCIIDILTEPKDIGKRLEVRKTVTACLGEPNHITRLEHAQARLTLSYNRRGDLAIHLVS
PMGTRSTLLAARPHDYSADGFNDWAFMTTHSWDEDPSGEWVLEIENTSEANNYGTLTKFTLVLYGTASGSLVPRGSHHHH
HH
;
A,B,C,D,E,F
2 'polypeptide(L)' (HY1)RVR(00S) H,I,J,K,L,N
#
# COMPACT_ATOMS: atom_id res chain seq x y z
N VAL A 2 20.38 22.07 14.86
CA VAL A 2 20.13 20.96 13.90
C VAL A 2 18.81 21.13 13.12
N TYR A 3 17.86 21.86 13.69
CA TYR A 3 16.55 22.11 13.08
C TYR A 3 16.56 22.97 11.81
N GLN A 4 15.84 22.52 10.78
CA GLN A 4 15.75 23.26 9.52
C GLN A 4 14.40 23.98 9.44
N GLU A 5 14.41 25.31 9.32
CA GLU A 5 13.18 26.10 9.24
C GLU A 5 12.44 25.99 7.90
N PRO A 6 11.19 26.48 7.85
CA PRO A 6 10.38 26.44 6.63
C PRO A 6 10.98 27.09 5.39
N THR A 7 10.76 26.46 4.25
CA THR A 7 11.27 26.93 2.98
C THR A 7 10.16 27.58 2.15
N ASP A 8 8.95 27.65 2.72
CA ASP A 8 7.82 28.23 2.01
C ASP A 8 8.15 29.62 1.47
N PRO A 9 7.67 29.93 0.26
CA PRO A 9 7.94 31.23 -0.34
C PRO A 9 7.61 32.45 0.51
N LYS A 10 6.52 32.38 1.26
CA LYS A 10 6.08 33.52 2.08
C LYS A 10 6.54 33.53 3.53
N PHE A 11 7.24 32.47 3.96
CA PHE A 11 7.70 32.41 5.34
C PHE A 11 8.50 33.65 5.75
N PRO A 12 9.42 34.09 4.89
CA PRO A 12 10.23 35.28 5.20
C PRO A 12 9.39 36.52 5.53
N GLN A 13 8.14 36.55 5.05
CA GLN A 13 7.28 37.69 5.29
C GLN A 13 6.43 37.52 6.55
N GLN A 14 6.57 36.37 7.18
CA GLN A 14 5.81 36.10 8.40
C GLN A 14 6.64 36.57 9.59
N TRP A 15 6.88 37.87 9.62
CA TRP A 15 7.66 38.54 10.66
C TRP A 15 7.30 38.18 12.09
N TYR A 16 6.02 37.93 12.34
CA TYR A 16 5.53 37.60 13.67
C TYR A 16 5.93 36.21 14.18
N LEU A 17 6.26 35.30 13.27
CA LEU A 17 6.66 33.95 13.67
C LEU A 17 8.13 33.89 14.05
N SER A 18 8.97 34.49 13.20
CA SER A 18 10.41 34.48 13.43
C SER A 18 11.01 35.73 12.79
N GLY A 19 11.89 36.39 13.52
CA GLY A 19 12.52 37.60 12.98
C GLY A 19 13.79 38.00 13.71
N VAL A 20 14.74 38.57 12.96
CA VAL A 20 16.00 39.02 13.53
C VAL A 20 15.69 40.02 14.65
N THR A 21 14.78 40.96 14.34
CA THR A 21 14.37 42.02 15.26
C THR A 21 13.94 41.58 16.66
N GLN A 22 13.94 40.28 16.92
CA GLN A 22 13.58 39.75 18.25
C GLN A 22 12.22 40.29 18.76
N ARG A 23 11.41 40.81 17.84
CA ARG A 23 10.08 41.33 18.15
C ARG A 23 9.08 40.40 17.44
N ASP A 24 8.96 39.17 17.95
CA ASP A 24 8.07 38.16 17.38
C ASP A 24 7.47 37.26 18.47
N LEU A 25 6.70 36.26 18.05
CA LEU A 25 6.06 35.35 19.01
C LEU A 25 6.95 34.19 19.42
N ASN A 26 8.22 34.24 19.00
CA ASN A 26 9.20 33.22 19.34
C ASN A 26 8.71 31.79 19.05
N VAL A 27 8.12 31.61 17.88
CA VAL A 27 7.59 30.33 17.47
C VAL A 27 8.67 29.38 16.98
N LYS A 28 9.67 29.91 16.28
CA LYS A 28 10.75 29.07 15.78
C LYS A 28 11.44 28.35 16.93
N ALA A 29 11.56 29.05 18.06
CA ALA A 29 12.20 28.49 19.25
C ALA A 29 11.46 27.22 19.70
N ALA A 30 10.14 27.23 19.52
CA ALA A 30 9.34 26.07 19.89
C ALA A 30 9.51 24.95 18.88
N TRP A 31 9.57 25.30 17.59
CA TRP A 31 9.77 24.29 16.57
C TRP A 31 11.10 23.59 16.82
N ALA A 32 12.13 24.39 17.13
CA ALA A 32 13.47 23.86 17.40
C ALA A 32 13.45 22.88 18.55
N GLN A 33 12.58 23.10 19.55
CA GLN A 33 12.47 22.18 20.67
C GLN A 33 11.73 20.91 20.25
N GLY A 34 11.30 20.88 18.99
CA GLY A 34 10.61 19.72 18.45
C GLY A 34 9.10 19.73 18.48
N TYR A 35 8.50 20.90 18.61
CA TYR A 35 7.04 20.97 18.64
C TYR A 35 6.43 21.68 17.45
N THR A 36 5.56 20.99 16.74
CA THR A 36 4.92 21.56 15.55
C THR A 36 3.41 21.30 15.51
N GLY A 37 2.88 20.77 16.60
CA GLY A 37 1.45 20.53 16.69
C GLY A 37 1.03 19.12 16.30
N HIS A 38 2.00 18.24 16.08
CA HIS A 38 1.66 16.88 15.69
C HIS A 38 0.70 16.27 16.70
N GLY A 39 -0.35 15.62 16.20
CA GLY A 39 -1.31 14.97 17.08
C GLY A 39 -2.37 15.85 17.72
N ILE A 40 -2.34 17.15 17.45
CA ILE A 40 -3.32 18.06 18.04
C ILE A 40 -4.36 18.48 17.02
N VAL A 41 -5.61 18.55 17.44
CA VAL A 41 -6.71 18.92 16.56
C VAL A 41 -7.28 20.28 16.92
N VAL A 42 -7.30 21.19 15.93
CA VAL A 42 -7.81 22.54 16.14
C VAL A 42 -8.96 22.79 15.17
N SER A 43 -10.03 23.39 15.67
CA SER A 43 -11.17 23.68 14.82
C SER A 43 -11.46 25.18 14.78
N ILE A 44 -11.68 25.69 13.58
CA ILE A 44 -11.97 27.10 13.39
C ILE A 44 -13.49 27.31 13.25
N LEU A 45 -14.10 27.95 14.24
CA LEU A 45 -15.53 28.22 14.19
C LEU A 45 -15.68 29.54 13.48
N ASP A 46 -16.04 29.50 12.20
CA ASP A 46 -16.15 30.74 11.43
C ASP A 46 -17.16 30.64 10.29
N ASP A 47 -16.84 31.24 9.14
CA ASP A 47 -17.73 31.21 7.99
C ASP A 47 -17.38 30.10 7.00
N GLY A 48 -16.63 29.12 7.49
CA GLY A 48 -16.23 28.01 6.64
C GLY A 48 -14.73 27.86 6.46
N ILE A 49 -14.33 26.79 5.78
CA ILE A 49 -12.93 26.51 5.55
C ILE A 49 -12.76 25.87 4.17
N GLU A 50 -11.86 26.41 3.37
CA GLU A 50 -11.60 25.86 2.05
C GLU A 50 -10.70 24.65 2.22
N LYS A 51 -11.30 23.51 2.56
CA LYS A 51 -10.55 22.27 2.82
C LYS A 51 -9.65 21.80 1.68
N ASN A 52 -9.94 22.23 0.45
CA ASN A 52 -9.14 21.82 -0.68
C ASN A 52 -8.05 22.84 -1.02
N HIS A 53 -7.88 23.85 -0.19
CA HIS A 53 -6.84 24.85 -0.43
C HIS A 53 -5.47 24.13 -0.42
N PRO A 54 -4.61 24.40 -1.42
CA PRO A 54 -3.30 23.74 -1.48
C PRO A 54 -2.43 23.84 -0.22
N ASP A 55 -2.68 24.84 0.62
CA ASP A 55 -1.89 24.95 1.85
C ASP A 55 -2.64 24.46 3.09
N LEU A 56 -3.82 23.86 2.89
CA LEU A 56 -4.62 23.34 4.01
C LEU A 56 -4.99 21.86 3.87
N ALA A 57 -5.23 21.42 2.64
CA ALA A 57 -5.64 20.03 2.39
C ALA A 57 -4.81 18.99 3.15
N GLY A 58 -3.50 19.18 3.15
CA GLY A 58 -2.62 18.25 3.82
C GLY A 58 -2.90 18.07 5.29
N ASN A 59 -3.46 19.08 5.93
CA ASN A 59 -3.77 19.01 7.36
C ASN A 59 -5.27 18.99 7.67
N TYR A 60 -6.10 19.18 6.65
CA TYR A 60 -7.53 19.20 6.87
C TYR A 60 -8.04 17.94 7.58
N ASP A 61 -8.91 18.13 8.56
CA ASP A 61 -9.48 17.03 9.33
C ASP A 61 -11.00 17.09 9.31
N PRO A 62 -11.65 16.14 8.59
CA PRO A 62 -13.11 16.09 8.50
C PRO A 62 -13.74 15.93 9.89
N GLY A 63 -13.06 15.18 10.75
CA GLY A 63 -13.58 14.94 12.09
C GLY A 63 -13.67 16.17 12.95
N ALA A 64 -13.00 17.24 12.54
CA ALA A 64 -13.01 18.48 13.29
C ALA A 64 -13.82 19.55 12.54
N SER A 65 -14.57 19.10 11.54
CA SER A 65 -15.36 20.02 10.72
C SER A 65 -16.84 19.68 10.67
N PHE A 66 -17.63 20.66 10.22
CA PHE A 66 -19.06 20.50 10.07
C PHE A 66 -19.70 21.80 9.57
N ASP A 67 -20.85 21.68 8.93
CA ASP A 67 -21.56 22.84 8.42
C ASP A 67 -22.86 22.98 9.19
N VAL A 68 -22.85 23.81 10.22
CA VAL A 68 -24.04 24.01 11.03
C VAL A 68 -25.06 24.90 10.31
N ASN A 69 -24.58 25.79 9.46
CA ASN A 69 -25.46 26.68 8.72
C ASN A 69 -26.39 25.91 7.76
N ASP A 70 -25.86 24.94 7.02
CA ASP A 70 -26.68 24.16 6.09
C ASP A 70 -26.89 22.71 6.52
N GLN A 71 -26.53 22.42 7.77
CA GLN A 71 -26.71 21.08 8.31
C GLN A 71 -26.11 19.93 7.49
N ASP A 72 -24.81 19.97 7.22
CA ASP A 72 -24.13 18.89 6.51
C ASP A 72 -22.70 18.85 7.02
N PRO A 73 -21.98 17.77 6.75
CA PRO A 73 -20.59 17.71 7.23
C PRO A 73 -19.53 18.44 6.43
N ASP A 74 -19.91 19.03 5.30
CA ASP A 74 -18.97 19.75 4.46
C ASP A 74 -18.92 21.25 4.78
N PRO A 75 -17.81 21.74 5.36
CA PRO A 75 -17.62 23.14 5.73
C PRO A 75 -17.12 24.06 4.62
N GLN A 76 -17.17 23.60 3.37
CA GLN A 76 -16.70 24.42 2.25
C GLN A 76 -17.42 25.78 2.25
N PRO A 77 -16.66 26.86 2.02
CA PRO A 77 -17.26 28.20 2.02
C PRO A 77 -18.21 28.42 0.84
N ARG A 78 -19.11 29.39 0.98
CA ARG A 78 -20.04 29.73 -0.09
C ARG A 78 -19.40 30.84 -0.87
N TYR A 79 -19.05 30.57 -2.13
CA TYR A 79 -18.40 31.56 -2.98
C TYR A 79 -19.30 32.66 -3.51
N THR A 80 -18.80 33.88 -3.48
CA THR A 80 -19.55 35.04 -3.96
C THR A 80 -18.54 36.04 -4.57
N GLN A 81 -19.02 36.93 -5.42
CA GLN A 81 -18.14 37.93 -6.06
C GLN A 81 -17.34 38.73 -5.04
N MET A 82 -17.98 39.11 -3.94
CA MET A 82 -17.32 39.90 -2.91
C MET A 82 -16.38 39.08 -2.01
N ASN A 83 -16.41 37.76 -2.13
CA ASN A 83 -15.58 36.88 -1.31
C ASN A 83 -15.84 37.06 0.18
N ASP A 84 -17.11 37.14 0.55
CA ASP A 84 -17.51 37.35 1.93
C ASP A 84 -17.03 36.27 2.88
N ASN A 85 -17.09 35.03 2.41
CA ASN A 85 -16.72 33.89 3.24
C ASN A 85 -15.27 33.43 3.13
N ARG A 86 -14.35 34.39 3.17
CA ARG A 86 -12.91 34.08 3.09
C ARG A 86 -12.29 34.11 4.49
N HIS A 87 -13.01 34.75 5.41
CA HIS A 87 -12.56 34.92 6.79
C HIS A 87 -12.10 33.66 7.51
N GLY A 88 -12.93 32.62 7.48
CA GLY A 88 -12.55 31.38 8.16
C GLY A 88 -11.30 30.73 7.60
N THR A 89 -11.15 30.81 6.28
CA THR A 89 -10.02 30.22 5.61
C THR A 89 -8.72 30.93 5.98
N ARG A 90 -8.79 32.24 6.14
CA ARG A 90 -7.62 33.00 6.52
C ARG A 90 -7.19 32.61 7.93
N CYS A 91 -8.14 32.50 8.84
CA CYS A 91 -7.82 32.13 10.21
C CYS A 91 -7.22 30.73 10.27
N ALA A 92 -7.80 29.80 9.52
CA ALA A 92 -7.30 28.42 9.52
C ALA A 92 -5.83 28.35 9.12
N GLY A 93 -5.45 29.07 8.06
CA GLY A 93 -4.08 29.08 7.58
C GLY A 93 -3.07 29.55 8.61
N GLU A 94 -3.48 30.48 9.48
CA GLU A 94 -2.60 30.99 10.53
C GLU A 94 -2.21 29.89 11.48
N VAL A 95 -3.16 29.01 11.77
CA VAL A 95 -2.96 27.91 12.70
C VAL A 95 -2.20 26.75 12.12
N ALA A 96 -2.65 26.24 10.98
CA ALA A 96 -2.00 25.07 10.42
C ALA A 96 -1.73 25.00 8.90
N ALA A 97 -1.27 26.09 8.30
CA ALA A 97 -0.95 26.06 6.88
C ALA A 97 0.23 25.08 6.73
N VAL A 98 0.18 24.23 5.71
CA VAL A 98 1.24 23.26 5.49
C VAL A 98 2.61 23.88 5.30
N ALA A 99 3.64 23.19 5.79
CA ALA A 99 5.00 23.70 5.68
C ALA A 99 5.86 22.99 4.63
N ASN A 100 6.84 23.72 4.10
CA ASN A 100 7.76 23.17 3.10
C ASN A 100 7.07 22.55 1.90
N ASN A 101 6.07 23.24 1.36
CA ASN A 101 5.35 22.73 0.22
C ASN A 101 5.31 23.74 -0.91
N GLY A 102 6.27 24.66 -0.89
CA GLY A 102 6.35 25.68 -1.91
C GLY A 102 5.13 26.55 -2.09
N VAL A 103 4.22 26.50 -1.12
CA VAL A 103 3.00 27.29 -1.21
C VAL A 103 2.81 28.27 -0.05
N CYS A 104 2.60 29.54 -0.38
CA CYS A 104 2.36 30.59 0.60
C CYS A 104 3.32 30.52 1.81
N GLY A 105 2.78 30.59 3.02
CA GLY A 105 3.60 30.52 4.22
C GLY A 105 3.38 29.26 5.02
N VAL A 106 3.45 29.36 6.35
CA VAL A 106 3.23 28.20 7.22
C VAL A 106 2.40 28.57 8.45
N GLY A 107 1.73 27.58 9.03
CA GLY A 107 0.96 27.84 10.23
C GLY A 107 1.84 27.72 11.45
N VAL A 108 1.40 28.26 12.58
CA VAL A 108 2.18 28.18 13.82
C VAL A 108 2.38 26.70 14.17
N ALA A 109 1.32 25.92 14.05
CA ALA A 109 1.35 24.48 14.31
C ALA A 109 1.15 23.80 12.96
N TYR A 110 2.16 23.86 12.10
CA TYR A 110 2.07 23.29 10.75
C TYR A 110 1.94 21.78 10.64
N ASN A 111 1.93 21.08 11.77
CA ASN A 111 1.75 19.62 11.74
C ASN A 111 0.47 19.23 12.45
N ALA A 112 -0.29 20.22 12.91
CA ALA A 112 -1.55 19.98 13.60
C ALA A 112 -2.65 19.70 12.57
N ARG A 113 -3.73 19.06 13.02
CA ARG A 113 -4.84 18.80 12.13
C ARG A 113 -5.79 19.96 12.30
N ILE A 114 -6.24 20.52 11.17
CA ILE A 114 -7.11 21.67 11.19
C ILE A 114 -8.48 21.35 10.62
N GLY A 115 -9.50 21.80 11.33
CA GLY A 115 -10.87 21.59 10.87
C GLY A 115 -11.60 22.91 10.88
N GLY A 116 -12.82 22.91 10.36
CA GLY A 116 -13.59 24.13 10.35
C GLY A 116 -15.08 23.91 10.50
N VAL A 117 -15.73 24.78 11.25
CA VAL A 117 -17.18 24.68 11.42
C VAL A 117 -17.81 25.89 10.76
N ARG A 118 -18.56 25.65 9.69
CA ARG A 118 -19.23 26.73 8.98
C ARG A 118 -20.46 27.10 9.83
N MET A 119 -20.40 28.23 10.52
CA MET A 119 -21.51 28.65 11.34
C MET A 119 -21.80 30.16 11.39
N LEU A 120 -21.02 30.96 10.67
CA LEU A 120 -21.25 32.41 10.65
C LEU A 120 -22.04 32.85 9.42
N ASP A 121 -22.10 31.98 8.41
CA ASP A 121 -22.78 32.28 7.15
C ASP A 121 -24.24 31.84 7.19
N GLY A 122 -25.03 32.56 7.97
CA GLY A 122 -26.44 32.25 8.12
C GLY A 122 -26.90 32.89 9.42
N GLU A 123 -28.07 32.49 9.91
CA GLU A 123 -28.54 33.08 11.16
C GLU A 123 -27.76 32.39 12.28
N VAL A 124 -27.03 33.18 13.05
CA VAL A 124 -26.23 32.65 14.16
C VAL A 124 -27.08 32.63 15.44
N THR A 125 -27.79 31.52 15.66
CA THR A 125 -28.63 31.37 16.83
C THR A 125 -27.87 30.72 17.97
N ASP A 126 -28.53 30.62 19.12
CA ASP A 126 -27.93 30.01 20.30
C ASP A 126 -27.62 28.55 19.98
N ALA A 127 -28.57 27.87 19.36
CA ALA A 127 -28.36 26.47 19.00
C ALA A 127 -27.19 26.33 18.05
N VAL A 128 -27.05 27.30 17.14
CA VAL A 128 -25.96 27.26 16.18
C VAL A 128 -24.63 27.35 16.92
N GLU A 129 -24.50 28.33 17.81
CA GLU A 129 -23.27 28.49 18.56
C GLU A 129 -22.99 27.22 19.40
N ALA A 130 -24.02 26.74 20.08
CA ALA A 130 -23.89 25.56 20.94
C ALA A 130 -23.39 24.32 20.21
N ARG A 131 -23.91 24.07 19.02
CA ARG A 131 -23.48 22.89 18.28
C ARG A 131 -22.04 23.04 17.79
N SER A 132 -21.64 24.28 17.49
CA SER A 132 -20.29 24.54 17.03
C SER A 132 -19.30 24.40 18.19
N LEU A 133 -19.59 25.06 19.31
CA LEU A 133 -18.71 25.01 20.48
C LEU A 133 -18.64 23.60 21.06
N GLY A 134 -19.71 22.83 20.87
CA GLY A 134 -19.74 21.49 21.41
C GLY A 134 -19.51 20.38 20.41
N LEU A 135 -18.92 20.71 19.27
CA LEU A 135 -18.65 19.71 18.24
C LEU A 135 -17.48 18.80 18.63
N ASN A 136 -17.72 17.50 18.66
CA ASN A 136 -16.66 16.53 18.99
C ASN A 136 -15.70 16.91 20.10
N PRO A 137 -16.22 17.17 21.31
CA PRO A 137 -15.38 17.53 22.45
C PRO A 137 -14.24 16.55 22.73
N ASN A 138 -14.38 15.30 22.28
CA ASN A 138 -13.33 14.32 22.54
C ASN A 138 -12.39 14.07 21.38
N HIS A 139 -12.58 14.81 20.30
CA HIS A 139 -11.69 14.68 19.16
C HIS A 139 -10.91 16.00 18.99
N ILE A 140 -11.64 17.11 19.06
CA ILE A 140 -11.09 18.45 18.92
C ILE A 140 -10.51 18.91 20.25
N HIS A 141 -9.28 19.42 20.23
CA HIS A 141 -8.65 19.89 21.46
C HIS A 141 -8.86 21.38 21.65
N ILE A 142 -8.63 22.15 20.60
CA ILE A 142 -8.72 23.59 20.65
C ILE A 142 -9.74 24.19 19.68
N TYR A 143 -10.55 25.12 20.19
CA TYR A 143 -11.54 25.81 19.37
C TYR A 143 -11.10 27.24 19.25
N SER A 144 -11.16 27.79 18.04
CA SER A 144 -10.76 29.18 17.82
C SER A 144 -11.93 29.99 17.27
N ALA A 145 -12.25 31.10 17.91
CA ALA A 145 -13.37 31.92 17.46
C ALA A 145 -12.99 33.38 17.26
N SER A 146 -12.98 33.79 16.01
CA SER A 146 -12.68 35.18 15.65
C SER A 146 -13.96 35.91 15.27
N TRP A 147 -14.94 35.86 16.18
CA TRP A 147 -16.22 36.53 15.96
C TRP A 147 -16.85 36.80 17.31
N GLY A 148 -18.00 37.47 17.32
CA GLY A 148 -18.67 37.78 18.57
C GLY A 148 -19.70 38.87 18.41
N PRO A 149 -20.26 39.37 19.52
CA PRO A 149 -21.27 40.43 19.50
C PRO A 149 -20.77 41.64 18.72
N GLU A 150 -21.69 42.41 18.16
CA GLU A 150 -21.33 43.59 17.39
C GLU A 150 -20.52 44.56 18.25
N ASP A 151 -19.51 45.20 17.65
CA ASP A 151 -18.67 46.13 18.37
C ASP A 151 -19.09 47.59 18.21
N ASP A 152 -20.37 47.88 18.41
CA ASP A 152 -20.87 49.25 18.26
C ASP A 152 -20.52 50.11 19.46
N GLY A 153 -19.98 49.48 20.50
CA GLY A 153 -19.59 50.21 21.69
C GLY A 153 -20.78 50.65 22.54
N LYS A 154 -21.93 50.02 22.32
CA LYS A 154 -23.11 50.37 23.08
C LYS A 154 -23.94 49.15 23.46
N THR A 155 -23.48 47.96 23.08
CA THR A 155 -24.22 46.77 23.47
C THR A 155 -23.49 45.92 24.51
N VAL A 156 -24.29 45.21 25.29
CA VAL A 156 -23.81 44.29 26.31
C VAL A 156 -24.46 42.97 25.90
N ASP A 157 -23.65 42.01 25.48
CA ASP A 157 -24.18 40.74 25.01
C ASP A 157 -23.22 39.59 25.29
N GLY A 158 -23.77 38.41 25.45
CA GLY A 158 -22.97 37.23 25.73
C GLY A 158 -23.69 35.98 25.26
N PRO A 159 -23.11 34.80 25.50
CA PRO A 159 -23.74 33.54 25.07
C PRO A 159 -25.07 33.30 25.78
N ALA A 160 -25.98 32.63 25.08
CA ALA A 160 -27.29 32.28 25.65
C ALA A 160 -27.16 30.93 26.35
N ARG A 161 -28.25 30.44 26.91
CA ARG A 161 -28.27 29.18 27.66
C ARG A 161 -27.50 28.02 27.03
N LEU A 162 -27.90 27.60 25.82
CA LEU A 162 -27.24 26.48 25.16
C LEU A 162 -25.74 26.71 24.99
N ALA A 163 -25.36 27.89 24.54
CA ALA A 163 -23.94 28.19 24.37
C ALA A 163 -23.20 28.09 25.69
N GLU A 164 -23.78 28.60 26.78
CA GLU A 164 -23.13 28.54 28.08
C GLU A 164 -22.97 27.09 28.46
N GLU A 165 -24.04 26.33 28.30
CA GLU A 165 -23.99 24.92 28.64
C GLU A 165 -22.92 24.21 27.82
N ALA A 166 -22.70 24.68 26.59
CA ALA A 166 -21.68 24.09 25.74
C ALA A 166 -20.29 24.40 26.30
N PHE A 167 -20.11 25.64 26.75
CA PHE A 167 -18.84 26.06 27.32
C PHE A 167 -18.54 25.23 28.57
N PHE A 168 -19.55 25.09 29.41
CA PHE A 168 -19.40 24.34 30.65
C PHE A 168 -19.14 22.84 30.43
N ARG A 169 -19.88 22.23 29.51
CA ARG A 169 -19.68 20.82 29.23
C ARG A 169 -18.26 20.68 28.67
N GLY A 170 -17.87 21.64 27.83
CA GLY A 170 -16.55 21.62 27.23
C GLY A 170 -15.37 21.60 28.21
N VAL A 171 -15.35 22.52 29.17
CA VAL A 171 -14.25 22.58 30.12
C VAL A 171 -14.33 21.47 31.15
N SER A 172 -15.52 20.88 31.30
CA SER A 172 -15.71 19.80 32.27
C SER A 172 -15.40 18.44 31.70
N GLN A 173 -16.00 18.15 30.55
CA GLN A 173 -15.87 16.86 29.88
C GLN A 173 -15.00 16.79 28.63
N GLY A 174 -14.79 17.92 27.96
CA GLY A 174 -13.97 17.89 26.76
C GLY A 174 -12.58 17.30 26.98
N ARG A 175 -11.93 16.85 25.90
CA ARG A 175 -10.60 16.26 26.00
C ARG A 175 -10.51 15.28 27.17
N GLY A 176 -11.46 14.37 27.23
CA GLY A 176 -11.44 13.38 28.30
C GLY A 176 -11.36 13.93 29.70
N GLY A 177 -11.98 15.08 29.97
CA GLY A 177 -11.96 15.63 31.31
C GLY A 177 -10.99 16.75 31.54
N LEU A 178 -9.98 16.87 30.68
CA LEU A 178 -9.00 17.95 30.83
C LEU A 178 -9.62 19.30 30.45
N GLY A 179 -10.69 19.26 29.65
CA GLY A 179 -11.36 20.50 29.24
C GLY A 179 -10.98 21.08 27.88
N SER A 180 -11.99 21.44 27.09
CA SER A 180 -11.75 22.03 25.77
C SER A 180 -11.07 23.40 25.94
N ILE A 181 -10.16 23.73 25.03
CA ILE A 181 -9.50 25.03 25.08
C ILE A 181 -10.26 25.95 24.13
N PHE A 182 -10.82 27.04 24.66
CA PHE A 182 -11.57 27.99 23.83
C PHE A 182 -10.81 29.31 23.70
N VAL A 183 -10.27 29.57 22.50
CA VAL A 183 -9.51 30.78 22.24
C VAL A 183 -10.42 31.81 21.56
N TRP A 184 -10.48 33.01 22.11
CA TRP A 184 -11.35 34.05 21.57
C TRP A 184 -10.64 35.35 21.19
N ALA A 185 -11.14 36.02 20.14
CA ALA A 185 -10.59 37.31 19.71
C ALA A 185 -11.32 38.38 20.55
N SER A 186 -10.58 39.25 21.22
CA SER A 186 -11.20 40.26 22.08
C SER A 186 -12.09 41.30 21.43
N GLY A 187 -11.94 41.55 20.13
CA GLY A 187 -12.83 42.51 19.48
C GLY A 187 -12.21 43.63 18.68
N ASN A 188 -12.98 44.22 17.77
CA ASN A 188 -12.51 45.32 16.93
C ASN A 188 -13.19 46.65 17.26
N GLY A 189 -13.85 46.75 18.40
CA GLY A 189 -14.53 47.98 18.73
C GLY A 189 -13.69 49.14 19.24
N GLY A 190 -12.37 49.10 19.03
CA GLY A 190 -11.52 50.18 19.50
C GLY A 190 -11.95 51.60 19.10
N ARG A 191 -12.34 51.76 17.85
CA ARG A 191 -12.74 53.08 17.37
C ARG A 191 -14.05 53.59 18.00
N GLU A 192 -14.89 52.66 18.46
CA GLU A 192 -16.16 53.03 19.09
C GLU A 192 -16.01 53.05 20.62
N HIS A 193 -14.77 52.95 21.09
CA HIS A 193 -14.47 52.95 22.52
C HIS A 193 -15.14 51.77 23.21
N ASP A 194 -15.25 50.66 22.51
CA ASP A 194 -15.88 49.48 23.07
C ASP A 194 -15.03 48.86 24.18
N SER A 195 -15.70 48.13 25.08
CA SER A 195 -15.03 47.47 26.19
C SER A 195 -15.27 45.95 26.05
N CYS A 196 -14.20 45.17 26.02
CA CYS A 196 -14.37 43.74 25.88
C CYS A 196 -14.91 43.04 27.13
N ASN A 197 -15.28 43.80 28.15
CA ASN A 197 -15.87 43.22 29.35
C ASN A 197 -17.39 43.25 29.17
N CYS A 198 -17.83 43.87 28.09
CA CYS A 198 -19.24 43.96 27.76
C CYS A 198 -19.55 42.91 26.71
N ASP A 199 -18.61 41.97 26.58
CA ASP A 199 -18.72 40.86 25.63
C ASP A 199 -18.64 39.59 26.46
N GLY A 200 -19.77 38.90 26.62
CA GLY A 200 -19.79 37.70 27.43
C GLY A 200 -18.92 36.53 26.99
N TYR A 201 -18.46 36.53 25.75
CA TYR A 201 -17.64 35.44 25.27
C TYR A 201 -16.19 35.64 25.70
N THR A 202 -15.68 36.83 25.50
CA THR A 202 -14.31 37.15 25.87
C THR A 202 -14.23 37.24 27.40
N ASN A 203 -15.27 37.80 27.99
CA ASN A 203 -15.37 38.01 29.43
C ASN A 203 -15.49 36.72 30.23
N SER A 204 -15.81 35.61 29.57
CA SER A 204 -15.96 34.32 30.23
C SER A 204 -14.63 33.76 30.72
N ILE A 205 -14.65 33.05 31.85
CA ILE A 205 -13.42 32.48 32.36
C ILE A 205 -13.06 31.20 31.59
N TYR A 206 -13.99 30.70 30.80
CA TYR A 206 -13.74 29.48 30.03
C TYR A 206 -12.99 29.76 28.72
N THR A 207 -12.85 31.03 28.36
CA THR A 207 -12.15 31.37 27.13
C THR A 207 -10.92 32.22 27.38
N LEU A 208 -9.89 32.02 26.55
CA LEU A 208 -8.66 32.80 26.64
C LEU A 208 -8.87 33.92 25.65
N SER A 209 -9.19 35.12 26.14
CA SER A 209 -9.40 36.27 25.28
C SER A 209 -8.05 36.81 24.86
N ILE A 210 -7.86 36.98 23.56
CA ILE A 210 -6.59 37.44 23.01
C ILE A 210 -6.65 38.78 22.29
N SER A 211 -5.83 39.73 22.72
CA SER A 211 -5.79 41.06 22.08
C SER A 211 -4.66 41.17 21.05
N SER A 212 -4.57 42.35 20.42
CA SER A 212 -3.59 42.58 19.38
C SER A 212 -2.53 43.64 19.65
N ALA A 213 -1.42 43.54 18.93
CA ALA A 213 -0.31 44.49 19.02
C ALA A 213 0.21 44.70 17.60
N THR A 214 0.54 45.94 17.24
CA THR A 214 1.03 46.22 15.90
C THR A 214 2.49 45.81 15.82
N GLN A 215 3.02 45.75 14.59
CA GLN A 215 4.40 45.36 14.40
C GLN A 215 5.39 46.21 15.22
N PHE A 216 5.15 47.51 15.33
CA PHE A 216 6.06 48.37 16.09
C PHE A 216 5.72 48.35 17.59
N GLY A 217 4.86 47.43 18.00
CA GLY A 217 4.52 47.33 19.41
C GLY A 217 3.53 48.32 20.00
N ASN A 218 2.55 48.73 19.23
CA ASN A 218 1.55 49.67 19.72
C ASN A 218 0.16 49.06 19.77
N VAL A 219 -0.74 49.72 20.49
CA VAL A 219 -2.12 49.29 20.60
C VAL A 219 -2.84 49.69 19.32
N PRO A 220 -3.28 48.71 18.51
CA PRO A 220 -3.98 48.99 17.24
C PRO A 220 -5.20 49.87 17.42
N TRP A 221 -5.60 50.55 16.35
CA TRP A 221 -6.77 51.41 16.40
C TRP A 221 -8.04 50.64 16.74
N TYR A 222 -8.10 49.39 16.30
CA TYR A 222 -9.28 48.57 16.53
C TYR A 222 -9.33 47.88 17.90
N SER A 223 -8.21 47.90 18.62
CA SER A 223 -8.13 47.25 19.94
C SER A 223 -9.12 47.73 21.01
N GLU A 224 -9.66 46.78 21.77
CA GLU A 224 -10.59 47.08 22.87
C GLU A 224 -9.85 46.77 24.16
N ALA A 225 -10.03 47.61 25.17
CA ALA A 225 -9.36 47.37 26.44
C ALA A 225 -10.38 46.89 27.47
N CYS A 226 -9.94 45.99 28.35
CA CYS A 226 -10.77 45.45 29.42
C CYS A 226 -9.89 44.56 30.28
N SER A 227 -10.34 44.23 31.49
CA SER A 227 -9.57 43.40 32.41
C SER A 227 -9.72 41.89 32.19
N SER A 228 -10.59 41.48 31.28
CA SER A 228 -10.79 40.05 31.04
C SER A 228 -9.79 39.48 30.04
N THR A 229 -9.15 40.34 29.25
CA THR A 229 -8.16 39.86 28.28
C THR A 229 -7.00 39.19 29.01
N LEU A 230 -6.53 38.07 28.49
CA LEU A 230 -5.44 37.32 29.12
C LEU A 230 -4.05 37.55 28.52
N ALA A 231 -3.94 37.60 27.19
CA ALA A 231 -2.66 37.82 26.55
C ALA A 231 -2.81 38.45 25.16
N THR A 232 -1.68 38.61 24.46
CA THR A 232 -1.68 39.26 23.16
C THR A 232 -0.80 38.57 22.11
N THR A 233 -1.17 38.76 20.85
CA THR A 233 -0.39 38.24 19.71
C THR A 233 -0.40 39.35 18.68
N TYR A 234 0.59 39.35 17.79
CA TYR A 234 0.69 40.37 16.76
C TYR A 234 -0.44 40.36 15.75
N SER A 235 -0.66 41.50 15.13
CA SER A 235 -1.66 41.65 14.08
C SER A 235 -1.35 42.93 13.27
N SER A 236 -2.34 43.44 12.56
CA SER A 236 -2.12 44.64 11.74
C SER A 236 -2.15 45.94 12.53
N GLY A 237 -1.61 47.01 11.91
CA GLY A 237 -1.58 48.33 12.51
C GLY A 237 -1.75 49.36 11.40
N ASN A 238 -0.79 50.28 11.27
CA ASN A 238 -0.88 51.29 10.22
C ASN A 238 -0.31 50.73 8.90
N GLN A 239 -0.32 51.55 7.86
CA GLN A 239 0.16 51.10 6.56
C GLN A 239 1.66 51.00 6.39
N ASN A 240 2.42 51.28 7.45
CA ASN A 240 3.88 51.17 7.38
C ASN A 240 4.25 49.88 8.12
N GLU A 241 3.27 49.31 8.81
CA GLU A 241 3.47 48.08 9.56
C GLU A 241 2.94 46.90 8.76
N LYS A 242 3.67 45.79 8.79
CA LYS A 242 3.26 44.62 8.04
C LYS A 242 2.05 43.96 8.67
N GLN A 243 1.39 43.08 7.91
CA GLN A 243 0.21 42.41 8.41
C GLN A 243 0.37 40.90 8.47
N ILE A 244 -0.75 40.17 8.50
CA ILE A 244 -0.67 38.73 8.61
C ILE A 244 -0.77 38.00 7.27
N VAL A 245 0.19 37.10 7.04
CA VAL A 245 0.27 36.31 5.82
C VAL A 245 -0.38 34.95 6.05
N THR A 246 -1.36 34.60 5.22
CA THR A 246 -2.07 33.33 5.37
C THR A 246 -2.81 32.90 4.10
N THR A 247 -3.49 31.77 4.19
CA THR A 247 -4.26 31.21 3.07
C THR A 247 -5.52 32.04 2.82
N ASP A 248 -5.83 32.28 1.55
CA ASP A 248 -7.02 33.05 1.19
C ASP A 248 -7.95 32.22 0.32
N LEU A 249 -9.23 32.61 0.30
CA LEU A 249 -10.26 31.94 -0.47
C LEU A 249 -9.82 31.83 -1.92
N ARG A 250 -10.35 30.83 -2.61
CA ARG A 250 -10.04 30.56 -4.01
C ARG A 250 -8.58 30.16 -4.20
N GLN A 251 -8.06 29.42 -3.23
CA GLN A 251 -6.72 28.89 -3.25
C GLN A 251 -5.61 29.92 -3.45
N LYS A 252 -5.83 31.12 -2.93
CA LYS A 252 -4.84 32.18 -3.04
C LYS A 252 -4.09 32.36 -1.72
N CYS A 253 -3.16 33.30 -1.74
CA CYS A 253 -2.34 33.58 -0.58
C CYS A 253 -2.46 35.06 -0.30
N THR A 254 -2.81 35.44 0.91
CA THR A 254 -2.94 36.86 1.22
C THR A 254 -1.89 37.32 2.21
N GLU A 255 -1.49 38.58 2.09
CA GLU A 255 -0.51 39.16 2.99
C GLU A 255 -1.19 40.25 3.80
N SER A 256 -2.51 40.33 3.69
CA SER A 256 -3.24 41.36 4.41
C SER A 256 -4.41 40.91 5.25
N HIS A 257 -4.19 39.93 6.12
CA HIS A 257 -5.24 39.47 7.02
C HIS A 257 -5.05 40.44 8.20
N THR A 258 -6.12 41.07 8.65
CA THR A 258 -6.01 42.07 9.69
C THR A 258 -6.96 41.99 10.89
N GLY A 259 -6.80 42.95 11.80
CA GLY A 259 -7.64 43.05 12.97
C GLY A 259 -7.54 41.97 14.01
N THR A 260 -8.42 42.06 15.00
CA THR A 260 -8.47 41.12 16.10
C THR A 260 -8.61 39.68 15.59
N SER A 261 -9.21 39.53 14.42
CA SER A 261 -9.42 38.21 13.82
C SER A 261 -8.15 37.40 13.65
N ALA A 262 -7.05 38.08 13.33
CA ALA A 262 -5.78 37.40 13.12
C ALA A 262 -5.05 36.99 14.40
N SER A 263 -5.38 37.63 15.51
CA SER A 263 -4.68 37.31 16.76
C SER A 263 -5.07 36.01 17.40
N ALA A 264 -6.37 35.74 17.51
CA ALA A 264 -6.81 34.49 18.13
C ALA A 264 -6.21 33.22 17.50
N PRO A 265 -6.23 33.13 16.16
CA PRO A 265 -5.68 31.95 15.50
C PRO A 265 -4.22 31.68 15.85
N LEU A 266 -3.43 32.74 15.99
CA LEU A 266 -2.02 32.57 16.33
C LEU A 266 -1.92 32.00 17.73
N ALA A 267 -2.77 32.49 18.62
CA ALA A 267 -2.78 32.01 19.99
C ALA A 267 -3.16 30.55 19.98
N ALA A 268 -4.15 30.20 19.15
CA ALA A 268 -4.61 28.83 19.07
C ALA A 268 -3.46 27.93 18.61
N GLY A 269 -2.69 28.44 17.66
CA GLY A 269 -1.57 27.67 17.14
C GLY A 269 -0.52 27.42 18.20
N ILE A 270 -0.17 28.47 18.94
CA ILE A 270 0.82 28.36 19.99
C ILE A 270 0.34 27.42 21.08
N ILE A 271 -0.95 27.48 21.40
CA ILE A 271 -1.52 26.61 22.42
C ILE A 271 -1.47 25.17 21.92
N ALA A 272 -1.55 24.99 20.61
CA ALA A 272 -1.49 23.65 20.01
C ALA A 272 -0.09 23.08 20.25
N LEU A 273 0.94 23.91 20.06
CA LEU A 273 2.30 23.46 20.26
C LEU A 273 2.47 23.09 21.73
N THR A 274 1.87 23.89 22.62
CA THR A 274 1.98 23.61 24.04
C THR A 274 1.33 22.28 24.41
N LEU A 275 0.19 21.97 23.81
CA LEU A 275 -0.47 20.70 24.11
C LEU A 275 0.36 19.51 23.64
N GLU A 276 1.08 19.68 22.54
CA GLU A 276 1.93 18.59 22.06
C GLU A 276 3.04 18.38 23.10
N ALA A 277 3.55 19.47 23.65
CA ALA A 277 4.61 19.40 24.65
C ALA A 277 4.12 18.76 25.95
N ASN A 278 2.81 18.79 26.18
CA ASN A 278 2.21 18.19 27.38
C ASN A 278 0.71 17.99 27.18
N LYS A 279 0.32 16.81 26.70
CA LYS A 279 -1.08 16.50 26.42
C LYS A 279 -1.96 16.40 27.65
N ASN A 280 -1.38 16.38 28.83
CA ASN A 280 -2.15 16.26 30.07
C ASN A 280 -2.47 17.60 30.74
N LEU A 281 -2.27 18.70 30.02
CA LEU A 281 -2.58 20.02 30.56
C LEU A 281 -4.10 20.24 30.60
N THR A 282 -4.61 20.79 31.70
CA THR A 282 -6.04 21.05 31.80
C THR A 282 -6.33 22.43 31.21
N TRP A 283 -7.60 22.76 31.03
CA TRP A 283 -7.95 24.06 30.49
C TRP A 283 -7.44 25.16 31.42
N ARG A 284 -7.36 24.89 32.71
CA ARG A 284 -6.84 25.89 33.65
C ARG A 284 -5.31 25.91 33.61
N ASP A 285 -4.70 24.74 33.46
CA ASP A 285 -3.23 24.70 33.38
C ASP A 285 -2.80 25.61 32.24
N MET A 286 -3.51 25.50 31.13
CA MET A 286 -3.20 26.30 29.94
C MET A 286 -3.23 27.80 30.23
N GLN A 287 -4.21 28.25 31.00
CA GLN A 287 -4.28 29.67 31.31
C GLN A 287 -3.14 30.08 32.23
N HIS A 288 -2.73 29.17 33.11
CA HIS A 288 -1.61 29.44 34.02
C HIS A 288 -0.34 29.65 33.21
N LEU A 289 -0.12 28.77 32.24
CA LEU A 289 1.07 28.86 31.40
C LEU A 289 1.15 30.20 30.68
N VAL A 290 0.02 30.67 30.17
CA VAL A 290 -0.01 31.95 29.47
C VAL A 290 0.32 33.12 30.39
N VAL A 291 -0.24 33.10 31.60
CA VAL A 291 0.00 34.18 32.54
C VAL A 291 1.45 34.24 32.91
N GLN A 292 2.05 33.08 33.16
CA GLN A 292 3.45 33.00 33.56
C GLN A 292 4.49 33.30 32.49
N THR A 293 4.21 32.93 31.24
CA THR A 293 5.18 33.10 30.17
C THR A 293 5.04 34.31 29.26
N SER A 294 3.90 34.97 29.30
CA SER A 294 3.69 36.13 28.43
C SER A 294 4.63 37.29 28.79
N LYS A 295 5.17 37.92 27.75
CA LYS A 295 6.12 39.02 27.89
C LYS A 295 5.56 40.41 27.61
N PRO A 296 5.70 41.35 28.57
CA PRO A 296 5.22 42.72 28.36
C PRO A 296 6.22 43.42 27.46
N ALA A 297 7.48 43.38 27.86
CA ALA A 297 8.59 44.03 27.18
C ALA A 297 8.41 44.14 25.68
N HIS A 298 8.64 45.35 25.17
CA HIS A 298 8.52 45.68 23.76
C HIS A 298 7.17 46.28 23.42
N LEU A 299 6.14 45.92 24.18
CA LEU A 299 4.78 46.43 23.96
C LEU A 299 4.53 47.76 24.67
N ASN A 300 4.12 48.77 23.92
CA ASN A 300 3.87 50.09 24.51
C ASN A 300 2.43 50.30 24.92
N ALA A 301 2.23 50.73 26.15
CA ALA A 301 0.89 50.98 26.67
C ALA A 301 0.96 52.01 27.77
N ASN A 302 -0.08 52.82 27.88
CA ASN A 302 -0.11 53.87 28.88
C ASN A 302 -0.56 53.35 30.26
N ASP A 303 -0.94 52.08 30.35
CA ASP A 303 -1.43 51.55 31.62
C ASP A 303 -0.74 50.33 32.21
N TRP A 304 0.52 50.09 31.89
CA TRP A 304 1.20 48.94 32.47
C TRP A 304 1.28 49.15 33.99
N ALA A 305 0.89 48.14 34.74
CA ALA A 305 0.93 48.23 36.19
C ALA A 305 1.37 46.90 36.74
N THR A 306 2.04 46.92 37.89
CA THR A 306 2.51 45.68 38.49
C THR A 306 1.50 45.18 39.52
N ASN A 307 1.02 43.95 39.34
CA ASN A 307 0.05 43.40 40.28
C ASN A 307 0.71 42.90 41.56
N GLY A 308 -0.12 42.37 42.46
CA GLY A 308 0.38 41.89 43.74
C GLY A 308 1.47 40.84 43.72
N VAL A 309 1.67 40.17 42.59
CA VAL A 309 2.70 39.13 42.53
C VAL A 309 3.89 39.53 41.66
N GLY A 310 3.98 40.81 41.34
CA GLY A 310 5.10 41.30 40.54
C GLY A 310 5.03 41.20 39.04
N ARG A 311 3.86 40.88 38.50
CA ARG A 311 3.73 40.78 37.07
C ARG A 311 3.11 42.04 36.49
N LYS A 312 3.56 42.44 35.30
CA LYS A 312 3.04 43.62 34.62
C LYS A 312 1.80 43.26 33.83
N VAL A 313 0.74 44.05 33.97
CA VAL A 313 -0.49 43.81 33.23
C VAL A 313 -1.03 45.11 32.64
N SER A 314 -1.67 44.98 31.49
CA SER A 314 -2.27 46.12 30.80
C SER A 314 -3.66 45.70 30.31
N HIS A 315 -4.62 46.61 30.32
CA HIS A 315 -5.96 46.29 29.86
C HIS A 315 -6.01 46.15 28.34
N SER A 316 -4.92 46.50 27.68
CA SER A 316 -4.85 46.41 26.24
C SER A 316 -4.15 45.16 25.79
N TYR A 317 -3.32 44.59 26.66
CA TYR A 317 -2.54 43.42 26.32
C TYR A 317 -2.62 42.23 27.27
N GLY A 318 -3.22 42.43 28.42
CA GLY A 318 -3.30 41.34 29.39
C GLY A 318 -1.91 41.18 29.96
N TYR A 319 -1.37 39.97 29.99
CA TYR A 319 -0.03 39.79 30.54
C TYR A 319 1.08 40.02 29.53
N GLY A 320 0.70 40.42 28.31
CA GLY A 320 1.71 40.65 27.28
C GLY A 320 1.65 39.74 26.07
N LEU A 321 2.74 39.75 25.32
CA LEU A 321 2.89 38.97 24.09
C LEU A 321 3.15 37.50 24.42
N LEU A 322 2.52 36.58 23.68
CA LEU A 322 2.74 35.15 23.93
C LEU A 322 4.16 34.80 23.50
N ASP A 323 4.74 33.83 24.19
CA ASP A 323 6.09 33.36 23.91
C ASP A 323 6.01 31.85 23.67
N ALA A 324 5.91 31.43 22.41
CA ALA A 324 5.80 30.00 22.11
C ALA A 324 6.94 29.19 22.74
N GLY A 325 8.17 29.66 22.57
CA GLY A 325 9.30 28.95 23.14
C GLY A 325 9.13 28.75 24.63
N ALA A 326 8.79 29.83 25.33
CA ALA A 326 8.61 29.78 26.78
C ALA A 326 7.43 28.86 27.15
N MET A 327 6.37 28.89 26.36
CA MET A 327 5.19 28.06 26.60
C MET A 327 5.52 26.57 26.57
N VAL A 328 6.11 26.10 25.47
CA VAL A 328 6.43 24.68 25.35
C VAL A 328 7.47 24.27 26.38
N ALA A 329 8.35 25.20 26.74
CA ALA A 329 9.38 24.91 27.73
C ALA A 329 8.77 24.65 29.10
N LEU A 330 7.97 25.59 29.58
CA LEU A 330 7.34 25.46 30.89
C LEU A 330 6.34 24.30 30.91
N ALA A 331 5.69 24.06 29.78
CA ALA A 331 4.69 23.00 29.69
C ALA A 331 5.22 21.62 30.08
N GLN A 332 6.45 21.33 29.66
CA GLN A 332 7.06 20.04 29.93
C GLN A 332 7.23 19.66 31.39
N ASN A 333 7.64 20.61 32.23
CA ASN A 333 7.82 20.31 33.64
C ASN A 333 6.62 20.73 34.50
N TRP A 334 5.53 21.14 33.84
CA TRP A 334 4.36 21.58 34.57
C TRP A 334 3.58 20.53 35.35
N THR A 335 3.29 20.86 36.60
CA THR A 335 2.53 20.00 37.50
C THR A 335 1.08 20.48 37.52
N THR A 336 0.15 19.62 37.11
CA THR A 336 -1.26 20.00 37.08
C THR A 336 -1.72 20.71 38.35
N VAL A 337 -2.40 21.84 38.18
CA VAL A 337 -2.87 22.61 39.33
C VAL A 337 -3.94 21.86 40.11
N ALA A 338 -4.13 22.27 41.37
CA ALA A 338 -5.12 21.65 42.24
C ALA A 338 -6.53 21.92 41.75
N PRO A 339 -7.50 21.14 42.23
CA PRO A 339 -8.90 21.31 41.83
C PRO A 339 -9.37 22.75 42.02
N GLN A 340 -10.16 23.23 41.08
CA GLN A 340 -10.66 24.60 41.13
C GLN A 340 -11.67 24.85 42.26
N ARG A 341 -11.41 25.85 43.08
CA ARG A 341 -12.32 26.20 44.16
C ARG A 341 -13.03 27.49 43.76
N LYS A 342 -14.24 27.66 44.28
CA LYS A 342 -15.05 28.85 43.99
C LYS A 342 -15.59 29.42 45.28
N CYS A 343 -15.30 30.69 45.53
CA CYS A 343 -15.77 31.33 46.75
C CYS A 343 -16.69 32.50 46.42
N ILE A 344 -17.96 32.39 46.82
CA ILE A 344 -18.94 33.43 46.55
C ILE A 344 -19.13 34.35 47.76
N ILE A 345 -19.05 35.66 47.52
CA ILE A 345 -19.20 36.63 48.59
C ILE A 345 -20.14 37.77 48.19
N ASP A 346 -21.36 37.75 48.71
CA ASP A 346 -22.32 38.82 48.42
C ASP A 346 -21.92 39.99 49.32
N ILE A 347 -21.64 41.16 48.72
CA ILE A 347 -21.20 42.31 49.51
C ILE A 347 -22.24 43.25 50.10
N LEU A 348 -23.23 43.66 49.30
CA LEU A 348 -24.22 44.62 49.78
C LEU A 348 -25.26 44.15 50.80
N THR A 349 -25.51 44.99 51.81
CA THR A 349 -26.50 44.69 52.83
C THR A 349 -27.68 45.65 52.58
N GLU A 350 -27.54 46.50 51.58
CA GLU A 350 -28.57 47.48 51.22
C GLU A 350 -28.19 48.17 49.91
N PRO A 351 -29.18 48.64 49.15
CA PRO A 351 -28.90 49.32 47.89
C PRO A 351 -27.98 50.52 48.16
N LYS A 352 -27.26 50.97 47.14
CA LYS A 352 -26.35 52.10 47.30
C LYS A 352 -26.61 53.08 46.17
N ASP A 353 -26.69 54.37 46.50
CA ASP A 353 -26.92 55.39 45.50
C ASP A 353 -25.59 55.66 44.79
N ILE A 354 -25.61 55.74 43.46
CA ILE A 354 -24.38 55.98 42.73
C ILE A 354 -23.97 57.44 42.69
N GLY A 355 -24.88 58.31 42.27
CA GLY A 355 -24.54 59.72 42.21
C GLY A 355 -23.33 60.02 41.36
N LYS A 356 -22.44 60.90 41.85
CA LYS A 356 -21.26 61.27 41.10
C LYS A 356 -20.19 60.21 41.26
N ARG A 357 -20.13 59.61 42.44
CA ARG A 357 -19.16 58.56 42.70
C ARG A 357 -19.61 57.71 43.87
N LEU A 358 -19.34 56.41 43.77
CA LEU A 358 -19.69 55.47 44.83
C LEU A 358 -18.51 54.59 45.12
N GLU A 359 -18.27 54.32 46.40
CA GLU A 359 -17.15 53.48 46.77
C GLU A 359 -17.67 52.46 47.75
N VAL A 360 -17.34 51.19 47.52
CA VAL A 360 -17.78 50.11 48.39
C VAL A 360 -16.57 49.30 48.84
N ARG A 361 -16.33 49.29 50.14
CA ARG A 361 -15.21 48.55 50.71
C ARG A 361 -15.71 47.32 51.43
N LYS A 362 -14.87 46.30 51.48
CA LYS A 362 -15.26 45.09 52.14
C LYS A 362 -14.06 44.20 52.37
N THR A 363 -13.88 43.78 53.62
CA THR A 363 -12.79 42.90 53.96
C THR A 363 -13.35 41.49 53.90
N VAL A 364 -12.72 40.63 53.11
CA VAL A 364 -13.18 39.27 52.95
C VAL A 364 -12.13 38.31 53.47
N THR A 365 -12.56 37.11 53.84
CA THR A 365 -11.64 36.10 54.33
C THR A 365 -11.40 35.05 53.28
N ALA A 366 -12.01 35.26 52.12
CA ALA A 366 -11.90 34.35 50.98
C ALA A 366 -12.22 32.90 51.39
N CYS A 367 -13.33 32.73 52.10
CA CYS A 367 -13.76 31.41 52.52
C CYS A 367 -12.80 30.68 53.45
N LEU A 368 -12.16 31.42 54.35
CA LEU A 368 -11.23 30.82 55.28
C LEU A 368 -11.96 29.76 56.10
N GLY A 369 -11.31 28.64 56.36
CA GLY A 369 -11.94 27.61 57.15
C GLY A 369 -12.94 26.74 56.41
N GLU A 370 -13.25 27.07 55.16
CA GLU A 370 -14.18 26.26 54.39
C GLU A 370 -13.42 25.47 53.32
N PRO A 371 -14.09 24.47 52.69
CA PRO A 371 -13.48 23.63 51.66
C PRO A 371 -13.08 24.41 50.41
N ASN A 372 -13.71 25.56 50.21
CA ASN A 372 -13.39 26.38 49.04
C ASN A 372 -12.58 27.63 49.41
N HIS A 373 -11.75 27.51 50.44
CA HIS A 373 -10.89 28.60 50.89
C HIS A 373 -9.89 28.84 49.75
N ILE A 374 -9.64 30.10 49.41
CA ILE A 374 -8.71 30.43 48.35
C ILE A 374 -7.56 31.31 48.79
N THR A 375 -6.34 30.89 48.49
CA THR A 375 -5.16 31.68 48.87
C THR A 375 -4.42 32.09 47.60
N ARG A 376 -4.68 31.37 46.51
CA ARG A 376 -4.04 31.65 45.24
C ARG A 376 -5.18 31.90 44.25
N LEU A 377 -5.38 33.16 43.90
CA LEU A 377 -6.48 33.51 43.00
C LEU A 377 -6.23 33.22 41.54
N GLU A 378 -7.31 33.00 40.79
CA GLU A 378 -7.23 32.78 39.35
C GLU A 378 -8.13 33.87 38.76
N HIS A 379 -9.31 33.52 38.28
CA HIS A 379 -10.19 34.56 37.75
C HIS A 379 -10.95 35.16 38.93
N ALA A 380 -11.47 36.36 38.74
CA ALA A 380 -12.29 37.01 39.76
C ALA A 380 -13.41 37.73 39.03
N GLN A 381 -14.64 37.57 39.53
CA GLN A 381 -15.78 38.24 38.91
C GLN A 381 -16.43 39.17 39.90
N ALA A 382 -16.93 40.29 39.38
CA ALA A 382 -17.65 41.25 40.20
C ALA A 382 -19.01 41.29 39.51
N ARG A 383 -19.96 40.51 40.03
CA ARG A 383 -21.29 40.48 39.45
C ARG A 383 -22.07 41.68 39.95
N LEU A 384 -22.37 42.62 39.06
CA LEU A 384 -23.08 43.83 39.44
C LEU A 384 -24.47 43.95 38.83
N THR A 385 -25.38 44.54 39.59
CA THR A 385 -26.74 44.77 39.13
C THR A 385 -27.00 46.21 39.53
N LEU A 386 -27.16 47.08 38.54
CA LEU A 386 -27.38 48.48 38.82
C LEU A 386 -28.25 49.15 37.77
N SER A 387 -28.79 50.30 38.15
CA SER A 387 -29.63 51.07 37.24
C SER A 387 -28.93 52.40 37.04
N TYR A 388 -29.05 52.96 35.83
CA TYR A 388 -28.42 54.24 35.54
C TYR A 388 -29.09 54.84 34.32
N ASN A 389 -29.14 56.17 34.25
CA ASN A 389 -29.78 56.85 33.14
C ASN A 389 -28.95 56.82 31.85
N ARG A 390 -27.63 56.82 31.99
CA ARG A 390 -26.76 56.78 30.83
C ARG A 390 -25.57 55.88 31.14
N ARG A 391 -25.73 54.60 30.81
CA ARG A 391 -24.71 53.59 31.07
C ARG A 391 -23.29 53.92 30.62
N GLY A 392 -23.15 54.43 29.40
CA GLY A 392 -21.83 54.76 28.87
C GLY A 392 -21.02 55.76 29.67
N ASP A 393 -21.66 56.54 30.53
CA ASP A 393 -20.95 57.52 31.32
C ASP A 393 -20.26 56.90 32.53
N LEU A 394 -20.64 55.67 32.85
CA LEU A 394 -20.07 54.98 34.01
C LEU A 394 -18.66 54.46 33.78
N ALA A 395 -17.92 54.32 34.87
CA ALA A 395 -16.57 53.77 34.85
C ALA A 395 -16.50 52.98 36.15
N ILE A 396 -16.15 51.71 36.05
CA ILE A 396 -16.09 50.86 37.22
C ILE A 396 -14.71 50.27 37.43
N HIS A 397 -14.26 50.29 38.69
CA HIS A 397 -12.94 49.77 39.04
C HIS A 397 -13.01 48.85 40.23
N LEU A 398 -12.13 47.85 40.23
CA LEU A 398 -12.07 46.89 41.32
C LEU A 398 -10.63 46.82 41.79
N VAL A 399 -10.41 47.09 43.08
CA VAL A 399 -9.07 47.05 43.65
C VAL A 399 -8.92 45.88 44.58
N SER A 400 -7.95 45.03 44.31
CA SER A 400 -7.72 43.85 45.14
C SER A 400 -6.98 44.22 46.41
N PRO A 401 -7.05 43.36 47.44
CA PRO A 401 -6.37 43.64 48.69
C PRO A 401 -4.90 44.00 48.48
N MET A 402 -4.26 43.37 47.50
CA MET A 402 -2.87 43.64 47.23
C MET A 402 -2.63 44.88 46.35
N GLY A 403 -3.67 45.70 46.23
CA GLY A 403 -3.55 46.93 45.47
C GLY A 403 -3.68 46.91 43.96
N THR A 404 -4.03 45.77 43.38
CA THR A 404 -4.16 45.71 41.92
C THR A 404 -5.50 46.31 41.52
N ARG A 405 -5.44 47.31 40.67
CA ARG A 405 -6.60 48.04 40.22
C ARG A 405 -7.10 47.60 38.85
N SER A 406 -8.17 46.81 38.82
CA SER A 406 -8.74 46.33 37.56
C SER A 406 -9.89 47.22 37.13
N THR A 407 -9.82 47.73 35.90
CA THR A 407 -10.92 48.55 35.39
C THR A 407 -11.91 47.60 34.72
N LEU A 408 -13.00 47.32 35.43
CA LEU A 408 -14.04 46.42 34.94
C LEU A 408 -14.78 47.05 33.75
N LEU A 409 -14.95 48.36 33.79
CA LEU A 409 -15.65 49.05 32.73
C LEU A 409 -15.18 50.48 32.54
N ALA A 410 -14.75 50.82 31.33
CA ALA A 410 -14.31 52.18 31.05
C ALA A 410 -15.48 52.88 30.37
N ALA A 411 -15.44 54.21 30.34
CA ALA A 411 -16.53 54.95 29.71
C ALA A 411 -16.71 54.55 28.24
N ARG A 412 -17.97 54.45 27.83
CA ARG A 412 -18.31 54.11 26.46
C ARG A 412 -19.24 55.22 25.99
N PRO A 413 -18.67 56.28 25.42
CA PRO A 413 -19.45 57.42 24.93
C PRO A 413 -20.67 57.14 24.07
N HIS A 414 -20.65 56.04 23.31
CA HIS A 414 -21.79 55.73 22.47
C HIS A 414 -22.92 54.98 23.20
N ASP A 415 -22.62 54.47 24.38
CA ASP A 415 -23.63 53.72 25.14
C ASP A 415 -24.57 54.67 25.87
N TYR A 416 -25.74 54.88 25.29
CA TYR A 416 -26.75 55.77 25.87
C TYR A 416 -27.88 54.98 26.50
N SER A 417 -27.67 53.68 26.69
CA SER A 417 -28.68 52.81 27.28
C SER A 417 -29.09 53.23 28.68
N ALA A 418 -30.34 52.97 29.01
CA ALA A 418 -30.86 53.30 30.32
C ALA A 418 -31.21 52.01 31.03
N ASP A 419 -30.78 50.88 30.47
CA ASP A 419 -31.08 49.58 31.05
C ASP A 419 -30.08 49.08 32.08
N GLY A 420 -29.04 49.87 32.34
CA GLY A 420 -28.03 49.48 33.33
C GLY A 420 -27.44 48.10 33.11
N PHE A 421 -27.11 47.43 34.21
CA PHE A 421 -26.54 46.08 34.19
C PHE A 421 -27.37 45.16 35.08
N ASN A 422 -27.80 44.04 34.51
CA ASN A 422 -28.58 43.05 35.26
C ASN A 422 -27.75 41.81 35.55
N ASP A 423 -27.12 41.80 36.72
CA ASP A 423 -26.26 40.71 37.15
C ASP A 423 -25.19 40.38 36.11
N TRP A 424 -24.48 41.41 35.64
CA TRP A 424 -23.43 41.22 34.65
C TRP A 424 -22.13 40.86 35.39
N ALA A 425 -21.46 39.80 34.95
CA ALA A 425 -20.24 39.34 35.61
C ALA A 425 -18.91 39.88 35.07
N PHE A 426 -18.58 41.11 35.44
CA PHE A 426 -17.31 41.71 35.00
C PHE A 426 -16.19 40.82 35.52
N MET A 427 -15.29 40.41 34.62
CA MET A 427 -14.21 39.52 35.01
C MET A 427 -12.83 40.16 34.84
N THR A 428 -11.91 39.82 35.74
CA THR A 428 -10.55 40.34 35.66
C THR A 428 -9.53 39.24 35.88
N THR A 429 -8.45 39.30 35.11
CA THR A 429 -7.39 38.31 35.20
C THR A 429 -6.15 38.95 35.79
N HIS A 430 -6.24 40.21 36.15
CA HIS A 430 -5.10 40.95 36.68
C HIS A 430 -4.61 40.60 38.08
N SER A 431 -5.45 39.97 38.90
CA SER A 431 -5.01 39.61 40.23
C SER A 431 -4.69 38.13 40.34
N TRP A 432 -4.41 37.54 39.18
CA TRP A 432 -4.06 36.13 39.08
C TRP A 432 -2.88 35.80 39.99
N ASP A 433 -3.04 34.77 40.82
CA ASP A 433 -2.02 34.32 41.78
C ASP A 433 -1.89 35.12 43.06
N GLU A 434 -2.67 36.18 43.20
CA GLU A 434 -2.65 36.99 44.42
C GLU A 434 -3.43 36.30 45.52
N ASP A 435 -3.23 36.75 46.76
CA ASP A 435 -3.98 36.22 47.89
C ASP A 435 -5.21 37.12 47.90
N PRO A 436 -6.39 36.53 47.71
CA PRO A 436 -7.63 37.32 47.69
C PRO A 436 -8.19 37.85 49.00
N SER A 437 -7.67 37.38 50.14
CA SER A 437 -8.21 37.86 51.42
C SER A 437 -7.74 39.28 51.72
N GLY A 438 -8.59 40.04 52.39
CA GLY A 438 -8.28 41.41 52.71
C GLY A 438 -9.38 42.33 52.24
N GLU A 439 -9.07 43.61 52.10
CA GLU A 439 -10.07 44.58 51.67
C GLU A 439 -10.14 44.78 50.16
N TRP A 440 -11.33 44.56 49.60
CA TRP A 440 -11.58 44.74 48.19
C TRP A 440 -12.35 46.05 48.08
N VAL A 441 -12.10 46.82 47.02
CA VAL A 441 -12.78 48.09 46.85
C VAL A 441 -13.39 48.21 45.45
N LEU A 442 -14.67 48.54 45.40
CA LEU A 442 -15.36 48.70 44.13
C LEU A 442 -15.58 50.18 43.93
N GLU A 443 -15.26 50.70 42.75
CA GLU A 443 -15.42 52.12 42.49
C GLU A 443 -16.29 52.35 41.28
N ILE A 444 -17.37 53.10 41.46
CA ILE A 444 -18.25 53.42 40.36
C ILE A 444 -18.27 54.94 40.28
N GLU A 445 -17.96 55.49 39.11
CA GLU A 445 -17.92 56.94 38.97
C GLU A 445 -18.57 57.42 37.69
N ASN A 446 -19.12 58.64 37.76
CA ASN A 446 -19.76 59.28 36.62
C ASN A 446 -18.64 60.07 35.96
N THR A 447 -18.17 59.60 34.81
CA THR A 447 -17.09 60.27 34.09
C THR A 447 -17.54 61.49 33.31
N SER A 448 -18.81 61.84 33.45
CA SER A 448 -19.37 62.97 32.73
C SER A 448 -19.74 64.14 33.65
N GLU A 449 -19.94 65.32 33.07
CA GLU A 449 -20.33 66.50 33.85
C GLU A 449 -21.85 66.50 34.03
N ALA A 450 -22.53 65.66 33.25
CA ALA A 450 -23.99 65.56 33.31
C ALA A 450 -24.43 65.06 34.67
N ASN A 451 -25.61 65.50 35.11
CA ASN A 451 -26.14 65.09 36.40
C ASN A 451 -26.87 63.75 36.24
N ASN A 452 -26.10 62.67 36.22
CA ASN A 452 -26.67 61.33 36.07
C ASN A 452 -27.09 60.77 37.44
N TYR A 453 -27.92 59.74 37.41
CA TYR A 453 -28.42 59.14 38.63
C TYR A 453 -28.64 57.63 38.47
N GLY A 454 -28.50 56.90 39.57
CA GLY A 454 -28.70 55.46 39.54
C GLY A 454 -28.48 54.79 40.88
N THR A 455 -28.75 53.49 40.93
CA THR A 455 -28.60 52.73 42.17
C THR A 455 -27.92 51.37 41.94
N LEU A 456 -26.96 51.05 42.80
CA LEU A 456 -26.27 49.76 42.74
C LEU A 456 -27.05 48.88 43.71
N THR A 457 -27.69 47.83 43.20
CA THR A 457 -28.48 46.95 44.07
C THR A 457 -27.82 45.62 44.40
N LYS A 458 -26.81 45.24 43.62
CA LYS A 458 -26.14 43.98 43.89
C LYS A 458 -24.68 44.00 43.45
N PHE A 459 -23.83 43.47 44.33
CA PHE A 459 -22.41 43.38 44.07
C PHE A 459 -21.92 42.10 44.71
N THR A 460 -21.82 41.06 43.90
CA THR A 460 -21.35 39.76 44.37
C THR A 460 -19.94 39.52 43.86
N LEU A 461 -19.02 39.22 44.77
CA LEU A 461 -17.64 38.95 44.40
C LEU A 461 -17.48 37.44 44.30
N VAL A 462 -16.97 36.97 43.15
CA VAL A 462 -16.79 35.55 42.97
C VAL A 462 -15.32 35.27 42.71
N LEU A 463 -14.71 34.49 43.61
CA LEU A 463 -13.31 34.16 43.51
C LEU A 463 -13.09 32.70 43.07
N TYR A 464 -12.23 32.51 42.09
CA TYR A 464 -11.88 31.18 41.60
C TYR A 464 -10.40 30.97 41.96
N GLY A 465 -10.01 29.75 42.25
CA GLY A 465 -8.62 29.53 42.57
C GLY A 465 -8.30 28.30 43.39
N THR A 466 -7.09 28.29 43.95
CA THR A 466 -6.62 27.17 44.77
C THR A 466 -6.06 27.58 46.13
N ALA A 467 -5.68 26.57 46.89
CA ALA A 467 -5.13 26.73 48.24
C ALA A 467 -3.79 25.96 48.35
N TYR B 3 -32.95 -10.64 60.54
CA TYR B 3 -33.01 -9.16 60.69
C TYR B 3 -34.11 -8.75 61.66
N GLN B 4 -33.73 -8.00 62.69
CA GLN B 4 -34.70 -7.54 63.67
C GLN B 4 -35.06 -6.09 63.34
N GLU B 5 -36.35 -5.80 63.17
CA GLU B 5 -36.79 -4.45 62.82
C GLU B 5 -36.73 -3.48 64.01
N PRO B 6 -36.63 -2.17 63.72
CA PRO B 6 -36.56 -1.13 64.76
C PRO B 6 -37.51 -1.31 65.93
N THR B 7 -37.04 -1.00 67.12
CA THR B 7 -37.85 -1.11 68.33
C THR B 7 -38.37 0.24 68.79
N ASP B 8 -38.05 1.29 68.05
CA ASP B 8 -38.47 2.64 68.41
C ASP B 8 -39.97 2.69 68.67
N PRO B 9 -40.39 3.48 69.67
CA PRO B 9 -41.81 3.60 70.02
C PRO B 9 -42.75 3.98 68.90
N LYS B 10 -42.30 4.85 67.99
CA LYS B 10 -43.15 5.30 66.88
C LYS B 10 -43.01 4.56 65.56
N PHE B 11 -42.08 3.61 65.48
CA PHE B 11 -41.87 2.85 64.25
C PHE B 11 -43.17 2.22 63.75
N PRO B 12 -43.97 1.61 64.64
CA PRO B 12 -45.22 0.98 64.21
C PRO B 12 -46.17 1.95 63.51
N GLN B 13 -46.01 3.25 63.75
CA GLN B 13 -46.88 4.24 63.10
C GLN B 13 -46.30 4.76 61.78
N GLN B 14 -45.10 4.29 61.44
CA GLN B 14 -44.47 4.71 60.21
C GLN B 14 -44.88 3.74 59.09
N TRP B 15 -46.18 3.75 58.83
CA TRP B 15 -46.81 2.90 57.83
C TRP B 15 -46.13 2.88 56.48
N TYR B 16 -45.57 4.01 56.07
CA TYR B 16 -44.90 4.13 54.78
C TYR B 16 -43.59 3.37 54.66
N LEU B 17 -42.94 3.09 55.79
CA LEU B 17 -41.67 2.37 55.79
C LEU B 17 -41.88 0.87 55.67
N SER B 18 -42.78 0.34 56.51
CA SER B 18 -43.09 -1.08 56.51
C SER B 18 -44.52 -1.28 56.97
N GLY B 19 -45.24 -2.16 56.28
CA GLY B 19 -46.62 -2.42 56.64
C GLY B 19 -47.17 -3.72 56.06
N VAL B 20 -48.05 -4.37 56.82
CA VAL B 20 -48.67 -5.62 56.39
C VAL B 20 -49.37 -5.37 55.05
N THR B 21 -50.11 -4.26 54.99
CA THR B 21 -50.88 -3.85 53.81
C THR B 21 -50.12 -3.83 52.48
N GLN B 22 -48.82 -4.13 52.51
CA GLN B 22 -48.00 -4.17 51.29
C GLN B 22 -48.14 -2.87 50.45
N ARG B 23 -48.59 -1.79 51.10
CA ARG B 23 -48.74 -0.50 50.45
C ARG B 23 -47.74 0.44 51.16
N ASP B 24 -46.46 0.21 50.89
CA ASP B 24 -45.38 0.99 51.50
C ASP B 24 -44.19 1.18 50.55
N LEU B 25 -43.12 1.82 51.03
CA LEU B 25 -41.94 2.07 50.22
C LEU B 25 -40.97 0.90 50.21
N ASN B 26 -41.38 -0.20 50.84
CA ASN B 26 -40.57 -1.42 50.88
C ASN B 26 -39.15 -1.15 51.37
N VAL B 27 -39.04 -0.39 52.45
CA VAL B 27 -37.76 -0.04 53.03
C VAL B 27 -37.16 -1.15 53.89
N LYS B 28 -38.02 -1.86 54.62
CA LYS B 28 -37.56 -2.95 55.46
C LYS B 28 -36.83 -4.00 54.60
N ALA B 29 -37.33 -4.22 53.39
CA ALA B 29 -36.71 -5.18 52.47
C ALA B 29 -35.26 -4.77 52.17
N ALA B 30 -34.99 -3.47 52.17
CA ALA B 30 -33.64 -2.99 51.91
C ALA B 30 -32.78 -3.17 53.15
N TRP B 31 -33.36 -2.90 54.32
CA TRP B 31 -32.62 -3.07 55.57
C TRP B 31 -32.20 -4.53 55.69
N ALA B 32 -33.13 -5.44 55.40
CA ALA B 32 -32.89 -6.88 55.46
C ALA B 32 -31.73 -7.29 54.57
N GLN B 33 -31.58 -6.63 53.43
CA GLN B 33 -30.48 -6.93 52.52
C GLN B 33 -29.17 -6.36 53.09
N GLY B 34 -29.25 -5.70 54.25
CA GLY B 34 -28.08 -5.15 54.89
C GLY B 34 -27.75 -3.69 54.64
N TYR B 35 -28.70 -2.92 54.13
CA TYR B 35 -28.42 -1.52 53.84
C TYR B 35 -29.20 -0.56 54.74
N THR B 36 -28.46 0.32 55.41
CA THR B 36 -29.06 1.28 56.33
C THR B 36 -28.49 2.69 56.17
N GLY B 37 -27.67 2.88 55.13
CA GLY B 37 -27.08 4.18 54.88
C GLY B 37 -25.71 4.42 55.48
N HIS B 38 -25.13 3.39 56.06
CA HIS B 38 -23.83 3.54 56.66
C HIS B 38 -22.83 4.12 55.66
N GLY B 39 -22.10 5.15 56.09
CA GLY B 39 -21.10 5.75 55.23
C GLY B 39 -21.57 6.77 54.23
N ILE B 40 -22.88 7.02 54.20
CA ILE B 40 -23.42 7.99 53.25
C ILE B 40 -23.77 9.30 53.97
N VAL B 41 -23.45 10.42 53.32
CA VAL B 41 -23.72 11.73 53.91
C VAL B 41 -24.87 12.46 53.19
N VAL B 42 -25.88 12.87 53.95
CA VAL B 42 -27.03 13.57 53.38
C VAL B 42 -27.18 14.93 54.06
N SER B 43 -27.43 15.96 53.27
CA SER B 43 -27.60 17.29 53.81
C SER B 43 -28.97 17.84 53.47
N ILE B 44 -29.64 18.39 54.47
CA ILE B 44 -30.98 18.98 54.30
C ILE B 44 -30.84 20.49 54.14
N LEU B 45 -31.14 21.01 52.95
CA LEU B 45 -31.07 22.45 52.68
C LEU B 45 -32.44 23.01 53.06
N ASP B 46 -32.53 23.61 54.23
CA ASP B 46 -33.82 24.11 54.70
C ASP B 46 -33.69 25.32 55.64
N ASP B 47 -34.54 25.36 56.67
CA ASP B 47 -34.52 26.44 57.64
C ASP B 47 -33.72 26.10 58.89
N GLY B 48 -32.84 25.11 58.77
CA GLY B 48 -32.04 24.72 59.92
C GLY B 48 -32.27 23.29 60.36
N ILE B 49 -31.45 22.84 61.31
CA ILE B 49 -31.56 21.49 61.84
C ILE B 49 -31.18 21.50 63.33
N GLU B 50 -32.04 20.90 64.15
CA GLU B 50 -31.80 20.82 65.59
C GLU B 50 -30.83 19.68 65.81
N LYS B 51 -29.53 19.98 65.64
CA LYS B 51 -28.48 18.97 65.77
C LYS B 51 -28.42 18.24 67.11
N ASN B 52 -28.98 18.85 68.15
CA ASN B 52 -28.97 18.25 69.47
C ASN B 52 -30.24 17.46 69.77
N HIS B 53 -31.10 17.31 68.77
CA HIS B 53 -32.34 16.56 68.97
C HIS B 53 -31.95 15.13 69.34
N PRO B 54 -32.59 14.55 70.37
CA PRO B 54 -32.27 13.19 70.80
C PRO B 54 -32.33 12.12 69.73
N ASP B 55 -33.05 12.36 68.64
CA ASP B 55 -33.14 11.34 67.60
C ASP B 55 -32.30 11.71 66.37
N LEU B 56 -31.49 12.76 66.50
CA LEU B 56 -30.62 13.21 65.41
C LEU B 56 -29.16 13.33 65.78
N ALA B 57 -28.88 13.74 67.02
CA ALA B 57 -27.51 13.92 67.49
C ALA B 57 -26.59 12.76 67.12
N GLY B 58 -27.06 11.54 67.34
CA GLY B 58 -26.25 10.38 67.03
C GLY B 58 -25.73 10.30 65.60
N ASN B 59 -26.47 10.91 64.67
CA ASN B 59 -26.06 10.89 63.26
C ASN B 59 -25.67 12.25 62.71
N TYR B 60 -25.83 13.30 63.51
CA TYR B 60 -25.49 14.63 63.04
C TYR B 60 -24.06 14.72 62.54
N ASP B 61 -23.86 15.40 61.41
CA ASP B 61 -22.54 15.58 60.81
C ASP B 61 -22.27 17.04 60.56
N PRO B 62 -21.35 17.64 61.33
CA PRO B 62 -20.99 19.05 61.18
C PRO B 62 -20.44 19.33 59.78
N GLY B 63 -19.75 18.35 59.22
CA GLY B 63 -19.15 18.51 57.91
C GLY B 63 -20.16 18.65 56.77
N ALA B 64 -21.42 18.31 57.06
CA ALA B 64 -22.48 18.40 56.07
C ALA B 64 -23.44 19.54 56.43
N SER B 65 -23.01 20.40 57.35
CA SER B 65 -23.85 21.50 57.80
C SER B 65 -23.21 22.86 57.68
N PHE B 66 -24.05 23.89 57.77
CA PHE B 66 -23.60 25.26 57.71
C PHE B 66 -24.79 26.21 57.81
N ASP B 67 -24.52 27.44 58.25
CA ASP B 67 -25.56 28.46 58.39
C ASP B 67 -25.26 29.59 57.39
N VAL B 68 -25.87 29.51 56.22
CA VAL B 68 -25.66 30.52 55.19
C VAL B 68 -26.41 31.81 55.51
N ASN B 69 -27.50 31.68 56.26
CA ASN B 69 -28.29 32.86 56.63
C ASN B 69 -27.52 33.80 57.55
N ASP B 70 -26.83 33.26 58.56
CA ASP B 70 -26.07 34.10 59.47
C ASP B 70 -24.56 33.95 59.31
N GLN B 71 -24.14 33.27 58.24
CA GLN B 71 -22.72 33.08 57.97
C GLN B 71 -21.90 32.47 59.12
N ASP B 72 -22.27 31.28 59.57
CA ASP B 72 -21.52 30.58 60.62
C ASP B 72 -21.73 29.07 60.38
N PRO B 73 -20.90 28.23 61.00
CA PRO B 73 -21.07 26.81 60.78
C PRO B 73 -22.15 26.11 61.56
N ASP B 74 -22.82 26.82 62.46
CA ASP B 74 -23.87 26.23 63.28
C ASP B 74 -25.26 26.42 62.66
N PRO B 75 -25.88 25.32 62.19
CA PRO B 75 -27.20 25.32 61.57
C PRO B 75 -28.40 25.22 62.52
N GLN B 76 -28.17 25.45 63.81
CA GLN B 76 -29.24 25.40 64.80
C GLN B 76 -30.38 26.33 64.39
N PRO B 77 -31.63 25.86 64.48
CA PRO B 77 -32.77 26.71 64.10
C PRO B 77 -32.96 27.91 65.02
N ARG B 78 -33.66 28.92 64.53
CA ARG B 78 -33.96 30.11 65.34
C ARG B 78 -35.32 29.86 65.97
N TYR B 79 -35.36 29.71 67.30
CA TYR B 79 -36.62 29.44 67.99
C TYR B 79 -37.54 30.65 68.13
N THR B 80 -38.83 30.40 67.94
CA THR B 80 -39.85 31.44 68.02
C THR B 80 -41.13 30.79 68.55
N GLN B 81 -42.04 31.59 69.11
CA GLN B 81 -43.30 31.07 69.64
C GLN B 81 -44.08 30.22 68.61
N MET B 82 -44.13 30.69 67.37
CA MET B 82 -44.86 29.99 66.33
C MET B 82 -44.12 28.74 65.80
N ASN B 83 -42.86 28.57 66.19
CA ASN B 83 -42.06 27.43 65.74
C ASN B 83 -41.91 27.40 64.22
N ASP B 84 -41.64 28.57 63.63
CA ASP B 84 -41.50 28.68 62.18
C ASP B 84 -40.41 27.81 61.60
N ASN B 85 -39.28 27.74 62.29
CA ASN B 85 -38.14 26.97 61.82
C ASN B 85 -38.04 25.51 62.26
N ARG B 86 -39.16 24.79 62.17
CA ARG B 86 -39.20 23.39 62.56
C ARG B 86 -39.12 22.51 61.31
N HIS B 87 -39.41 23.12 60.17
CA HIS B 87 -39.44 22.44 58.88
C HIS B 87 -38.22 21.59 58.54
N GLY B 88 -37.03 22.20 58.61
CA GLY B 88 -35.81 21.46 58.29
C GLY B 88 -35.57 20.28 59.21
N THR B 89 -35.92 20.43 60.49
CA THR B 89 -35.73 19.38 61.47
C THR B 89 -36.63 18.19 61.17
N ARG B 90 -37.84 18.47 60.72
CA ARG B 90 -38.77 17.40 60.40
C ARG B 90 -38.27 16.60 59.21
N CYS B 91 -37.77 17.29 58.18
CA CYS B 91 -37.26 16.65 56.99
C CYS B 91 -36.04 15.79 57.31
N ALA B 92 -35.13 16.32 58.12
CA ALA B 92 -33.92 15.59 58.51
C ALA B 92 -34.27 14.24 59.15
N GLY B 93 -35.22 14.27 60.10
CA GLY B 93 -35.62 13.05 60.79
C GLY B 93 -36.10 11.94 59.87
N GLU B 94 -36.78 12.32 58.79
CA GLU B 94 -37.29 11.34 57.82
C GLU B 94 -36.15 10.55 57.21
N VAL B 95 -35.06 11.25 56.94
CA VAL B 95 -33.90 10.63 56.33
C VAL B 95 -33.04 9.80 57.27
N ALA B 96 -32.62 10.40 58.38
CA ALA B 96 -31.75 9.67 59.30
C ALA B 96 -32.01 9.73 60.81
N ALA B 97 -33.27 9.62 61.24
CA ALA B 97 -33.56 9.62 62.67
C ALA B 97 -32.91 8.35 63.23
N VAL B 98 -32.26 8.45 64.39
CA VAL B 98 -31.61 7.29 65.00
C VAL B 98 -32.57 6.13 65.27
N ALA B 99 -32.06 4.90 65.13
CA ALA B 99 -32.89 3.71 65.35
C ALA B 99 -32.58 2.99 66.66
N ASN B 100 -33.58 2.27 67.17
CA ASN B 100 -33.45 1.50 68.40
C ASN B 100 -32.91 2.31 69.57
N ASN B 101 -33.44 3.50 69.77
CA ASN B 101 -32.96 4.34 70.86
C ASN B 101 -34.11 4.80 71.73
N GLY B 102 -35.22 4.05 71.66
CA GLY B 102 -36.40 4.37 72.45
C GLY B 102 -36.96 5.76 72.24
N VAL B 103 -36.57 6.41 71.14
CA VAL B 103 -37.06 7.75 70.85
C VAL B 103 -37.74 7.88 69.49
N CYS B 104 -38.97 8.37 69.51
CA CYS B 104 -39.75 8.61 68.31
C CYS B 104 -39.68 7.42 67.33
N GLY B 105 -39.41 7.71 66.05
CA GLY B 105 -39.34 6.64 65.06
C GLY B 105 -37.94 6.44 64.52
N VAL B 106 -37.82 6.12 63.23
CA VAL B 106 -36.51 5.93 62.61
C VAL B 106 -36.48 6.54 61.21
N GLY B 107 -35.27 6.86 60.73
CA GLY B 107 -35.13 7.41 59.40
C GLY B 107 -35.00 6.28 58.38
N VAL B 108 -35.24 6.55 57.11
CA VAL B 108 -35.11 5.53 56.08
C VAL B 108 -33.68 5.00 56.09
N ALA B 109 -32.71 5.92 56.22
CA ALA B 109 -31.30 5.55 56.27
C ALA B 109 -30.82 5.89 57.67
N TYR B 110 -31.26 5.11 58.66
CA TYR B 110 -30.93 5.39 60.06
C TYR B 110 -29.47 5.26 60.48
N ASN B 111 -28.60 4.92 59.54
CA ASN B 111 -27.18 4.82 59.87
C ASN B 111 -26.37 5.80 59.02
N ALA B 112 -27.07 6.62 58.26
CA ALA B 112 -26.43 7.61 57.42
C ALA B 112 -26.10 8.82 58.28
N ARG B 113 -25.18 9.67 57.80
CA ARG B 113 -24.84 10.85 58.55
C ARG B 113 -25.71 11.96 57.98
N ILE B 114 -26.35 12.70 58.86
CA ILE B 114 -27.25 13.78 58.44
C ILE B 114 -26.72 15.16 58.82
N GLY B 115 -26.78 16.07 57.85
CA GLY B 115 -26.33 17.42 58.09
C GLY B 115 -27.44 18.38 57.69
N GLY B 116 -27.25 19.67 57.94
CA GLY B 116 -28.28 20.62 57.59
C GLY B 116 -27.71 21.98 57.26
N VAL B 117 -28.27 22.62 56.24
CA VAL B 117 -27.81 23.94 55.85
C VAL B 117 -28.94 24.91 56.13
N ARG B 118 -28.71 25.84 57.05
CA ARG B 118 -29.73 26.81 57.39
C ARG B 118 -29.64 27.87 56.30
N MET B 119 -30.62 27.89 55.40
CA MET B 119 -30.62 28.87 54.32
C MET B 119 -31.99 29.42 53.92
N LEU B 120 -33.07 28.97 54.57
CA LEU B 120 -34.40 29.49 54.24
C LEU B 120 -34.85 30.59 55.20
N ASP B 121 -34.21 30.66 56.36
CA ASP B 121 -34.56 31.65 57.38
C ASP B 121 -33.79 32.95 57.17
N GLY B 122 -34.20 33.69 56.15
CA GLY B 122 -33.56 34.96 55.82
C GLY B 122 -33.82 35.26 54.36
N GLU B 123 -33.10 36.20 53.78
CA GLU B 123 -33.30 36.50 52.36
C GLU B 123 -32.64 35.38 51.55
N VAL B 124 -33.45 34.65 50.77
CA VAL B 124 -32.93 33.56 49.95
C VAL B 124 -32.46 34.09 48.59
N THR B 125 -31.21 34.51 48.51
CA THR B 125 -30.66 35.05 47.27
C THR B 125 -30.02 33.96 46.42
N ASP B 126 -29.60 34.31 45.22
CA ASP B 126 -28.95 33.38 44.31
C ASP B 126 -27.68 32.88 44.99
N ALA B 127 -26.90 33.79 45.56
CA ALA B 127 -25.66 33.42 46.25
C ALA B 127 -25.97 32.47 47.41
N VAL B 128 -27.08 32.71 48.10
CA VAL B 128 -27.49 31.86 49.22
C VAL B 128 -27.73 30.44 48.72
N GLU B 129 -28.53 30.32 47.67
CA GLU B 129 -28.83 29.00 47.11
C GLU B 129 -27.55 28.32 46.61
N ALA B 130 -26.72 29.08 45.90
CA ALA B 130 -25.49 28.55 45.34
C ALA B 130 -24.54 27.98 46.39
N ARG B 131 -24.38 28.69 47.50
CA ARG B 131 -23.48 28.22 48.55
C ARG B 131 -24.02 26.97 49.23
N SER B 132 -25.34 26.87 49.30
CA SER B 132 -25.99 25.71 49.93
C SER B 132 -25.88 24.49 49.03
N LEU B 133 -26.24 24.65 47.75
CA LEU B 133 -26.18 23.57 46.79
C LEU B 133 -24.74 23.11 46.54
N GLY B 134 -23.80 24.02 46.73
CA GLY B 134 -22.41 23.67 46.48
C GLY B 134 -21.57 23.45 47.72
N LEU B 135 -22.22 23.20 48.84
CA LEU B 135 -21.52 22.99 50.09
C LEU B 135 -20.84 21.62 50.14
N ASN B 136 -19.51 21.59 50.33
CA ASN B 136 -18.79 20.32 50.42
C ASN B 136 -19.17 19.25 49.41
N PRO B 137 -19.04 19.54 48.11
CA PRO B 137 -19.40 18.56 47.08
C PRO B 137 -18.69 17.22 47.22
N ASN B 138 -17.54 17.21 47.87
CA ASN B 138 -16.80 15.96 48.02
C ASN B 138 -16.98 15.25 49.35
N HIS B 139 -17.83 15.81 50.20
CA HIS B 139 -18.11 15.17 51.48
C HIS B 139 -19.56 14.72 51.48
N ILE B 140 -20.46 15.62 51.07
CA ILE B 140 -21.89 15.36 51.00
C ILE B 140 -22.23 14.59 49.73
N HIS B 141 -23.00 13.52 49.84
CA HIS B 141 -23.37 12.74 48.66
C HIS B 141 -24.73 13.18 48.12
N ILE B 142 -25.69 13.33 49.02
CA ILE B 142 -27.05 13.67 48.66
C ILE B 142 -27.55 14.98 49.27
N TYR B 143 -28.16 15.81 48.44
CA TYR B 143 -28.73 17.06 48.93
C TYR B 143 -30.24 16.93 48.82
N SER B 144 -30.96 17.37 49.84
CA SER B 144 -32.42 17.30 49.83
C SER B 144 -33.04 18.69 49.98
N ALA B 145 -33.92 19.05 49.07
CA ALA B 145 -34.55 20.36 49.12
C ALA B 145 -36.08 20.32 49.06
N SER B 146 -36.70 20.64 50.19
CA SER B 146 -38.16 20.69 50.29
C SER B 146 -38.60 22.15 50.27
N TRP B 147 -38.18 22.87 49.23
CA TRP B 147 -38.55 24.28 49.09
C TRP B 147 -38.45 24.66 47.61
N GLY B 148 -38.85 25.88 47.27
CA GLY B 148 -38.78 26.31 45.90
C GLY B 148 -39.60 27.56 45.65
N PRO B 149 -39.78 27.96 44.38
CA PRO B 149 -40.56 29.14 44.03
C PRO B 149 -41.97 29.05 44.59
N GLU B 150 -42.59 30.19 44.80
CA GLU B 150 -43.94 30.22 45.33
C GLU B 150 -44.91 29.44 44.44
N ASP B 151 -45.83 28.69 45.06
CA ASP B 151 -46.81 27.91 44.31
C ASP B 151 -48.13 28.64 44.07
N ASP B 152 -48.07 29.88 43.60
CA ASP B 152 -49.30 30.64 43.37
C ASP B 152 -49.99 30.21 42.08
N GLY B 153 -49.33 29.36 41.30
CA GLY B 153 -49.92 28.89 40.07
C GLY B 153 -49.93 29.93 38.97
N LYS B 154 -49.10 30.96 39.12
CA LYS B 154 -49.04 31.98 38.11
C LYS B 154 -47.62 32.46 37.84
N THR B 155 -46.65 31.89 38.56
CA THR B 155 -45.29 32.31 38.33
C THR B 155 -44.45 31.25 37.64
N VAL B 156 -43.46 31.71 36.89
CA VAL B 156 -42.51 30.85 36.20
C VAL B 156 -41.17 31.31 36.78
N ASP B 157 -40.51 30.44 37.53
CA ASP B 157 -39.26 30.82 38.15
C ASP B 157 -38.33 29.62 38.32
N GLY B 158 -37.03 29.88 38.29
CA GLY B 158 -36.05 28.84 38.45
C GLY B 158 -34.76 29.40 39.02
N PRO B 159 -33.72 28.58 39.14
CA PRO B 159 -32.43 29.04 39.69
C PRO B 159 -31.77 30.11 38.85
N ALA B 160 -31.05 31.02 39.51
CA ALA B 160 -30.33 32.07 38.81
C ALA B 160 -28.94 31.55 38.44
N ARG B 161 -28.13 32.39 37.82
CA ARG B 161 -26.79 31.99 37.37
C ARG B 161 -25.94 31.18 38.36
N LEU B 162 -25.66 31.74 39.53
CA LEU B 162 -24.86 31.04 40.52
C LEU B 162 -25.44 29.68 40.89
N ALA B 163 -26.74 29.63 41.13
CA ALA B 163 -27.39 28.36 41.47
C ALA B 163 -27.24 27.35 40.34
N GLU B 164 -27.42 27.78 39.10
CA GLU B 164 -27.27 26.86 37.97
C GLU B 164 -25.85 26.36 37.94
N GLU B 165 -24.90 27.28 38.08
CA GLU B 165 -23.49 26.91 38.07
C GLU B 165 -23.20 25.92 39.19
N ALA B 166 -23.93 26.04 40.30
CA ALA B 166 -23.72 25.14 41.42
C ALA B 166 -24.25 23.75 41.06
N PHE B 167 -25.40 23.70 40.40
CA PHE B 167 -25.99 22.43 39.98
C PHE B 167 -25.04 21.74 39.02
N PHE B 168 -24.50 22.52 38.07
CA PHE B 168 -23.61 21.96 37.07
C PHE B 168 -22.29 21.48 37.64
N ARG B 169 -21.70 22.28 38.53
CA ARG B 169 -20.44 21.87 39.13
C ARG B 169 -20.71 20.59 39.91
N GLY B 170 -21.86 20.57 40.59
CA GLY B 170 -22.25 19.42 41.39
C GLY B 170 -22.33 18.09 40.65
N VAL B 171 -23.06 18.05 39.55
CA VAL B 171 -23.20 16.81 38.79
C VAL B 171 -21.93 16.46 38.03
N SER B 172 -21.06 17.46 37.82
CA SER B 172 -19.81 17.26 37.11
C SER B 172 -18.68 16.83 38.01
N GLN B 173 -18.48 17.58 39.08
CA GLN B 173 -17.40 17.33 40.00
C GLN B 173 -17.74 16.75 41.36
N GLY B 174 -18.99 16.89 41.81
CA GLY B 174 -19.37 16.36 43.11
C GLY B 174 -19.07 14.87 43.26
N ARG B 175 -18.95 14.41 44.50
CA ARG B 175 -18.66 12.99 44.76
C ARG B 175 -17.55 12.46 43.85
N GLY B 176 -16.44 13.20 43.81
CA GLY B 176 -15.30 12.79 43.01
C GLY B 176 -15.61 12.50 41.54
N GLY B 177 -16.52 13.28 40.94
CA GLY B 177 -16.83 13.08 39.53
C GLY B 177 -18.11 12.32 39.23
N LEU B 178 -18.59 11.54 40.20
CA LEU B 178 -19.81 10.77 40.01
C LEU B 178 -21.03 11.69 39.97
N GLY B 179 -20.91 12.87 40.57
CA GLY B 179 -22.02 13.81 40.59
C GLY B 179 -22.88 13.83 41.84
N SER B 180 -23.15 15.03 42.36
CA SER B 180 -23.99 15.20 43.54
C SER B 180 -25.41 14.76 43.20
N ILE B 181 -26.10 14.17 44.17
CA ILE B 181 -27.49 13.76 43.96
C ILE B 181 -28.38 14.85 44.54
N PHE B 182 -29.17 15.50 43.70
CA PHE B 182 -30.06 16.57 44.15
C PHE B 182 -31.52 16.11 44.13
N VAL B 183 -32.10 15.90 45.31
CA VAL B 183 -33.49 15.46 45.43
C VAL B 183 -34.39 16.67 45.72
N TRP B 184 -35.43 16.83 44.91
CA TRP B 184 -36.32 17.98 45.06
C TRP B 184 -37.80 17.63 45.26
N ALA B 185 -38.50 18.43 46.06
CA ALA B 185 -39.93 18.24 46.28
C ALA B 185 -40.62 18.96 45.13
N SER B 186 -41.55 18.30 44.42
CA SER B 186 -42.20 18.92 43.27
C SER B 186 -43.13 20.11 43.53
N GLY B 187 -43.60 20.28 44.76
CA GLY B 187 -44.46 21.44 45.05
C GLY B 187 -45.83 21.20 45.67
N ASN B 188 -46.39 22.26 46.27
CA ASN B 188 -47.70 22.17 46.91
C ASN B 188 -48.77 22.99 46.20
N GLY B 189 -48.51 23.42 44.97
CA GLY B 189 -49.48 24.25 44.26
C GLY B 189 -50.69 23.55 43.68
N GLY B 190 -50.97 22.33 44.10
CA GLY B 190 -52.11 21.62 43.56
C GLY B 190 -53.44 22.35 43.58
N ARG B 191 -53.74 23.04 44.68
CA ARG B 191 -54.99 23.77 44.79
C ARG B 191 -55.06 24.99 43.87
N GLU B 192 -53.90 25.50 43.46
CA GLU B 192 -53.88 26.67 42.57
C GLU B 192 -53.66 26.21 41.13
N HIS B 193 -53.76 24.90 40.90
CA HIS B 193 -53.56 24.32 39.58
C HIS B 193 -52.17 24.60 39.05
N ASP B 194 -51.19 24.64 39.95
CA ASP B 194 -49.81 24.90 39.57
C ASP B 194 -49.22 23.74 38.76
N SER B 195 -48.21 24.05 37.95
CA SER B 195 -47.53 23.06 37.12
C SER B 195 -46.08 23.03 37.54
N CYS B 196 -45.57 21.86 37.90
CA CYS B 196 -44.18 21.80 38.32
C CYS B 196 -43.17 21.92 37.20
N ASN B 197 -43.64 22.20 35.98
CA ASN B 197 -42.73 22.38 34.86
C ASN B 197 -42.44 23.87 34.76
N CYS B 198 -43.13 24.65 35.59
CA CYS B 198 -42.95 26.10 35.64
C CYS B 198 -42.04 26.43 36.81
N ASP B 199 -41.39 25.39 37.32
CA ASP B 199 -40.48 25.49 38.45
C ASP B 199 -39.13 24.99 37.93
N GLY B 200 -38.18 25.92 37.75
CA GLY B 200 -36.88 25.55 37.23
C GLY B 200 -36.03 24.59 38.04
N TYR B 201 -36.37 24.39 39.31
CA TYR B 201 -35.59 23.49 40.15
C TYR B 201 -36.02 22.05 39.94
N THR B 202 -37.33 21.82 39.95
CA THR B 202 -37.87 20.49 39.76
C THR B 202 -37.70 20.11 38.29
N ASN B 203 -37.92 21.09 37.43
CA ASN B 203 -37.85 20.92 35.99
C ASN B 203 -36.44 20.61 35.46
N SER B 204 -35.43 20.89 36.28
CA SER B 204 -34.03 20.64 35.90
C SER B 204 -33.71 19.15 35.76
N ILE B 205 -32.82 18.80 34.84
CA ILE B 205 -32.46 17.40 34.68
C ILE B 205 -31.47 16.97 35.76
N TYR B 206 -30.89 17.94 36.45
CA TYR B 206 -29.91 17.64 37.50
C TYR B 206 -30.57 17.25 38.83
N THR B 207 -31.90 17.43 38.92
CA THR B 207 -32.60 17.08 40.15
C THR B 207 -33.64 15.97 39.94
N LEU B 208 -33.81 15.12 40.95
CA LEU B 208 -34.82 14.07 40.89
C LEU B 208 -36.04 14.68 41.58
N SER B 209 -37.02 15.14 40.79
CA SER B 209 -38.23 15.74 41.34
C SER B 209 -39.14 14.64 41.86
N ILE B 210 -39.55 14.76 43.12
CA ILE B 210 -40.39 13.74 43.75
C ILE B 210 -41.79 14.21 44.16
N SER B 211 -42.83 13.52 43.66
CA SER B 211 -44.22 13.85 43.98
C SER B 211 -44.74 13.01 45.16
N SER B 212 -46.00 13.25 45.54
CA SER B 212 -46.61 12.57 46.68
C SER B 212 -47.83 11.72 46.36
N ALA B 213 -48.11 10.78 47.27
CA ALA B 213 -49.25 9.89 47.15
C ALA B 213 -49.82 9.74 48.56
N THR B 214 -51.14 9.74 48.70
CA THR B 214 -51.76 9.59 50.02
C THR B 214 -51.71 8.13 50.44
N GLN B 215 -52.01 7.86 51.71
CA GLN B 215 -51.97 6.49 52.22
C GLN B 215 -52.85 5.55 51.44
N PHE B 216 -54.03 6.00 51.01
CA PHE B 216 -54.93 5.14 50.25
C PHE B 216 -54.59 5.11 48.76
N GLY B 217 -53.44 5.68 48.39
CA GLY B 217 -53.01 5.69 47.00
C GLY B 217 -53.63 6.71 46.06
N ASN B 218 -53.93 7.90 46.55
CA ASN B 218 -54.52 8.92 45.69
C ASN B 218 -53.61 10.12 45.54
N VAL B 219 -53.94 10.97 44.57
CA VAL B 219 -53.18 12.18 44.31
C VAL B 219 -53.63 13.21 45.34
N PRO B 220 -52.73 13.63 46.24
CA PRO B 220 -53.05 14.61 47.29
C PRO B 220 -53.60 15.93 46.72
N TRP B 221 -54.33 16.66 47.55
CA TRP B 221 -54.90 17.93 47.10
C TRP B 221 -53.82 18.93 46.71
N TYR B 222 -52.67 18.87 47.38
CA TYR B 222 -51.56 19.78 47.13
C TYR B 222 -50.64 19.41 45.95
N SER B 223 -50.82 18.20 45.42
CA SER B 223 -50.01 17.70 44.33
C SER B 223 -50.03 18.52 43.03
N GLU B 224 -48.86 18.71 42.42
CA GLU B 224 -48.76 19.43 41.16
C GLU B 224 -48.41 18.39 40.11
N ALA B 225 -48.99 18.48 38.93
CA ALA B 225 -48.69 17.55 37.87
C ALA B 225 -47.82 18.22 36.80
N CYS B 226 -46.91 17.44 36.22
CA CYS B 226 -45.99 17.90 35.17
C CYS B 226 -45.20 16.70 34.67
N SER B 227 -44.58 16.82 33.51
CA SER B 227 -43.81 15.73 32.94
C SER B 227 -42.39 15.61 33.46
N SER B 228 -41.94 16.57 34.26
CA SER B 228 -40.58 16.55 34.78
C SER B 228 -40.41 15.69 36.03
N THR B 229 -41.52 15.40 36.71
CA THR B 229 -41.47 14.58 37.92
C THR B 229 -40.96 13.19 37.55
N LEU B 230 -40.08 12.64 38.38
CA LEU B 230 -39.47 11.33 38.11
C LEU B 230 -40.12 10.17 38.88
N ALA B 231 -40.38 10.36 40.17
CA ALA B 231 -41.01 9.31 40.97
C ALA B 231 -41.84 9.85 42.14
N THR B 232 -42.38 8.94 42.94
CA THR B 232 -43.24 9.32 44.06
C THR B 232 -42.94 8.60 45.37
N THR B 233 -43.26 9.25 46.48
CA THR B 233 -43.13 8.65 47.80
C THR B 233 -44.39 9.07 48.57
N TYR B 234 -44.75 8.32 49.60
CA TYR B 234 -45.93 8.61 50.39
C TYR B 234 -45.84 9.90 51.20
N SER B 235 -47.01 10.48 51.47
CA SER B 235 -47.11 11.68 52.28
C SER B 235 -48.53 11.79 52.84
N SER B 236 -48.94 13.00 53.23
CA SER B 236 -50.27 13.20 53.79
C SER B 236 -51.38 13.31 52.77
N GLY B 237 -52.61 13.10 53.23
CA GLY B 237 -53.79 13.18 52.39
C GLY B 237 -54.93 13.78 53.22
N ASN B 238 -56.07 13.09 53.27
CA ASN B 238 -57.19 13.59 54.06
C ASN B 238 -57.02 13.20 55.52
N GLN B 239 -57.98 13.60 56.36
CA GLN B 239 -57.86 13.32 57.79
C GLN B 239 -58.13 11.91 58.24
N ASN B 240 -58.39 11.01 57.29
CA ASN B 240 -58.61 9.60 57.64
C ASN B 240 -57.36 8.83 57.28
N GLU B 241 -56.47 9.51 56.56
CA GLU B 241 -55.21 8.92 56.13
C GLU B 241 -54.11 9.39 57.06
N LYS B 242 -53.21 8.48 57.40
CA LYS B 242 -52.10 8.80 58.28
C LYS B 242 -51.08 9.70 57.61
N GLN B 243 -50.23 10.33 58.42
CA GLN B 243 -49.22 11.24 57.89
C GLN B 243 -47.80 10.79 58.18
N ILE B 244 -46.85 11.72 58.12
CA ILE B 244 -45.46 11.35 58.35
C ILE B 244 -44.97 11.59 59.77
N VAL B 245 -44.36 10.57 60.34
CA VAL B 245 -43.84 10.60 61.71
C VAL B 245 -42.35 10.92 61.67
N THR B 246 -41.95 11.98 62.37
CA THR B 246 -40.55 12.37 62.36
C THR B 246 -40.20 13.28 63.54
N THR B 247 -38.94 13.68 63.61
CA THR B 247 -38.43 14.55 64.67
C THR B 247 -38.95 15.97 64.52
N ASP B 248 -39.34 16.59 65.63
CA ASP B 248 -39.86 17.95 65.60
C ASP B 248 -39.02 18.88 66.47
N LEU B 249 -39.13 20.17 66.18
CA LEU B 249 -38.40 21.20 66.90
C LEU B 249 -38.63 21.06 68.41
N ARG B 250 -37.66 21.53 69.18
CA ARG B 250 -37.72 21.48 70.63
C ARG B 250 -37.68 20.05 71.16
N GLN B 251 -36.91 19.22 70.47
CA GLN B 251 -36.72 17.82 70.83
C GLN B 251 -37.99 17.00 70.98
N LYS B 252 -38.99 17.33 70.19
CA LYS B 252 -40.25 16.62 70.23
C LYS B 252 -40.37 15.64 69.06
N CYS B 253 -41.49 14.93 69.01
CA CYS B 253 -41.75 13.95 67.98
C CYS B 253 -43.11 14.28 67.39
N THR B 254 -43.18 14.41 66.07
CA THR B 254 -44.45 14.74 65.44
C THR B 254 -44.96 13.61 64.56
N GLU B 255 -46.28 13.50 64.49
CA GLU B 255 -46.89 12.47 63.67
C GLU B 255 -47.66 13.16 62.57
N SER B 256 -47.43 14.46 62.42
CA SER B 256 -48.14 15.20 61.39
C SER B 256 -47.28 16.08 60.48
N HIS B 257 -46.24 15.50 59.89
CA HIS B 257 -45.41 16.21 58.93
C HIS B 257 -46.18 15.98 57.62
N THR B 258 -46.48 17.03 56.88
CA THR B 258 -47.28 16.87 55.67
C THR B 258 -46.78 17.51 54.38
N GLY B 259 -47.58 17.33 53.34
CA GLY B 259 -47.27 17.91 52.05
C GLY B 259 -46.07 17.40 51.29
N THR B 260 -45.80 18.05 50.16
CA THR B 260 -44.70 17.70 49.29
C THR B 260 -43.38 17.68 50.08
N SER B 261 -43.30 18.47 51.15
CA SER B 261 -42.09 18.54 51.97
C SER B 261 -41.62 17.21 52.53
N ALA B 262 -42.57 16.34 52.85
CA ALA B 262 -42.23 15.04 53.42
C ALA B 262 -41.82 13.99 52.40
N SER B 263 -42.15 14.19 51.13
CA SER B 263 -41.79 13.20 50.11
C SER B 263 -40.33 13.19 49.71
N ALA B 264 -39.77 14.35 49.43
CA ALA B 264 -38.37 14.41 49.01
C ALA B 264 -37.41 13.73 50.01
N PRO B 265 -37.53 14.04 51.31
CA PRO B 265 -36.65 13.43 52.31
C PRO B 265 -36.66 11.90 52.30
N LEU B 266 -37.82 11.30 52.07
CA LEU B 266 -37.92 9.84 52.02
C LEU B 266 -37.15 9.35 50.79
N ALA B 267 -37.30 10.05 49.67
CA ALA B 267 -36.59 9.68 48.46
C ALA B 267 -35.08 9.80 48.73
N ALA B 268 -34.67 10.87 49.41
CA ALA B 268 -33.27 11.07 49.73
C ALA B 268 -32.75 9.90 50.57
N GLY B 269 -33.56 9.45 51.52
CA GLY B 269 -33.18 8.33 52.37
C GLY B 269 -33.02 7.04 51.58
N ILE B 270 -33.96 6.77 50.69
CA ILE B 270 -33.91 5.57 49.88
C ILE B 270 -32.70 5.62 48.95
N ILE B 271 -32.41 6.79 48.40
CA ILE B 271 -31.27 6.95 47.51
C ILE B 271 -29.98 6.75 48.32
N ALA B 272 -30.03 7.06 49.61
CA ALA B 272 -28.86 6.89 50.46
C ALA B 272 -28.58 5.40 50.63
N LEU B 273 -29.64 4.61 50.76
CA LEU B 273 -29.48 3.17 50.91
C LEU B 273 -28.91 2.62 49.60
N THR B 274 -29.35 3.17 48.49
CA THR B 274 -28.88 2.71 47.19
C THR B 274 -27.39 3.02 47.00
N LEU B 275 -26.93 4.17 47.49
CA LEU B 275 -25.52 4.52 47.35
C LEU B 275 -24.67 3.59 48.18
N GLU B 276 -25.18 3.17 49.33
CA GLU B 276 -24.41 2.25 50.16
C GLU B 276 -24.29 0.93 49.40
N ALA B 277 -25.35 0.52 48.72
CA ALA B 277 -25.35 -0.71 47.95
C ALA B 277 -24.38 -0.64 46.77
N ASN B 278 -24.07 0.57 46.33
CA ASN B 278 -23.15 0.76 45.21
C ASN B 278 -22.68 2.21 45.19
N LYS B 279 -21.53 2.46 45.82
CA LYS B 279 -20.99 3.81 45.91
C LYS B 279 -20.48 4.39 44.61
N ASN B 280 -20.38 3.55 43.57
CA ASN B 280 -19.87 4.00 42.27
C ASN B 280 -20.94 4.46 41.28
N LEU B 281 -22.17 4.61 41.75
CA LEU B 281 -23.27 5.06 40.91
C LEU B 281 -23.12 6.55 40.59
N THR B 282 -23.37 6.91 39.33
CA THR B 282 -23.26 8.31 38.92
C THR B 282 -24.62 8.96 39.15
N TRP B 283 -24.69 10.28 39.02
CA TRP B 283 -25.95 10.99 39.20
C TRP B 283 -26.98 10.50 38.17
N ARG B 284 -26.50 10.09 36.99
CA ARG B 284 -27.42 9.57 35.98
C ARG B 284 -27.79 8.10 36.27
N ASP B 285 -26.83 7.33 36.76
CA ASP B 285 -27.11 5.94 37.10
C ASP B 285 -28.30 5.94 38.06
N MET B 286 -28.24 6.84 39.04
CA MET B 286 -29.28 6.94 40.05
C MET B 286 -30.65 7.17 39.45
N GLN B 287 -30.75 8.06 38.47
CA GLN B 287 -32.05 8.31 37.85
C GLN B 287 -32.52 7.10 37.05
N HIS B 288 -31.59 6.36 36.47
CA HIS B 288 -31.94 5.15 35.73
C HIS B 288 -32.57 4.14 36.68
N LEU B 289 -31.94 3.94 37.84
CA LEU B 289 -32.43 3.00 38.83
C LEU B 289 -33.87 3.34 39.25
N VAL B 290 -34.16 4.63 39.44
CA VAL B 290 -35.49 5.05 39.83
C VAL B 290 -36.52 4.76 38.75
N VAL B 291 -36.16 5.04 37.50
CA VAL B 291 -37.07 4.80 36.40
C VAL B 291 -37.42 3.32 36.28
N GLN B 292 -36.40 2.48 36.41
CA GLN B 292 -36.58 1.05 36.28
C GLN B 292 -37.25 0.31 37.43
N THR B 293 -37.07 0.78 38.65
CA THR B 293 -37.64 0.10 39.80
C THR B 293 -38.93 0.66 40.39
N SER B 294 -39.29 1.88 40.03
CA SER B 294 -40.52 2.48 40.58
C SER B 294 -41.78 1.73 40.16
N LYS B 295 -42.69 1.57 41.10
CA LYS B 295 -43.92 0.82 40.89
C LYS B 295 -45.19 1.67 40.77
N PRO B 296 -45.94 1.50 39.68
CA PRO B 296 -47.18 2.26 39.48
C PRO B 296 -48.24 1.62 40.38
N ALA B 297 -48.43 0.32 40.20
CA ALA B 297 -49.42 -0.48 40.93
C ALA B 297 -49.74 0.04 42.32
N HIS B 298 -51.05 0.14 42.59
CA HIS B 298 -51.59 0.63 43.87
C HIS B 298 -51.91 2.14 43.84
N LEU B 299 -51.19 2.90 43.01
CA LEU B 299 -51.41 4.33 42.88
C LEU B 299 -52.51 4.66 41.87
N ASN B 300 -53.52 5.41 42.29
CA ASN B 300 -54.61 5.77 41.40
C ASN B 300 -54.39 7.11 40.72
N ALA B 301 -54.56 7.13 39.40
CA ALA B 301 -54.40 8.35 38.63
C ALA B 301 -55.23 8.24 37.36
N ASN B 302 -55.75 9.36 36.90
CA ASN B 302 -56.58 9.34 35.70
C ASN B 302 -55.75 9.38 34.41
N ASP B 303 -54.43 9.51 34.53
CA ASP B 303 -53.59 9.62 33.33
C ASP B 303 -52.46 8.61 33.14
N TRP B 304 -52.57 7.42 33.72
CA TRP B 304 -51.54 6.41 33.53
C TRP B 304 -51.47 6.07 32.04
N ALA B 305 -50.28 6.09 31.48
CA ALA B 305 -50.13 5.78 30.06
C ALA B 305 -48.84 4.98 29.89
N THR B 306 -48.84 4.09 28.91
CA THR B 306 -47.68 3.25 28.64
C THR B 306 -46.77 3.90 27.60
N ASN B 307 -45.53 4.18 27.95
CA ASN B 307 -44.63 4.83 26.99
C ASN B 307 -44.08 3.83 25.97
N GLY B 308 -43.21 4.33 25.10
CA GLY B 308 -42.64 3.51 24.04
C GLY B 308 -41.89 2.28 24.49
N VAL B 309 -41.48 2.21 25.75
CA VAL B 309 -40.75 1.05 26.21
C VAL B 309 -41.54 0.15 27.17
N GLY B 310 -42.86 0.35 27.21
CA GLY B 310 -43.70 -0.48 28.07
C GLY B 310 -43.83 -0.11 29.54
N ARG B 311 -43.35 1.07 29.91
CA ARG B 311 -43.47 1.49 31.30
C ARG B 311 -44.64 2.44 31.46
N LYS B 312 -45.32 2.35 32.60
CA LYS B 312 -46.47 3.21 32.91
C LYS B 312 -45.97 4.51 33.54
N VAL B 313 -46.49 5.63 33.06
CA VAL B 313 -46.10 6.94 33.60
C VAL B 313 -47.33 7.82 33.80
N SER B 314 -47.27 8.65 34.83
CA SER B 314 -48.32 9.58 35.14
C SER B 314 -47.69 10.93 35.46
N HIS B 315 -48.37 12.02 35.10
CA HIS B 315 -47.85 13.36 35.37
C HIS B 315 -47.99 13.70 36.86
N SER B 316 -48.68 12.85 37.60
CA SER B 316 -48.86 13.05 39.03
C SER B 316 -47.87 12.25 39.85
N TYR B 317 -47.37 11.16 39.28
CA TYR B 317 -46.46 10.27 40.01
C TYR B 317 -45.14 9.95 39.32
N GLY B 318 -44.99 10.32 38.06
CA GLY B 318 -43.76 9.98 37.36
C GLY B 318 -43.84 8.48 37.06
N TYR B 319 -42.80 7.72 37.42
CA TYR B 319 -42.81 6.28 37.16
C TYR B 319 -43.43 5.49 38.28
N GLY B 320 -43.92 6.20 39.30
CA GLY B 320 -44.56 5.50 40.40
C GLY B 320 -43.88 5.62 41.74
N LEU B 321 -44.30 4.75 42.65
CA LEU B 321 -43.80 4.71 44.01
C LEU B 321 -42.39 4.12 44.05
N LEU B 322 -41.53 4.70 44.87
CA LEU B 322 -40.17 4.18 44.98
C LEU B 322 -40.22 2.82 45.70
N ASP B 323 -39.29 1.95 45.35
CA ASP B 323 -39.19 0.61 45.94
C ASP B 323 -37.77 0.46 46.47
N ALA B 324 -37.56 0.75 47.75
CA ALA B 324 -36.21 0.66 48.33
C ALA B 324 -35.56 -0.71 48.11
N GLY B 325 -36.31 -1.78 48.37
CA GLY B 325 -35.80 -3.11 48.18
C GLY B 325 -35.32 -3.32 46.76
N ALA B 326 -36.17 -2.95 45.80
CA ALA B 326 -35.82 -3.08 44.37
C ALA B 326 -34.61 -2.20 44.01
N MET B 327 -34.54 -1.01 44.60
CA MET B 327 -33.45 -0.09 44.33
C MET B 327 -32.09 -0.67 44.72
N VAL B 328 -31.95 -1.08 45.99
CA VAL B 328 -30.67 -1.64 46.43
C VAL B 328 -30.34 -2.94 45.72
N ALA B 329 -31.37 -3.69 45.33
CA ALA B 329 -31.17 -4.94 44.62
C ALA B 329 -30.54 -4.68 43.27
N LEU B 330 -31.19 -3.85 42.46
CA LEU B 330 -30.69 -3.53 41.12
C LEU B 330 -29.35 -2.80 41.17
N ALA B 331 -29.17 -1.97 42.19
CA ALA B 331 -27.94 -1.20 42.34
C ALA B 331 -26.68 -2.06 42.34
N GLN B 332 -26.74 -3.18 43.04
CA GLN B 332 -25.60 -4.07 43.17
C GLN B 332 -25.00 -4.61 41.88
N ASN B 333 -25.84 -5.01 40.93
CA ASN B 333 -25.33 -5.54 39.68
C ASN B 333 -25.30 -4.48 38.57
N TRP B 334 -25.56 -3.23 38.94
CA TRP B 334 -25.61 -2.17 37.94
C TRP B 334 -24.29 -1.78 37.26
N THR B 335 -24.35 -1.72 35.93
CA THR B 335 -23.21 -1.34 35.10
C THR B 335 -23.35 0.14 34.73
N THR B 336 -22.38 0.96 35.15
CA THR B 336 -22.42 2.39 34.87
C THR B 336 -22.76 2.69 33.43
N VAL B 337 -23.74 3.57 33.21
CA VAL B 337 -24.17 3.93 31.88
C VAL B 337 -23.09 4.66 31.09
N ALA B 338 -23.21 4.63 29.77
CA ALA B 338 -22.26 5.28 28.89
C ALA B 338 -22.28 6.80 29.06
N PRO B 339 -21.23 7.48 28.59
CA PRO B 339 -21.15 8.94 28.71
C PRO B 339 -22.40 9.60 28.15
N GLN B 340 -22.84 10.67 28.81
CA GLN B 340 -24.03 11.39 28.39
C GLN B 340 -23.81 12.15 27.09
N ARG B 341 -24.69 11.95 26.11
CA ARG B 341 -24.62 12.65 24.84
C ARG B 341 -25.75 13.66 24.84
N LYS B 342 -25.58 14.75 24.09
CA LYS B 342 -26.59 15.81 24.00
C LYS B 342 -26.79 16.14 22.52
N CYS B 343 -28.03 16.09 22.06
CA CYS B 343 -28.32 16.39 20.66
C CYS B 343 -29.31 17.54 20.57
N ILE B 344 -28.85 18.64 19.98
CA ILE B 344 -29.70 19.82 19.85
C ILE B 344 -30.32 19.94 18.48
N ILE B 345 -31.63 20.16 18.44
CA ILE B 345 -32.35 20.28 17.17
C ILE B 345 -33.28 21.48 17.17
N ASP B 346 -32.91 22.53 16.45
CA ASP B 346 -33.77 23.71 16.37
C ASP B 346 -34.83 23.37 15.31
N ILE B 347 -36.10 23.44 15.68
CA ILE B 347 -37.18 23.07 14.77
C ILE B 347 -37.73 24.11 13.80
N LEU B 348 -38.07 25.30 14.31
CA LEU B 348 -38.67 26.34 13.47
C LEU B 348 -37.80 27.01 12.42
N THR B 349 -38.37 27.21 11.24
CA THR B 349 -37.69 27.89 10.14
C THR B 349 -38.37 29.25 9.97
N GLU B 350 -39.40 29.48 10.77
CA GLU B 350 -40.18 30.72 10.73
C GLU B 350 -41.15 30.78 11.91
N PRO B 351 -41.48 31.99 12.38
CA PRO B 351 -42.43 32.10 13.50
C PRO B 351 -43.74 31.42 13.13
N LYS B 352 -44.51 31.02 14.13
CA LYS B 352 -45.78 30.35 13.88
C LYS B 352 -46.87 31.01 14.71
N ASP B 353 -48.03 31.22 14.11
CA ASP B 353 -49.12 31.84 14.83
C ASP B 353 -49.81 30.77 15.67
N ILE B 354 -50.10 31.09 16.93
CA ILE B 354 -50.73 30.11 17.79
C ILE B 354 -52.25 30.01 17.58
N GLY B 355 -52.94 31.13 17.66
CA GLY B 355 -54.38 31.10 17.46
C GLY B 355 -55.08 30.15 18.44
N LYS B 356 -56.04 29.38 17.93
CA LYS B 356 -56.79 28.45 18.76
C LYS B 356 -55.97 27.19 19.03
N ARG B 357 -55.21 26.77 18.03
CA ARG B 357 -54.38 25.59 18.15
C ARG B 357 -53.26 25.62 17.13
N LEU B 358 -52.08 25.15 17.56
CA LEU B 358 -50.92 25.10 16.69
C LEU B 358 -50.30 23.72 16.80
N GLU B 359 -49.90 23.17 15.67
CA GLU B 359 -49.28 21.87 15.68
C GLU B 359 -48.00 21.96 14.88
N VAL B 360 -46.90 21.44 15.42
CA VAL B 360 -45.63 21.48 14.73
C VAL B 360 -45.05 20.08 14.67
N ARG B 361 -44.86 19.59 13.46
CA ARG B 361 -44.31 18.25 13.26
C ARG B 361 -42.88 18.35 12.77
N LYS B 362 -42.08 17.33 13.06
CA LYS B 362 -40.69 17.35 12.64
C LYS B 362 -40.08 15.97 12.80
N THR B 363 -39.50 15.48 11.73
CA THR B 363 -38.85 14.18 11.77
C THR B 363 -37.40 14.47 12.03
N VAL B 364 -36.84 13.85 13.07
CA VAL B 364 -35.46 14.07 13.44
C VAL B 364 -34.69 12.77 13.31
N THR B 365 -33.37 12.88 13.16
CA THR B 365 -32.55 11.69 13.06
C THR B 365 -31.78 11.49 14.36
N ALA B 366 -32.03 12.39 15.31
CA ALA B 366 -31.37 12.33 16.62
C ALA B 366 -29.86 12.28 16.48
N CYS B 367 -29.32 13.17 15.65
CA CYS B 367 -27.88 13.26 15.43
C CYS B 367 -27.23 11.99 14.88
N LEU B 368 -27.93 11.32 13.95
CA LEU B 368 -27.40 10.10 13.34
C LEU B 368 -26.09 10.43 12.64
N GLY B 369 -25.11 9.56 12.78
CA GLY B 369 -23.84 9.77 12.14
C GLY B 369 -22.91 10.73 12.85
N GLU B 370 -23.37 11.36 13.94
CA GLU B 370 -22.53 12.28 14.69
C GLU B 370 -22.11 11.63 16.01
N PRO B 371 -21.11 12.21 16.70
CA PRO B 371 -20.62 11.68 17.99
C PRO B 371 -21.69 11.69 19.09
N ASN B 372 -22.69 12.55 18.93
CA ASN B 372 -23.76 12.66 19.92
C ASN B 372 -25.07 12.04 19.45
N HIS B 373 -24.95 11.00 18.63
CA HIS B 373 -26.11 10.28 18.12
C HIS B 373 -26.76 9.62 19.33
N ILE B 374 -28.09 9.71 19.42
CA ILE B 374 -28.82 9.12 20.55
C ILE B 374 -29.85 8.08 20.11
N THR B 375 -29.76 6.88 20.69
CA THR B 375 -30.73 5.82 20.37
C THR B 375 -31.50 5.45 21.62
N ARG B 376 -30.93 5.78 22.78
CA ARG B 376 -31.55 5.50 24.06
C ARG B 376 -31.70 6.85 24.77
N LEU B 377 -32.93 7.36 24.79
CA LEU B 377 -33.20 8.66 25.40
C LEU B 377 -33.24 8.68 26.92
N GLU B 378 -32.89 9.83 27.49
CA GLU B 378 -32.96 10.01 28.94
C GLU B 378 -33.91 11.21 29.11
N HIS B 379 -33.39 12.38 29.45
CA HIS B 379 -34.26 13.55 29.57
C HIS B 379 -34.45 14.15 28.18
N ALA B 380 -35.52 14.92 28.02
CA ALA B 380 -35.77 15.60 26.76
C ALA B 380 -36.34 16.97 27.12
N GLN B 381 -35.83 18.02 26.48
CA GLN B 381 -36.31 19.37 26.74
C GLN B 381 -36.89 19.96 25.48
N ALA B 382 -37.94 20.73 25.64
CA ALA B 382 -38.55 21.43 24.53
C ALA B 382 -38.43 22.89 24.95
N ARG B 383 -37.38 23.55 24.47
CA ARG B 383 -37.15 24.95 24.80
C ARG B 383 -38.05 25.82 23.93
N LEU B 384 -39.03 26.45 24.54
CA LEU B 384 -39.95 27.29 23.79
C LEU B 384 -39.85 28.77 24.11
N THR B 385 -40.08 29.58 23.09
CA THR B 385 -40.09 31.03 23.23
C THR B 385 -41.34 31.48 22.50
N LEU B 386 -42.30 31.99 23.24
CA LEU B 386 -43.54 32.42 22.63
C LEU B 386 -44.17 33.61 23.35
N SER B 387 -45.08 34.27 22.66
CA SER B 387 -45.79 35.42 23.22
C SER B 387 -47.26 35.04 23.24
N TYR B 388 -47.98 35.50 24.27
CA TYR B 388 -49.38 35.19 24.39
C TYR B 388 -50.03 36.22 25.32
N ASN B 389 -51.31 36.51 25.10
CA ASN B 389 -51.99 37.50 25.93
C ASN B 389 -52.39 36.96 27.30
N ARG B 390 -52.64 35.66 27.39
CA ARG B 390 -53.03 35.07 28.66
C ARG B 390 -52.37 33.69 28.77
N ARG B 391 -51.16 33.69 29.33
CA ARG B 391 -50.37 32.46 29.47
C ARG B 391 -51.10 31.26 30.07
N GLY B 392 -51.81 31.47 31.17
CA GLY B 392 -52.53 30.37 31.82
C GLY B 392 -53.55 29.62 30.98
N ASP B 393 -53.98 30.20 29.85
CA ASP B 393 -54.96 29.52 29.01
C ASP B 393 -54.32 28.49 28.09
N LEU B 394 -52.99 28.54 27.98
CA LEU B 394 -52.25 27.62 27.13
C LEU B 394 -52.10 26.22 27.71
N ALA B 395 -51.98 25.25 26.82
CA ALA B 395 -51.77 23.87 27.18
C ALA B 395 -50.80 23.39 26.11
N ILE B 396 -49.67 22.82 26.54
CA ILE B 396 -48.66 22.36 25.60
C ILE B 396 -48.37 20.89 25.75
N HIS B 397 -48.26 20.21 24.62
CA HIS B 397 -48.00 18.77 24.63
C HIS B 397 -46.88 18.40 23.66
N LEU B 398 -46.14 17.37 24.01
CA LEU B 398 -45.05 16.90 23.17
C LEU B 398 -45.22 15.40 22.95
N VAL B 399 -45.33 14.98 21.70
CA VAL B 399 -45.50 13.56 21.41
C VAL B 399 -44.24 13.00 20.79
N SER B 400 -43.67 11.97 21.42
CA SER B 400 -42.46 11.35 20.91
C SER B 400 -42.77 10.45 19.72
N PRO B 401 -41.74 10.13 18.92
CA PRO B 401 -41.94 9.26 17.75
C PRO B 401 -42.64 7.96 18.14
N MET B 402 -42.36 7.46 19.34
CA MET B 402 -42.97 6.22 19.79
C MET B 402 -44.35 6.42 20.43
N GLY B 403 -44.96 7.56 20.16
CA GLY B 403 -46.29 7.86 20.66
C GLY B 403 -46.51 8.28 22.10
N THR B 404 -45.45 8.53 22.85
CA THR B 404 -45.63 8.96 24.22
C THR B 404 -45.95 10.45 24.24
N ARG B 405 -47.07 10.76 24.87
CA ARG B 405 -47.56 12.13 24.94
C ARG B 405 -47.29 12.81 26.29
N SER B 406 -46.29 13.70 26.29
CA SER B 406 -45.91 14.42 27.51
C SER B 406 -46.58 15.77 27.55
N THR B 407 -47.30 16.06 28.63
CA THR B 407 -47.92 17.36 28.74
C THR B 407 -46.91 18.28 29.42
N LEU B 408 -46.27 19.13 28.62
CA LEU B 408 -45.27 20.06 29.11
C LEU B 408 -45.89 21.13 29.98
N LEU B 409 -47.11 21.54 29.64
CA LEU B 409 -47.80 22.57 30.41
C LEU B 409 -49.31 22.42 30.34
N ALA B 410 -49.94 22.32 31.50
CA ALA B 410 -51.41 22.21 31.55
C ALA B 410 -51.93 23.60 31.86
N ALA B 411 -53.21 23.83 31.63
CA ALA B 411 -53.79 25.14 31.89
C ALA B 411 -53.62 25.55 33.35
N ARG B 412 -53.31 26.82 33.55
CA ARG B 412 -53.14 27.38 34.89
C ARG B 412 -54.08 28.59 34.96
N PRO B 413 -55.33 28.35 35.37
CA PRO B 413 -56.33 29.42 35.47
C PRO B 413 -55.91 30.72 36.14
N HIS B 414 -55.00 30.68 37.10
CA HIS B 414 -54.59 31.90 37.79
C HIS B 414 -53.48 32.66 37.06
N ASP B 415 -52.85 32.04 36.07
CA ASP B 415 -51.77 32.70 35.34
C ASP B 415 -52.33 33.61 34.25
N TYR B 416 -52.39 34.92 34.55
CA TYR B 416 -52.92 35.91 33.64
C TYR B 416 -51.80 36.71 33.00
N SER B 417 -50.56 36.25 33.17
CA SER B 417 -49.41 36.93 32.62
C SER B 417 -49.47 37.12 31.11
N ALA B 418 -48.87 38.20 30.65
CA ALA B 418 -48.85 38.49 29.22
C ALA B 418 -47.39 38.45 28.74
N ASP B 419 -46.51 37.92 29.59
CA ASP B 419 -45.09 37.84 29.26
C ASP B 419 -44.68 36.56 28.52
N GLY B 420 -45.62 35.65 28.30
CA GLY B 420 -45.28 34.43 27.59
C GLY B 420 -44.14 33.63 28.20
N PHE B 421 -43.37 32.96 27.32
CA PHE B 421 -42.23 32.16 27.75
C PHE B 421 -40.99 32.56 26.95
N ASN B 422 -39.92 32.87 27.67
CA ASN B 422 -38.68 33.28 27.04
C ASN B 422 -37.63 32.19 27.17
N ASP B 423 -37.56 31.35 26.14
CA ASP B 423 -36.62 30.22 26.09
C ASP B 423 -36.72 29.37 27.35
N TRP B 424 -37.95 28.99 27.71
CA TRP B 424 -38.18 28.14 28.87
C TRP B 424 -38.02 26.68 28.47
N ALA B 425 -37.23 25.93 29.22
CA ALA B 425 -36.97 24.54 28.90
C ALA B 425 -37.88 23.49 29.54
N PHE B 426 -39.07 23.30 28.97
CA PHE B 426 -40.01 22.30 29.47
C PHE B 426 -39.32 20.93 29.37
N MET B 427 -39.29 20.19 30.47
CA MET B 427 -38.61 18.90 30.49
C MET B 427 -39.55 17.74 30.74
N THR B 428 -39.29 16.61 30.08
CA THR B 428 -40.11 15.42 30.27
C THR B 428 -39.24 14.18 30.51
N THR B 429 -39.69 13.32 31.40
CA THR B 429 -38.95 12.10 31.73
C THR B 429 -39.73 10.91 31.23
N HIS B 430 -40.86 11.17 30.58
CA HIS B 430 -41.72 10.09 30.11
C HIS B 430 -41.25 9.25 28.92
N SER B 431 -40.31 9.75 28.14
CA SER B 431 -39.84 8.98 27.00
C SER B 431 -38.49 8.36 27.29
N TRP B 432 -38.19 8.24 28.58
CA TRP B 432 -36.92 7.66 29.03
C TRP B 432 -36.73 6.26 28.40
N ASP B 433 -35.55 6.05 27.82
CA ASP B 433 -35.17 4.81 27.14
C ASP B 433 -35.75 4.57 25.76
N GLU B 434 -36.58 5.49 25.28
CA GLU B 434 -37.16 5.37 23.94
C GLU B 434 -36.12 5.75 22.88
N ASP B 435 -36.38 5.36 21.63
CA ASP B 435 -35.49 5.74 20.53
C ASP B 435 -36.08 7.09 20.14
N PRO B 436 -35.29 8.16 20.23
CA PRO B 436 -35.80 9.50 19.88
C PRO B 436 -35.94 9.84 18.41
N SER B 437 -35.39 9.02 17.51
CA SER B 437 -35.51 9.36 16.09
C SER B 437 -36.92 9.13 15.60
N GLY B 438 -37.33 9.94 14.62
CA GLY B 438 -38.67 9.82 14.08
C GLY B 438 -39.38 11.16 14.13
N GLU B 439 -40.71 11.14 14.06
CA GLU B 439 -41.49 12.36 14.08
C GLU B 439 -41.92 12.79 15.47
N TRP B 440 -41.55 14.01 15.84
CA TRP B 440 -41.92 14.58 17.13
C TRP B 440 -43.02 15.58 16.82
N VAL B 441 -43.99 15.70 17.71
CA VAL B 441 -45.09 16.63 17.49
C VAL B 441 -45.31 17.53 18.70
N LEU B 442 -45.32 18.84 18.47
CA LEU B 442 -45.56 19.80 19.54
C LEU B 442 -46.97 20.32 19.37
N GLU B 443 -47.73 20.36 20.46
CA GLU B 443 -49.09 20.84 20.39
C GLU B 443 -49.31 21.99 21.37
N ILE B 444 -49.79 23.11 20.84
CA ILE B 444 -50.08 24.27 21.67
C ILE B 444 -51.54 24.58 21.41
N GLU B 445 -52.34 24.65 22.46
CA GLU B 445 -53.76 24.91 22.28
C GLU B 445 -54.30 25.89 23.30
N ASN B 446 -55.32 26.64 22.88
CA ASN B 446 -55.99 27.59 23.76
C ASN B 446 -57.12 26.80 24.42
N THR B 447 -56.98 26.53 25.71
CA THR B 447 -57.99 25.76 26.43
C THR B 447 -59.20 26.60 26.87
N SER B 448 -59.24 27.85 26.43
CA SER B 448 -60.32 28.75 26.78
C SER B 448 -61.19 29.14 25.57
N GLU B 449 -62.38 29.66 25.83
CA GLU B 449 -63.28 30.09 24.78
C GLU B 449 -62.89 31.49 24.34
N ALA B 450 -62.10 32.18 25.16
CA ALA B 450 -61.65 33.54 24.88
C ALA B 450 -60.84 33.58 23.58
N ASN B 451 -60.91 34.69 22.87
CA ASN B 451 -60.16 34.84 21.63
C ASN B 451 -58.75 35.32 21.93
N ASN B 452 -57.87 34.39 22.33
CA ASN B 452 -56.50 34.73 22.67
C ASN B 452 -55.64 34.74 21.42
N TYR B 453 -54.47 35.36 21.52
CA TYR B 453 -53.55 35.46 20.39
C TYR B 453 -52.08 35.43 20.82
N GLY B 454 -51.22 34.94 19.94
CA GLY B 454 -49.81 34.88 20.24
C GLY B 454 -48.98 34.25 19.13
N THR B 455 -47.67 34.24 19.32
CA THR B 455 -46.76 33.68 18.33
C THR B 455 -45.66 32.83 18.94
N LEU B 456 -45.42 31.66 18.35
CA LEU B 456 -44.34 30.77 18.80
C LEU B 456 -43.15 31.15 17.93
N THR B 457 -42.09 31.66 18.54
CA THR B 457 -40.92 32.07 17.76
C THR B 457 -39.74 31.12 17.85
N LYS B 458 -39.74 30.25 18.84
CA LYS B 458 -38.63 29.30 18.95
C LYS B 458 -39.07 28.01 19.61
N PHE B 459 -38.62 26.91 19.02
CA PHE B 459 -38.90 25.57 19.53
C PHE B 459 -37.65 24.73 19.29
N THR B 460 -36.81 24.61 20.31
CA THR B 460 -35.60 23.82 20.20
C THR B 460 -35.77 22.54 21.00
N LEU B 461 -35.55 21.41 20.34
CA LEU B 461 -35.66 20.10 20.98
C LEU B 461 -34.25 19.69 21.44
N VAL B 462 -34.12 19.34 22.71
CA VAL B 462 -32.82 18.93 23.22
C VAL B 462 -32.93 17.52 23.78
N LEU B 463 -32.18 16.61 23.18
CA LEU B 463 -32.18 15.22 23.60
C LEU B 463 -30.90 14.83 24.37
N TYR B 464 -31.06 14.18 25.51
CA TYR B 464 -29.95 13.71 26.33
C TYR B 464 -30.05 12.20 26.28
N GLY B 465 -28.90 11.51 26.33
CA GLY B 465 -28.96 10.06 26.29
C GLY B 465 -27.71 9.36 25.78
N THR B 466 -27.87 8.09 25.40
CA THR B 466 -26.76 7.28 24.93
C THR B 466 -27.12 6.51 23.66
N ALA B 467 -26.15 5.75 23.15
CA ALA B 467 -26.35 4.96 21.94
C ALA B 467 -26.08 3.47 22.13
N VAL C 2 40.46 29.18 -13.47
CA VAL C 2 39.07 28.67 -13.75
C VAL C 2 39.10 27.18 -14.13
N TYR C 3 38.17 26.41 -13.56
CA TYR C 3 38.09 24.99 -13.84
C TYR C 3 37.45 24.71 -15.20
N GLN C 4 38.16 23.94 -16.03
CA GLN C 4 37.65 23.59 -17.36
C GLN C 4 37.05 22.19 -17.25
N GLU C 5 35.77 22.05 -17.62
CA GLU C 5 35.13 20.76 -17.55
C GLU C 5 35.73 19.79 -18.57
N PRO C 6 35.47 18.50 -18.40
CA PRO C 6 35.96 17.44 -19.27
C PRO C 6 35.73 17.72 -20.74
N THR C 7 36.65 17.26 -21.58
CA THR C 7 36.57 17.44 -23.01
C THR C 7 36.11 16.17 -23.72
N ASP C 8 35.85 15.12 -22.94
CA ASP C 8 35.41 13.84 -23.50
C ASP C 8 34.22 14.01 -24.45
N PRO C 9 34.21 13.25 -25.55
CA PRO C 9 33.12 13.36 -26.52
C PRO C 9 31.72 13.23 -25.98
N LYS C 10 31.53 12.33 -25.02
CA LYS C 10 30.20 12.09 -24.47
C LYS C 10 29.83 12.89 -23.22
N PHE C 11 30.77 13.67 -22.69
CA PHE C 11 30.47 14.45 -21.50
C PHE C 11 29.21 15.32 -21.65
N PRO C 12 29.05 15.97 -22.80
CA PRO C 12 27.87 16.81 -22.99
C PRO C 12 26.55 16.06 -22.82
N GLN C 13 26.59 14.73 -23.00
CA GLN C 13 25.38 13.93 -22.86
C GLN C 13 25.17 13.41 -21.45
N GLN C 14 26.12 13.69 -20.56
CA GLN C 14 26.01 13.24 -19.19
C GLN C 14 25.28 14.31 -18.39
N TRP C 15 24.02 14.53 -18.77
CA TRP C 15 23.14 15.52 -18.16
C TRP C 15 23.09 15.51 -16.65
N TYR C 16 23.20 14.34 -16.05
CA TYR C 16 23.16 14.18 -14.60
C TYR C 16 24.38 14.71 -13.84
N LEU C 17 25.52 14.85 -14.52
CA LEU C 17 26.72 15.36 -13.87
C LEU C 17 26.74 16.88 -13.84
N SER C 18 26.44 17.48 -14.99
CA SER C 18 26.44 18.93 -15.11
C SER C 18 25.44 19.34 -16.18
N GLY C 19 24.64 20.36 -15.89
CA GLY C 19 23.65 20.82 -16.85
C GLY C 19 23.14 22.22 -16.57
N VAL C 20 22.83 22.95 -17.64
CA VAL C 20 22.30 24.30 -17.53
C VAL C 20 21.02 24.26 -16.69
N THR C 21 20.16 23.29 -17.02
CA THR C 21 18.87 23.09 -16.35
C THR C 21 18.91 23.01 -14.82
N GLN C 22 20.10 23.09 -14.22
CA GLN C 22 20.24 23.06 -12.76
C GLN C 22 19.52 21.85 -12.12
N ARG C 23 19.23 20.83 -12.94
CA ARG C 23 18.58 19.60 -12.47
C ARG C 23 19.62 18.48 -12.65
N ASP C 24 20.65 18.51 -11.80
CA ASP C 24 21.74 17.53 -11.86
C ASP C 24 22.27 17.20 -10.47
N LEU C 25 23.31 16.37 -10.40
CA LEU C 25 23.91 15.98 -9.12
C LEU C 25 24.95 16.99 -8.62
N ASN C 26 25.09 18.10 -9.33
CA ASN C 26 26.01 19.16 -8.95
C ASN C 26 27.43 18.65 -8.73
N VAL C 27 27.88 17.80 -9.63
CA VAL C 27 29.22 17.22 -9.55
C VAL C 27 30.31 18.19 -9.99
N LYS C 28 30.03 18.99 -11.01
CA LYS C 28 31.02 19.94 -11.51
C LYS C 28 31.42 20.90 -10.38
N ALA C 29 30.46 21.25 -9.53
CA ALA C 29 30.71 22.16 -8.42
C ALA C 29 31.77 21.57 -7.50
N ALA C 30 31.78 20.24 -7.37
CA ALA C 30 32.75 19.56 -6.52
C ALA C 30 34.11 19.52 -7.21
N TRP C 31 34.11 19.29 -8.51
CA TRP C 31 35.36 19.26 -9.26
C TRP C 31 36.03 20.62 -9.13
N ALA C 32 35.23 21.68 -9.28
CA ALA C 32 35.73 23.04 -9.19
C ALA C 32 36.38 23.30 -7.85
N GLN C 33 35.87 22.68 -6.79
CA GLN C 33 36.45 22.86 -5.46
C GLN C 33 37.74 22.07 -5.36
N GLY C 34 38.11 21.37 -6.43
CA GLY C 34 39.34 20.61 -6.46
C GLY C 34 39.25 19.13 -6.11
N TYR C 35 38.05 18.56 -6.14
CA TYR C 35 37.92 17.15 -5.79
C TYR C 35 37.52 16.28 -6.97
N THR C 36 38.32 15.25 -7.23
CA THR C 36 38.06 14.34 -8.35
C THR C 36 38.24 12.87 -7.97
N GLY C 37 38.45 12.60 -6.69
CA GLY C 37 38.61 11.23 -6.25
C GLY C 37 40.04 10.74 -6.15
N HIS C 38 40.99 11.65 -6.32
CA HIS C 38 42.38 11.28 -6.24
C HIS C 38 42.70 10.61 -4.90
N GLY C 39 43.35 9.45 -4.94
CA GLY C 39 43.70 8.74 -3.73
C GLY C 39 42.63 7.87 -3.11
N ILE C 40 41.44 7.83 -3.73
CA ILE C 40 40.36 7.01 -3.20
C ILE C 40 40.18 5.73 -4.02
N VAL C 41 39.96 4.61 -3.33
CA VAL C 41 39.80 3.32 -4.00
C VAL C 41 38.35 2.84 -3.93
N VAL C 42 37.75 2.58 -5.10
CA VAL C 42 36.38 2.08 -5.15
C VAL C 42 36.34 0.74 -5.84
N SER C 43 35.58 -0.19 -5.28
CA SER C 43 35.47 -1.50 -5.89
C SER C 43 34.01 -1.80 -6.26
N ILE C 44 33.81 -2.31 -7.48
CA ILE C 44 32.48 -2.67 -7.96
C ILE C 44 32.26 -4.18 -7.81
N LEU C 45 31.37 -4.58 -6.92
CA LEU C 45 31.05 -5.99 -6.70
C LEU C 45 29.96 -6.33 -7.70
N ASP C 46 30.33 -6.97 -8.80
CA ASP C 46 29.34 -7.29 -9.83
C ASP C 46 29.72 -8.54 -10.64
N ASP C 47 29.44 -8.51 -11.93
CA ASP C 47 29.74 -9.63 -12.82
C ASP C 47 31.09 -9.49 -13.52
N GLY C 48 31.96 -8.65 -12.96
CA GLY C 48 33.27 -8.45 -13.54
C GLY C 48 33.51 -7.03 -14.02
N ILE C 49 34.74 -6.78 -14.47
CA ILE C 49 35.12 -5.47 -14.96
C ILE C 49 36.14 -5.61 -16.09
N GLU C 50 35.88 -4.94 -17.21
CA GLU C 50 36.78 -4.99 -18.36
C GLU C 50 37.94 -4.04 -18.05
N LYS C 51 38.92 -4.53 -17.29
CA LYS C 51 40.07 -3.71 -16.90
C LYS C 51 40.86 -3.08 -18.02
N ASN C 52 40.77 -3.65 -19.22
CA ASN C 52 41.50 -3.13 -20.36
C ASN C 52 40.69 -2.16 -21.20
N HIS C 53 39.48 -1.81 -20.74
CA HIS C 53 38.64 -0.88 -21.46
C HIS C 53 39.40 0.45 -21.57
N PRO C 54 39.42 1.06 -22.78
CA PRO C 54 40.15 2.33 -22.95
C PRO C 54 39.76 3.46 -22.00
N ASP C 55 38.56 3.40 -21.41
CA ASP C 55 38.17 4.46 -20.50
C ASP C 55 38.27 4.05 -19.04
N LEU C 56 38.84 2.87 -18.79
CA LEU C 56 39.00 2.35 -17.43
C LEU C 56 40.44 1.99 -17.07
N ALA C 57 41.18 1.45 -18.03
CA ALA C 57 42.56 1.03 -17.80
C ALA C 57 43.39 2.04 -17.01
N GLY C 58 43.29 3.31 -17.38
CA GLY C 58 44.06 4.33 -16.69
C GLY C 58 43.82 4.41 -15.18
N ASN C 59 42.63 3.99 -14.74
CA ASN C 59 42.31 4.03 -13.32
C ASN C 59 42.18 2.66 -12.68
N TYR C 60 42.23 1.60 -13.49
CA TYR C 60 42.09 0.25 -12.95
C TYR C 60 43.09 -0.05 -11.83
N ASP C 61 42.61 -0.68 -10.76
CA ASP C 61 43.44 -1.02 -9.61
C ASP C 61 43.30 -2.51 -9.29
N PRO C 62 44.36 -3.30 -9.55
CA PRO C 62 44.35 -4.74 -9.30
C PRO C 62 44.13 -5.03 -7.82
N GLY C 63 44.65 -4.15 -6.96
CA GLY C 63 44.50 -4.33 -5.53
C GLY C 63 43.09 -4.24 -5.01
N ALA C 64 42.18 -3.72 -5.85
CA ALA C 64 40.77 -3.58 -5.47
C ALA C 64 39.92 -4.56 -6.28
N SER C 65 40.58 -5.52 -6.93
CA SER C 65 39.88 -6.50 -7.76
C SER C 65 40.16 -7.95 -7.41
N PHE C 66 39.30 -8.83 -7.88
CA PHE C 66 39.44 -10.25 -7.66
C PHE C 66 38.31 -11.00 -8.34
N ASP C 67 38.54 -12.27 -8.64
CA ASP C 67 37.52 -13.09 -9.27
C ASP C 67 37.11 -14.19 -8.29
N VAL C 68 36.04 -13.95 -7.55
CA VAL C 68 35.57 -14.92 -6.57
C VAL C 68 34.86 -16.09 -7.24
N ASN C 69 34.30 -15.86 -8.42
CA ASN C 69 33.60 -16.89 -9.16
C ASN C 69 34.52 -18.01 -9.62
N ASP C 70 35.68 -17.64 -10.17
CA ASP C 70 36.64 -18.65 -10.63
C ASP C 70 37.89 -18.73 -9.77
N GLN C 71 37.86 -18.08 -8.61
CA GLN C 71 38.99 -18.11 -7.71
C GLN C 71 40.35 -17.70 -8.31
N ASP C 72 40.45 -16.47 -8.82
CA ASP C 72 41.71 -15.97 -9.35
C ASP C 72 41.68 -14.45 -9.22
N PRO C 73 42.83 -13.79 -9.35
CA PRO C 73 42.81 -12.34 -9.21
C PRO C 73 42.36 -11.51 -10.41
N ASP C 74 42.08 -12.15 -11.54
CA ASP C 74 41.66 -11.43 -12.74
C ASP C 74 40.13 -11.36 -12.86
N PRO C 75 39.56 -10.15 -12.70
CA PRO C 75 38.11 -9.92 -12.78
C PRO C 75 37.54 -9.68 -14.17
N GLN C 76 38.32 -10.02 -15.20
CA GLN C 76 37.87 -9.84 -16.58
C GLN C 76 36.54 -10.57 -16.79
N PRO C 77 35.58 -9.91 -17.44
CA PRO C 77 34.27 -10.52 -17.70
C PRO C 77 34.33 -11.73 -18.64
N ARG C 78 33.33 -12.58 -18.57
CA ARG C 78 33.25 -13.75 -19.43
C ARG C 78 32.39 -13.33 -20.63
N TYR C 79 33.01 -13.28 -21.81
CA TYR C 79 32.30 -12.85 -23.00
C TYR C 79 31.35 -13.87 -23.58
N THR C 80 30.20 -13.40 -24.03
CA THR C 80 29.18 -14.26 -24.63
C THR C 80 28.43 -13.44 -25.68
N GLN C 81 27.77 -14.12 -26.61
CA GLN C 81 27.02 -13.43 -27.67
C GLN C 81 26.00 -12.42 -27.13
N MET C 82 25.32 -12.80 -26.06
CA MET C 82 24.32 -11.92 -25.47
C MET C 82 24.90 -10.80 -24.63
N ASN C 83 26.20 -10.84 -24.36
CA ASN C 83 26.87 -9.83 -23.54
C ASN C 83 26.26 -9.74 -22.15
N ASP C 84 26.04 -10.91 -21.53
CA ASP C 84 25.45 -10.98 -20.19
C ASP C 84 26.27 -10.26 -19.12
N ASN C 85 27.58 -10.40 -19.20
CA ASN C 85 28.47 -9.80 -18.22
C ASN C 85 29.02 -8.42 -18.52
N ARG C 86 28.14 -7.51 -18.95
CA ARG C 86 28.54 -6.14 -19.27
C ARG C 86 28.15 -5.22 -18.11
N HIS C 87 27.26 -5.71 -17.26
CA HIS C 87 26.74 -4.96 -16.12
C HIS C 87 27.78 -4.33 -15.21
N GLY C 88 28.76 -5.11 -14.75
CA GLY C 88 29.77 -4.56 -13.88
C GLY C 88 30.62 -3.48 -14.52
N THR C 89 30.89 -3.64 -15.81
CA THR C 89 31.70 -2.67 -16.53
C THR C 89 30.97 -1.34 -16.68
N ARG C 90 29.66 -1.41 -16.86
CA ARG C 90 28.88 -0.19 -16.99
C ARG C 90 28.89 0.59 -15.68
N CYS C 91 28.72 -0.13 -14.58
CA CYS C 91 28.72 0.51 -13.28
C CYS C 91 30.08 1.14 -12.96
N ALA C 92 31.15 0.42 -13.27
CA ALA C 92 32.49 0.92 -13.02
C ALA C 92 32.73 2.28 -13.71
N GLY C 93 32.34 2.36 -14.97
CA GLY C 93 32.53 3.58 -15.73
C GLY C 93 31.87 4.80 -15.12
N GLU C 94 30.72 4.59 -14.48
CA GLU C 94 29.99 5.68 -13.85
C GLU C 94 30.81 6.31 -12.76
N VAL C 95 31.53 5.47 -12.03
CA VAL C 95 32.34 5.92 -10.92
C VAL C 95 33.65 6.54 -11.34
N ALA C 96 34.43 5.84 -12.15
CA ALA C 96 35.73 6.37 -12.51
C ALA C 96 36.20 6.26 -13.95
N ALA C 97 35.32 6.55 -14.91
CA ALA C 97 35.75 6.52 -16.31
C ALA C 97 36.81 7.64 -16.46
N VAL C 98 37.89 7.37 -17.17
CA VAL C 98 38.95 8.37 -17.36
C VAL C 98 38.45 9.66 -18.01
N ALA C 99 39.04 10.78 -17.62
CA ALA C 99 38.63 12.08 -18.16
C ALA C 99 39.62 12.69 -19.15
N ASN C 100 39.11 13.50 -20.07
CA ASN C 100 39.95 14.18 -21.06
C ASN C 100 40.84 13.23 -21.85
N ASN C 101 40.28 12.13 -22.33
CA ASN C 101 41.05 11.16 -23.07
C ASN C 101 40.40 10.85 -24.40
N GLY C 102 39.52 11.76 -24.83
CA GLY C 102 38.84 11.59 -26.11
C GLY C 102 37.99 10.34 -26.21
N VAL C 103 37.73 9.69 -25.09
CA VAL C 103 36.93 8.47 -25.11
C VAL C 103 35.68 8.55 -24.25
N CYS C 104 34.55 8.22 -24.86
CA CYS C 104 33.26 8.17 -24.17
C CYS C 104 33.05 9.38 -23.25
N GLY C 105 32.65 9.13 -22.01
CA GLY C 105 32.40 10.21 -21.07
C GLY C 105 33.39 10.22 -19.92
N VAL C 106 32.93 10.58 -18.73
CA VAL C 106 33.79 10.61 -17.54
C VAL C 106 33.07 10.09 -16.30
N GLY C 107 33.83 9.60 -15.34
CA GLY C 107 33.22 9.12 -14.12
C GLY C 107 33.07 10.27 -13.13
N VAL C 108 32.21 10.11 -12.12
CA VAL C 108 32.03 11.16 -11.12
C VAL C 108 33.37 11.45 -10.44
N ALA C 109 34.10 10.39 -10.12
CA ALA C 109 35.40 10.52 -9.49
C ALA C 109 36.42 10.02 -10.51
N TYR C 110 36.65 10.81 -11.56
CA TYR C 110 37.55 10.42 -12.64
C TYR C 110 39.02 10.29 -12.33
N ASN C 111 39.40 10.53 -11.07
CA ASN C 111 40.78 10.36 -10.69
C ASN C 111 40.93 9.32 -9.60
N ALA C 112 39.81 8.67 -9.27
CA ALA C 112 39.81 7.63 -8.25
C ALA C 112 40.32 6.34 -8.88
N ARG C 113 40.72 5.39 -8.05
CA ARG C 113 41.19 4.12 -8.58
C ARG C 113 39.98 3.21 -8.51
N ILE C 114 39.71 2.52 -9.61
CA ILE C 114 38.55 1.65 -9.69
C ILE C 114 38.93 0.18 -9.83
N GLY C 115 38.27 -0.67 -9.04
CA GLY C 115 38.55 -2.09 -9.09
C GLY C 115 37.24 -2.82 -9.28
N GLY C 116 37.30 -4.13 -9.45
CA GLY C 116 36.09 -4.90 -9.65
C GLY C 116 36.22 -6.31 -9.11
N VAL C 117 35.14 -6.80 -8.51
CA VAL C 117 35.12 -8.15 -7.97
C VAL C 117 34.12 -8.93 -8.78
N ARG C 118 34.60 -9.92 -9.52
CA ARG C 118 33.72 -10.75 -10.32
C ARG C 118 33.09 -11.76 -9.35
N MET C 119 31.81 -11.56 -9.03
CA MET C 119 31.13 -12.47 -8.12
C MET C 119 29.68 -12.77 -8.42
N LEU C 120 29.12 -12.18 -9.48
CA LEU C 120 27.73 -12.46 -9.84
C LEU C 120 27.60 -13.53 -10.94
N ASP C 121 28.70 -13.78 -11.65
CA ASP C 121 28.71 -14.75 -12.73
C ASP C 121 29.04 -16.15 -12.24
N GLY C 122 28.09 -16.75 -11.55
CA GLY C 122 28.27 -18.08 -11.00
C GLY C 122 27.31 -18.25 -9.85
N GLU C 123 27.50 -19.26 -9.01
CA GLU C 123 26.59 -19.45 -7.88
C GLU C 123 26.96 -18.42 -6.82
N VAL C 124 26.03 -17.54 -6.49
CA VAL C 124 26.31 -16.51 -5.50
C VAL C 124 25.96 -17.01 -4.10
N THR C 125 26.93 -17.63 -3.44
CA THR C 125 26.72 -18.17 -2.10
C THR C 125 27.06 -17.14 -1.02
N ASP C 126 26.79 -17.51 0.23
CA ASP C 126 27.10 -16.62 1.35
C ASP C 126 28.61 -16.37 1.38
N ALA C 127 29.40 -17.42 1.18
CA ALA C 127 30.85 -17.30 1.20
C ALA C 127 31.29 -16.39 0.07
N VAL C 128 30.61 -16.48 -1.07
CA VAL C 128 30.95 -15.64 -2.21
C VAL C 128 30.75 -14.18 -1.84
N GLU C 129 29.57 -13.87 -1.32
CA GLU C 129 29.28 -12.50 -0.92
C GLU C 129 30.26 -12.01 0.14
N ALA C 130 30.52 -12.84 1.15
CA ALA C 130 31.43 -12.48 2.23
C ALA C 130 32.82 -12.13 1.76
N ARG C 131 33.37 -12.93 0.87
CA ARG C 131 34.71 -12.67 0.38
C ARG C 131 34.77 -11.39 -0.44
N SER C 132 33.68 -11.08 -1.14
CA SER C 132 33.62 -9.87 -1.94
C SER C 132 33.50 -8.64 -1.05
N LEU C 133 32.52 -8.66 -0.15
CA LEU C 133 32.31 -7.55 0.77
C LEU C 133 33.50 -7.30 1.68
N GLY C 134 34.25 -8.37 1.95
CA GLY C 134 35.41 -8.25 2.82
C GLY C 134 36.76 -8.20 2.13
N LEU C 135 36.76 -7.93 0.83
CA LEU C 135 38.02 -7.89 0.08
C LEU C 135 38.83 -6.65 0.41
N ASN C 136 40.06 -6.84 0.87
CA ASN C 136 40.96 -5.72 1.19
C ASN C 136 40.34 -4.55 1.92
N PRO C 137 39.78 -4.79 3.10
CA PRO C 137 39.15 -3.71 3.87
C PRO C 137 40.06 -2.51 4.14
N ASN C 138 41.37 -2.72 4.09
CA ASN C 138 42.28 -1.62 4.35
C ASN C 138 42.88 -0.97 3.11
N HIS C 139 42.45 -1.43 1.95
CA HIS C 139 42.92 -0.84 0.71
C HIS C 139 41.74 -0.17 0.02
N ILE C 140 40.62 -0.88 -0.08
CA ILE C 140 39.41 -0.37 -0.71
C ILE C 140 38.64 0.48 0.30
N HIS C 141 38.23 1.68 -0.13
CA HIS C 141 37.46 2.57 0.75
C HIS C 141 35.96 2.38 0.58
N ILE C 142 35.52 2.31 -0.67
CA ILE C 142 34.11 2.21 -0.98
C ILE C 142 33.73 1.00 -1.82
N TYR C 143 32.67 0.31 -1.40
CA TYR C 143 32.18 -0.85 -2.11
C TYR C 143 30.84 -0.47 -2.75
N SER C 144 30.64 -0.87 -3.99
CA SER C 144 29.39 -0.54 -4.69
C SER C 144 28.71 -1.82 -5.15
N ALA C 145 27.45 -2.00 -4.77
CA ALA C 145 26.72 -3.20 -5.15
C ALA C 145 25.40 -2.89 -5.83
N SER C 146 25.33 -3.19 -7.13
CA SER C 146 24.11 -2.99 -7.90
C SER C 146 23.46 -4.33 -8.15
N TRP C 147 23.22 -5.07 -7.07
CA TRP C 147 22.59 -6.40 -7.13
C TRP C 147 21.91 -6.70 -5.80
N GLY C 148 21.21 -7.82 -5.73
CA GLY C 148 20.55 -8.19 -4.49
C GLY C 148 19.49 -9.25 -4.71
N PRO C 149 18.68 -9.55 -3.68
CA PRO C 149 17.62 -10.54 -3.77
C PRO C 149 16.68 -10.25 -4.93
N GLU C 150 16.05 -11.30 -5.45
CA GLU C 150 15.14 -11.15 -6.57
C GLU C 150 14.03 -10.17 -6.23
N ASP C 151 13.63 -9.34 -7.19
CA ASP C 151 12.57 -8.36 -6.97
C ASP C 151 11.18 -8.85 -7.42
N ASP C 152 10.79 -10.06 -7.00
CA ASP C 152 9.50 -10.59 -7.41
C ASP C 152 8.37 -9.98 -6.60
N GLY C 153 8.72 -9.21 -5.57
CA GLY C 153 7.69 -8.58 -4.76
C GLY C 153 7.00 -9.55 -3.82
N LYS C 154 7.62 -10.71 -3.58
CA LYS C 154 7.02 -11.68 -2.69
C LYS C 154 8.04 -12.36 -1.80
N THR C 155 9.31 -12.00 -1.94
CA THR C 155 10.32 -12.62 -1.09
C THR C 155 10.90 -11.65 -0.07
N VAL C 156 11.33 -12.22 1.04
CA VAL C 156 11.97 -11.49 2.14
C VAL C 156 13.31 -12.20 2.23
N ASP C 157 14.38 -11.49 1.93
CA ASP C 157 15.69 -12.10 1.94
C ASP C 157 16.78 -11.08 2.28
N GLY C 158 17.85 -11.55 2.92
CA GLY C 158 18.95 -10.68 3.28
C GLY C 158 20.25 -11.46 3.36
N PRO C 159 21.35 -10.83 3.79
CA PRO C 159 22.63 -11.54 3.89
C PRO C 159 22.62 -12.65 4.92
N ALA C 160 23.39 -13.70 4.65
CA ALA C 160 23.51 -14.82 5.58
C ALA C 160 24.62 -14.50 6.57
N ARG C 161 24.89 -15.43 7.49
CA ARG C 161 25.92 -15.21 8.53
C ARG C 161 27.25 -14.61 8.09
N LEU C 162 27.95 -15.28 7.17
CA LEU C 162 29.24 -14.76 6.71
C LEU C 162 29.15 -13.35 6.15
N ALA C 163 28.15 -13.10 5.32
CA ALA C 163 27.97 -11.77 4.73
C ALA C 163 27.74 -10.73 5.83
N GLU C 164 26.90 -11.05 6.82
CA GLU C 164 26.66 -10.11 7.91
C GLU C 164 27.96 -9.85 8.65
N GLU C 165 28.70 -10.91 8.95
CA GLU C 165 29.96 -10.77 9.64
C GLU C 165 30.91 -9.91 8.82
N ALA C 166 30.79 -9.99 7.49
CA ALA C 166 31.64 -9.19 6.61
C ALA C 166 31.24 -7.72 6.72
N PHE C 167 29.94 -7.46 6.75
CA PHE C 167 29.46 -6.09 6.88
C PHE C 167 29.94 -5.50 8.20
N PHE C 168 29.80 -6.29 9.27
CA PHE C 168 30.19 -5.83 10.59
C PHE C 168 31.68 -5.60 10.74
N ARG C 169 32.49 -6.52 10.22
CA ARG C 169 33.94 -6.36 10.31
C ARG C 169 34.30 -5.12 9.52
N GLY C 170 33.61 -4.94 8.39
CA GLY C 170 33.85 -3.80 7.52
C GLY C 170 33.65 -2.43 8.16
N VAL C 171 32.51 -2.21 8.80
CA VAL C 171 32.27 -0.92 9.41
C VAL C 171 33.06 -0.74 10.71
N SER C 172 33.53 -1.84 11.28
CA SER C 172 34.31 -1.81 12.51
C SER C 172 35.79 -1.63 12.27
N GLN C 173 36.34 -2.46 11.38
CA GLN C 173 37.75 -2.46 11.10
C GLN C 173 38.20 -1.89 9.76
N GLY C 174 37.31 -1.85 8.78
CA GLY C 174 37.69 -1.34 7.47
C GLY C 174 38.27 0.07 7.53
N ARG C 175 39.02 0.44 6.50
CA ARG C 175 39.63 1.77 6.45
C ARG C 175 40.28 2.16 7.77
N GLY C 176 41.06 1.23 8.32
CA GLY C 176 41.74 1.50 9.57
C GLY C 176 40.84 1.93 10.71
N GLY C 177 39.65 1.35 10.80
CA GLY C 177 38.75 1.70 11.89
C GLY C 177 37.63 2.69 11.57
N LEU C 178 37.80 3.47 10.51
CA LEU C 178 36.77 4.43 10.14
C LEU C 178 35.54 3.71 9.56
N GLY C 179 35.75 2.50 9.04
CA GLY C 179 34.66 1.73 8.48
C GLY C 179 34.49 1.77 6.96
N SER C 180 34.30 0.61 6.37
CA SER C 180 34.10 0.52 4.93
C SER C 180 32.79 1.20 4.55
N ILE C 181 32.74 1.84 3.39
CA ILE C 181 31.52 2.47 2.94
C ILE C 181 30.84 1.52 1.95
N PHE C 182 29.63 1.05 2.29
CA PHE C 182 28.88 0.13 1.44
C PHE C 182 27.68 0.82 0.79
N VAL C 183 27.78 1.04 -0.53
CA VAL C 183 26.70 1.68 -1.28
C VAL C 183 25.87 0.62 -1.99
N TRP C 184 24.56 0.66 -1.79
CA TRP C 184 23.67 -0.33 -2.37
C TRP C 184 22.53 0.25 -3.24
N ALA C 185 22.14 -0.48 -4.27
CA ALA C 185 21.05 -0.06 -5.15
C ALA C 185 19.78 -0.59 -4.49
N SER C 186 18.79 0.28 -4.30
CA SER C 186 17.56 -0.15 -3.62
C SER C 186 16.69 -1.20 -4.32
N GLY C 187 16.83 -1.38 -5.63
CA GLY C 187 16.04 -2.41 -6.29
C GLY C 187 15.20 -2.00 -7.50
N ASN C 188 14.83 -2.97 -8.32
CA ASN C 188 14.00 -2.73 -9.51
C ASN C 188 12.60 -3.33 -9.41
N GLY C 189 12.18 -3.71 -8.21
CA GLY C 189 10.87 -4.32 -8.05
C GLY C 189 9.66 -3.41 -8.10
N GLY C 190 9.82 -2.19 -8.60
CA GLY C 190 8.70 -1.27 -8.66
C GLY C 190 7.43 -1.80 -9.31
N ARG C 191 7.59 -2.47 -10.45
CA ARG C 191 6.43 -2.99 -11.15
C ARG C 191 5.72 -4.11 -10.40
N GLU C 192 6.44 -4.79 -9.51
CA GLU C 192 5.86 -5.88 -8.73
C GLU C 192 5.43 -5.38 -7.36
N HIS C 193 5.47 -4.07 -7.17
CA HIS C 193 5.10 -3.45 -5.90
C HIS C 193 6.00 -3.92 -4.77
N ASP C 194 7.25 -4.17 -5.11
CA ASP C 194 8.21 -4.64 -4.13
C ASP C 194 8.53 -3.55 -3.11
N SER C 195 8.97 -3.97 -1.92
CA SER C 195 9.34 -3.04 -0.84
C SER C 195 10.80 -3.27 -0.52
N CYS C 196 11.62 -2.23 -0.57
CA CYS C 196 13.04 -2.42 -0.28
C CYS C 196 13.37 -2.64 1.19
N ASN C 197 12.34 -2.78 2.03
CA ASN C 197 12.55 -3.05 3.45
C ASN C 197 12.53 -4.56 3.63
N CYS C 198 12.16 -5.26 2.55
CA CYS C 198 12.11 -6.72 2.53
C CYS C 198 13.40 -7.26 1.93
N ASP C 199 14.38 -6.37 1.83
CA ASP C 199 15.70 -6.65 1.28
C ASP C 199 16.70 -6.35 2.38
N GLY C 200 17.25 -7.39 2.98
CA GLY C 200 18.21 -7.23 4.06
C GLY C 200 19.49 -6.46 3.76
N TYR C 201 19.83 -6.30 2.49
CA TYR C 201 21.06 -5.58 2.15
C TYR C 201 20.83 -4.08 2.17
N THR C 202 19.74 -3.65 1.54
CA THR C 202 19.39 -2.24 1.49
C THR C 202 18.91 -1.79 2.87
N ASN C 203 18.16 -2.68 3.51
CA ASN C 203 17.57 -2.47 4.82
C ASN C 203 18.58 -2.35 5.95
N SER C 204 19.80 -2.82 5.70
CA SER C 204 20.87 -2.78 6.71
C SER C 204 21.33 -1.36 7.02
N ILE C 205 21.71 -1.11 8.27
CA ILE C 205 22.20 0.22 8.63
C ILE C 205 23.65 0.41 8.16
N TYR C 206 24.31 -0.68 7.77
CA TYR C 206 25.69 -0.61 7.31
C TYR C 206 25.82 -0.19 5.86
N THR C 207 24.70 -0.15 5.15
CA THR C 207 24.73 0.26 3.74
C THR C 207 23.92 1.52 3.49
N LEU C 208 24.38 2.34 2.53
CA LEU C 208 23.64 3.54 2.13
C LEU C 208 22.81 3.08 0.94
N SER C 209 21.52 2.88 1.15
CA SER C 209 20.66 2.43 0.07
C SER C 209 20.29 3.64 -0.78
N ILE C 210 20.50 3.54 -2.08
CA ILE C 210 20.24 4.62 -3.02
C ILE C 210 19.15 4.35 -4.05
N SER C 211 18.15 5.24 -4.11
CA SER C 211 17.04 5.12 -5.06
C SER C 211 17.28 5.95 -6.33
N SER C 212 16.31 5.90 -7.26
CA SER C 212 16.44 6.60 -8.52
C SER C 212 15.38 7.66 -8.80
N ALA C 213 15.72 8.58 -9.70
CA ALA C 213 14.81 9.64 -10.11
C ALA C 213 15.00 9.80 -11.62
N THR C 214 13.92 10.02 -12.36
CA THR C 214 14.05 10.18 -13.81
C THR C 214 14.56 11.58 -14.11
N GLN C 215 14.91 11.82 -15.37
CA GLN C 215 15.43 13.12 -15.76
C GLN C 215 14.44 14.25 -15.46
N PHE C 216 13.15 14.00 -15.64
CA PHE C 216 12.16 15.04 -15.38
C PHE C 216 11.75 15.09 -13.91
N GLY C 217 12.48 14.37 -13.06
CA GLY C 217 12.19 14.39 -11.64
C GLY C 217 11.04 13.54 -11.11
N ASN C 218 10.80 12.40 -11.74
CA ASN C 218 9.72 11.53 -11.30
C ASN C 218 10.24 10.21 -10.78
N VAL C 219 9.36 9.47 -10.10
CA VAL C 219 9.69 8.16 -9.55
C VAL C 219 9.62 7.17 -10.70
N PRO C 220 10.77 6.56 -11.06
CA PRO C 220 10.80 5.60 -12.16
C PRO C 220 9.83 4.43 -11.95
N TRP C 221 9.45 3.77 -13.05
CA TRP C 221 8.54 2.63 -12.95
C TRP C 221 9.14 1.49 -12.14
N TYR C 222 10.46 1.34 -12.18
CA TYR C 222 11.16 0.27 -11.47
C TYR C 222 11.46 0.56 -9.99
N SER C 223 11.25 1.79 -9.57
CA SER C 223 11.52 2.21 -8.21
C SER C 223 10.75 1.50 -7.11
N GLU C 224 11.44 1.15 -6.02
CA GLU C 224 10.81 0.49 -4.88
C GLU C 224 10.79 1.52 -3.74
N ALA C 225 9.71 1.57 -2.99
CA ALA C 225 9.65 2.52 -1.88
C ALA C 225 9.80 1.78 -0.56
N CYS C 226 10.43 2.44 0.40
CA CYS C 226 10.63 1.88 1.75
C CYS C 226 11.30 2.97 2.58
N SER C 227 11.27 2.82 3.90
CA SER C 227 11.85 3.79 4.80
C SER C 227 13.34 3.64 5.04
N SER C 228 13.94 2.57 4.51
CA SER C 228 15.37 2.35 4.71
C SER C 228 16.24 3.10 3.70
N THR C 229 15.65 3.52 2.60
CA THR C 229 16.40 4.26 1.59
C THR C 229 16.91 5.57 2.18
N LEU C 230 18.16 5.91 1.90
CA LEU C 230 18.76 7.14 2.44
C LEU C 230 18.76 8.34 1.50
N ALA C 231 19.11 8.12 0.23
CA ALA C 231 19.13 9.23 -0.74
C ALA C 231 18.87 8.77 -2.18
N THR C 232 18.93 9.70 -3.11
CA THR C 232 18.66 9.40 -4.52
C THR C 232 19.65 10.01 -5.53
N THR C 233 19.81 9.34 -6.66
CA THR C 233 20.64 9.85 -7.74
C THR C 233 19.84 9.58 -9.01
N TYR C 234 20.12 10.33 -10.06
CA TYR C 234 19.42 10.18 -11.33
C TYR C 234 19.67 8.84 -12.03
N SER C 235 18.71 8.45 -12.86
CA SER C 235 18.80 7.23 -13.66
C SER C 235 17.80 7.32 -14.81
N SER C 236 17.45 6.18 -15.41
CA SER C 236 16.52 6.18 -16.53
C SER C 236 15.06 6.32 -16.16
N GLY C 237 14.25 6.67 -17.15
CA GLY C 237 12.81 6.84 -16.96
C GLY C 237 12.11 6.40 -18.24
N ASN C 238 11.29 7.27 -18.82
CA ASN C 238 10.61 6.91 -20.06
C ASN C 238 11.50 7.18 -21.26
N GLN C 239 11.00 6.89 -22.45
CA GLN C 239 11.80 7.06 -23.65
C GLN C 239 12.03 8.50 -24.12
N ASN C 240 11.50 9.47 -23.39
CA ASN C 240 11.70 10.88 -23.74
C ASN C 240 12.75 11.43 -22.80
N GLU C 241 13.08 10.65 -21.80
CA GLU C 241 14.06 11.04 -20.81
C GLU C 241 15.38 10.36 -21.11
N LYS C 242 16.47 11.09 -20.96
CA LYS C 242 17.79 10.54 -21.23
C LYS C 242 18.20 9.52 -20.18
N GLN C 243 19.21 8.72 -20.50
CA GLN C 243 19.68 7.69 -19.59
C GLN C 243 21.14 7.90 -19.17
N ILE C 244 21.78 6.85 -18.68
CA ILE C 244 23.14 6.96 -18.19
C ILE C 244 24.19 6.59 -19.23
N VAL C 245 25.17 7.46 -19.39
CA VAL C 245 26.25 7.27 -20.34
C VAL C 245 27.47 6.70 -19.62
N THR C 246 27.98 5.56 -20.09
CA THR C 246 29.12 4.94 -19.43
C THR C 246 29.84 3.93 -20.33
N THR C 247 30.91 3.34 -19.80
CA THR C 247 31.68 2.34 -20.52
C THR C 247 30.92 1.01 -20.69
N ASP C 248 31.01 0.43 -21.88
CA ASP C 248 30.32 -0.82 -22.14
C ASP C 248 31.30 -1.93 -22.51
N LEU C 249 30.84 -3.17 -22.35
CA LEU C 249 31.64 -4.34 -22.65
C LEU C 249 32.19 -4.28 -24.08
N ARG C 250 33.32 -4.94 -24.30
CA ARG C 250 33.96 -4.95 -25.61
C ARG C 250 34.45 -3.57 -26.02
N GLN C 251 34.94 -2.84 -25.02
CA GLN C 251 35.51 -1.51 -25.21
C GLN C 251 34.62 -0.51 -25.92
N LYS C 252 33.31 -0.63 -25.71
CA LYS C 252 32.36 0.27 -26.33
C LYS C 252 31.88 1.33 -25.33
N CYS C 253 31.02 2.21 -25.81
CA CYS C 253 30.47 3.28 -25.01
C CYS C 253 28.96 3.20 -25.13
N THR C 254 28.25 3.15 -24.02
CA THR C 254 26.81 3.08 -24.08
C THR C 254 26.14 4.32 -23.53
N GLU C 255 24.99 4.64 -24.09
CA GLU C 255 24.22 5.79 -23.63
C GLU C 255 22.93 5.31 -23.04
N SER C 256 22.84 4.00 -22.81
CA SER C 256 21.62 3.45 -22.26
C SER C 256 21.79 2.49 -21.09
N HIS C 257 22.50 2.93 -20.06
CA HIS C 257 22.65 2.14 -18.84
C HIS C 257 21.40 2.58 -18.04
N THR C 258 20.61 1.63 -17.55
CA THR C 258 19.38 1.98 -16.87
C THR C 258 19.11 1.35 -15.52
N GLY C 259 17.94 1.67 -14.97
CA GLY C 259 17.49 1.13 -13.71
C GLY C 259 18.26 1.49 -12.46
N THR C 260 17.85 0.86 -11.36
CA THR C 260 18.46 1.07 -10.05
C THR C 260 19.99 0.86 -10.10
N SER C 261 20.42 -0.02 -11.00
CA SER C 261 21.85 -0.32 -11.15
C SER C 261 22.73 0.89 -11.39
N ALA C 262 22.21 1.88 -12.11
CA ALA C 262 22.98 3.07 -12.43
C ALA C 262 23.04 4.10 -11.31
N SER C 263 22.12 4.02 -10.35
CA SER C 263 22.12 4.99 -9.28
C SER C 263 23.19 4.80 -8.22
N ALA C 264 23.37 3.57 -7.73
CA ALA C 264 24.37 3.30 -6.72
C ALA C 264 25.78 3.77 -7.11
N PRO C 265 26.25 3.41 -8.33
CA PRO C 265 27.60 3.82 -8.75
C PRO C 265 27.83 5.33 -8.69
N LEU C 266 26.82 6.12 -9.03
CA LEU C 266 26.94 7.57 -9.01
C LEU C 266 27.10 8.01 -7.56
N ALA C 267 26.33 7.40 -6.68
CA ALA C 267 26.42 7.74 -5.26
C ALA C 267 27.84 7.38 -4.78
N ALA C 268 28.34 6.23 -5.21
CA ALA C 268 29.67 5.76 -4.81
C ALA C 268 30.72 6.79 -5.28
N GLY C 269 30.54 7.30 -6.50
CA GLY C 269 31.46 8.28 -7.03
C GLY C 269 31.46 9.57 -6.22
N ILE C 270 30.27 10.06 -5.89
CA ILE C 270 30.14 11.27 -5.11
C ILE C 270 30.73 11.07 -3.72
N ILE C 271 30.51 9.89 -3.14
CA ILE C 271 31.05 9.60 -1.81
C ILE C 271 32.58 9.56 -1.88
N ALA C 272 33.09 9.19 -3.06
CA ALA C 272 34.54 9.12 -3.28
C ALA C 272 35.11 10.54 -3.23
N LEU C 273 34.41 11.48 -3.85
CA LEU C 273 34.85 12.87 -3.86
C LEU C 273 34.83 13.38 -2.42
N THR C 274 33.81 12.98 -1.67
CA THR C 274 33.67 13.42 -0.28
C THR C 274 34.82 12.89 0.58
N LEU C 275 35.24 11.64 0.36
CA LEU C 275 36.35 11.10 1.14
C LEU C 275 37.64 11.83 0.83
N GLU C 276 37.82 12.26 -0.41
CA GLU C 276 39.02 12.98 -0.75
C GLU C 276 39.01 14.31 -0.01
N ALA C 277 37.84 14.92 0.11
CA ALA C 277 37.70 16.19 0.82
C ALA C 277 37.95 16.03 2.32
N ASN C 278 37.81 14.81 2.83
CA ASN C 278 38.03 14.52 4.25
C ASN C 278 38.19 13.03 4.45
N LYS C 279 39.43 12.55 4.40
CA LYS C 279 39.72 11.13 4.55
C LYS C 279 39.45 10.55 5.94
N ASN C 280 39.19 11.42 6.92
CA ASN C 280 38.94 10.95 8.28
C ASN C 280 37.47 10.73 8.63
N LEU C 281 36.61 10.74 7.62
CA LEU C 281 35.18 10.53 7.84
C LEU C 281 34.89 9.06 8.15
N THR C 282 34.02 8.82 9.12
CA THR C 282 33.68 7.44 9.49
C THR C 282 32.51 7.00 8.62
N TRP C 283 32.17 5.71 8.67
CA TRP C 283 31.04 5.23 7.90
C TRP C 283 29.76 5.94 8.34
N ARG C 284 29.68 6.34 9.61
CA ARG C 284 28.49 7.04 10.10
C ARG C 284 28.56 8.52 9.72
N ASP C 285 29.76 9.10 9.74
CA ASP C 285 29.91 10.50 9.35
C ASP C 285 29.33 10.66 7.94
N MET C 286 29.68 9.71 7.08
CA MET C 286 29.25 9.71 5.69
C MET C 286 27.75 9.74 5.55
N GLN C 287 27.05 8.94 6.36
CA GLN C 287 25.60 8.93 6.27
C GLN C 287 25.01 10.25 6.74
N HIS C 288 25.63 10.86 7.76
CA HIS C 288 25.20 12.14 8.28
C HIS C 288 25.30 13.19 7.18
N LEU C 289 26.43 13.21 6.48
CA LEU C 289 26.63 14.17 5.40
C LEU C 289 25.54 14.05 4.32
N VAL C 290 25.14 12.82 3.99
CA VAL C 290 24.10 12.59 2.99
C VAL C 290 22.75 13.12 3.45
N VAL C 291 22.41 12.85 4.70
CA VAL C 291 21.14 13.28 5.27
C VAL C 291 21.04 14.81 5.24
N GLN C 292 22.13 15.45 5.63
CA GLN C 292 22.18 16.90 5.71
C GLN C 292 22.23 17.69 4.40
N THR C 293 22.90 17.14 3.39
CA THR C 293 23.04 17.84 2.12
C THR C 293 22.12 17.46 0.98
N SER C 294 21.43 16.33 1.11
CA SER C 294 20.54 15.91 0.02
C SER C 294 19.36 16.88 -0.19
N LYS C 295 19.05 17.12 -1.46
CA LYS C 295 18.00 18.07 -1.82
C LYS C 295 16.71 17.44 -2.35
N PRO C 296 15.57 17.78 -1.74
CA PRO C 296 14.28 17.24 -2.18
C PRO C 296 13.86 17.99 -3.43
N ALA C 297 13.86 19.31 -3.33
CA ALA C 297 13.47 20.22 -4.41
C ALA C 297 13.76 19.67 -5.80
N HIS C 298 12.75 19.77 -6.66
CA HIS C 298 12.81 19.30 -8.06
C HIS C 298 12.27 17.88 -8.23
N LEU C 299 12.34 17.07 -7.18
CA LEU C 299 11.86 15.70 -7.21
C LEU C 299 10.38 15.61 -6.85
N ASN C 300 9.59 15.02 -7.74
CA ASN C 300 8.15 14.88 -7.48
C ASN C 300 7.79 13.56 -6.81
N ALA C 301 7.02 13.64 -5.73
CA ALA C 301 6.59 12.47 -5.00
C ALA C 301 5.31 12.79 -4.26
N ASN C 302 4.46 11.78 -4.11
CA ASN C 302 3.18 11.97 -3.46
C ASN C 302 3.27 11.87 -1.95
N ASP C 303 4.45 11.55 -1.43
CA ASP C 303 4.57 11.38 0.02
C ASP C 303 5.63 12.21 0.76
N TRP C 304 6.01 13.35 0.20
CA TRP C 304 6.99 14.17 0.90
C TRP C 304 6.40 14.59 2.24
N ALA C 305 7.15 14.39 3.32
CA ALA C 305 6.69 14.77 4.63
C ALA C 305 7.85 15.35 5.42
N THR C 306 7.56 16.29 6.30
CA THR C 306 8.60 16.93 7.10
C THR C 306 8.76 16.21 8.43
N ASN C 307 9.97 15.71 8.71
CA ASN C 307 10.22 15.00 9.96
C ASN C 307 10.40 15.94 11.16
N GLY C 308 10.63 15.35 12.32
CA GLY C 308 10.78 16.12 13.53
C GLY C 308 11.83 17.21 13.52
N VAL C 309 12.80 17.13 12.62
CA VAL C 309 13.84 18.16 12.60
C VAL C 309 13.73 19.11 11.41
N GLY C 310 12.59 19.10 10.73
CA GLY C 310 12.39 20.00 9.62
C GLY C 310 12.89 19.58 8.26
N ARG C 311 13.25 18.32 8.10
CA ARG C 311 13.73 17.86 6.80
C ARG C 311 12.65 17.08 6.08
N LYS C 312 12.61 17.23 4.77
CA LYS C 312 11.62 16.55 3.92
C LYS C 312 12.14 15.16 3.58
N VAL C 313 11.29 14.17 3.72
CA VAL C 313 11.67 12.80 3.39
C VAL C 313 10.56 12.11 2.62
N SER C 314 10.95 11.24 1.71
CA SER C 314 10.02 10.46 0.90
C SER C 314 10.48 9.01 0.88
N HIS C 315 9.54 8.07 0.85
CA HIS C 315 9.91 6.67 0.82
C HIS C 315 10.45 6.25 -0.55
N SER C 316 10.32 7.15 -1.52
CA SER C 316 10.80 6.91 -2.86
C SER C 316 12.18 7.50 -3.09
N TYR C 317 12.52 8.54 -2.32
CA TYR C 317 13.78 9.23 -2.50
C TYR C 317 14.67 9.38 -1.27
N GLY C 318 14.15 9.05 -0.11
CA GLY C 318 14.95 9.23 1.10
C GLY C 318 15.00 10.73 1.35
N TYR C 319 16.18 11.27 1.59
CA TYR C 319 16.30 12.70 1.85
C TYR C 319 16.40 13.54 0.58
N GLY C 320 16.35 12.87 -0.56
CA GLY C 320 16.44 13.59 -1.82
C GLY C 320 17.65 13.28 -2.69
N LEU C 321 17.86 14.15 -3.66
CA LEU C 321 18.94 14.04 -4.62
C LEU C 321 20.27 14.39 -3.97
N LEU C 322 21.31 13.64 -4.29
CA LEU C 322 22.63 13.93 -3.72
C LEU C 322 23.16 15.22 -4.35
N ASP C 323 23.93 15.96 -3.57
CA ASP C 323 24.52 17.22 -4.01
C ASP C 323 26.04 17.12 -3.81
N ALA C 324 26.77 16.77 -4.87
CA ALA C 324 28.21 16.60 -4.75
C ALA C 324 28.89 17.85 -4.19
N GLY C 325 28.54 18.99 -4.75
CA GLY C 325 29.12 20.23 -4.27
C GLY C 325 28.91 20.41 -2.77
N ALA C 326 27.67 20.23 -2.32
CA ALA C 326 27.32 20.38 -0.92
C ALA C 326 28.04 19.36 -0.05
N MET C 327 28.18 18.14 -0.58
CA MET C 327 28.85 17.06 0.15
C MET C 327 30.30 17.39 0.45
N VAL C 328 31.08 17.72 -0.57
CA VAL C 328 32.49 18.04 -0.35
C VAL C 328 32.67 19.31 0.49
N ALA C 329 31.72 20.23 0.36
CA ALA C 329 31.78 21.48 1.11
C ALA C 329 31.63 21.21 2.60
N LEU C 330 30.56 20.50 2.98
CA LEU C 330 30.30 20.19 4.38
C LEU C 330 31.37 19.26 4.96
N ALA C 331 31.86 18.34 4.14
CA ALA C 331 32.87 17.39 4.56
C ALA C 331 34.11 18.01 5.17
N GLN C 332 34.58 19.10 4.55
CA GLN C 332 35.78 19.79 5.00
C GLN C 332 35.77 20.28 6.45
N ASN C 333 34.66 20.87 6.89
CA ASN C 333 34.60 21.38 8.26
C ASN C 333 33.91 20.40 9.21
N TRP C 334 33.65 19.19 8.74
CA TRP C 334 32.94 18.20 9.56
C TRP C 334 33.70 17.65 10.77
N THR C 335 33.02 17.67 11.92
CA THR C 335 33.57 17.17 13.18
C THR C 335 33.03 15.75 13.39
N THR C 336 33.92 14.76 13.43
CA THR C 336 33.50 13.38 13.62
C THR C 336 32.48 13.19 14.73
N VAL C 337 31.38 12.52 14.42
CA VAL C 337 30.32 12.29 15.39
C VAL C 337 30.78 11.45 16.58
N ALA C 338 30.05 11.57 17.69
CA ALA C 338 30.35 10.82 18.89
C ALA C 338 30.16 9.32 18.68
N PRO C 339 30.74 8.49 19.58
CA PRO C 339 30.61 7.04 19.47
C PRO C 339 29.15 6.60 19.37
N GLN C 340 28.90 5.61 18.52
CA GLN C 340 27.55 5.12 18.32
C GLN C 340 26.98 4.41 19.55
N ARG C 341 25.79 4.81 19.98
CA ARG C 341 25.13 4.19 21.11
C ARG C 341 23.96 3.36 20.56
N LYS C 342 23.59 2.32 21.28
CA LYS C 342 22.51 1.44 20.86
C LYS C 342 21.58 1.20 22.04
N CYS C 343 20.29 1.50 21.87
CA CYS C 343 19.33 1.32 22.95
C CYS C 343 18.25 0.35 22.52
N ILE C 344 18.17 -0.79 23.20
CA ILE C 344 17.19 -1.83 22.89
C ILE C 344 15.99 -1.77 23.80
N ILE C 345 14.79 -1.75 23.22
CA ILE C 345 13.56 -1.67 23.99
C ILE C 345 12.54 -2.69 23.52
N ASP C 346 12.33 -3.74 24.30
CA ASP C 346 11.35 -4.76 23.93
C ASP C 346 9.99 -4.21 24.37
N ILE C 347 9.06 -4.08 23.45
CA ILE C 347 7.75 -3.49 23.75
C ILE C 347 6.63 -4.39 24.29
N LEU C 348 6.39 -5.53 23.65
CA LEU C 348 5.31 -6.41 24.08
C LEU C 348 5.45 -7.17 25.39
N THR C 349 4.36 -7.21 26.16
CA THR C 349 4.32 -7.93 27.43
C THR C 349 3.42 -9.15 27.21
N GLU C 350 2.86 -9.24 26.00
CA GLU C 350 1.98 -10.35 25.64
C GLU C 350 1.68 -10.30 24.14
N PRO C 351 1.40 -11.46 23.52
CA PRO C 351 1.10 -11.49 22.10
C PRO C 351 -0.09 -10.57 21.82
N LYS C 352 -0.21 -10.10 20.59
CA LYS C 352 -1.31 -9.22 20.21
C LYS C 352 -1.97 -9.75 18.94
N ASP C 353 -3.29 -9.75 18.93
CA ASP C 353 -4.00 -10.23 17.76
C ASP C 353 -4.01 -9.10 16.74
N ILE C 354 -3.77 -9.44 15.48
CA ILE C 354 -3.72 -8.43 14.43
C ILE C 354 -5.10 -8.06 13.91
N GLY C 355 -5.86 -9.06 13.48
CA GLY C 355 -7.19 -8.77 12.97
C GLY C 355 -7.18 -7.80 11.81
N LYS C 356 -8.12 -6.85 11.81
CA LYS C 356 -8.23 -5.87 10.74
C LYS C 356 -7.19 -4.76 10.94
N ARG C 357 -6.92 -4.44 12.19
CA ARG C 357 -5.95 -3.40 12.51
C ARG C 357 -5.46 -3.55 13.93
N LEU C 358 -4.17 -3.29 14.13
CA LEU C 358 -3.56 -3.38 15.44
C LEU C 358 -2.74 -2.12 15.68
N GLU C 359 -2.82 -1.59 16.89
CA GLU C 359 -2.07 -0.40 17.23
C GLU C 359 -1.37 -0.67 18.55
N VAL C 360 -0.07 -0.37 18.60
CA VAL C 360 0.71 -0.57 19.80
C VAL C 360 1.41 0.71 20.16
N ARG C 361 1.10 1.24 21.34
CA ARG C 361 1.71 2.47 21.80
C ARG C 361 2.69 2.17 22.90
N LYS C 362 3.69 3.02 23.06
CA LYS C 362 4.68 2.81 24.10
C LYS C 362 5.53 4.04 24.29
N THR C 363 5.58 4.53 25.52
CA THR C 363 6.40 5.69 25.82
C THR C 363 7.75 5.15 26.26
N VAL C 364 8.82 5.61 25.62
CA VAL C 364 10.15 5.14 25.96
C VAL C 364 10.97 6.31 26.46
N THR C 365 12.01 6.01 27.23
CA THR C 365 12.89 7.03 27.76
C THR C 365 14.19 7.01 27.00
N ALA C 366 14.27 6.14 25.99
CA ALA C 366 15.47 6.02 25.16
C ALA C 366 16.74 5.83 26.00
N CYS C 367 16.65 4.94 26.98
CA CYS C 367 17.78 4.63 27.84
C CYS C 367 18.30 5.81 28.66
N LEU C 368 17.38 6.62 29.17
CA LEU C 368 17.73 7.75 30.00
C LEU C 368 18.49 7.25 31.22
N GLY C 369 19.54 7.98 31.60
CA GLY C 369 20.33 7.59 32.75
C GLY C 369 21.31 6.45 32.53
N GLU C 370 21.30 5.86 31.35
CA GLU C 370 22.23 4.75 31.05
C GLU C 370 23.32 5.24 30.11
N PRO C 371 24.41 4.47 29.96
CA PRO C 371 25.53 4.84 29.09
C PRO C 371 25.13 4.93 27.62
N ASN C 372 24.04 4.26 27.25
CA ASN C 372 23.58 4.28 25.87
C ASN C 372 22.33 5.12 25.68
N HIS C 373 22.21 6.18 26.48
CA HIS C 373 21.09 7.10 26.41
C HIS C 373 21.20 7.81 25.06
N ILE C 374 20.09 7.93 24.34
CA ILE C 374 20.09 8.58 23.02
C ILE C 374 19.16 9.78 22.92
N THR C 375 19.71 10.91 22.51
CA THR C 375 18.93 12.14 22.36
C THR C 375 18.91 12.58 20.90
N ARG C 376 19.87 12.09 20.14
CA ARG C 376 19.99 12.38 18.72
C ARG C 376 19.95 11.03 17.99
N LEU C 377 18.82 10.72 17.38
CA LEU C 377 18.67 9.44 16.69
C LEU C 377 19.36 9.35 15.32
N GLU C 378 19.72 8.14 14.94
CA GLU C 378 20.31 7.88 13.63
C GLU C 378 19.37 6.83 13.01
N HIS C 379 19.81 5.58 12.89
CA HIS C 379 18.89 4.58 12.36
C HIS C 379 17.98 4.09 13.48
N ALA C 380 16.86 3.48 13.11
CA ALA C 380 15.92 2.94 14.07
C ALA C 380 15.37 1.67 13.44
N GLN C 381 15.34 0.60 14.22
CA GLN C 381 14.81 -0.65 13.71
C GLN C 381 13.60 -1.07 14.52
N ALA C 382 12.65 -1.69 13.85
CA ALA C 382 11.48 -2.22 14.52
C ALA C 382 11.52 -3.71 14.18
N ARG C 383 12.11 -4.49 15.06
CA ARG C 383 12.22 -5.93 14.85
C ARG C 383 10.90 -6.58 15.18
N LEU C 384 10.22 -7.10 14.16
CA LEU C 384 8.93 -7.72 14.36
C LEU C 384 8.92 -9.21 14.09
N THR C 385 8.09 -9.92 14.85
CA THR C 385 7.91 -11.34 14.66
C THR C 385 6.40 -11.53 14.70
N LEU C 386 5.84 -11.95 13.59
CA LEU C 386 4.40 -12.13 13.52
C LEU C 386 4.01 -13.24 12.57
N SER C 387 2.76 -13.69 12.71
CA SER C 387 2.21 -14.74 11.85
C SER C 387 1.01 -14.13 11.14
N TYR C 388 0.80 -14.51 9.88
CA TYR C 388 -0.31 -13.98 9.11
C TYR C 388 -0.60 -14.92 7.96
N ASN C 389 -1.87 -15.00 7.55
CA ASN C 389 -2.26 -15.91 6.47
C ASN C 389 -1.85 -15.40 5.09
N ARG C 390 -1.83 -14.09 4.91
CA ARG C 390 -1.41 -13.52 3.64
C ARG C 390 -0.57 -12.28 3.89
N ARG C 391 0.74 -12.49 3.98
CA ARG C 391 1.69 -11.42 4.27
C ARG C 391 1.55 -10.14 3.43
N GLY C 392 1.43 -10.30 2.12
CA GLY C 392 1.31 -9.16 1.24
C GLY C 392 0.15 -8.21 1.51
N ASP C 393 -0.85 -8.64 2.28
CA ASP C 393 -1.98 -7.78 2.57
C ASP C 393 -1.68 -6.82 3.73
N LEU C 394 -0.59 -7.08 4.43
CA LEU C 394 -0.20 -6.24 5.56
C LEU C 394 0.44 -4.92 5.17
N ALA C 395 0.28 -3.94 6.05
CA ALA C 395 0.87 -2.62 5.88
C ALA C 395 1.29 -2.25 7.28
N ILE C 396 2.56 -1.91 7.47
CA ILE C 396 3.06 -1.56 8.78
C ILE C 396 3.62 -0.15 8.83
N HIS C 397 3.30 0.57 9.89
CA HIS C 397 3.74 1.93 10.07
C HIS C 397 4.33 2.16 11.44
N LEU C 398 5.32 3.05 11.52
CA LEU C 398 5.96 3.37 12.77
C LEU C 398 5.98 4.88 12.91
N VAL C 399 5.37 5.38 13.98
CA VAL C 399 5.33 6.83 14.20
C VAL C 399 6.22 7.23 15.38
N SER C 400 7.20 8.08 15.11
CA SER C 400 8.11 8.53 16.16
C SER C 400 7.43 9.55 17.08
N PRO C 401 7.97 9.75 18.28
CA PRO C 401 7.40 10.71 19.24
C PRO C 401 7.18 12.08 18.60
N MET C 402 8.07 12.46 17.68
CA MET C 402 7.95 13.76 17.03
C MET C 402 7.00 13.75 15.85
N GLY C 403 6.20 12.69 15.74
CA GLY C 403 5.22 12.60 14.67
C GLY C 403 5.64 12.13 13.30
N THR C 404 6.87 11.68 13.15
CA THR C 404 7.32 11.21 11.84
C THR C 404 6.81 9.80 11.58
N ARG C 405 6.05 9.65 10.51
CA ARG C 405 5.44 8.37 10.16
C ARG C 405 6.20 7.57 9.11
N SER C 406 6.94 6.56 9.55
CA SER C 406 7.70 5.71 8.65
C SER C 406 6.91 4.48 8.26
N THR C 407 6.72 4.27 6.96
CA THR C 407 6.01 3.08 6.52
C THR C 407 7.06 1.98 6.38
N LEU C 408 7.10 1.08 7.36
CA LEU C 408 8.05 -0.02 7.38
C LEU C 408 7.75 -1.03 6.27
N LEU C 409 6.47 -1.20 5.98
CA LEU C 409 6.07 -2.14 4.94
C LEU C 409 4.75 -1.75 4.29
N ALA C 410 4.76 -1.63 2.97
CA ALA C 410 3.55 -1.30 2.23
C ALA C 410 3.00 -2.61 1.69
N ALA C 411 1.74 -2.59 1.26
CA ALA C 411 1.11 -3.80 0.73
C ALA C 411 1.88 -4.31 -0.48
N ARG C 412 2.04 -5.62 -0.55
CA ARG C 412 2.72 -6.28 -1.66
C ARG C 412 1.75 -7.33 -2.19
N PRO C 413 0.90 -6.93 -3.15
CA PRO C 413 -0.10 -7.81 -3.74
C PRO C 413 0.36 -9.20 -4.19
N HIS C 414 1.61 -9.35 -4.59
CA HIS C 414 2.08 -10.65 -5.02
C HIS C 414 2.56 -11.55 -3.89
N ASP C 415 2.73 -10.97 -2.70
CA ASP C 415 3.21 -11.75 -1.56
C ASP C 415 2.06 -12.52 -0.89
N TYR C 416 1.94 -13.80 -1.23
CA TYR C 416 0.88 -14.64 -0.68
C TYR C 416 1.42 -15.60 0.37
N SER C 417 2.64 -15.33 0.83
CA SER C 417 3.27 -16.17 1.84
C SER C 417 2.46 -16.25 3.12
N ALA C 418 2.59 -17.38 3.80
CA ALA C 418 1.88 -17.58 5.05
C ALA C 418 2.92 -17.76 6.15
N ASP C 419 4.17 -17.44 5.84
CA ASP C 419 5.26 -17.57 6.79
C ASP C 419 5.49 -16.33 7.67
N GLY C 420 4.73 -15.27 7.46
CA GLY C 420 4.90 -14.08 8.27
C GLY C 420 6.31 -13.52 8.31
N PHE C 421 6.67 -12.93 9.45
CA PHE C 421 8.00 -12.33 9.65
C PHE C 421 8.61 -12.92 10.92
N ASN C 422 9.83 -13.43 10.79
CA ASN C 422 10.54 -14.02 11.93
C ASN C 422 11.70 -13.13 12.34
N ASP C 423 11.43 -12.23 13.29
CA ASP C 423 12.40 -11.28 13.80
C ASP C 423 13.04 -10.49 12.68
N TRP C 424 12.22 -9.94 11.80
CA TRP C 424 12.71 -9.13 10.68
C TRP C 424 12.91 -7.69 11.17
N ALA C 425 14.08 -7.13 10.91
CA ALA C 425 14.39 -5.77 11.37
C ALA C 425 14.07 -4.63 10.39
N PHE C 426 12.80 -4.23 10.34
CA PHE C 426 12.40 -3.12 9.49
C PHE C 426 13.19 -1.89 9.95
N MET C 427 13.85 -1.20 9.02
CA MET C 427 14.67 -0.05 9.36
C MET C 427 14.16 1.24 8.71
N THR C 428 14.26 2.34 9.45
CA THR C 428 13.85 3.64 8.93
C THR C 428 14.94 4.68 9.17
N THR C 429 15.10 5.58 8.20
CA THR C 429 16.10 6.64 8.29
C THR C 429 15.39 7.98 8.39
N HIS C 430 14.06 7.95 8.40
CA HIS C 430 13.26 9.16 8.43
C HIS C 430 13.25 9.99 9.73
N SER C 431 13.61 9.37 10.85
CA SER C 431 13.62 10.10 12.12
C SER C 431 15.05 10.44 12.53
N TRP C 432 15.93 10.50 11.54
CA TRP C 432 17.33 10.84 11.75
C TRP C 432 17.44 12.21 12.43
N ASP C 433 18.23 12.26 13.51
CA ASP C 433 18.45 13.47 14.31
C ASP C 433 17.32 13.87 15.27
N GLU C 434 16.23 13.13 15.28
CA GLU C 434 15.12 13.42 16.18
C GLU C 434 15.45 12.92 17.59
N ASP C 435 14.70 13.41 18.57
CA ASP C 435 14.89 12.95 19.95
C ASP C 435 13.95 11.75 19.97
N PRO C 436 14.49 10.56 20.23
CA PRO C 436 13.68 9.35 20.27
C PRO C 436 12.81 9.11 21.50
N SER C 437 12.98 9.90 22.56
CA SER C 437 12.16 9.65 23.76
C SER C 437 10.74 10.13 23.55
N GLY C 438 9.79 9.44 24.17
CA GLY C 438 8.39 9.81 24.02
C GLY C 438 7.59 8.59 23.59
N GLU C 439 6.39 8.82 23.05
CA GLU C 439 5.53 7.75 22.62
C GLU C 439 5.76 7.34 21.17
N TRP C 440 6.05 6.05 20.97
CA TRP C 440 6.24 5.49 19.64
C TRP C 440 4.96 4.71 19.37
N VAL C 441 4.52 4.68 18.12
CA VAL C 441 3.31 3.96 17.77
C VAL C 441 3.53 3.05 16.58
N LEU C 442 3.19 1.77 16.74
CA LEU C 442 3.33 0.80 15.66
C LEU C 442 1.93 0.52 15.12
N GLU C 443 1.76 0.56 13.80
CA GLU C 443 0.46 0.31 13.20
C GLU C 443 0.54 -0.83 12.20
N ILE C 444 -0.28 -1.85 12.42
CA ILE C 444 -0.34 -2.97 11.50
C ILE C 444 -1.78 -3.02 11.03
N GLU C 445 -1.99 -3.00 9.72
CA GLU C 445 -3.34 -3.02 9.19
C GLU C 445 -3.51 -3.98 8.01
N ASN C 446 -4.71 -4.52 7.88
CA ASN C 446 -5.04 -5.41 6.78
C ASN C 446 -5.57 -4.50 5.68
N THR C 447 -4.80 -4.31 4.62
CA THR C 447 -5.21 -3.42 3.53
C THR C 447 -6.19 -4.08 2.56
N SER C 448 -6.63 -5.29 2.89
CA SER C 448 -7.56 -6.01 2.04
C SER C 448 -8.94 -6.18 2.67
N GLU C 449 -9.93 -6.52 1.85
CA GLU C 449 -11.28 -6.74 2.34
C GLU C 449 -11.38 -8.17 2.89
N ALA C 450 -10.42 -9.01 2.51
CA ALA C 450 -10.39 -10.40 2.95
C ALA C 450 -10.30 -10.50 4.47
N ASN C 451 -10.91 -11.54 5.03
CA ASN C 451 -10.87 -11.76 6.47
C ASN C 451 -9.58 -12.48 6.83
N ASN C 452 -8.49 -11.72 6.95
CA ASN C 452 -7.20 -12.30 7.30
C ASN C 452 -7.05 -12.39 8.81
N TYR C 453 -6.09 -13.19 9.25
CA TYR C 453 -5.84 -13.39 10.67
C TYR C 453 -4.35 -13.62 10.99
N GLY C 454 -3.93 -13.19 12.18
CA GLY C 454 -2.55 -13.36 12.56
C GLY C 454 -2.26 -12.82 13.95
N THR C 455 -1.04 -13.03 14.42
CA THR C 455 -0.63 -12.58 15.73
C THR C 455 0.76 -11.96 15.75
N LEU C 456 0.89 -10.82 16.43
CA LEU C 456 2.17 -10.15 16.57
C LEU C 456 2.73 -10.67 17.89
N THR C 457 3.86 -11.38 17.84
CA THR C 457 4.41 -11.93 19.08
C THR C 457 5.64 -11.20 19.59
N LYS C 458 6.25 -10.37 18.75
CA LYS C 458 7.43 -9.64 19.20
C LYS C 458 7.58 -8.33 18.45
N PHE C 459 7.90 -7.29 19.20
CA PHE C 459 8.11 -5.97 18.65
C PHE C 459 9.20 -5.32 19.48
N THR C 460 10.43 -5.40 19.00
CA THR C 460 11.58 -4.80 19.68
C THR C 460 12.02 -3.55 18.93
N LEU C 461 12.10 -2.44 19.65
CA LEU C 461 12.52 -1.18 19.07
C LEU C 461 14.01 -1.02 19.33
N VAL C 462 14.79 -0.79 18.30
CA VAL C 462 16.23 -0.61 18.48
C VAL C 462 16.64 0.76 17.99
N LEU C 463 17.18 1.56 18.90
CA LEU C 463 17.61 2.91 18.56
C LEU C 463 19.13 3.05 18.51
N TYR C 464 19.62 3.66 17.44
CA TYR C 464 21.05 3.91 17.28
C TYR C 464 21.21 5.41 17.32
N GLY C 465 22.33 5.91 17.82
CA GLY C 465 22.52 7.34 17.85
C GLY C 465 23.49 7.85 18.91
N THR C 466 23.41 9.14 19.19
CA THR C 466 24.30 9.74 20.17
C THR C 466 23.56 10.61 21.16
N ALA C 467 24.32 11.24 22.04
CA ALA C 467 23.77 12.12 23.06
C ALA C 467 24.71 13.31 23.21
N TYR D 3 53.69 -12.89 51.88
CA TYR D 3 52.22 -12.91 51.65
C TYR D 3 51.48 -13.64 52.76
N GLN D 4 50.45 -13.01 53.32
CA GLN D 4 49.65 -13.62 54.38
C GLN D 4 48.35 -14.15 53.76
N GLU D 5 48.23 -15.47 53.67
CA GLU D 5 47.03 -16.05 53.07
C GLU D 5 45.78 -15.68 53.88
N PRO D 6 44.59 -15.77 53.26
CA PRO D 6 43.32 -15.44 53.91
C PRO D 6 43.09 -16.13 55.24
N THR D 7 42.45 -15.40 56.15
CA THR D 7 42.17 -15.91 57.48
C THR D 7 40.70 -16.31 57.61
N ASP D 8 39.94 -16.14 56.54
CA ASP D 8 38.53 -16.49 56.56
C ASP D 8 38.30 -17.90 57.10
N PRO D 9 37.23 -18.08 57.88
CA PRO D 9 36.93 -19.40 58.46
C PRO D 9 36.83 -20.56 57.47
N LYS D 10 36.28 -20.31 56.29
CA LYS D 10 36.13 -21.38 55.30
C LYS D 10 37.25 -21.53 54.27
N PHE D 11 38.23 -20.63 54.29
CA PHE D 11 39.33 -20.70 53.33
C PHE D 11 39.99 -22.08 53.29
N PRO D 12 40.27 -22.66 54.46
CA PRO D 12 40.89 -23.99 54.51
C PRO D 12 40.10 -25.05 53.74
N GLN D 13 38.79 -24.85 53.57
CA GLN D 13 37.98 -25.82 52.85
C GLN D 13 37.92 -25.54 51.36
N GLN D 14 38.55 -24.44 50.94
CA GLN D 14 38.55 -24.08 49.52
C GLN D 14 39.77 -24.75 48.85
N TRP D 15 39.76 -26.07 48.88
CA TRP D 15 40.82 -26.91 48.32
C TRP D 15 41.26 -26.54 46.91
N TYR D 16 40.33 -26.09 46.08
CA TYR D 16 40.65 -25.72 44.71
C TYR D 16 41.49 -24.44 44.57
N LEU D 17 41.49 -23.57 45.59
CA LEU D 17 42.26 -22.34 45.51
C LEU D 17 43.71 -22.60 45.91
N SER D 18 43.89 -23.28 47.02
CA SER D 18 45.23 -23.58 47.53
C SER D 18 45.19 -24.89 48.32
N GLY D 19 46.17 -25.75 48.05
CA GLY D 19 46.22 -27.02 48.75
C GLY D 19 47.60 -27.66 48.73
N VAL D 20 47.93 -28.38 49.80
CA VAL D 20 49.21 -29.07 49.90
C VAL D 20 49.31 -30.05 48.72
N THR D 21 48.23 -30.79 48.48
CA THR D 21 48.13 -31.79 47.41
C THR D 21 48.55 -31.33 46.01
N GLN D 22 48.92 -30.06 45.87
CA GLN D 22 49.36 -29.52 44.57
C GLN D 22 48.36 -29.82 43.43
N ARG D 23 47.11 -30.12 43.80
CA ARG D 23 46.05 -30.40 42.85
C ARG D 23 45.02 -29.26 43.03
N ASP D 24 45.41 -28.05 42.60
CA ASP D 24 44.57 -26.86 42.72
C ASP D 24 44.74 -25.91 41.51
N LEU D 25 44.06 -24.77 41.56
CA LEU D 25 44.15 -23.80 40.47
C LEU D 25 45.33 -22.85 40.62
N ASN D 26 46.18 -23.12 41.62
CA ASN D 26 47.37 -22.32 41.86
C ASN D 26 47.08 -20.83 41.94
N VAL D 27 46.02 -20.48 42.70
CA VAL D 27 45.61 -19.10 42.87
C VAL D 27 46.47 -18.35 43.88
N LYS D 28 46.88 -19.03 44.95
CA LYS D 28 47.72 -18.41 45.98
C LYS D 28 49.02 -17.91 45.35
N ALA D 29 49.53 -18.65 44.36
CA ALA D 29 50.76 -18.25 43.68
C ALA D 29 50.58 -16.89 43.00
N ALA D 30 49.36 -16.63 42.53
CA ALA D 30 49.08 -15.36 41.88
C ALA D 30 48.95 -14.25 42.92
N TRP D 31 48.31 -14.56 44.05
CA TRP D 31 48.15 -13.56 45.11
C TRP D 31 49.53 -13.14 45.58
N ALA D 32 50.40 -14.13 45.75
CA ALA D 32 51.77 -13.88 46.21
C ALA D 32 52.51 -12.93 45.26
N GLN D 33 52.22 -13.02 43.97
CA GLN D 33 52.85 -12.14 43.00
C GLN D 33 52.22 -10.74 43.09
N GLY D 34 51.26 -10.58 43.99
CA GLY D 34 50.62 -9.28 44.18
C GLY D 34 49.33 -9.01 43.42
N TYR D 35 48.67 -10.06 42.92
CA TYR D 35 47.44 -9.84 42.17
C TYR D 35 46.21 -10.40 42.88
N THR D 36 45.23 -9.53 43.09
CA THR D 36 44.00 -9.92 43.78
C THR D 36 42.75 -9.40 43.09
N GLY D 37 42.93 -8.79 41.91
CA GLY D 37 41.80 -8.28 41.17
C GLY D 37 41.49 -6.81 41.38
N HIS D 38 42.35 -6.12 42.11
CA HIS D 38 42.12 -4.71 42.35
C HIS D 38 41.94 -3.94 41.04
N GLY D 39 40.89 -3.14 40.99
CA GLY D 39 40.63 -2.34 39.81
C GLY D 39 39.92 -3.02 38.67
N ILE D 40 39.58 -4.29 38.84
CA ILE D 40 38.89 -5.04 37.79
C ILE D 40 37.40 -5.18 38.12
N VAL D 41 36.55 -5.03 37.12
CA VAL D 41 35.11 -5.15 37.34
C VAL D 41 34.56 -6.39 36.67
N VAL D 42 33.88 -7.24 37.46
CA VAL D 42 33.30 -8.48 36.95
C VAL D 42 31.80 -8.48 37.19
N SER D 43 31.03 -8.90 36.20
CA SER D 43 29.59 -8.94 36.36
C SER D 43 29.07 -10.35 36.14
N ILE D 44 28.19 -10.77 37.06
CA ILE D 44 27.58 -12.10 36.99
C ILE D 44 26.19 -12.00 36.35
N LEU D 45 26.03 -12.53 35.14
CA LEU D 45 24.73 -12.52 34.46
C LEU D 45 24.00 -13.77 34.92
N ASP D 46 23.07 -13.60 35.86
CA ASP D 46 22.37 -14.76 36.39
C ASP D 46 20.96 -14.43 36.90
N ASP D 47 20.55 -15.07 37.99
CA ASP D 47 19.23 -14.82 38.56
C ASP D 47 19.25 -13.76 39.67
N GLY D 48 20.29 -12.93 39.67
CA GLY D 48 20.41 -11.89 40.68
C GLY D 48 21.63 -12.02 41.58
N ILE D 49 21.82 -11.04 42.44
CA ILE D 49 22.94 -11.04 43.37
C ILE D 49 22.53 -10.37 44.68
N GLU D 50 22.80 -11.04 45.80
CA GLU D 50 22.46 -10.49 47.10
C GLU D 50 23.55 -9.48 47.47
N LYS D 51 23.43 -8.26 46.95
CA LYS D 51 24.40 -7.20 47.17
C LYS D 51 24.72 -6.88 48.63
N ASN D 52 23.77 -7.19 49.51
CA ASN D 52 23.94 -6.92 50.93
C ASN D 52 24.54 -8.09 51.72
N HIS D 53 24.91 -9.16 51.01
CA HIS D 53 25.50 -10.32 51.67
C HIS D 53 26.78 -9.86 52.36
N PRO D 54 27.00 -10.29 53.62
CA PRO D 54 28.20 -9.89 54.36
C PRO D 54 29.54 -10.19 53.71
N ASP D 55 29.57 -11.12 52.77
CA ASP D 55 30.82 -11.45 52.10
C ASP D 55 30.88 -10.88 50.68
N LEU D 56 29.91 -10.04 50.33
CA LEU D 56 29.86 -9.44 48.99
C LEU D 56 29.75 -7.91 49.01
N ALA D 57 29.02 -7.38 49.99
CA ALA D 57 28.80 -5.94 50.09
C ALA D 57 30.07 -5.11 49.91
N GLY D 58 31.14 -5.53 50.57
CA GLY D 58 32.40 -4.80 50.46
C GLY D 58 32.93 -4.64 49.04
N ASN D 59 32.57 -5.55 48.14
CA ASN D 59 33.04 -5.46 46.77
C ASN D 59 31.92 -5.18 45.76
N TYR D 60 30.68 -5.17 46.22
CA TYR D 60 29.55 -4.93 45.32
C TYR D 60 29.71 -3.61 44.55
N ASP D 61 29.42 -3.66 43.25
CA ASP D 61 29.52 -2.48 42.39
C ASP D 61 28.21 -2.27 41.64
N PRO D 62 27.47 -1.19 41.99
CA PRO D 62 26.20 -0.88 41.33
C PRO D 62 26.38 -0.64 39.84
N GLY D 63 27.52 -0.06 39.46
CA GLY D 63 27.81 0.23 38.08
C GLY D 63 27.92 -0.99 37.20
N ALA D 64 28.08 -2.16 37.83
CA ALA D 64 28.21 -3.41 37.10
C ALA D 64 26.95 -4.27 37.28
N SER D 65 25.89 -3.66 37.80
CA SER D 65 24.66 -4.39 38.06
C SER D 65 23.43 -3.76 37.40
N PHE D 66 22.37 -4.55 37.34
CA PHE D 66 21.12 -4.11 36.77
C PHE D 66 20.10 -5.24 36.83
N ASP D 67 18.82 -4.89 36.81
CA ASP D 67 17.74 -5.86 36.83
C ASP D 67 16.99 -5.77 35.51
N VAL D 68 17.34 -6.63 34.57
CA VAL D 68 16.69 -6.64 33.27
C VAL D 68 15.31 -7.30 33.32
N ASN D 69 15.14 -8.22 34.26
CA ASN D 69 13.86 -8.91 34.42
C ASN D 69 12.74 -7.94 34.84
N ASP D 70 13.02 -7.07 35.82
CA ASP D 70 12.02 -6.11 36.27
C ASP D 70 12.31 -4.66 35.87
N GLN D 71 13.30 -4.48 34.99
CA GLN D 71 13.64 -3.15 34.49
C GLN D 71 13.95 -2.12 35.56
N ASP D 72 14.92 -2.40 36.42
CA ASP D 72 15.33 -1.45 37.45
C ASP D 72 16.82 -1.70 37.74
N PRO D 73 17.50 -0.76 38.39
CA PRO D 73 18.92 -1.00 38.65
C PRO D 73 19.28 -1.88 39.83
N ASP D 74 18.29 -2.34 40.59
CA ASP D 74 18.56 -3.19 41.74
C ASP D 74 18.47 -4.67 41.40
N PRO D 75 19.61 -5.39 41.39
CA PRO D 75 19.68 -6.82 41.08
C PRO D 75 19.41 -7.77 42.25
N GLN D 76 18.82 -7.26 43.33
CA GLN D 76 18.51 -8.10 44.49
C GLN D 76 17.68 -9.30 44.05
N PRO D 77 18.00 -10.51 44.53
CA PRO D 77 17.24 -11.70 44.16
C PRO D 77 15.80 -11.67 44.69
N ARG D 78 14.93 -12.46 44.08
CA ARG D 78 13.53 -12.57 44.53
C ARG D 78 13.49 -13.78 45.49
N TYR D 79 13.20 -13.54 46.75
CA TYR D 79 13.18 -14.61 47.74
C TYR D 79 11.94 -15.48 47.70
N THR D 80 12.14 -16.78 47.88
CA THR D 80 11.06 -17.76 47.87
C THR D 80 11.44 -18.89 48.81
N GLN D 81 10.45 -19.67 49.26
CA GLN D 81 10.71 -20.78 50.16
C GLN D 81 11.75 -21.75 49.62
N MET D 82 11.67 -22.05 48.34
CA MET D 82 12.60 -22.99 47.71
C MET D 82 13.98 -22.41 47.44
N ASN D 83 14.12 -21.10 47.59
CA ASN D 83 15.39 -20.42 47.35
C ASN D 83 15.89 -20.63 45.93
N ASP D 84 14.97 -20.46 44.97
CA ASP D 84 15.28 -20.64 43.55
C ASP D 84 16.38 -19.72 43.04
N ASN D 85 16.33 -18.47 43.47
CA ASN D 85 17.27 -17.46 43.02
C ASN D 85 18.54 -17.26 43.85
N ARG D 86 19.18 -18.37 44.22
CA ARG D 86 20.40 -18.34 45.02
C ARG D 86 21.60 -18.54 44.10
N HIS D 87 21.32 -19.03 42.90
CA HIS D 87 22.35 -19.35 41.91
C HIS D 87 23.34 -18.23 41.59
N GLY D 88 22.83 -17.05 41.27
CA GLY D 88 23.71 -15.94 40.95
C GLY D 88 24.61 -15.54 42.10
N THR D 89 24.05 -15.57 43.31
CA THR D 89 24.78 -15.21 44.51
C THR D 89 25.94 -16.16 44.77
N ARG D 90 25.72 -17.44 44.51
CA ARG D 90 26.79 -18.43 44.72
C ARG D 90 27.93 -18.20 43.73
N CYS D 91 27.58 -17.92 42.47
CA CYS D 91 28.59 -17.67 41.46
C CYS D 91 29.39 -16.41 41.80
N ALA D 92 28.71 -15.36 42.23
CA ALA D 92 29.38 -14.11 42.57
C ALA D 92 30.45 -14.31 43.64
N GLY D 93 30.09 -15.03 44.69
CA GLY D 93 31.03 -15.30 45.77
C GLY D 93 32.31 -15.99 45.34
N GLU D 94 32.22 -16.86 44.33
CA GLU D 94 33.40 -17.57 43.83
C GLU D 94 34.42 -16.59 43.27
N VAL D 95 33.91 -15.57 42.59
CA VAL D 95 34.75 -14.57 41.97
C VAL D 95 35.32 -13.54 42.92
N ALA D 96 34.46 -12.91 43.72
CA ALA D 96 34.93 -11.86 44.60
C ALA D 96 34.42 -11.79 46.04
N ALA D 97 34.33 -12.92 46.73
CA ALA D 97 33.89 -12.89 48.12
C ALA D 97 34.99 -12.15 48.89
N VAL D 98 34.60 -11.26 49.79
CA VAL D 98 35.56 -10.49 50.59
C VAL D 98 36.54 -11.38 51.37
N ALA D 99 37.78 -10.92 51.51
CA ALA D 99 38.79 -11.69 52.23
C ALA D 99 39.12 -11.11 53.62
N ASN D 100 39.57 -11.98 54.52
CA ASN D 100 39.97 -11.59 55.87
C ASN D 100 38.90 -10.79 56.61
N ASN D 101 37.66 -11.27 56.57
CA ASN D 101 36.58 -10.55 57.24
C ASN D 101 35.80 -11.50 58.13
N GLY D 102 36.44 -12.61 58.49
CA GLY D 102 35.84 -13.60 59.37
C GLY D 102 34.54 -14.20 58.86
N VAL D 103 34.27 -14.03 57.57
CA VAL D 103 33.04 -14.57 57.01
C VAL D 103 33.27 -15.51 55.85
N CYS D 104 32.71 -16.70 55.96
CA CYS D 104 32.78 -17.74 54.92
C CYS D 104 34.19 -17.89 54.35
N GLY D 105 34.31 -17.90 53.02
CA GLY D 105 35.61 -18.04 52.39
C GLY D 105 36.05 -16.78 51.66
N VAL D 106 36.76 -16.94 50.54
CA VAL D 106 37.22 -15.80 49.75
C VAL D 106 37.06 -16.07 48.26
N GLY D 107 36.95 -14.99 47.49
CA GLY D 107 36.83 -15.14 46.04
C GLY D 107 38.23 -15.22 45.42
N VAL D 108 38.31 -15.71 44.19
CA VAL D 108 39.59 -15.81 43.51
C VAL D 108 40.21 -14.43 43.39
N ALA D 109 39.37 -13.45 43.07
CA ALA D 109 39.81 -12.06 42.92
C ALA D 109 39.10 -11.29 44.03
N TYR D 110 39.50 -11.54 45.27
CA TYR D 110 38.86 -10.91 46.42
C TYR D 110 38.97 -9.39 46.55
N ASN D 111 39.64 -8.74 45.60
CA ASN D 111 39.72 -7.28 45.65
C ASN D 111 39.11 -6.67 44.41
N ALA D 112 38.49 -7.52 43.58
CA ALA D 112 37.84 -7.05 42.37
C ALA D 112 36.47 -6.52 42.75
N ARG D 113 35.86 -5.73 41.87
CA ARG D 113 34.53 -5.22 42.14
C ARG D 113 33.59 -6.19 41.43
N ILE D 114 32.55 -6.63 42.16
CA ILE D 114 31.61 -7.61 41.64
C ILE D 114 30.21 -7.02 41.47
N GLY D 115 29.63 -7.26 40.29
CA GLY D 115 28.29 -6.77 40.00
C GLY D 115 27.43 -7.95 39.58
N GLY D 116 26.13 -7.70 39.41
CA GLY D 116 25.24 -8.77 39.00
C GLY D 116 24.10 -8.26 38.16
N VAL D 117 23.73 -9.02 37.13
CA VAL D 117 22.63 -8.65 36.28
C VAL D 117 21.54 -9.69 36.47
N ARG D 118 20.41 -9.24 37.00
CA ARG D 118 19.30 -10.15 37.25
C ARG D 118 18.62 -10.31 35.90
N MET D 119 18.78 -11.46 35.26
CA MET D 119 18.15 -11.70 33.96
C MET D 119 17.65 -13.12 33.68
N LEU D 120 17.81 -14.04 34.63
CA LEU D 120 17.33 -15.41 34.44
C LEU D 120 15.97 -15.63 35.10
N ASP D 121 15.61 -14.74 36.02
CA ASP D 121 14.34 -14.86 36.75
C ASP D 121 13.21 -14.15 36.02
N GLY D 122 12.78 -14.75 34.92
CA GLY D 122 11.72 -14.18 34.11
C GLY D 122 11.86 -14.76 32.72
N GLU D 123 11.17 -14.18 31.74
CA GLU D 123 11.29 -14.70 30.39
C GLU D 123 12.63 -14.23 29.84
N VAL D 124 13.51 -15.17 29.50
CA VAL D 124 14.82 -14.84 28.96
C VAL D 124 14.75 -14.70 27.44
N THR D 125 14.46 -13.49 26.97
CA THR D 125 14.35 -13.23 25.54
C THR D 125 15.67 -12.79 24.94
N ASP D 126 15.70 -12.62 23.62
CA ASP D 126 16.90 -12.19 22.93
C ASP D 126 17.29 -10.79 23.45
N ALA D 127 16.30 -9.91 23.57
CA ALA D 127 16.55 -8.56 24.07
C ALA D 127 17.10 -8.62 25.47
N VAL D 128 16.57 -9.55 26.28
CA VAL D 128 17.03 -9.69 27.66
C VAL D 128 18.51 -10.05 27.67
N GLU D 129 18.87 -11.06 26.89
CA GLU D 129 20.27 -11.48 26.82
C GLU D 129 21.15 -10.36 26.31
N ALA D 130 20.72 -9.71 25.24
CA ALA D 130 21.48 -8.61 24.63
C ALA D 130 21.76 -7.46 25.59
N ARG D 131 20.77 -7.04 26.37
CA ARG D 131 20.99 -5.95 27.30
C ARG D 131 21.94 -6.36 28.43
N SER D 132 21.91 -7.63 28.81
CA SER D 132 22.79 -8.13 29.87
C SER D 132 24.23 -8.22 29.37
N LEU D 133 24.42 -8.87 28.22
CA LEU D 133 25.76 -9.02 27.64
C LEU D 133 26.36 -7.67 27.26
N GLY D 134 25.51 -6.70 26.94
CA GLY D 134 26.01 -5.40 26.54
C GLY D 134 25.91 -4.32 27.59
N LEU D 135 25.79 -4.71 28.86
CA LEU D 135 25.68 -3.75 29.93
C LEU D 135 27.01 -3.09 30.25
N ASN D 136 27.08 -1.77 30.16
CA ASN D 136 28.31 -1.03 30.46
C ASN D 136 29.60 -1.62 29.94
N PRO D 137 29.71 -1.80 28.63
CA PRO D 137 30.92 -2.36 28.02
C PRO D 137 32.20 -1.65 28.40
N ASN D 138 32.11 -0.38 28.77
CA ASN D 138 33.31 0.37 29.15
C ASN D 138 33.57 0.47 30.64
N HIS D 139 32.75 -0.19 31.43
CA HIS D 139 32.93 -0.18 32.87
C HIS D 139 33.25 -1.59 33.34
N ILE D 140 32.46 -2.56 32.86
CA ILE D 140 32.65 -3.97 33.20
C ILE D 140 33.70 -4.58 32.28
N HIS D 141 34.66 -5.31 32.86
CA HIS D 141 35.71 -5.94 32.08
C HIS D 141 35.37 -7.37 31.70
N ILE D 142 34.87 -8.11 32.69
CA ILE D 142 34.56 -9.52 32.50
C ILE D 142 33.11 -9.88 32.79
N TYR D 143 32.50 -10.64 31.89
CA TYR D 143 31.13 -11.10 32.06
C TYR D 143 31.18 -12.61 32.31
N SER D 144 30.43 -13.07 33.31
CA SER D 144 30.39 -14.51 33.61
C SER D 144 28.97 -15.06 33.46
N ALA D 145 28.83 -16.11 32.67
CA ALA D 145 27.52 -16.69 32.45
C ALA D 145 27.47 -18.18 32.73
N SER D 146 26.77 -18.54 33.81
CA SER D 146 26.62 -19.95 34.18
C SER D 146 25.20 -20.40 33.82
N TRP D 147 24.83 -20.21 32.55
CA TRP D 147 23.51 -20.60 32.06
C TRP D 147 23.59 -20.81 30.55
N GLY D 148 22.49 -21.25 29.95
CA GLY D 148 22.47 -21.47 28.52
C GLY D 148 21.32 -22.34 28.09
N PRO D 149 21.29 -22.77 26.81
CA PRO D 149 20.22 -23.62 26.29
C PRO D 149 20.06 -24.87 27.13
N GLU D 150 18.87 -25.44 27.11
CA GLU D 150 18.57 -26.63 27.88
C GLU D 150 19.50 -27.78 27.47
N ASP D 151 19.96 -28.56 28.46
CA ASP D 151 20.87 -29.67 28.19
C ASP D 151 20.16 -31.01 28.02
N ASP D 152 19.11 -31.05 27.20
CA ASP D 152 18.37 -32.28 27.02
C ASP D 152 19.11 -33.26 26.11
N GLY D 153 20.18 -32.77 25.49
CA GLY D 153 20.96 -33.62 24.61
C GLY D 153 20.28 -33.86 23.28
N LYS D 154 19.32 -33.01 22.93
CA LYS D 154 18.62 -33.17 21.67
C LYS D 154 18.34 -31.85 20.99
N THR D 155 18.76 -30.75 21.60
CA THR D 155 18.53 -29.45 20.99
C THR D 155 19.81 -28.79 20.50
N VAL D 156 19.65 -27.96 19.46
CA VAL D 156 20.74 -27.20 18.87
C VAL D 156 20.24 -25.78 19.00
N ASP D 157 20.91 -24.96 19.81
CA ASP D 157 20.46 -23.61 20.03
C ASP D 157 21.62 -22.68 20.37
N GLY D 158 21.46 -21.40 20.02
CA GLY D 158 22.47 -20.41 20.29
C GLY D 158 21.85 -19.02 20.39
N PRO D 159 22.67 -17.98 20.54
CA PRO D 159 22.15 -16.62 20.64
C PRO D 159 21.43 -16.15 19.39
N ALA D 160 20.42 -15.31 19.58
CA ALA D 160 19.67 -14.74 18.47
C ALA D 160 20.38 -13.46 18.01
N ARG D 161 19.80 -12.80 17.00
CA ARG D 161 20.40 -11.59 16.45
C ARG D 161 20.95 -10.56 17.44
N LEU D 162 20.11 -10.03 18.31
CA LEU D 162 20.56 -9.03 19.27
C LEU D 162 21.70 -9.52 20.14
N ALA D 163 21.60 -10.74 20.62
CA ALA D 163 22.65 -11.30 21.48
C ALA D 163 23.96 -11.41 20.71
N GLU D 164 23.89 -11.85 19.45
CA GLU D 164 25.10 -11.95 18.65
C GLU D 164 25.69 -10.56 18.48
N GLU D 165 24.84 -9.60 18.13
CA GLU D 165 25.29 -8.24 17.95
C GLU D 165 25.94 -7.72 19.24
N ALA D 166 25.43 -8.17 20.38
CA ALA D 166 25.99 -7.76 21.66
C ALA D 166 27.39 -8.36 21.83
N PHE D 167 27.55 -9.62 21.47
CA PHE D 167 28.83 -10.30 21.56
C PHE D 167 29.84 -9.59 20.67
N PHE D 168 29.41 -9.30 19.44
CA PHE D 168 30.29 -8.64 18.48
C PHE D 168 30.68 -7.23 18.89
N ARG D 169 29.71 -6.43 19.33
CA ARG D 169 30.02 -5.07 19.77
C ARG D 169 30.96 -5.17 20.98
N GLY D 170 30.69 -6.14 21.85
CA GLY D 170 31.54 -6.34 23.02
C GLY D 170 33.01 -6.60 22.75
N VAL D 171 33.33 -7.55 21.88
CA VAL D 171 34.73 -7.85 21.59
C VAL D 171 35.37 -6.78 20.74
N SER D 172 34.55 -5.97 20.07
CA SER D 172 35.05 -4.91 19.19
C SER D 172 35.26 -3.60 19.91
N GLN D 173 34.25 -3.18 20.65
CA GLN D 173 34.29 -1.91 21.38
C GLN D 173 34.40 -1.96 22.88
N GLY D 174 34.07 -3.09 23.51
CA GLY D 174 34.16 -3.18 24.96
C GLY D 174 35.55 -2.87 25.48
N ARG D 175 35.65 -2.50 26.75
CA ARG D 175 36.95 -2.17 27.36
C ARG D 175 37.78 -1.28 26.43
N GLY D 176 37.17 -0.19 25.98
CA GLY D 176 37.87 0.73 25.10
C GLY D 176 38.54 0.11 23.91
N GLY D 177 37.93 -0.89 23.29
CA GLY D 177 38.52 -1.48 22.11
C GLY D 177 39.25 -2.80 22.33
N LEU D 178 39.66 -3.07 23.57
CA LEU D 178 40.37 -4.30 23.86
C LEU D 178 39.43 -5.51 23.80
N GLY D 179 38.13 -5.25 23.99
CA GLY D 179 37.13 -6.31 23.94
C GLY D 179 36.67 -6.90 25.27
N SER D 180 35.37 -7.04 25.44
CA SER D 180 34.81 -7.61 26.66
C SER D 180 35.22 -9.08 26.76
N ILE D 181 35.47 -9.55 27.98
CA ILE D 181 35.84 -10.95 28.20
C ILE D 181 34.56 -11.68 28.59
N PHE D 182 34.14 -12.64 27.78
CA PHE D 182 32.92 -13.41 28.05
C PHE D 182 33.27 -14.84 28.47
N VAL D 183 33.06 -15.15 29.75
CA VAL D 183 33.36 -16.48 30.29
C VAL D 183 32.06 -17.28 30.37
N TRP D 184 32.06 -18.47 29.79
CA TRP D 184 30.87 -19.32 29.76
C TRP D 184 31.03 -20.71 30.36
N ALA D 185 29.97 -21.23 30.98
CA ALA D 185 29.99 -22.59 31.54
C ALA D 185 29.61 -23.54 30.38
N SER D 186 30.41 -24.56 30.12
CA SER D 186 30.11 -25.45 29.00
C SER D 186 28.83 -26.30 29.06
N GLY D 187 28.25 -26.49 30.25
CA GLY D 187 27.01 -27.24 30.34
C GLY D 187 26.96 -28.44 31.28
N ASN D 188 25.74 -28.84 31.65
CA ASN D 188 25.53 -29.99 32.54
C ASN D 188 24.86 -31.18 31.85
N GLY D 189 24.85 -31.20 30.52
CA GLY D 189 24.20 -32.29 29.81
C GLY D 189 24.95 -33.61 29.71
N GLY D 190 25.96 -33.80 30.53
CA GLY D 190 26.72 -35.05 30.49
C GLY D 190 25.90 -36.32 30.54
N ARG D 191 24.93 -36.39 31.45
CA ARG D 191 24.12 -37.58 31.57
C ARG D 191 23.25 -37.84 30.36
N GLU D 192 22.95 -36.80 29.58
CA GLU D 192 22.10 -36.93 28.41
C GLU D 192 22.96 -37.04 27.16
N HIS D 193 24.27 -37.17 27.35
CA HIS D 193 25.22 -37.29 26.25
C HIS D 193 25.21 -36.05 25.39
N ASP D 194 24.97 -34.91 26.02
CA ASP D 194 24.92 -33.66 25.29
C ASP D 194 26.30 -33.27 24.76
N SER D 195 26.32 -32.45 23.70
CA SER D 195 27.56 -31.97 23.11
C SER D 195 27.57 -30.45 23.21
N CYS D 196 28.63 -29.87 23.79
CA CYS D 196 28.67 -28.43 23.92
C CYS D 196 28.95 -27.68 22.63
N ASN D 197 29.00 -28.39 21.52
CA ASN D 197 29.20 -27.75 20.22
C ASN D 197 27.83 -27.48 19.63
N CYS D 198 26.79 -27.99 20.30
CA CYS D 198 25.41 -27.79 19.88
C CYS D 198 24.82 -26.64 20.69
N ASP D 199 25.71 -25.90 21.34
CA ASP D 199 25.36 -24.76 22.17
C ASP D 199 26.08 -23.56 21.56
N GLY D 200 25.31 -22.68 20.93
CA GLY D 200 25.89 -21.51 20.29
C GLY D 200 26.65 -20.53 21.16
N TYR D 201 26.41 -20.56 22.48
CA TYR D 201 27.10 -19.63 23.36
C TYR D 201 28.50 -20.11 23.69
N THR D 202 28.61 -21.37 24.04
CA THR D 202 29.90 -21.95 24.38
C THR D 202 30.71 -22.11 23.10
N ASN D 203 30.04 -22.50 22.04
CA ASN D 203 30.63 -22.75 20.73
C ASN D 203 31.17 -21.48 20.03
N SER D 204 30.75 -20.32 20.52
CA SER D 204 31.17 -19.04 19.93
C SER D 204 32.65 -18.76 20.19
N ILE D 205 33.31 -18.09 19.25
CA ILE D 205 34.73 -17.78 19.45
C ILE D 205 34.88 -16.57 20.39
N TYR D 206 33.79 -15.86 20.64
CA TYR D 206 33.83 -14.69 21.52
C TYR D 206 33.78 -15.05 23.02
N THR D 207 33.49 -16.30 23.32
CA THR D 207 33.43 -16.73 24.70
C THR D 207 34.46 -17.81 25.04
N LEU D 208 34.94 -17.77 26.28
CA LEU D 208 35.89 -18.77 26.75
C LEU D 208 35.00 -19.80 27.43
N SER D 209 34.78 -20.93 26.78
CA SER D 209 33.95 -21.99 27.34
C SER D 209 34.79 -22.78 28.34
N ILE D 210 34.28 -22.92 29.57
CA ILE D 210 35.00 -23.61 30.65
C ILE D 210 34.33 -24.88 31.16
N SER D 211 35.07 -25.99 31.13
CA SER D 211 34.56 -27.27 31.62
C SER D 211 34.98 -27.53 33.06
N SER D 212 34.56 -28.68 33.60
CA SER D 212 34.85 -29.05 34.99
C SER D 212 35.67 -30.32 35.20
N ALA D 213 36.29 -30.40 36.38
CA ALA D 213 37.08 -31.56 36.77
C ALA D 213 36.77 -31.80 38.24
N THR D 214 36.63 -33.06 38.63
CA THR D 214 36.34 -33.39 40.03
C THR D 214 37.63 -33.27 40.84
N GLN D 215 37.49 -33.24 42.17
CA GLN D 215 38.63 -33.11 43.04
C GLN D 215 39.71 -34.17 42.77
N PHE D 216 39.32 -35.39 42.45
CA PHE D 216 40.31 -36.44 42.19
C PHE D 216 40.79 -36.43 40.75
N GLY D 217 40.42 -35.38 40.01
CA GLY D 217 40.86 -35.27 38.64
C GLY D 217 40.13 -36.08 37.59
N ASN D 218 38.82 -36.26 37.74
CA ASN D 218 38.05 -37.01 36.76
C ASN D 218 37.01 -36.16 36.07
N VAL D 219 36.46 -36.69 34.98
CA VAL D 219 35.43 -35.99 34.23
C VAL D 219 34.12 -36.21 34.98
N PRO D 220 33.54 -35.12 35.50
CA PRO D 220 32.27 -35.20 36.23
C PRO D 220 31.14 -35.85 35.41
N TRP D 221 30.14 -36.39 36.10
CA TRP D 221 29.01 -37.02 35.43
C TRP D 221 28.25 -36.04 34.56
N TYR D 222 28.22 -34.78 34.99
CA TYR D 222 27.49 -33.74 34.27
C TYR D 222 28.24 -33.11 33.10
N SER D 223 29.54 -33.38 33.00
CA SER D 223 30.39 -32.82 31.95
C SER D 223 29.98 -33.13 30.51
N GLU D 224 30.06 -32.12 29.64
CA GLU D 224 29.76 -32.29 28.22
C GLU D 224 31.08 -32.20 27.48
N ALA D 225 31.27 -33.01 26.46
CA ALA D 225 32.51 -32.94 25.69
C ALA D 225 32.26 -32.31 24.33
N CYS D 226 33.23 -31.56 23.84
CA CYS D 226 33.15 -30.92 22.53
C CYS D 226 34.50 -30.25 22.28
N SER D 227 34.76 -29.88 21.02
CA SER D 227 36.02 -29.26 20.65
C SER D 227 36.08 -27.76 20.87
N SER D 228 34.96 -27.13 21.23
CA SER D 228 34.93 -25.69 21.45
C SER D 228 35.40 -25.27 22.85
N THR D 229 35.41 -26.21 23.78
CA THR D 229 35.85 -25.89 25.13
C THR D 229 37.31 -25.49 25.12
N LEU D 230 37.65 -24.45 25.87
CA LEU D 230 39.01 -23.96 25.91
C LEU D 230 39.84 -24.43 27.10
N ALA D 231 39.26 -24.43 28.30
CA ALA D 231 40.00 -24.85 29.49
C ALA D 231 39.09 -25.40 30.58
N THR D 232 39.68 -25.77 31.72
CA THR D 232 38.93 -26.35 32.83
C THR D 232 39.26 -25.78 34.21
N THR D 233 38.29 -25.84 35.12
CA THR D 233 38.49 -25.42 36.51
C THR D 233 37.78 -26.49 37.33
N TYR D 234 38.18 -26.63 38.59
CA TYR D 234 37.58 -27.62 39.48
C TYR D 234 36.11 -27.35 39.81
N SER D 235 35.41 -28.41 40.16
CA SER D 235 34.01 -28.33 40.55
C SER D 235 33.63 -29.60 41.34
N SER D 236 32.35 -29.91 41.42
CA SER D 236 31.91 -31.07 42.19
C SER D 236 32.03 -32.38 41.41
N GLY D 237 31.98 -33.48 42.15
CA GLY D 237 32.07 -34.81 41.58
C GLY D 237 31.20 -35.75 42.39
N ASN D 238 31.77 -36.84 42.91
CA ASN D 238 30.98 -37.77 43.71
C ASN D 238 30.92 -37.30 45.16
N GLN D 239 30.22 -38.03 46.02
CA GLN D 239 30.09 -37.61 47.40
C GLN D 239 31.30 -37.79 48.30
N ASN D 240 32.42 -38.27 47.74
CA ASN D 240 33.64 -38.42 48.54
C ASN D 240 34.56 -37.27 48.17
N GLU D 241 34.20 -36.57 47.11
CA GLU D 241 34.95 -35.43 46.62
C GLU D 241 34.32 -34.14 47.13
N LYS D 242 35.16 -33.20 47.53
CA LYS D 242 34.68 -31.93 48.06
C LYS D 242 34.08 -31.08 46.95
N GLN D 243 33.30 -30.07 47.34
CA GLN D 243 32.66 -29.20 46.37
C GLN D 243 33.11 -27.75 46.48
N ILE D 244 32.31 -26.83 45.95
CA ILE D 244 32.69 -25.41 45.98
C ILE D 244 32.09 -24.64 47.13
N VAL D 245 32.95 -23.91 47.84
CA VAL D 245 32.54 -23.12 49.00
C VAL D 245 32.34 -21.67 48.57
N THR D 246 31.17 -21.12 48.84
CA THR D 246 30.89 -19.75 48.44
C THR D 246 29.71 -19.16 49.18
N THR D 247 29.38 -17.90 48.87
CA THR D 247 28.26 -17.19 49.47
C THR D 247 26.91 -17.72 49.01
N ASP D 248 25.97 -17.86 49.94
CA ASP D 248 24.65 -18.39 49.62
C ASP D 248 23.57 -17.37 49.98
N LEU D 249 22.41 -17.51 49.35
CA LEU D 249 21.27 -16.64 49.57
C LEU D 249 20.94 -16.53 51.06
N ARG D 250 20.34 -15.41 51.45
CA ARG D 250 19.97 -15.17 52.84
C ARG D 250 21.19 -15.07 53.74
N GLN D 251 22.23 -14.45 53.19
CA GLN D 251 23.47 -14.21 53.91
C GLN D 251 24.12 -15.41 54.56
N LYS D 252 23.97 -16.55 53.91
CA LYS D 252 24.56 -17.78 54.43
C LYS D 252 25.81 -18.14 53.65
N CYS D 253 26.43 -19.24 54.05
CA CYS D 253 27.65 -19.72 53.43
C CYS D 253 27.41 -21.18 53.06
N THR D 254 27.63 -21.53 51.80
CA THR D 254 27.43 -22.91 51.38
C THR D 254 28.73 -23.60 51.00
N GLU D 255 28.78 -24.90 51.24
CA GLU D 255 29.95 -25.70 50.92
C GLU D 255 29.56 -26.67 49.83
N SER D 256 28.38 -26.46 49.25
CA SER D 256 27.92 -27.36 48.21
C SER D 256 27.40 -26.71 46.93
N HIS D 257 28.21 -25.84 46.33
CA HIS D 257 27.85 -25.23 45.05
C HIS D 257 28.43 -26.24 44.08
N THR D 258 27.62 -26.70 43.12
CA THR D 258 28.08 -27.75 42.21
C THR D 258 27.87 -27.52 40.72
N GLY D 259 28.27 -28.54 39.95
CA GLY D 259 28.10 -28.50 38.50
C GLY D 259 28.92 -27.51 37.71
N THR D 260 28.64 -27.48 36.41
CA THR D 260 29.32 -26.60 35.47
C THR D 260 29.22 -25.14 35.93
N SER D 261 28.16 -24.83 36.68
CA SER D 261 27.92 -23.47 37.17
C SER D 261 29.06 -22.89 38.01
N ALA D 262 29.72 -23.76 38.76
CA ALA D 262 30.83 -23.32 39.62
C ALA D 262 32.16 -23.14 38.89
N SER D 263 32.31 -23.74 37.73
CA SER D 263 33.57 -23.61 37.02
C SER D 263 33.80 -22.27 36.34
N ALA D 264 32.80 -21.75 35.63
CA ALA D 264 32.95 -20.48 34.94
C ALA D 264 33.38 -19.33 35.87
N PRO D 265 32.71 -19.17 37.02
CA PRO D 265 33.06 -18.10 37.94
C PRO D 265 34.52 -18.13 38.38
N LEU D 266 35.07 -19.33 38.58
CA LEU D 266 36.46 -19.44 38.99
C LEU D 266 37.37 -18.96 37.86
N ALA D 267 37.01 -19.33 36.63
CA ALA D 267 37.76 -18.91 35.47
C ALA D 267 37.70 -17.37 35.37
N ALA D 268 36.51 -16.81 35.61
CA ALA D 268 36.32 -15.35 35.57
C ALA D 268 37.23 -14.68 36.58
N GLY D 269 37.32 -15.28 37.77
CA GLY D 269 38.16 -14.71 38.81
C GLY D 269 39.63 -14.73 38.43
N ILE D 270 40.08 -15.84 37.88
CA ILE D 270 41.47 -15.97 37.48
C ILE D 270 41.79 -14.99 36.34
N ILE D 271 40.83 -14.84 35.43
CA ILE D 271 41.01 -13.92 34.31
C ILE D 271 41.08 -12.49 34.86
N ALA D 272 40.39 -12.26 35.97
CA ALA D 272 40.38 -10.93 36.61
C ALA D 272 41.78 -10.64 37.14
N LEU D 273 42.41 -11.64 37.75
CA LEU D 273 43.77 -11.45 38.27
C LEU D 273 44.71 -11.18 37.11
N THR D 274 44.49 -11.87 35.99
CA THR D 274 45.33 -11.69 34.82
C THR D 274 45.20 -10.27 34.25
N LEU D 275 44.00 -9.72 34.25
CA LEU D 275 43.81 -8.36 33.73
C LEU D 275 44.50 -7.35 34.61
N GLU D 276 44.55 -7.61 35.92
CA GLU D 276 45.22 -6.68 36.81
C GLU D 276 46.71 -6.73 36.48
N ALA D 277 47.21 -7.92 36.16
CA ALA D 277 48.62 -8.08 35.85
C ALA D 277 48.96 -7.39 34.53
N ASN D 278 47.96 -7.20 33.68
CA ASN D 278 48.16 -6.52 32.39
C ASN D 278 46.81 -6.06 31.84
N LYS D 279 46.47 -4.81 32.13
CA LYS D 279 45.20 -4.25 31.69
C LYS D 279 45.07 -4.03 30.18
N ASN D 280 46.17 -4.17 29.45
CA ASN D 280 46.15 -3.96 28.01
C ASN D 280 45.94 -5.21 27.17
N LEU D 281 45.56 -6.31 27.82
CA LEU D 281 45.31 -7.56 27.11
C LEU D 281 44.00 -7.48 26.32
N THR D 282 44.00 -7.97 25.10
CA THR D 282 42.79 -7.95 24.28
C THR D 282 42.01 -9.23 24.57
N TRP D 283 40.78 -9.32 24.07
CA TRP D 283 39.98 -10.51 24.29
C TRP D 283 40.67 -11.72 23.68
N ARG D 284 41.44 -11.50 22.61
CA ARG D 284 42.15 -12.61 21.98
C ARG D 284 43.43 -12.92 22.76
N ASP D 285 44.09 -11.88 23.27
CA ASP D 285 45.31 -12.10 24.05
C ASP D 285 44.96 -13.04 25.21
N MET D 286 43.82 -12.78 25.84
CA MET D 286 43.36 -13.58 26.97
C MET D 286 43.20 -15.05 26.62
N GLN D 287 42.66 -15.34 25.44
CA GLN D 287 42.48 -16.74 25.05
C GLN D 287 43.83 -17.40 24.77
N HIS D 288 44.78 -16.61 24.28
CA HIS D 288 46.12 -17.11 24.01
C HIS D 288 46.80 -17.51 25.32
N LEU D 289 46.66 -16.68 26.33
CA LEU D 289 47.25 -16.95 27.64
C LEU D 289 46.70 -18.25 28.23
N VAL D 290 45.39 -18.49 28.07
CA VAL D 290 44.77 -19.71 28.60
C VAL D 290 45.30 -20.94 27.89
N VAL D 291 45.41 -20.87 26.58
CA VAL D 291 45.91 -22.00 25.81
C VAL D 291 47.33 -22.36 26.22
N GLN D 292 48.17 -21.35 26.35
CA GLN D 292 49.56 -21.55 26.70
C GLN D 292 49.87 -21.97 28.13
N THR D 293 49.07 -21.52 29.10
CA THR D 293 49.35 -21.85 30.49
C THR D 293 48.57 -22.97 31.13
N SER D 294 47.48 -23.40 30.50
CA SER D 294 46.66 -24.47 31.08
C SER D 294 47.41 -25.79 31.16
N LYS D 295 47.24 -26.48 32.29
CA LYS D 295 47.92 -27.75 32.55
C LYS D 295 47.06 -29.00 32.45
N PRO D 296 47.49 -29.98 31.63
CA PRO D 296 46.71 -31.22 31.49
C PRO D 296 46.99 -32.07 32.73
N ALA D 297 48.28 -32.29 32.99
CA ALA D 297 48.77 -33.10 34.10
C ALA D 297 47.84 -33.12 35.31
N HIS D 298 47.55 -34.33 35.77
CA HIS D 298 46.68 -34.59 36.91
C HIS D 298 45.26 -34.90 36.52
N LEU D 299 44.83 -34.39 35.36
CA LEU D 299 43.48 -34.62 34.86
C LEU D 299 43.39 -35.91 34.04
N ASN D 300 42.48 -36.81 34.43
CA ASN D 300 42.30 -38.07 33.72
C ASN D 300 41.24 -37.98 32.62
N ALA D 301 41.59 -38.44 31.44
CA ALA D 301 40.67 -38.43 30.32
C ALA D 301 41.09 -39.51 29.33
N ASN D 302 40.12 -40.12 28.68
CA ASN D 302 40.40 -41.17 27.73
C ASN D 302 40.80 -40.63 26.35
N ASP D 303 40.75 -39.31 26.16
CA ASP D 303 41.05 -38.75 24.85
C ASP D 303 42.15 -37.70 24.73
N TRP D 304 43.10 -37.69 25.67
CA TRP D 304 44.19 -36.72 25.58
C TRP D 304 44.95 -36.99 24.29
N ALA D 305 45.19 -35.95 23.51
CA ALA D 305 45.91 -36.11 22.25
C ALA D 305 46.81 -34.88 22.07
N THR D 306 47.95 -35.09 21.42
CA THR D 306 48.89 -34.01 21.19
C THR D 306 48.64 -33.37 19.81
N ASN D 307 48.35 -32.07 19.81
CA ASN D 307 48.09 -31.36 18.55
C ASN D 307 49.38 -31.05 17.80
N GLY D 308 49.23 -30.41 16.64
CA GLY D 308 50.37 -30.08 15.80
C GLY D 308 51.47 -29.26 16.44
N VAL D 309 51.19 -28.57 17.54
CA VAL D 309 52.22 -27.78 18.17
C VAL D 309 52.73 -28.35 19.48
N GLY D 310 52.43 -29.61 19.73
CA GLY D 310 52.92 -30.26 20.94
C GLY D 310 52.14 -30.09 22.22
N ARG D 311 50.92 -29.56 22.14
CA ARG D 311 50.11 -29.38 23.32
C ARG D 311 49.06 -30.48 23.45
N LYS D 312 48.78 -30.89 24.68
CA LYS D 312 47.79 -31.93 24.95
C LYS D 312 46.41 -31.29 25.04
N VAL D 313 45.43 -31.88 24.37
CA VAL D 313 44.07 -31.38 24.41
C VAL D 313 43.08 -32.54 24.54
N SER D 314 41.99 -32.27 25.25
CA SER D 314 40.93 -33.23 25.46
C SER D 314 39.58 -32.53 25.25
N HIS D 315 38.62 -33.24 24.70
CA HIS D 315 37.30 -32.67 24.46
C HIS D 315 36.54 -32.48 25.77
N SER D 316 37.10 -33.00 26.86
CA SER D 316 36.45 -32.89 28.16
C SER D 316 37.04 -31.75 28.98
N TYR D 317 38.29 -31.40 28.68
CA TYR D 317 39.00 -30.36 29.43
C TYR D 317 39.59 -29.20 28.61
N GLY D 318 39.63 -29.33 27.29
CA GLY D 318 40.23 -28.29 26.49
C GLY D 318 41.74 -28.43 26.69
N TYR D 319 42.43 -27.32 27.01
CA TYR D 319 43.88 -27.40 27.21
C TYR D 319 44.27 -27.80 28.63
N GLY D 320 43.28 -28.07 29.47
CA GLY D 320 43.59 -28.45 30.83
C GLY D 320 43.12 -27.50 31.90
N LEU D 321 43.65 -27.71 33.10
CA LEU D 321 43.33 -26.93 34.28
C LEU D 321 43.96 -25.55 34.22
N LEU D 322 43.23 -24.52 34.60
CA LEU D 322 43.80 -23.18 34.60
C LEU D 322 44.87 -23.07 35.68
N ASP D 323 45.87 -22.25 35.43
CA ASP D 323 46.98 -22.04 36.36
C ASP D 323 47.06 -20.53 36.61
N ALA D 324 46.44 -20.07 37.69
CA ALA D 324 46.45 -18.63 37.99
C ALA D 324 47.85 -18.06 38.05
N GLY D 325 48.75 -18.76 38.75
CA GLY D 325 50.12 -18.30 38.87
C GLY D 325 50.77 -18.11 37.50
N ALA D 326 50.65 -19.15 36.66
CA ALA D 326 51.21 -19.10 35.32
C ALA D 326 50.56 -17.99 34.48
N MET D 327 49.24 -17.81 34.64
CA MET D 327 48.50 -16.78 33.92
C MET D 327 49.03 -15.37 34.18
N VAL D 328 49.08 -14.96 35.45
CA VAL D 328 49.56 -13.62 35.76
C VAL D 328 51.04 -13.45 35.41
N ALA D 329 51.79 -14.55 35.48
CA ALA D 329 53.21 -14.51 35.17
C ALA D 329 53.41 -14.18 33.70
N LEU D 330 52.80 -14.98 32.83
CA LEU D 330 52.92 -14.78 31.39
C LEU D 330 52.30 -13.45 30.94
N ALA D 331 51.23 -13.05 31.60
CA ALA D 331 50.53 -11.82 31.26
C ALA D 331 51.43 -10.59 31.27
N GLN D 332 52.31 -10.51 32.27
CA GLN D 332 53.21 -9.38 32.43
C GLN D 332 54.13 -9.07 31.26
N ASN D 333 54.74 -10.11 30.68
CA ASN D 333 55.65 -9.89 29.56
C ASN D 333 54.96 -10.10 28.20
N TRP D 334 53.66 -10.29 28.20
CA TRP D 334 52.92 -10.53 26.97
C TRP D 334 52.83 -9.38 25.96
N THR D 335 53.16 -9.71 24.71
CA THR D 335 53.12 -8.77 23.59
C THR D 335 51.80 -8.98 22.83
N THR D 336 50.96 -7.94 22.79
CA THR D 336 49.68 -8.01 22.11
C THR D 336 49.79 -8.66 20.74
N VAL D 337 48.95 -9.66 20.48
CA VAL D 337 48.97 -10.36 19.21
C VAL D 337 48.58 -9.47 18.05
N ALA D 338 48.98 -9.87 16.84
CA ALA D 338 48.67 -9.12 15.63
C ALA D 338 47.17 -9.12 15.34
N PRO D 339 46.71 -8.19 14.48
CA PRO D 339 45.30 -8.07 14.13
C PRO D 339 44.74 -9.41 13.64
N GLN D 340 43.51 -9.70 14.04
CA GLN D 340 42.86 -10.94 13.67
C GLN D 340 42.51 -11.02 12.19
N ARG D 341 42.95 -12.09 11.55
CA ARG D 341 42.65 -12.31 10.14
C ARG D 341 41.61 -13.41 10.05
N LYS D 342 40.81 -13.38 8.99
CA LYS D 342 39.77 -14.37 8.78
C LYS D 342 39.85 -14.88 7.36
N CYS D 343 39.96 -16.19 7.20
CA CYS D 343 40.06 -16.77 5.86
C CYS D 343 38.92 -17.74 5.64
N ILE D 344 38.05 -17.41 4.69
CA ILE D 344 36.89 -18.23 4.37
C ILE D 344 37.14 -19.15 3.16
N ILE D 345 36.87 -20.44 3.34
CA ILE D 345 37.09 -21.42 2.29
C ILE D 345 35.88 -22.35 2.10
N ASP D 346 35.11 -22.12 1.05
CA ASP D 346 33.96 -22.98 0.78
C ASP D 346 34.52 -24.24 0.10
N ILE D 347 34.25 -25.41 0.69
CA ILE D 347 34.81 -26.66 0.17
C ILE D 347 34.04 -27.42 -0.92
N LEU D 348 32.74 -27.61 -0.74
CA LEU D 348 31.95 -28.37 -1.72
C LEU D 348 31.66 -27.73 -3.08
N THR D 349 31.78 -28.55 -4.12
CA THR D 349 31.50 -28.12 -5.50
C THR D 349 30.21 -28.82 -5.91
N GLU D 350 29.68 -29.65 -5.02
CA GLU D 350 28.45 -30.39 -5.28
C GLU D 350 28.00 -31.09 -4.01
N PRO D 351 26.68 -31.34 -3.87
CA PRO D 351 26.17 -32.00 -2.67
C PRO D 351 26.86 -33.34 -2.54
N LYS D 352 26.89 -33.90 -1.32
CA LYS D 352 27.53 -35.20 -1.08
C LYS D 352 26.57 -36.07 -0.29
N ASP D 353 26.46 -37.33 -0.68
CA ASP D 353 25.57 -38.24 0.03
C ASP D 353 26.30 -38.72 1.27
N ILE D 354 25.60 -38.75 2.40
CA ILE D 354 26.21 -39.19 3.65
C ILE D 354 26.29 -40.71 3.79
N GLY D 355 25.15 -41.37 3.66
CA GLY D 355 25.15 -42.82 3.77
C GLY D 355 25.72 -43.30 5.11
N LYS D 356 26.55 -44.33 5.05
CA LYS D 356 27.14 -44.91 6.26
C LYS D 356 28.32 -44.08 6.71
N ARG D 357 29.05 -43.54 5.75
CA ARG D 357 30.22 -42.72 6.07
C ARG D 357 30.56 -41.83 4.88
N LEU D 358 30.97 -40.61 5.18
CA LEU D 358 31.36 -39.65 4.15
C LEU D 358 32.67 -39.02 4.54
N GLU D 359 33.56 -38.89 3.57
CA GLU D 359 34.85 -38.27 3.83
C GLU D 359 35.09 -37.19 2.79
N VAL D 360 35.48 -36.00 3.24
CA VAL D 360 35.73 -34.90 2.33
C VAL D 360 37.12 -34.36 2.60
N ARG D 361 37.96 -34.42 1.57
CA ARG D 361 39.33 -33.94 1.69
C ARG D 361 39.48 -32.65 0.90
N LYS D 362 40.43 -31.82 1.30
CA LYS D 362 40.64 -30.57 0.61
C LYS D 362 41.95 -29.95 1.05
N THR D 363 42.78 -29.61 0.08
CA THR D 363 44.04 -28.97 0.40
C THR D 363 43.79 -27.49 0.24
N VAL D 364 44.09 -26.73 1.29
CA VAL D 364 43.88 -25.29 1.27
C VAL D 364 45.21 -24.57 1.41
N THR D 365 45.23 -23.32 0.97
CA THR D 365 46.44 -22.54 1.05
C THR D 365 46.30 -21.51 2.15
N ALA D 366 45.17 -21.56 2.84
CA ALA D 366 44.88 -20.64 3.94
C ALA D 366 45.07 -19.18 3.52
N CYS D 367 44.54 -18.85 2.34
CA CYS D 367 44.59 -17.48 1.83
C CYS D 367 46.01 -16.96 1.56
N LEU D 368 46.87 -17.84 1.05
CA LEU D 368 48.24 -17.48 0.73
C LEU D 368 48.20 -16.33 -0.27
N GLY D 369 49.09 -15.36 -0.08
CA GLY D 369 49.15 -14.24 -1.01
C GLY D 369 48.08 -13.17 -0.82
N GLU D 370 47.17 -13.39 0.11
CA GLU D 370 46.12 -12.41 0.37
C GLU D 370 46.37 -11.73 1.71
N PRO D 371 45.68 -10.60 1.98
CA PRO D 371 45.83 -9.84 3.22
C PRO D 371 45.43 -10.63 4.46
N ASN D 372 44.59 -11.64 4.26
CA ASN D 372 44.15 -12.47 5.37
C ASN D 372 44.77 -13.86 5.37
N HIS D 373 46.00 -13.94 4.89
CA HIS D 373 46.76 -15.18 4.86
C HIS D 373 47.01 -15.56 6.32
N ILE D 374 46.80 -16.83 6.66
CA ILE D 374 47.00 -17.28 8.04
C ILE D 374 48.03 -18.38 8.17
N THR D 375 49.01 -18.18 9.05
CA THR D 375 50.04 -19.19 9.26
C THR D 375 49.99 -19.70 10.69
N ARG D 376 49.38 -18.90 11.55
CA ARG D 376 49.24 -19.23 12.96
C ARG D 376 47.72 -19.23 13.24
N LEU D 377 47.14 -20.41 13.36
CA LEU D 377 45.70 -20.53 13.59
C LEU D 377 45.25 -20.23 15.01
N GLU D 378 44.00 -19.79 15.13
CA GLU D 378 43.37 -19.54 16.43
C GLU D 378 42.12 -20.40 16.40
N HIS D 379 40.94 -19.80 16.28
CA HIS D 379 39.74 -20.62 16.23
C HIS D 379 39.55 -21.11 14.80
N ALA D 380 38.81 -22.20 14.64
CA ALA D 380 38.51 -22.72 13.31
C ALA D 380 37.06 -23.19 13.36
N GLN D 381 36.28 -22.82 12.34
CA GLN D 381 34.89 -23.24 12.27
C GLN D 381 34.67 -24.08 11.04
N ALA D 382 33.78 -25.05 11.15
CA ALA D 382 33.40 -25.90 10.03
C ALA D 382 31.90 -25.68 9.95
N ARG D 383 31.48 -24.73 9.12
CA ARG D 383 30.06 -24.44 8.97
C ARG D 383 29.45 -25.49 8.08
N LEU D 384 28.58 -26.32 8.65
CA LEU D 384 27.95 -27.39 7.88
C LEU D 384 26.44 -27.21 7.70
N THR D 385 25.96 -27.65 6.55
CA THR D 385 24.54 -27.62 6.26
C THR D 385 24.23 -29.00 5.71
N LEU D 386 23.44 -29.77 6.44
CA LEU D 386 23.13 -31.12 6.00
C LEU D 386 21.75 -31.57 6.42
N SER D 387 21.26 -32.62 5.78
CA SER D 387 19.95 -33.17 6.11
C SER D 387 20.20 -34.61 6.54
N TYR D 388 19.41 -35.09 7.50
CA TYR D 388 19.58 -36.45 7.98
C TYR D 388 18.28 -36.85 8.67
N ASN D 389 17.97 -38.15 8.63
CA ASN D 389 16.74 -38.65 9.25
C ASN D 389 16.83 -38.73 10.78
N ARG D 390 18.03 -39.00 11.30
CA ARG D 390 18.20 -39.08 12.75
C ARG D 390 19.52 -38.43 13.14
N ARG D 391 19.46 -37.12 13.41
CA ARG D 391 20.63 -36.34 13.75
C ARG D 391 21.57 -36.92 14.82
N GLY D 392 20.98 -37.39 15.91
CA GLY D 392 21.79 -37.94 16.99
C GLY D 392 22.69 -39.12 16.64
N ASP D 393 22.43 -39.78 15.52
CA ASP D 393 23.25 -40.93 15.13
C ASP D 393 24.54 -40.49 14.43
N LEU D 394 24.61 -39.21 14.07
CA LEU D 394 25.78 -38.68 13.38
C LEU D 394 26.95 -38.42 14.31
N ALA D 395 28.15 -38.48 13.74
CA ALA D 395 29.39 -38.20 14.47
C ALA D 395 30.23 -37.49 13.43
N ILE D 396 30.72 -36.31 13.76
CA ILE D 396 31.50 -35.54 12.81
C ILE D 396 32.88 -35.22 13.35
N HIS D 397 33.89 -35.37 12.48
CA HIS D 397 35.28 -35.12 12.86
C HIS D 397 35.99 -34.24 11.83
N LEU D 398 36.92 -33.44 12.31
CA LEU D 398 37.68 -32.54 11.46
C LEU D 398 39.14 -32.77 11.74
N VAL D 399 39.91 -33.13 10.71
CA VAL D 399 41.34 -33.38 10.90
C VAL D 399 42.17 -32.27 10.23
N SER D 400 43.00 -31.59 11.02
CA SER D 400 43.82 -30.53 10.49
C SER D 400 45.01 -31.09 9.71
N PRO D 401 45.62 -30.26 8.85
CA PRO D 401 46.77 -30.71 8.07
C PRO D 401 47.85 -31.33 8.96
N MET D 402 47.99 -30.80 10.16
CA MET D 402 49.01 -31.32 11.07
C MET D 402 48.53 -32.52 11.88
N GLY D 403 47.46 -33.16 11.40
CA GLY D 403 46.95 -34.36 12.04
C GLY D 403 46.10 -34.26 13.30
N THR D 404 45.73 -33.04 13.71
CA THR D 404 44.91 -32.89 14.90
C THR D 404 43.46 -33.23 14.56
N ARG D 405 42.92 -34.19 15.30
CA ARG D 405 41.57 -34.65 15.06
C ARG D 405 40.53 -34.07 16.04
N SER D 406 39.77 -33.10 15.57
CA SER D 406 38.74 -32.49 16.39
C SER D 406 37.38 -33.13 16.17
N THR D 407 36.73 -33.58 17.24
CA THR D 407 35.42 -34.16 17.09
C THR D 407 34.41 -33.02 17.24
N LEU D 408 33.88 -32.57 16.11
CA LEU D 408 32.93 -31.48 16.08
C LEU D 408 31.61 -31.91 16.70
N LEU D 409 31.24 -33.17 16.51
CA LEU D 409 29.98 -33.67 17.05
C LEU D 409 30.03 -35.16 17.35
N ALA D 410 29.74 -35.52 18.60
CA ALA D 410 29.71 -36.92 18.97
C ALA D 410 28.25 -37.36 18.94
N ALA D 411 28.02 -38.66 18.90
CA ALA D 411 26.66 -39.17 18.87
C ALA D 411 25.86 -38.67 20.08
N ARG D 412 24.60 -38.32 19.84
CA ARG D 412 23.69 -37.88 20.89
C ARG D 412 22.47 -38.77 20.77
N PRO D 413 22.47 -39.91 21.48
CA PRO D 413 21.37 -40.87 21.46
C PRO D 413 19.96 -40.33 21.61
N HIS D 414 19.80 -39.23 22.34
CA HIS D 414 18.46 -38.66 22.54
C HIS D 414 18.00 -37.72 21.41
N ASP D 415 18.93 -37.35 20.53
CA ASP D 415 18.58 -36.45 19.44
C ASP D 415 17.99 -37.21 18.26
N TYR D 416 16.66 -37.20 18.17
CA TYR D 416 15.95 -37.90 17.11
C TYR D 416 15.43 -36.92 16.04
N SER D 417 15.92 -35.69 16.10
CA SER D 417 15.52 -34.66 15.15
C SER D 417 15.79 -35.07 13.70
N ALA D 418 14.95 -34.58 12.80
CA ALA D 418 15.10 -34.86 11.39
C ALA D 418 15.37 -33.55 10.68
N ASP D 419 15.68 -32.51 11.45
CA ASP D 419 15.94 -31.20 10.86
C ASP D 419 17.39 -30.95 10.46
N GLY D 420 18.27 -31.92 10.71
CA GLY D 420 19.67 -31.75 10.35
C GLY D 420 20.34 -30.50 10.94
N PHE D 421 21.28 -29.94 10.19
CA PHE D 421 22.00 -28.74 10.60
C PHE D 421 21.92 -27.72 9.49
N ASN D 422 21.48 -26.51 9.83
CA ASN D 422 21.36 -25.44 8.85
C ASN D 422 22.44 -24.37 9.09
N ASP D 423 23.56 -24.52 8.37
CA ASP D 423 24.70 -23.63 8.48
C ASP D 423 25.14 -23.48 9.93
N TRP D 424 25.31 -24.59 10.63
CA TRP D 424 25.77 -24.58 12.01
C TRP D 424 27.30 -24.49 12.04
N ALA D 425 27.83 -23.56 12.80
CA ALA D 425 29.29 -23.37 12.86
C ALA D 425 30.03 -24.14 13.95
N PHE D 426 30.28 -25.43 13.72
CA PHE D 426 31.03 -26.23 14.68
C PHE D 426 32.42 -25.59 14.85
N MET D 427 32.80 -25.32 16.09
CA MET D 427 34.07 -24.67 16.36
C MET D 427 35.05 -25.56 17.14
N THR D 428 36.33 -25.43 16.83
CA THR D 428 37.36 -26.20 17.53
C THR D 428 38.51 -25.30 17.92
N THR D 429 39.06 -25.55 19.10
CA THR D 429 40.19 -24.78 19.61
C THR D 429 41.42 -25.65 19.69
N HIS D 430 41.28 -26.89 19.23
CA HIS D 430 42.39 -27.85 19.29
C HIS D 430 43.57 -27.66 18.35
N SER D 431 43.38 -26.93 17.24
CA SER D 431 44.47 -26.69 16.31
C SER D 431 45.05 -25.30 16.50
N TRP D 432 44.84 -24.73 17.67
CA TRP D 432 45.33 -23.42 18.01
C TRP D 432 46.85 -23.35 17.80
N ASP D 433 47.31 -22.33 17.09
CA ASP D 433 48.72 -22.10 16.78
C ASP D 433 49.32 -22.97 15.67
N GLU D 434 48.53 -23.88 15.11
CA GLU D 434 49.00 -24.73 14.03
C GLU D 434 49.03 -23.95 12.71
N ASP D 435 49.73 -24.48 11.71
CA ASP D 435 49.75 -23.85 10.39
C ASP D 435 48.55 -24.50 9.73
N PRO D 436 47.55 -23.71 9.35
CA PRO D 436 46.33 -24.25 8.72
C PRO D 436 46.42 -24.72 7.27
N SER D 437 47.50 -24.38 6.56
CA SER D 437 47.59 -24.79 5.17
C SER D 437 47.86 -26.29 5.06
N GLY D 438 47.32 -26.90 4.02
CA GLY D 438 47.50 -28.31 3.81
C GLY D 438 46.17 -28.98 3.59
N GLU D 439 46.13 -30.30 3.79
CA GLU D 439 44.92 -31.06 3.60
C GLU D 439 44.06 -31.16 4.87
N TRP D 440 42.81 -30.70 4.77
CA TRP D 440 41.88 -30.79 5.87
C TRP D 440 40.94 -31.92 5.51
N VAL D 441 40.48 -32.67 6.51
CA VAL D 441 39.58 -33.79 6.25
C VAL D 441 38.36 -33.76 7.16
N LEU D 442 37.18 -33.81 6.55
CA LEU D 442 35.94 -33.82 7.31
C LEU D 442 35.39 -35.23 7.27
N GLU D 443 34.99 -35.75 8.44
CA GLU D 443 34.46 -37.10 8.51
C GLU D 443 33.07 -37.11 9.12
N ILE D 444 32.11 -37.64 8.38
CA ILE D 444 30.75 -37.75 8.88
C ILE D 444 30.42 -39.24 8.84
N GLU D 445 29.99 -39.79 9.97
CA GLU D 445 29.71 -41.22 10.02
C GLU D 445 28.44 -41.52 10.77
N ASN D 446 27.78 -42.60 10.38
CA ASN D 446 26.57 -43.06 11.03
C ASN D 446 27.04 -44.03 12.10
N THR D 447 26.94 -43.61 13.37
CA THR D 447 27.38 -44.44 14.47
C THR D 447 26.38 -45.51 14.88
N SER D 448 25.32 -45.65 14.09
CA SER D 448 24.28 -46.63 14.37
C SER D 448 24.20 -47.72 13.31
N GLU D 449 23.54 -48.82 13.64
CA GLU D 449 23.38 -49.93 12.71
C GLU D 449 22.19 -49.64 11.80
N ALA D 450 21.36 -48.68 12.19
CA ALA D 450 20.18 -48.31 11.42
C ALA D 450 20.57 -47.79 10.04
N ASN D 451 19.71 -48.02 9.06
CA ASN D 451 19.97 -47.56 7.71
C ASN D 451 19.51 -46.10 7.58
N ASN D 452 20.36 -45.17 8.02
CA ASN D 452 20.03 -43.75 7.95
C ASN D 452 20.45 -43.18 6.60
N TYR D 453 19.91 -42.01 6.29
CA TYR D 453 20.20 -41.36 5.02
C TYR D 453 20.21 -39.84 5.13
N GLY D 454 21.00 -39.18 4.27
CA GLY D 454 21.07 -37.74 4.30
C GLY D 454 22.05 -37.18 3.29
N THR D 455 22.09 -35.86 3.20
CA THR D 455 23.00 -35.19 2.27
C THR D 455 23.70 -33.99 2.88
N LEU D 456 24.99 -33.86 2.60
CA LEU D 456 25.78 -32.74 3.07
C LEU D 456 25.75 -31.76 1.90
N THR D 457 25.17 -30.58 2.10
CA THR D 457 25.09 -29.61 1.02
C THR D 457 26.05 -28.45 1.14
N LYS D 458 26.61 -28.23 2.32
CA LYS D 458 27.54 -27.13 2.49
C LYS D 458 28.55 -27.41 3.59
N PHE D 459 29.80 -27.11 3.29
CA PHE D 459 30.90 -27.29 4.23
C PHE D 459 31.87 -26.14 4.00
N THR D 460 31.75 -25.09 4.80
CA THR D 460 32.60 -23.93 4.69
C THR D 460 33.59 -23.94 5.85
N LEU D 461 34.88 -23.84 5.52
CA LEU D 461 35.91 -23.82 6.54
C LEU D 461 36.28 -22.36 6.81
N VAL D 462 36.24 -21.94 8.07
CA VAL D 462 36.57 -20.57 8.39
C VAL D 462 37.74 -20.56 9.36
N LEU D 463 38.83 -19.94 8.92
CA LEU D 463 40.03 -19.88 9.74
C LEU D 463 40.25 -18.48 10.31
N TYR D 464 40.55 -18.41 11.60
CA TYR D 464 40.84 -17.15 12.26
C TYR D 464 42.30 -17.26 12.70
N GLY D 465 43.02 -16.13 12.71
CA GLY D 465 44.40 -16.20 13.12
C GLY D 465 45.29 -15.09 12.64
N THR D 466 46.60 -15.32 12.71
CA THR D 466 47.60 -14.35 12.30
C THR D 466 48.60 -14.94 11.30
N ALA D 467 49.60 -14.14 10.94
CA ALA D 467 50.62 -14.57 9.99
C ALA D 467 52.01 -14.14 10.45
N TYR E 3 -27.87 -29.21 -85.10
CA TYR E 3 -26.47 -28.78 -84.74
C TYR E 3 -25.45 -29.25 -85.79
N GLN E 4 -24.42 -28.43 -86.03
CA GLN E 4 -23.38 -28.76 -87.02
C GLN E 4 -21.99 -28.92 -86.40
N GLU E 5 -21.47 -30.15 -86.41
CA GLU E 5 -20.13 -30.42 -85.86
C GLU E 5 -19.09 -29.71 -86.74
N PRO E 6 -17.98 -29.24 -86.13
CA PRO E 6 -16.88 -28.52 -86.79
C PRO E 6 -16.43 -29.11 -88.11
N THR E 7 -16.09 -28.23 -89.05
CA THR E 7 -15.63 -28.67 -90.36
C THR E 7 -14.12 -28.53 -90.50
N ASP E 8 -13.45 -28.09 -89.43
CA ASP E 8 -12.01 -27.92 -89.46
C ASP E 8 -11.30 -29.17 -89.95
N PRO E 9 -10.23 -28.99 -90.75
CA PRO E 9 -9.47 -30.12 -91.30
C PRO E 9 -8.97 -31.14 -90.30
N LYS E 10 -8.53 -30.68 -89.13
CA LYS E 10 -8.03 -31.59 -88.12
C LYS E 10 -9.03 -32.09 -87.07
N PHE E 11 -10.26 -31.60 -87.10
CA PHE E 11 -11.25 -32.03 -86.11
C PHE E 11 -11.40 -33.54 -86.04
N PRO E 12 -11.43 -34.23 -87.19
CA PRO E 12 -11.57 -35.69 -87.19
C PRO E 12 -10.47 -36.38 -86.40
N GLN E 13 -9.33 -35.73 -86.26
CA GLN E 13 -8.22 -36.32 -85.51
C GLN E 13 -8.26 -35.98 -84.02
N GLN E 14 -9.23 -35.17 -83.62
CA GLN E 14 -9.36 -34.81 -82.22
C GLN E 14 -10.25 -35.83 -81.51
N TRP E 15 -9.77 -37.06 -81.50
CA TRP E 15 -10.45 -38.20 -80.91
C TRP E 15 -11.03 -37.98 -79.52
N TYR E 16 -10.34 -37.18 -78.72
CA TYR E 16 -10.77 -36.91 -77.35
C TYR E 16 -12.01 -36.01 -77.21
N LEU E 17 -12.31 -35.23 -78.25
CA LEU E 17 -13.45 -34.34 -78.23
C LEU E 17 -14.73 -35.07 -78.61
N SER E 18 -14.66 -35.82 -79.70
CA SER E 18 -15.81 -36.58 -80.18
C SER E 18 -15.32 -37.82 -80.93
N GLY E 19 -15.92 -38.97 -80.62
CA GLY E 19 -15.53 -40.20 -81.27
C GLY E 19 -16.59 -41.28 -81.20
N VAL E 20 -16.66 -42.10 -82.25
CA VAL E 20 -17.61 -43.21 -82.33
C VAL E 20 -17.38 -44.12 -81.11
N THR E 21 -16.10 -44.42 -80.87
CA THR E 21 -15.67 -45.30 -79.78
C THR E 21 -16.22 -44.97 -78.39
N GLN E 22 -17.01 -43.90 -78.28
CA GLN E 22 -17.61 -43.51 -76.98
C GLN E 22 -16.56 -43.40 -75.85
N ARG E 23 -15.30 -43.26 -76.23
CA ARG E 23 -14.19 -43.11 -75.28
C ARG E 23 -13.63 -41.70 -75.50
N ASP E 24 -14.40 -40.69 -75.10
CA ASP E 24 -14.02 -39.29 -75.25
C ASP E 24 -14.53 -38.43 -74.09
N LEU E 25 -14.28 -37.12 -74.17
CA LEU E 25 -14.70 -36.20 -73.11
C LEU E 25 -16.14 -35.73 -73.27
N ASN E 26 -16.85 -36.31 -74.24
CA ASN E 26 -18.25 -35.97 -74.49
C ASN E 26 -18.49 -34.47 -74.64
N VAL E 27 -17.64 -33.83 -75.42
CA VAL E 27 -17.73 -32.40 -75.64
C VAL E 27 -18.80 -32.02 -76.67
N LYS E 28 -18.95 -32.85 -77.70
CA LYS E 28 -19.94 -32.58 -78.73
C LYS E 28 -21.34 -32.53 -78.11
N ALA E 29 -21.58 -33.38 -77.11
CA ALA E 29 -22.86 -33.41 -76.43
C ALA E 29 -23.15 -32.05 -75.78
N ALA E 30 -22.11 -31.35 -75.33
CA ALA E 30 -22.27 -30.04 -74.71
C ALA E 30 -22.53 -28.99 -75.78
N TRP E 31 -21.83 -29.10 -76.90
CA TRP E 31 -22.02 -28.17 -78.00
C TRP E 31 -23.46 -28.25 -78.47
N ALA E 32 -23.95 -29.49 -78.57
CA ALA E 32 -25.32 -29.75 -79.01
C ALA E 32 -26.33 -29.09 -78.09
N GLN E 33 -26.02 -29.02 -76.81
CA GLN E 33 -26.93 -28.38 -75.86
C GLN E 33 -26.83 -26.86 -75.98
N GLY E 34 -25.98 -26.40 -76.91
CA GLY E 34 -25.85 -24.98 -77.15
C GLY E 34 -24.74 -24.24 -76.42
N TYR E 35 -23.76 -24.98 -75.90
CA TYR E 35 -22.67 -24.32 -75.18
C TYR E 35 -21.33 -24.44 -75.90
N THR E 36 -20.70 -23.30 -76.13
CA THR E 36 -19.42 -23.24 -76.82
C THR E 36 -18.42 -22.29 -76.18
N GLY E 37 -18.77 -21.77 -75.00
CA GLY E 37 -17.88 -20.87 -74.30
C GLY E 37 -18.11 -19.39 -74.54
N HIS E 38 -19.16 -19.06 -75.28
CA HIS E 38 -19.46 -17.67 -75.56
C HIS E 38 -19.56 -16.84 -74.29
N GLY E 39 -18.86 -15.71 -74.27
CA GLY E 39 -18.92 -14.84 -73.10
C GLY E 39 -17.99 -15.21 -71.95
N ILE E 40 -17.23 -16.29 -72.09
CA ILE E 40 -16.32 -16.70 -71.02
C ILE E 40 -14.88 -16.35 -71.38
N VAL E 41 -14.13 -15.86 -70.40
CA VAL E 41 -12.73 -15.48 -70.60
C VAL E 41 -11.77 -16.46 -69.92
N VAL E 42 -10.84 -17.03 -70.69
CA VAL E 42 -9.86 -17.97 -70.16
C VAL E 42 -8.46 -17.44 -70.42
N SER E 43 -7.58 -17.53 -69.43
CA SER E 43 -6.23 -17.06 -69.60
C SER E 43 -5.24 -18.21 -69.36
N ILE E 44 -4.26 -18.34 -70.25
CA ILE E 44 -3.24 -19.38 -70.16
C ILE E 44 -1.97 -18.78 -69.56
N LEU E 45 -1.64 -19.18 -68.34
CA LEU E 45 -0.43 -18.70 -67.67
C LEU E 45 0.69 -19.63 -68.11
N ASP E 46 1.49 -19.17 -69.06
CA ASP E 46 2.56 -20.01 -69.58
C ASP E 46 3.76 -19.22 -70.12
N ASP E 47 4.35 -19.70 -71.21
CA ASP E 47 5.51 -19.05 -71.81
C ASP E 47 5.13 -18.12 -72.94
N GLY E 48 3.85 -17.73 -72.95
CA GLY E 48 3.38 -16.81 -73.98
C GLY E 48 2.29 -17.38 -74.85
N ILE E 49 1.75 -16.55 -75.73
CA ILE E 49 0.69 -16.95 -76.64
C ILE E 49 0.84 -16.22 -77.97
N GLU E 50 0.80 -16.98 -79.07
CA GLU E 50 0.94 -16.40 -80.40
C GLU E 50 -0.43 -15.83 -80.78
N LYS E 51 -0.72 -14.64 -80.27
CA LYS E 51 -2.02 -14.00 -80.52
C LYS E 51 -2.41 -13.84 -81.98
N ASN E 52 -1.43 -13.85 -82.89
CA ASN E 52 -1.72 -13.68 -84.31
C ASN E 52 -1.86 -15.01 -85.04
N HIS E 53 -1.83 -16.11 -84.30
CA HIS E 53 -1.96 -17.42 -84.92
C HIS E 53 -3.33 -17.47 -85.61
N PRO E 54 -3.37 -17.96 -86.86
CA PRO E 54 -4.64 -18.03 -87.60
C PRO E 54 -5.79 -18.76 -86.91
N ASP E 55 -5.49 -19.64 -85.97
CA ASP E 55 -6.56 -20.35 -85.27
C ASP E 55 -6.81 -19.79 -83.87
N LEU E 56 -6.16 -18.67 -83.54
CA LEU E 56 -6.33 -18.03 -82.23
C LEU E 56 -6.77 -16.56 -82.30
N ALA E 57 -6.26 -15.84 -83.30
CA ALA E 57 -6.57 -14.42 -83.44
C ALA E 57 -8.04 -14.09 -83.26
N GLY E 58 -8.91 -14.86 -83.91
CA GLY E 58 -10.33 -14.61 -83.79
C GLY E 58 -10.87 -14.58 -82.37
N ASN E 59 -10.23 -15.30 -81.46
CA ASN E 59 -10.69 -15.33 -80.07
C ASN E 59 -9.75 -14.65 -79.09
N TYR E 60 -8.58 -14.24 -79.55
CA TYR E 60 -7.62 -13.58 -78.67
C TYR E 60 -8.23 -12.39 -77.94
N ASP E 61 -7.93 -12.29 -76.65
CA ASP E 61 -8.44 -11.20 -75.81
C ASP E 61 -7.28 -10.52 -75.09
N PRO E 62 -6.97 -9.27 -75.48
CA PRO E 62 -5.88 -8.50 -74.87
C PRO E 62 -6.11 -8.29 -73.39
N GLY E 63 -7.38 -8.14 -73.01
CA GLY E 63 -7.74 -7.93 -71.62
C GLY E 63 -7.43 -9.09 -70.68
N ALA E 64 -7.18 -10.26 -71.26
CA ALA E 64 -6.86 -11.45 -70.50
C ALA E 64 -5.39 -11.82 -70.69
N SER E 65 -4.61 -10.89 -71.24
CA SER E 65 -3.20 -11.15 -71.49
C SER E 65 -2.27 -10.12 -70.88
N PHE E 66 -0.99 -10.48 -70.80
CA PHE E 66 0.05 -9.61 -70.27
C PHE E 66 1.39 -10.33 -70.31
N ASP E 67 2.47 -9.55 -70.32
CA ASP E 67 3.81 -10.11 -70.34
C ASP E 67 4.49 -9.73 -69.02
N VAL E 68 4.46 -10.63 -68.06
CA VAL E 68 5.07 -10.38 -66.75
C VAL E 68 6.58 -10.50 -66.82
N ASN E 69 7.07 -11.32 -67.75
CA ASN E 69 8.51 -11.53 -67.91
C ASN E 69 9.22 -10.25 -68.35
N ASP E 70 8.66 -9.55 -69.34
CA ASP E 70 9.27 -8.32 -69.83
C ASP E 70 8.49 -7.07 -69.47
N GLN E 71 7.52 -7.22 -68.58
CA GLN E 71 6.73 -6.07 -68.13
C GLN E 71 6.08 -5.25 -69.23
N ASP E 72 5.25 -5.87 -70.06
CA ASP E 72 4.51 -5.14 -71.11
C ASP E 72 3.22 -5.90 -71.36
N PRO E 73 2.25 -5.27 -72.04
CA PRO E 73 1.00 -5.98 -72.28
C PRO E 73 0.96 -6.99 -73.43
N ASP E 74 2.06 -7.11 -74.17
CA ASP E 74 2.11 -8.04 -75.31
C ASP E 74 2.71 -9.39 -74.90
N PRO E 75 1.88 -10.45 -74.90
CA PRO E 75 2.28 -11.80 -74.54
C PRO E 75 2.89 -12.64 -75.66
N GLN E 76 3.23 -12.00 -76.79
CA GLN E 76 3.83 -12.71 -77.92
C GLN E 76 5.05 -13.52 -77.47
N PRO E 77 5.15 -14.79 -77.91
CA PRO E 77 6.28 -15.63 -77.52
C PRO E 77 7.61 -15.13 -78.08
N ARG E 78 8.70 -15.57 -77.46
CA ARG E 78 10.04 -15.20 -77.90
C ARG E 78 10.50 -16.35 -78.81
N TYR E 79 10.66 -16.05 -80.10
CA TYR E 79 11.07 -17.07 -81.07
C TYR E 79 12.55 -17.45 -80.98
N THR E 80 12.81 -18.74 -81.09
CA THR E 80 14.17 -19.27 -81.06
C THR E 80 14.22 -20.50 -81.96
N GLN E 81 15.41 -20.88 -82.40
CA GLN E 81 15.54 -22.04 -83.28
C GLN E 81 14.94 -23.32 -82.73
N MET E 82 15.09 -23.51 -81.42
CA MET E 82 14.56 -24.71 -80.78
C MET E 82 13.06 -24.63 -80.49
N ASN E 83 12.46 -23.46 -80.70
CA ASN E 83 11.03 -23.25 -80.46
C ASN E 83 10.66 -23.56 -79.00
N ASP E 84 11.47 -23.08 -78.07
CA ASP E 84 11.23 -23.31 -76.65
C ASP E 84 9.88 -22.79 -76.17
N ASN E 85 9.50 -21.62 -76.66
CA ASN E 85 8.27 -20.98 -76.22
C ASN E 85 7.02 -21.26 -77.03
N ARG E 86 6.83 -22.54 -77.35
CA ARG E 86 5.66 -22.96 -78.12
C ARG E 86 4.60 -23.54 -77.18
N HIS E 87 5.04 -23.90 -75.98
CA HIS E 87 4.18 -24.52 -74.97
C HIS E 87 2.86 -23.79 -74.69
N GLY E 88 2.92 -22.50 -74.37
CA GLY E 88 1.71 -21.77 -74.07
C GLY E 88 0.72 -21.71 -75.23
N THR E 89 1.26 -21.59 -76.45
CA THR E 89 0.42 -21.53 -77.63
C THR E 89 -0.33 -22.84 -77.86
N ARG E 90 0.34 -23.95 -77.57
CA ARG E 90 -0.30 -25.24 -77.73
C ARG E 90 -1.46 -25.41 -76.75
N CYS E 91 -1.23 -24.99 -75.50
CA CYS E 91 -2.27 -25.08 -74.48
C CYS E 91 -3.47 -24.20 -74.84
N ALA E 92 -3.18 -22.98 -75.30
CA ALA E 92 -4.24 -22.05 -75.66
C ALA E 92 -5.17 -22.66 -76.72
N GLY E 93 -4.59 -23.23 -77.76
CA GLY E 93 -5.38 -23.83 -78.82
C GLY E 93 -6.36 -24.89 -78.35
N GLU E 94 -5.95 -25.66 -77.34
CA GLU E 94 -6.81 -26.71 -76.80
C GLU E 94 -8.09 -26.13 -76.24
N VAL E 95 -7.97 -24.97 -75.61
CA VAL E 95 -9.11 -24.32 -74.99
C VAL E 95 -10.00 -23.60 -75.98
N ALA E 96 -9.42 -22.72 -76.79
CA ALA E 96 -10.24 -21.93 -77.71
C ALA E 96 -9.80 -21.74 -79.15
N ALA E 97 -9.29 -22.78 -79.80
CA ALA E 97 -8.90 -22.66 -81.20
C ALA E 97 -10.20 -22.36 -81.99
N VAL E 98 -10.14 -21.44 -82.93
CA VAL E 98 -11.30 -21.07 -83.73
C VAL E 98 -11.92 -22.25 -84.48
N ALA E 99 -13.25 -22.26 -84.60
CA ALA E 99 -13.94 -23.35 -85.29
C ALA E 99 -14.45 -22.97 -86.69
N ASN E 100 -14.58 -23.98 -87.54
CA ASN E 100 -15.06 -23.79 -88.91
C ASN E 100 -14.35 -22.71 -89.69
N ASN E 101 -13.02 -22.72 -89.63
CA ASN E 101 -12.24 -21.70 -90.32
C ASN E 101 -11.19 -22.34 -91.21
N GLY E 102 -11.42 -23.61 -91.57
CA GLY E 102 -10.49 -24.32 -92.43
C GLY E 102 -9.07 -24.42 -91.91
N VAL E 103 -8.87 -24.13 -90.63
CA VAL E 103 -7.53 -24.19 -90.05
C VAL E 103 -7.42 -25.13 -88.86
N CYS E 104 -6.47 -26.07 -88.95
CA CYS E 104 -6.18 -27.01 -87.88
C CYS E 104 -7.45 -27.64 -87.28
N GLY E 105 -7.56 -27.63 -85.96
CA GLY E 105 -8.73 -28.20 -85.30
C GLY E 105 -9.60 -27.17 -84.60
N VAL E 106 -10.19 -27.53 -83.48
CA VAL E 106 -11.02 -26.61 -82.71
C VAL E 106 -10.76 -26.74 -81.21
N GLY E 107 -11.05 -25.68 -80.47
CA GLY E 107 -10.88 -25.73 -79.03
C GLY E 107 -12.15 -26.27 -78.39
N VAL E 108 -12.06 -26.72 -77.14
CA VAL E 108 -13.24 -27.24 -76.45
C VAL E 108 -14.29 -26.14 -76.36
N ALA E 109 -13.84 -24.92 -76.05
CA ALA E 109 -14.74 -23.77 -75.95
C ALA E 109 -14.32 -22.85 -77.09
N TYR E 110 -14.65 -23.24 -78.31
CA TYR E 110 -14.26 -22.47 -79.50
C TYR E 110 -14.90 -21.10 -79.67
N ASN E 111 -15.74 -20.68 -78.73
CA ASN E 111 -16.35 -19.37 -78.81
C ASN E 111 -15.95 -18.52 -77.60
N ALA E 112 -15.08 -19.07 -76.76
CA ALA E 112 -14.63 -18.37 -75.57
C ALA E 112 -13.53 -17.42 -75.98
N ARG E 113 -13.24 -16.45 -75.14
CA ARG E 113 -12.17 -15.51 -75.42
C ARG E 113 -10.93 -16.05 -74.72
N ILE E 114 -9.83 -16.13 -75.45
CA ILE E 114 -8.60 -16.69 -74.91
C ILE E 114 -7.49 -15.65 -74.77
N GLY E 115 -6.85 -15.64 -73.61
CA GLY E 115 -5.76 -14.71 -73.37
C GLY E 115 -4.55 -15.49 -72.92
N GLY E 116 -3.42 -14.81 -72.78
CA GLY E 116 -2.22 -15.49 -72.34
C GLY E 116 -1.31 -14.59 -71.51
N VAL E 117 -0.72 -15.16 -70.46
CA VAL E 117 0.19 -14.39 -69.64
C VAL E 117 1.57 -15.00 -69.82
N ARG E 118 2.49 -14.22 -70.39
CA ARG E 118 3.85 -14.68 -70.60
C ARG E 118 4.54 -14.54 -69.26
N MET E 119 4.78 -15.67 -68.59
CA MET E 119 5.45 -15.62 -67.30
C MET E 119 6.40 -16.77 -66.98
N LEU E 120 6.58 -17.71 -67.92
CA LEU E 120 7.51 -18.82 -67.68
C LEU E 120 8.86 -18.57 -68.34
N ASP E 121 8.89 -17.64 -69.29
CA ASP E 121 10.11 -17.34 -70.03
C ASP E 121 10.94 -16.26 -69.33
N GLY E 122 11.54 -16.65 -68.23
CA GLY E 122 12.36 -15.73 -67.46
C GLY E 122 12.44 -16.27 -66.05
N GLU E 123 12.88 -15.45 -65.10
CA GLU E 123 12.95 -15.92 -63.72
C GLU E 123 11.52 -15.94 -63.16
N VAL E 124 11.04 -17.12 -62.78
CA VAL E 124 9.69 -17.26 -62.24
C VAL E 124 9.72 -17.04 -60.73
N THR E 125 9.55 -15.80 -60.30
CA THR E 125 9.57 -15.46 -58.88
C THR E 125 8.17 -15.49 -58.28
N ASP E 126 8.10 -15.30 -56.97
CA ASP E 126 6.81 -15.29 -56.28
C ASP E 126 5.98 -14.15 -56.85
N ALA E 127 6.61 -12.99 -57.01
CA ALA E 127 5.92 -11.82 -57.53
C ALA E 127 5.42 -12.10 -58.93
N VAL E 128 6.22 -12.82 -59.71
CA VAL E 128 5.82 -13.15 -61.06
C VAL E 128 4.56 -14.00 -61.05
N GLU E 129 4.57 -15.06 -60.24
CA GLU E 129 3.41 -15.92 -60.15
C GLU E 129 2.20 -15.15 -59.65
N ALA E 130 2.41 -14.33 -58.62
CA ALA E 130 1.31 -13.57 -58.02
C ALA E 130 0.62 -12.61 -59.01
N ARG E 131 1.41 -11.92 -59.82
CA ARG E 131 0.83 -10.99 -60.78
C ARG E 131 0.08 -11.73 -61.87
N SER E 132 0.53 -12.94 -62.20
CA SER E 132 -0.12 -13.75 -63.23
C SER E 132 -1.44 -14.33 -62.71
N LEU E 133 -1.39 -14.95 -61.53
CA LEU E 133 -2.58 -15.53 -60.94
C LEU E 133 -3.62 -14.48 -60.60
N GLY E 134 -3.14 -13.26 -60.31
CA GLY E 134 -4.05 -12.19 -59.95
C GLY E 134 -4.34 -11.19 -61.03
N LEU E 135 -4.09 -11.56 -62.28
CA LEU E 135 -4.36 -10.66 -63.39
C LEU E 135 -5.85 -10.53 -63.69
N ASN E 136 -6.36 -9.30 -63.66
CA ASN E 136 -7.77 -9.05 -63.97
C ASN E 136 -8.77 -10.03 -63.40
N PRO E 137 -8.80 -10.20 -62.08
CA PRO E 137 -9.74 -11.13 -61.45
C PRO E 137 -11.20 -10.92 -61.84
N ASN E 138 -11.55 -9.71 -62.25
CA ASN E 138 -12.93 -9.44 -62.63
C ASN E 138 -13.23 -9.48 -64.12
N HIS E 139 -12.22 -9.83 -64.91
CA HIS E 139 -12.41 -9.94 -66.35
C HIS E 139 -12.21 -11.39 -66.76
N ILE E 140 -11.13 -11.99 -66.26
CA ILE E 140 -10.79 -13.38 -66.53
C ILE E 140 -11.60 -14.28 -65.59
N HIS E 141 -12.23 -15.32 -66.16
CA HIS E 141 -13.00 -16.25 -65.34
C HIS E 141 -12.18 -17.47 -64.94
N ILE E 142 -11.46 -18.02 -65.90
CA ILE E 142 -10.67 -19.22 -65.69
C ILE E 142 -9.19 -19.08 -65.99
N TYR E 143 -8.35 -19.55 -65.07
CA TYR E 143 -6.91 -19.50 -65.26
C TYR E 143 -6.43 -20.95 -65.46
N SER E 144 -5.56 -21.17 -66.43
CA SER E 144 -5.05 -22.50 -66.69
C SER E 144 -3.54 -22.51 -66.54
N ALA E 145 -3.02 -23.41 -65.73
CA ALA E 145 -1.58 -23.50 -65.52
C ALA E 145 -1.02 -24.90 -65.76
N SER E 146 -0.23 -25.03 -66.83
CA SER E 146 0.41 -26.30 -67.16
C SER E 146 1.89 -26.21 -66.81
N TRP E 147 2.17 -25.88 -65.56
CA TRP E 147 3.55 -25.77 -65.07
C TRP E 147 3.53 -25.92 -63.56
N GLY E 148 4.72 -25.94 -62.96
CA GLY E 148 4.81 -26.10 -61.52
C GLY E 148 6.19 -26.50 -61.09
N PRO E 149 6.37 -26.85 -59.80
CA PRO E 149 7.67 -27.26 -59.26
C PRO E 149 8.28 -28.40 -60.08
N GLU E 150 9.60 -28.51 -60.05
CA GLU E 150 10.28 -29.57 -60.79
C GLU E 150 9.81 -30.95 -60.34
N ASP E 151 9.65 -31.85 -61.29
CA ASP E 151 9.18 -33.20 -60.98
C ASP E 151 10.32 -34.19 -60.79
N ASP E 152 11.30 -33.86 -59.95
CA ASP E 152 12.43 -34.76 -59.74
C ASP E 152 12.07 -35.88 -58.78
N GLY E 153 10.90 -35.79 -58.17
CA GLY E 153 10.47 -36.83 -57.26
C GLY E 153 11.19 -36.78 -55.94
N LYS E 154 11.80 -35.64 -55.63
CA LYS E 154 12.49 -35.51 -54.36
C LYS E 154 12.30 -34.16 -53.73
N THR E 155 11.53 -33.28 -54.37
CA THR E 155 11.31 -31.97 -53.79
C THR E 155 9.89 -31.79 -53.30
N VAL E 156 9.74 -30.92 -52.32
CA VAL E 156 8.46 -30.56 -51.75
C VAL E 156 8.44 -29.05 -51.92
N ASP E 157 7.55 -28.54 -52.75
CA ASP E 157 7.49 -27.11 -52.99
C ASP E 157 6.09 -26.67 -53.34
N GLY E 158 5.79 -25.41 -53.06
CA GLY E 158 4.49 -24.85 -53.34
C GLY E 158 4.58 -23.34 -53.49
N PRO E 159 3.44 -22.65 -53.62
CA PRO E 159 3.44 -21.20 -53.78
C PRO E 159 3.96 -20.46 -52.55
N ALA E 160 4.59 -19.32 -52.78
CA ALA E 160 5.11 -18.51 -51.69
C ALA E 160 4.02 -17.54 -51.26
N ARG E 161 4.32 -16.69 -50.28
CA ARG E 161 3.34 -15.73 -49.74
C ARG E 161 2.47 -15.00 -50.77
N LEU E 162 3.09 -14.24 -51.67
CA LEU E 162 2.30 -13.48 -52.65
C LEU E 162 1.41 -14.38 -53.51
N ALA E 163 1.94 -15.50 -53.96
CA ALA E 163 1.16 -16.42 -54.78
C ALA E 163 -0.04 -16.95 -53.97
N GLU E 164 0.19 -17.30 -52.70
CA GLU E 164 -0.92 -17.79 -51.89
C GLU E 164 -1.96 -16.68 -51.76
N GLU E 165 -1.49 -15.48 -51.46
CA GLU E 165 -2.40 -14.34 -51.30
C GLU E 165 -3.18 -14.12 -52.58
N ALA E 166 -2.56 -14.43 -53.72
CA ALA E 166 -3.23 -14.28 -55.01
C ALA E 166 -4.34 -15.33 -55.17
N PHE E 167 -4.03 -16.57 -54.77
CA PHE E 167 -5.02 -17.64 -54.83
C PHE E 167 -6.21 -17.29 -53.94
N PHE E 168 -5.93 -16.83 -52.73
CA PHE E 168 -6.97 -16.49 -51.78
C PHE E 168 -7.84 -15.30 -52.23
N ARG E 169 -7.20 -14.24 -52.71
CA ARG E 169 -7.95 -13.08 -53.17
C ARG E 169 -8.80 -13.54 -54.34
N GLY E 170 -8.22 -14.39 -55.19
CA GLY E 170 -8.91 -14.92 -56.34
C GLY E 170 -10.21 -15.65 -56.06
N VAL E 171 -10.18 -16.61 -55.15
CA VAL E 171 -11.38 -17.37 -54.83
C VAL E 171 -12.37 -16.57 -53.99
N SER E 172 -11.87 -15.53 -53.34
CA SER E 172 -12.71 -14.68 -52.50
C SER E 172 -13.38 -13.56 -53.27
N GLN E 173 -12.57 -12.82 -54.03
CA GLN E 173 -13.04 -11.67 -54.78
C GLN E 173 -13.15 -11.81 -56.29
N GLY E 174 -12.41 -12.75 -56.89
CA GLY E 174 -12.49 -12.92 -58.34
C GLY E 174 -13.91 -13.14 -58.84
N ARG E 175 -14.13 -12.85 -60.13
CA ARG E 175 -15.46 -13.02 -60.72
C ARG E 175 -16.56 -12.43 -59.83
N GLY E 176 -16.36 -11.19 -59.40
CA GLY E 176 -17.34 -10.53 -58.55
C GLY E 176 -17.77 -11.32 -57.33
N GLY E 177 -16.83 -12.02 -56.68
CA GLY E 177 -17.19 -12.76 -55.48
C GLY E 177 -17.41 -14.26 -55.64
N LEU E 178 -17.72 -14.70 -56.86
CA LEU E 178 -17.93 -16.12 -57.11
C LEU E 178 -16.61 -16.91 -57.03
N GLY E 179 -15.50 -16.22 -57.26
CA GLY E 179 -14.19 -16.86 -57.19
C GLY E 179 -13.56 -17.29 -58.50
N SER E 180 -12.29 -16.97 -58.68
CA SER E 180 -11.58 -17.35 -59.88
C SER E 180 -11.44 -18.87 -59.94
N ILE E 181 -11.49 -19.44 -61.15
CA ILE E 181 -11.34 -20.88 -61.31
C ILE E 181 -9.90 -21.14 -61.72
N PHE E 182 -9.17 -21.88 -60.89
CA PHE E 182 -7.77 -22.18 -61.16
C PHE E 182 -7.59 -23.64 -61.53
N VAL E 183 -7.32 -23.91 -62.80
CA VAL E 183 -7.11 -25.28 -63.30
C VAL E 183 -5.62 -25.57 -63.36
N TRP E 184 -5.21 -26.68 -62.76
CA TRP E 184 -3.79 -27.04 -62.71
C TRP E 184 -3.48 -28.43 -63.25
N ALA E 185 -2.32 -28.58 -63.88
CA ALA E 185 -1.86 -29.87 -64.41
C ALA E 185 -1.15 -30.56 -63.24
N SER E 186 -1.54 -31.80 -62.93
CA SER E 186 -0.95 -32.49 -61.79
C SER E 186 0.53 -32.84 -61.83
N GLY E 187 1.13 -32.88 -63.02
CA GLY E 187 2.57 -33.16 -63.11
C GLY E 187 3.04 -34.29 -64.01
N ASN E 188 4.32 -34.26 -64.37
CA ASN E 188 4.91 -35.28 -65.24
C ASN E 188 5.96 -36.13 -64.52
N GLY E 189 5.96 -36.10 -63.19
CA GLY E 189 6.94 -36.88 -62.45
C GLY E 189 6.72 -38.38 -62.31
N GLY E 190 5.83 -38.94 -63.11
CA GLY E 190 5.55 -40.36 -63.01
C GLY E 190 6.77 -41.28 -63.04
N ARG E 191 7.70 -41.00 -63.95
CA ARG E 191 8.88 -41.84 -64.07
C ARG E 191 9.81 -41.76 -62.87
N GLU E 192 9.75 -40.66 -62.13
CA GLU E 192 10.59 -40.46 -60.95
C GLU E 192 9.82 -40.83 -59.69
N HIS E 193 8.64 -41.41 -59.88
CA HIS E 193 7.76 -41.81 -58.77
C HIS E 193 7.35 -40.60 -57.94
N ASP E 194 7.15 -39.48 -58.60
CA ASP E 194 6.76 -38.29 -57.91
C ASP E 194 5.31 -38.36 -57.38
N SER E 195 5.04 -37.59 -56.34
CA SER E 195 3.71 -37.53 -55.74
C SER E 195 3.17 -36.11 -55.88
N CYS E 196 2.00 -35.96 -56.49
CA CYS E 196 1.46 -34.62 -56.66
C CYS E 196 0.94 -33.99 -55.37
N ASN E 197 1.15 -34.64 -54.23
CA ASN E 197 0.72 -34.08 -52.95
C ASN E 197 1.91 -33.31 -52.38
N CYS E 198 3.06 -33.47 -53.06
CA CYS E 198 4.29 -32.78 -52.67
C CYS E 198 4.44 -31.52 -53.52
N ASP E 199 3.34 -31.15 -54.17
CA ASP E 199 3.29 -29.98 -55.04
C ASP E 199 2.20 -29.08 -54.46
N GLY E 200 2.61 -27.97 -53.86
CA GLY E 200 1.65 -27.06 -53.25
C GLY E 200 0.60 -26.42 -54.15
N TYR E 201 0.81 -26.43 -55.45
CA TYR E 201 -0.16 -25.82 -56.36
C TYR E 201 -1.30 -26.76 -56.65
N THR E 202 -0.96 -28.00 -56.96
CA THR E 202 -1.95 -29.02 -57.26
C THR E 202 -2.66 -29.42 -55.97
N ASN E 203 -1.89 -29.50 -54.90
CA ASN E 203 -2.36 -29.89 -53.58
C ASN E 203 -3.29 -28.87 -52.92
N SER E 204 -3.34 -27.66 -53.47
CA SER E 204 -4.18 -26.59 -52.92
C SER E 204 -5.66 -26.85 -53.15
N ILE E 205 -6.51 -26.42 -52.22
CA ILE E 205 -7.95 -26.61 -52.40
C ILE E 205 -8.51 -25.57 -53.36
N TYR E 206 -7.73 -24.53 -53.64
CA TYR E 206 -8.16 -23.47 -54.55
C TYR E 206 -7.99 -23.86 -56.02
N THR E 207 -7.28 -24.94 -56.30
CA THR E 207 -7.08 -25.35 -57.68
C THR E 207 -7.68 -26.72 -57.99
N LEU E 208 -8.17 -26.90 -59.23
CA LEU E 208 -8.70 -28.19 -59.64
C LEU E 208 -7.52 -28.90 -60.31
N SER E 209 -6.90 -29.84 -59.61
CA SER E 209 -5.77 -30.54 -60.18
C SER E 209 -6.28 -31.60 -61.15
N ILE E 210 -5.76 -31.59 -62.37
CA ILE E 210 -6.20 -32.54 -63.40
C ILE E 210 -5.13 -33.50 -63.91
N SER E 211 -5.43 -34.80 -63.84
CA SER E 211 -4.51 -35.85 -64.29
C SER E 211 -4.80 -36.30 -65.72
N SER E 212 -3.99 -37.24 -66.22
CA SER E 212 -4.14 -37.72 -67.60
C SER E 212 -4.47 -39.19 -67.76
N ALA E 213 -5.00 -39.52 -68.93
CA ALA E 213 -5.35 -40.89 -69.27
C ALA E 213 -4.99 -41.05 -70.74
N THR E 214 -4.42 -42.20 -71.10
CA THR E 214 -4.05 -42.45 -72.49
C THR E 214 -5.29 -42.80 -73.29
N GLN E 215 -5.16 -42.79 -74.61
CA GLN E 215 -6.29 -43.11 -75.48
C GLN E 215 -6.93 -44.46 -75.17
N PHE E 216 -6.12 -45.46 -74.82
CA PHE E 216 -6.66 -46.78 -74.52
C PHE E 216 -7.12 -46.89 -73.07
N GLY E 217 -7.17 -45.76 -72.37
CA GLY E 217 -7.62 -45.75 -70.99
C GLY E 217 -6.65 -46.23 -69.92
N ASN E 218 -5.37 -45.95 -70.09
CA ASN E 218 -4.37 -46.36 -69.11
C ASN E 218 -3.69 -45.16 -68.46
N VAL E 219 -2.99 -45.41 -67.36
CA VAL E 219 -2.27 -44.38 -66.63
C VAL E 219 -0.97 -44.15 -67.39
N PRO E 220 -0.79 -42.95 -67.95
CA PRO E 220 0.42 -42.62 -68.70
C PRO E 220 1.70 -42.82 -67.88
N TRP E 221 2.81 -43.02 -68.58
CA TRP E 221 4.08 -43.20 -67.88
C TRP E 221 4.47 -41.98 -67.05
N TYR E 222 4.06 -40.79 -67.50
CA TYR E 222 4.39 -39.53 -66.81
C TYR E 222 3.47 -39.17 -65.66
N SER E 223 2.35 -39.89 -65.54
CA SER E 223 1.36 -39.62 -64.49
C SER E 223 1.85 -39.73 -63.04
N GLU E 224 1.45 -38.76 -62.21
CA GLU E 224 1.78 -38.78 -60.79
C GLU E 224 0.50 -39.09 -60.04
N ALA E 225 0.59 -39.93 -59.01
CA ALA E 225 -0.59 -40.27 -58.23
C ALA E 225 -0.57 -39.53 -56.88
N CYS E 226 -1.75 -39.16 -56.40
CA CYS E 226 -1.90 -38.48 -55.12
C CYS E 226 -3.40 -38.31 -54.86
N SER E 227 -3.76 -38.01 -53.62
CA SER E 227 -5.16 -37.85 -53.26
C SER E 227 -5.73 -36.47 -53.52
N SER E 228 -4.90 -35.53 -53.93
CA SER E 228 -5.37 -34.17 -54.17
C SER E 228 -5.95 -33.98 -55.58
N THR E 229 -5.63 -34.90 -56.49
CA THR E 229 -6.15 -34.80 -57.86
C THR E 229 -7.66 -34.91 -57.82
N LEU E 230 -8.33 -34.09 -58.62
CA LEU E 230 -9.81 -34.08 -58.64
C LEU E 230 -10.42 -34.86 -59.79
N ALA E 231 -9.90 -34.70 -61.01
CA ALA E 231 -10.45 -35.40 -62.16
C ALA E 231 -9.39 -35.62 -63.25
N THR E 232 -9.83 -36.21 -64.37
CA THR E 232 -8.91 -36.53 -65.47
C THR E 232 -9.43 -36.16 -66.86
N THR E 233 -8.50 -35.91 -67.77
CA THR E 233 -8.83 -35.64 -69.17
C THR E 233 -7.79 -36.39 -69.98
N TYR E 234 -8.12 -36.73 -71.23
CA TYR E 234 -7.21 -37.47 -72.09
C TYR E 234 -5.94 -36.71 -72.46
N SER E 235 -4.89 -37.47 -72.77
CA SER E 235 -3.62 -36.92 -73.20
C SER E 235 -2.83 -38.01 -73.95
N SER E 236 -1.52 -37.83 -74.05
CA SER E 236 -0.69 -38.81 -74.75
C SER E 236 -0.35 -40.06 -73.95
N GLY E 237 0.08 -41.10 -74.65
CA GLY E 237 0.47 -42.36 -74.04
C GLY E 237 1.62 -42.96 -74.84
N ASN E 238 1.48 -44.19 -75.32
CA ASN E 238 2.54 -44.81 -76.11
C ASN E 238 2.42 -44.40 -77.57
N GLN E 239 3.32 -44.89 -78.41
CA GLN E 239 3.30 -44.50 -79.81
C GLN E 239 2.21 -45.10 -80.69
N ASN E 240 1.33 -45.91 -80.10
CA ASN E 240 0.25 -46.50 -80.87
C ASN E 240 -1.01 -45.73 -80.53
N GLU E 241 -0.89 -44.89 -79.51
CA GLU E 241 -2.01 -44.09 -79.04
C GLU E 241 -1.88 -42.69 -79.58
N LYS E 242 -2.99 -42.12 -80.02
CA LYS E 242 -2.97 -40.77 -80.56
C LYS E 242 -2.72 -39.72 -79.47
N GLN E 243 -2.35 -38.53 -79.89
CA GLN E 243 -2.05 -37.46 -78.95
C GLN E 243 -2.97 -36.26 -79.11
N ILE E 244 -2.55 -35.09 -78.64
CA ILE E 244 -3.38 -33.92 -78.71
C ILE E 244 -3.09 -33.01 -79.91
N VAL E 245 -4.15 -32.65 -80.63
CA VAL E 245 -4.04 -31.80 -81.80
C VAL E 245 -4.35 -30.36 -81.42
N THR E 246 -3.43 -29.45 -81.69
CA THR E 246 -3.66 -28.06 -81.35
C THR E 246 -2.78 -27.09 -82.13
N THR E 247 -2.92 -25.79 -81.84
CA THR E 247 -2.14 -24.76 -82.51
C THR E 247 -0.70 -24.77 -82.04
N ASP E 248 0.23 -24.61 -82.99
CA ASP E 248 1.65 -24.61 -82.66
C ASP E 248 2.32 -23.30 -83.07
N LEU E 249 3.46 -23.01 -82.45
CA LEU E 249 4.22 -21.80 -82.71
C LEU E 249 4.49 -21.64 -84.20
N ARG E 250 4.68 -20.40 -84.63
CA ARG E 250 4.95 -20.09 -86.03
C ARG E 250 3.74 -20.42 -86.92
N GLN E 251 2.55 -20.21 -86.36
CA GLN E 251 1.30 -20.41 -87.07
C GLN E 251 1.12 -21.78 -87.68
N LYS E 252 1.65 -22.80 -87.01
CA LYS E 252 1.54 -24.17 -87.48
C LYS E 252 0.49 -24.94 -86.68
N CYS E 253 0.31 -26.19 -87.04
CA CYS E 253 -0.67 -27.05 -86.40
C CYS E 253 0.05 -28.32 -86.00
N THR E 254 -0.03 -28.68 -84.73
CA THR E 254 0.64 -29.89 -84.27
C THR E 254 -0.36 -30.97 -83.85
N GLU E 255 0.06 -32.22 -84.04
CA GLU E 255 -0.75 -33.35 -83.68
C GLU E 255 -0.05 -34.11 -82.57
N SER E 256 0.99 -33.50 -82.00
CA SER E 256 1.73 -34.15 -80.96
C SER E 256 1.99 -33.33 -79.70
N HIS E 257 0.94 -32.76 -79.14
CA HIS E 257 1.06 -32.03 -77.88
C HIS E 257 0.89 -33.16 -76.85
N THR E 258 1.80 -33.25 -75.89
CA THR E 258 1.75 -34.37 -74.94
C THR E 258 1.87 -34.04 -73.46
N GLY E 259 1.83 -35.10 -72.65
CA GLY E 259 1.97 -35.00 -71.21
C GLY E 259 0.87 -34.31 -70.44
N THR E 260 1.14 -34.13 -69.15
CA THR E 260 0.19 -33.50 -68.25
C THR E 260 -0.22 -32.11 -68.73
N SER E 261 0.65 -31.47 -69.49
CA SER E 261 0.39 -30.13 -70.03
C SER E 261 -0.88 -30.01 -70.87
N ALA E 262 -1.20 -31.08 -71.59
CA ALA E 262 -2.38 -31.09 -72.45
C ALA E 262 -3.69 -31.35 -71.72
N SER E 263 -3.63 -31.94 -70.52
CA SER E 263 -4.86 -32.23 -69.82
C SER E 263 -5.54 -31.03 -69.16
N ALA E 264 -4.78 -30.20 -68.48
CA ALA E 264 -5.36 -29.02 -67.82
C ALA E 264 -6.16 -28.13 -68.78
N PRO E 265 -5.59 -27.78 -69.95
CA PRO E 265 -6.30 -26.91 -70.90
C PRO E 265 -7.67 -27.47 -71.31
N LEU E 266 -7.76 -28.78 -71.48
CA LEU E 266 -9.03 -29.39 -71.88
C LEU E 266 -10.04 -29.23 -70.73
N ALA E 267 -9.56 -29.39 -69.50
CA ALA E 267 -10.43 -29.23 -68.33
C ALA E 267 -10.89 -27.77 -68.28
N ALA E 268 -9.96 -26.84 -68.54
CA ALA E 268 -10.29 -25.42 -68.53
C ALA E 268 -11.38 -25.13 -69.58
N GLY E 269 -11.25 -25.77 -70.75
CA GLY E 269 -12.23 -25.57 -71.82
C GLY E 269 -13.61 -26.08 -71.41
N ILE E 270 -13.66 -27.27 -70.84
CA ILE E 270 -14.92 -27.86 -70.40
C ILE E 270 -15.54 -27.01 -69.29
N ILE E 271 -14.70 -26.50 -68.38
CA ILE E 271 -15.19 -25.67 -67.30
C ILE E 271 -15.75 -24.36 -67.87
N ALA E 272 -15.18 -23.92 -69.00
CA ALA E 272 -15.65 -22.71 -69.67
C ALA E 272 -17.07 -22.94 -70.20
N LEU E 273 -17.32 -24.12 -70.75
CA LEU E 273 -18.64 -24.43 -71.27
C LEU E 273 -19.62 -24.46 -70.10
N THR E 274 -19.17 -25.00 -68.98
CA THR E 274 -20.01 -25.08 -67.79
C THR E 274 -20.39 -23.68 -67.27
N LEU E 275 -19.43 -22.76 -67.28
CA LEU E 275 -19.73 -21.41 -66.82
C LEU E 275 -20.75 -20.73 -67.73
N GLU E 276 -20.69 -21.01 -69.03
CA GLU E 276 -21.66 -20.42 -69.93
C GLU E 276 -23.05 -20.97 -69.58
N ALA E 277 -23.11 -22.25 -69.25
CA ALA E 277 -24.38 -22.88 -68.89
C ALA E 277 -24.94 -22.31 -67.60
N ASN E 278 -24.07 -21.75 -66.75
CA ASN E 278 -24.48 -21.15 -65.47
C ASN E 278 -23.37 -20.23 -64.95
N LYS E 279 -23.48 -18.95 -65.28
CA LYS E 279 -22.48 -17.98 -64.88
C LYS E 279 -22.44 -17.65 -63.38
N ASN E 280 -23.43 -18.14 -62.64
CA ASN E 280 -23.48 -17.87 -61.20
C ASN E 280 -22.85 -18.96 -60.33
N LEU E 281 -22.09 -19.86 -60.96
CA LEU E 281 -21.43 -20.94 -60.22
C LEU E 281 -20.24 -20.40 -59.44
N THR E 282 -20.08 -20.85 -58.19
CA THR E 282 -18.94 -20.39 -57.40
C THR E 282 -17.77 -21.32 -57.66
N TRP E 283 -16.58 -20.94 -57.18
CA TRP E 283 -15.41 -21.78 -57.38
C TRP E 283 -15.63 -23.15 -56.72
N ARG E 284 -16.42 -23.19 -55.65
CA ARG E 284 -16.71 -24.45 -54.99
C ARG E 284 -17.80 -25.21 -55.74
N ASP E 285 -18.80 -24.50 -56.27
CA ASP E 285 -19.86 -25.15 -57.03
C ASP E 285 -19.19 -25.94 -58.15
N MET E 286 -18.20 -25.32 -58.80
CA MET E 286 -17.50 -25.94 -59.91
C MET E 286 -16.85 -27.25 -59.53
N GLN E 287 -16.22 -27.29 -58.36
CA GLN E 287 -15.58 -28.52 -57.93
C GLN E 287 -16.61 -29.59 -57.63
N HIS E 288 -17.77 -29.18 -57.13
CA HIS E 288 -18.85 -30.11 -56.83
C HIS E 288 -19.34 -30.76 -58.13
N LEU E 289 -19.51 -29.94 -59.18
CA LEU E 289 -19.96 -30.46 -60.46
C LEU E 289 -19.02 -31.51 -61.01
N VAL E 290 -17.71 -31.26 -60.88
CA VAL E 290 -16.72 -32.22 -61.37
C VAL E 290 -16.77 -33.54 -60.60
N VAL E 291 -16.91 -33.45 -59.28
CA VAL E 291 -16.98 -34.65 -58.45
C VAL E 291 -18.19 -35.50 -58.83
N GLN E 292 -19.33 -34.84 -59.01
CA GLN E 292 -20.57 -35.53 -59.36
C GLN E 292 -20.71 -36.09 -60.77
N THR E 293 -20.13 -35.43 -61.75
CA THR E 293 -20.26 -35.87 -63.14
C THR E 293 -19.12 -36.67 -63.74
N SER E 294 -17.96 -36.70 -63.10
CA SER E 294 -16.83 -37.42 -63.65
C SER E 294 -17.04 -38.94 -63.69
N LYS E 295 -16.65 -39.54 -64.80
CA LYS E 295 -16.85 -40.97 -65.02
C LYS E 295 -15.59 -41.84 -64.89
N PRO E 296 -15.66 -42.88 -64.06
CA PRO E 296 -14.51 -43.77 -63.90
C PRO E 296 -14.47 -44.69 -65.11
N ALA E 297 -15.60 -45.36 -65.33
CA ALA E 297 -15.78 -46.32 -66.42
C ALA E 297 -14.90 -46.04 -67.63
N HIS E 298 -14.23 -47.10 -68.09
CA HIS E 298 -13.33 -47.08 -69.25
C HIS E 298 -11.86 -46.87 -68.84
N LEU E 299 -11.64 -46.21 -67.72
CA LEU E 299 -10.29 -45.94 -67.23
C LEU E 299 -9.75 -47.08 -66.36
N ASN E 300 -8.60 -47.62 -66.74
CA ASN E 300 -7.98 -48.72 -65.99
C ASN E 300 -7.02 -48.23 -64.92
N ALA E 301 -7.19 -48.74 -63.71
CA ALA E 301 -6.33 -48.39 -62.59
C ALA E 301 -6.36 -49.53 -61.57
N ASN E 302 -5.25 -49.74 -60.90
CA ASN E 302 -5.15 -50.80 -59.92
C ASN E 302 -5.69 -50.38 -58.54
N ASP E 303 -6.09 -49.12 -58.39
CA ASP E 303 -6.57 -48.64 -57.09
C ASP E 303 -7.97 -48.04 -57.00
N TRP E 304 -8.86 -48.38 -57.91
CA TRP E 304 -10.22 -47.85 -57.84
C TRP E 304 -10.84 -48.33 -56.55
N ALA E 305 -11.43 -47.41 -55.79
CA ALA E 305 -12.07 -47.79 -54.53
C ALA E 305 -13.34 -46.97 -54.38
N THR E 306 -14.33 -47.53 -53.71
CA THR E 306 -15.58 -46.82 -53.51
C THR E 306 -15.57 -46.08 -52.17
N ASN E 307 -15.76 -44.76 -52.20
CA ASN E 307 -15.75 -43.99 -50.96
C ASN E 307 -17.06 -44.12 -50.17
N GLY E 308 -17.12 -43.40 -49.06
CA GLY E 308 -18.30 -43.44 -48.19
C GLY E 308 -19.62 -43.06 -48.83
N VAL E 309 -19.59 -42.39 -49.98
CA VAL E 309 -20.84 -42.03 -50.62
C VAL E 309 -21.12 -42.79 -51.91
N GLY E 310 -20.40 -43.88 -52.13
CA GLY E 310 -20.66 -44.68 -53.31
C GLY E 310 -19.97 -44.28 -54.61
N ARG E 311 -19.04 -43.35 -54.55
CA ARG E 311 -18.33 -42.94 -55.74
C ARG E 311 -16.97 -43.63 -55.84
N LYS E 312 -16.56 -43.95 -57.06
CA LYS E 312 -15.27 -44.59 -57.30
C LYS E 312 -14.18 -43.52 -57.41
N VAL E 313 -13.07 -43.73 -56.75
CA VAL E 313 -11.95 -42.79 -56.82
C VAL E 313 -10.63 -43.53 -56.94
N SER E 314 -9.71 -42.91 -57.67
CA SER E 314 -8.38 -43.45 -57.90
C SER E 314 -7.36 -42.32 -57.70
N HIS E 315 -6.20 -42.65 -57.15
CA HIS E 315 -5.17 -41.64 -56.93
C HIS E 315 -4.52 -41.23 -58.25
N SER E 316 -4.84 -41.96 -59.31
CA SER E 316 -4.31 -41.65 -60.63
C SER E 316 -5.28 -40.82 -61.47
N TYR E 317 -6.56 -40.89 -61.13
CA TYR E 317 -7.56 -40.20 -61.92
C TYR E 317 -8.52 -39.31 -61.17
N GLY E 318 -8.50 -39.38 -59.85
CA GLY E 318 -9.44 -38.59 -59.08
C GLY E 318 -10.81 -39.25 -59.24
N TYR E 319 -11.83 -38.49 -59.61
CA TYR E 319 -13.16 -39.06 -59.76
C TYR E 319 -13.40 -39.62 -61.16
N GLY E 320 -12.38 -39.53 -62.00
CA GLY E 320 -12.50 -40.05 -63.34
C GLY E 320 -12.40 -39.03 -64.45
N LEU E 321 -12.84 -39.44 -65.63
CA LEU E 321 -12.82 -38.64 -66.85
C LEU E 321 -13.91 -37.58 -66.80
N LEU E 322 -13.59 -36.37 -67.24
CA LEU E 322 -14.58 -35.30 -67.25
C LEU E 322 -15.62 -35.60 -68.34
N ASP E 323 -16.85 -35.18 -68.10
CA ASP E 323 -17.97 -35.39 -69.02
C ASP E 323 -18.57 -34.03 -69.31
N ALA E 324 -18.17 -33.40 -70.41
CA ALA E 324 -18.68 -32.08 -70.74
C ALA E 324 -20.20 -32.05 -70.80
N GLY E 325 -20.78 -33.03 -71.48
CA GLY E 325 -22.23 -33.08 -71.59
C GLY E 325 -22.87 -33.08 -70.23
N ALA E 326 -22.40 -33.97 -69.36
CA ALA E 326 -22.94 -34.09 -68.01
C ALA E 326 -22.73 -32.80 -67.21
N MET E 327 -21.58 -32.16 -67.41
CA MET E 327 -21.23 -30.92 -66.71
C MET E 327 -22.23 -29.81 -67.01
N VAL E 328 -22.40 -29.47 -68.28
CA VAL E 328 -23.32 -28.41 -68.65
C VAL E 328 -24.76 -28.76 -68.27
N ALA E 329 -25.08 -30.04 -68.33
CA ALA E 329 -26.43 -30.50 -67.98
C ALA E 329 -26.72 -30.21 -66.51
N LEU E 330 -25.87 -30.72 -65.62
CA LEU E 330 -26.06 -30.52 -64.20
C LEU E 330 -25.93 -29.06 -63.80
N ALA E 331 -25.08 -28.32 -64.50
CA ALA E 331 -24.86 -26.92 -64.19
C ALA E 331 -26.13 -26.08 -64.22
N GLN E 332 -26.97 -26.34 -65.22
CA GLN E 332 -28.21 -25.59 -65.38
C GLN E 332 -29.18 -25.59 -64.21
N ASN E 333 -29.38 -26.74 -63.59
CA ASN E 333 -30.30 -26.81 -62.47
C ASN E 333 -29.60 -26.73 -61.12
N TRP E 334 -28.31 -26.43 -61.14
CA TRP E 334 -27.52 -26.37 -59.91
C TRP E 334 -27.84 -25.25 -58.93
N THR E 335 -28.03 -25.64 -57.67
CA THR E 335 -28.31 -24.71 -56.59
C THR E 335 -27.01 -24.40 -55.84
N THR E 336 -26.58 -23.14 -55.86
CA THR E 336 -25.35 -22.76 -55.18
C THR E 336 -25.22 -23.37 -53.78
N VAL E 337 -24.09 -23.99 -53.50
CA VAL E 337 -23.85 -24.62 -52.19
C VAL E 337 -23.81 -23.60 -51.05
N ALA E 338 -24.03 -24.10 -49.84
CA ALA E 338 -24.01 -23.24 -48.66
C ALA E 338 -22.62 -22.69 -48.40
N PRO E 339 -22.53 -21.64 -47.57
CA PRO E 339 -21.24 -21.03 -47.25
C PRO E 339 -20.24 -22.07 -46.73
N GLN E 340 -18.99 -21.93 -47.12
CA GLN E 340 -17.95 -22.86 -46.72
C GLN E 340 -17.60 -22.76 -45.25
N ARG E 341 -17.63 -23.89 -44.55
CA ARG E 341 -17.27 -23.94 -43.14
C ARG E 341 -15.90 -24.60 -43.04
N LYS E 342 -15.16 -24.28 -41.98
CA LYS E 342 -13.84 -24.83 -41.78
C LYS E 342 -13.75 -25.30 -40.33
N CYS E 343 -13.38 -26.56 -40.13
CA CYS E 343 -13.27 -27.09 -38.77
C CYS E 343 -11.86 -27.59 -38.54
N ILE E 344 -11.17 -26.97 -37.60
CA ILE E 344 -9.78 -27.34 -37.28
C ILE E 344 -9.71 -28.26 -36.06
N ILE E 345 -8.97 -29.35 -36.19
CA ILE E 345 -8.84 -30.31 -35.10
C ILE E 345 -7.39 -30.74 -34.90
N ASP E 346 -6.73 -30.24 -33.86
CA ASP E 346 -5.36 -30.63 -33.59
C ASP E 346 -5.44 -31.98 -32.87
N ILE E 347 -4.81 -33.00 -33.44
CA ILE E 347 -4.88 -34.35 -32.87
C ILE E 347 -3.91 -34.74 -31.75
N LEU E 348 -2.63 -34.51 -31.96
CA LEU E 348 -1.63 -34.91 -30.97
C LEU E 348 -1.58 -34.17 -29.64
N THR E 349 -1.40 -34.95 -28.57
CA THR E 349 -1.28 -34.42 -27.21
C THR E 349 0.18 -34.60 -26.78
N GLU E 350 0.97 -35.23 -27.66
CA GLU E 350 2.38 -35.50 -27.40
C GLU E 350 3.04 -36.02 -28.66
N PRO E 351 4.36 -35.79 -28.81
CA PRO E 351 5.07 -36.28 -29.99
C PRO E 351 4.90 -37.80 -30.08
N LYS E 352 5.05 -38.36 -31.27
CA LYS E 352 4.91 -39.79 -31.48
C LYS E 352 6.10 -40.31 -32.26
N ASP E 353 6.65 -41.43 -31.83
CA ASP E 353 7.80 -42.00 -32.51
C ASP E 353 7.28 -42.75 -33.73
N ILE E 354 7.92 -42.57 -34.87
CA ILE E 354 7.49 -43.23 -36.08
C ILE E 354 7.96 -44.68 -36.19
N GLY E 355 9.27 -44.91 -36.05
CA GLY E 355 9.78 -46.26 -36.12
C GLY E 355 9.40 -46.95 -37.44
N LYS E 356 9.01 -48.22 -37.35
CA LYS E 356 8.65 -48.98 -38.54
C LYS E 356 7.24 -48.63 -39.01
N ARG E 357 6.37 -48.35 -38.05
CA ARG E 357 4.99 -47.99 -38.36
C ARG E 357 4.37 -47.25 -37.20
N LEU E 358 3.55 -46.26 -37.52
CA LEU E 358 2.87 -45.46 -36.52
C LEU E 358 1.41 -45.35 -36.91
N GLU E 359 0.52 -45.47 -35.93
CA GLU E 359 -0.90 -45.37 -36.21
C GLU E 359 -1.50 -44.42 -35.19
N VAL E 360 -2.26 -43.44 -35.67
CA VAL E 360 -2.89 -42.47 -34.77
C VAL E 360 -4.38 -42.45 -35.03
N ARG E 361 -5.16 -42.78 -34.02
CA ARG E 361 -6.61 -42.81 -34.11
C ARG E 361 -7.20 -41.64 -33.35
N LYS E 362 -8.37 -41.20 -33.77
CA LYS E 362 -9.00 -40.08 -33.12
C LYS E 362 -10.44 -39.95 -33.56
N THR E 363 -11.34 -39.91 -32.60
CA THR E 363 -12.75 -39.76 -32.91
C THR E 363 -13.03 -38.26 -32.81
N VAL E 364 -13.58 -37.70 -33.89
CA VAL E 364 -13.86 -36.28 -33.91
C VAL E 364 -15.36 -36.07 -34.03
N THR E 365 -15.82 -34.89 -33.63
CA THR E 365 -17.24 -34.59 -33.72
C THR E 365 -17.45 -33.60 -34.86
N ALA E 366 -16.37 -33.28 -35.56
CA ALA E 366 -16.43 -32.34 -36.68
C ALA E 366 -17.10 -31.02 -36.30
N CYS E 367 -16.73 -30.49 -35.13
CA CYS E 367 -17.27 -29.22 -34.66
C CYS E 367 -18.77 -29.22 -34.39
N LEU E 368 -19.26 -30.33 -33.85
CA LEU E 368 -20.67 -30.45 -33.53
C LEU E 368 -21.06 -29.34 -32.55
N GLY E 369 -22.21 -28.74 -32.78
CA GLY E 369 -22.67 -27.69 -31.88
C GLY E 369 -22.06 -26.33 -32.11
N GLU E 370 -21.11 -26.23 -33.04
CA GLU E 370 -20.48 -24.95 -33.32
C GLU E 370 -20.94 -24.43 -34.69
N PRO E 371 -20.69 -23.15 -34.98
CA PRO E 371 -21.09 -22.54 -36.25
C PRO E 371 -20.44 -23.18 -37.49
N ASN E 372 -19.31 -23.83 -37.28
CA ASN E 372 -18.60 -24.48 -38.38
C ASN E 372 -18.72 -26.01 -38.33
N HIS E 373 -19.85 -26.48 -37.82
CA HIS E 373 -20.11 -27.91 -37.75
C HIS E 373 -20.21 -28.40 -39.20
N ILE E 374 -19.57 -29.52 -39.51
CA ILE E 374 -19.59 -30.07 -40.86
C ILE E 374 -20.16 -31.48 -40.94
N THR E 375 -21.14 -31.66 -41.81
CA THR E 375 -21.77 -32.97 -41.96
C THR E 375 -21.54 -33.47 -43.39
N ARG E 376 -21.24 -32.53 -44.27
CA ARG E 376 -20.99 -32.83 -45.67
C ARG E 376 -19.59 -32.31 -45.97
N LEU E 377 -18.64 -33.24 -46.08
CA LEU E 377 -17.26 -32.85 -46.32
C LEU E 377 -16.93 -32.45 -47.76
N GLU E 378 -15.93 -31.59 -47.90
CA GLU E 378 -15.44 -31.18 -49.22
C GLU E 378 -13.97 -31.56 -49.19
N HIS E 379 -13.06 -30.60 -49.09
CA HIS E 379 -11.65 -30.97 -49.03
C HIS E 379 -11.32 -31.32 -47.58
N ALA E 380 -10.22 -32.03 -47.39
CA ALA E 380 -9.76 -32.37 -46.06
C ALA E 380 -8.24 -32.31 -46.11
N GLN E 381 -7.64 -31.66 -45.12
CA GLN E 381 -6.17 -31.57 -45.07
C GLN E 381 -5.66 -32.22 -43.81
N ALA E 382 -4.51 -32.85 -43.93
CA ALA E 382 -3.87 -33.48 -42.78
C ALA E 382 -2.53 -32.74 -42.72
N ARG E 383 -2.45 -31.69 -41.90
CA ARG E 383 -1.22 -30.92 -41.78
C ARG E 383 -0.28 -31.67 -40.84
N LEU E 384 0.82 -32.16 -41.41
CA LEU E 384 1.78 -32.91 -40.62
C LEU E 384 3.13 -32.22 -40.48
N THR E 385 3.73 -32.41 -39.32
CA THR E 385 5.06 -31.87 -39.05
C THR E 385 5.83 -33.04 -38.48
N LEU E 386 6.84 -33.52 -39.20
CA LEU E 386 7.61 -34.65 -38.72
C LEU E 386 9.05 -34.61 -39.16
N SER E 387 9.88 -35.39 -38.49
CA SER E 387 11.29 -35.49 -38.82
C SER E 387 11.55 -36.93 -39.19
N TYR E 388 12.45 -37.15 -40.14
CA TYR E 388 12.77 -38.49 -40.59
C TYR E 388 14.14 -38.46 -41.28
N ASN E 389 14.86 -39.57 -41.21
CA ASN E 389 16.18 -39.64 -41.83
C ASN E 389 16.15 -39.79 -43.35
N ARG E 390 15.11 -40.44 -43.86
CA ARG E 390 14.98 -40.63 -45.31
C ARG E 390 13.51 -40.47 -45.69
N ARG E 391 13.13 -39.24 -45.99
CA ARG E 391 11.75 -38.92 -46.33
C ARG E 391 11.08 -39.83 -47.35
N GLY E 392 11.78 -40.09 -48.45
CA GLY E 392 11.23 -40.92 -49.51
C GLY E 392 10.80 -42.33 -49.13
N ASP E 393 11.25 -42.83 -47.99
CA ASP E 393 10.87 -44.17 -47.56
C ASP E 393 9.52 -44.19 -46.86
N LEU E 394 9.01 -43.02 -46.52
CA LEU E 394 7.73 -42.91 -45.85
C LEU E 394 6.54 -43.12 -46.76
N ALA E 395 5.44 -43.57 -46.18
CA ALA E 395 4.18 -43.77 -46.88
C ALA E 395 3.14 -43.36 -45.84
N ILE E 396 2.29 -42.41 -46.21
CA ILE E 396 1.27 -41.91 -45.28
C ILE E 396 -0.14 -42.13 -45.80
N HIS E 397 -1.03 -42.58 -44.92
CA HIS E 397 -2.42 -42.84 -45.27
C HIS E 397 -3.37 -42.23 -44.27
N LEU E 398 -4.54 -41.84 -44.76
CA LEU E 398 -5.54 -41.24 -43.92
C LEU E 398 -6.85 -41.95 -44.22
N VAL E 399 -7.45 -42.54 -43.19
CA VAL E 399 -8.70 -43.26 -43.37
C VAL E 399 -9.84 -42.50 -42.71
N SER E 400 -10.87 -42.18 -43.48
CA SER E 400 -12.01 -41.44 -42.95
C SER E 400 -12.93 -42.36 -42.16
N PRO E 401 -13.78 -41.78 -41.30
CA PRO E 401 -14.71 -42.58 -40.50
C PRO E 401 -15.51 -43.55 -41.36
N MET E 402 -15.84 -43.13 -42.58
CA MET E 402 -16.61 -43.99 -43.47
C MET E 402 -15.75 -44.98 -44.26
N GLY E 403 -14.53 -45.21 -43.79
CA GLY E 403 -13.64 -46.18 -44.41
C GLY E 403 -12.87 -45.82 -45.68
N THR E 404 -12.94 -44.58 -46.11
CA THR E 404 -12.20 -44.19 -47.31
C THR E 404 -10.73 -43.97 -46.99
N ARG E 405 -9.87 -44.73 -47.65
CA ARG E 405 -8.45 -44.65 -47.41
C ARG E 405 -7.67 -43.81 -48.43
N SER E 406 -7.32 -42.59 -48.02
CA SER E 406 -6.58 -41.68 -48.88
C SER E 406 -5.08 -41.81 -48.64
N THR E 407 -4.32 -42.04 -49.70
CA THR E 407 -2.89 -42.12 -49.53
C THR E 407 -2.36 -40.72 -49.74
N LEU E 408 -2.01 -40.07 -48.64
CA LEU E 408 -1.49 -38.71 -48.65
C LEU E 408 -0.09 -38.67 -49.29
N LEU E 409 0.69 -39.72 -49.07
CA LEU E 409 2.04 -39.77 -49.61
C LEU E 409 2.51 -41.18 -49.85
N ALA E 410 2.91 -41.48 -51.08
CA ALA E 410 3.43 -42.79 -51.42
C ALA E 410 4.94 -42.71 -51.40
N ALA E 411 5.61 -43.85 -51.34
CA ALA E 411 7.06 -43.86 -51.31
C ALA E 411 7.65 -43.16 -52.54
N ARG E 412 8.69 -42.37 -52.32
CA ARG E 412 9.39 -41.67 -53.39
C ARG E 412 10.86 -42.06 -53.26
N PRO E 413 11.26 -43.15 -53.93
CA PRO E 413 12.64 -43.66 -53.90
C PRO E 413 13.76 -42.66 -54.09
N HIS E 414 13.53 -41.61 -54.87
CA HIS E 414 14.58 -40.62 -55.08
C HIS E 414 14.67 -39.56 -53.97
N ASP E 415 13.67 -39.49 -53.10
CA ASP E 415 13.69 -38.49 -52.04
C ASP E 415 14.53 -38.97 -50.85
N TYR E 416 15.77 -38.49 -50.78
CA TYR E 416 16.68 -38.87 -49.71
C TYR E 416 16.82 -37.75 -48.67
N SER E 417 15.93 -36.76 -48.75
CA SER E 417 15.96 -35.62 -47.82
C SER E 417 15.85 -36.05 -46.38
N ALA E 418 16.48 -35.27 -45.50
CA ALA E 418 16.44 -35.55 -44.07
C ALA E 418 15.71 -34.40 -43.39
N ASP E 419 15.06 -33.55 -44.18
CA ASP E 419 14.35 -32.40 -43.64
C ASP E 419 12.90 -32.66 -43.26
N GLY E 420 12.44 -33.88 -43.46
CA GLY E 420 11.06 -34.20 -43.11
C GLY E 420 10.00 -33.29 -43.70
N PHE E 421 8.92 -33.06 -42.96
CA PHE E 421 7.81 -32.19 -43.37
C PHE E 421 7.53 -31.15 -42.29
N ASN E 422 7.53 -29.89 -42.68
CA ASN E 422 7.27 -28.81 -41.75
C ASN E 422 5.89 -28.20 -42.00
N ASP E 423 4.90 -28.70 -41.27
CA ASP E 423 3.51 -28.26 -41.39
C ASP E 423 3.02 -28.31 -42.83
N TRP E 424 3.28 -29.43 -43.50
CA TRP E 424 2.84 -29.60 -44.88
C TRP E 424 1.39 -30.09 -44.88
N ALA E 425 0.54 -29.42 -45.65
CA ALA E 425 -0.89 -29.76 -45.71
C ALA E 425 -1.31 -30.77 -46.77
N PHE E 426 -1.11 -32.06 -46.49
CA PHE E 426 -1.51 -33.13 -47.42
C PHE E 426 -3.03 -33.00 -47.60
N MET E 427 -3.49 -32.93 -48.84
CA MET E 427 -4.92 -32.78 -49.11
C MET E 427 -5.53 -33.96 -49.84
N THR E 428 -6.78 -34.27 -49.51
CA THR E 428 -7.48 -35.37 -50.17
C THR E 428 -8.88 -34.94 -50.59
N THR E 429 -9.29 -35.39 -51.76
CA THR E 429 -10.61 -35.08 -52.29
C THR E 429 -11.46 -36.33 -52.31
N HIS E 430 -10.89 -37.44 -51.84
CA HIS E 430 -11.60 -38.71 -51.86
C HIS E 430 -12.77 -38.91 -50.91
N SER E 431 -12.83 -38.12 -49.84
CA SER E 431 -13.94 -38.25 -48.89
C SER E 431 -15.00 -37.16 -49.10
N TRP E 432 -15.00 -36.60 -50.30
CA TRP E 432 -15.93 -35.55 -50.67
C TRP E 432 -17.38 -36.02 -50.45
N ASP E 433 -18.16 -35.20 -49.75
CA ASP E 433 -19.56 -35.45 -49.42
C ASP E 433 -19.81 -36.43 -48.28
N GLU E 434 -18.74 -37.00 -47.72
CA GLU E 434 -18.89 -37.93 -46.61
C GLU E 434 -19.18 -37.16 -45.32
N ASP E 435 -19.64 -37.87 -44.30
CA ASP E 435 -19.88 -37.24 -43.00
C ASP E 435 -18.52 -37.41 -42.34
N PRO E 436 -17.86 -36.30 -42.00
CA PRO E 436 -16.54 -36.37 -41.36
C PRO E 436 -16.46 -36.78 -39.88
N SER E 437 -17.58 -36.84 -39.17
CA SER E 437 -17.52 -37.22 -37.76
C SER E 437 -17.26 -38.71 -37.60
N GLY E 438 -16.55 -39.06 -36.53
CA GLY E 438 -16.22 -40.44 -36.31
C GLY E 438 -14.73 -40.61 -36.11
N GLU E 439 -14.24 -41.84 -36.26
CA GLU E 439 -12.83 -42.11 -36.05
C GLU E 439 -12.01 -41.96 -37.32
N TRP E 440 -10.99 -41.10 -37.25
CA TRP E 440 -10.07 -40.87 -38.37
C TRP E 440 -8.79 -41.59 -37.99
N VAL E 441 -8.11 -42.16 -38.96
CA VAL E 441 -6.88 -42.88 -38.68
C VAL E 441 -5.75 -42.47 -39.59
N LEU E 442 -4.62 -42.09 -39.00
CA LEU E 442 -3.46 -41.69 -39.77
C LEU E 442 -2.45 -42.82 -39.71
N GLU E 443 -1.92 -43.21 -40.86
CA GLU E 443 -0.94 -44.27 -40.90
C GLU E 443 0.36 -43.83 -41.53
N ILE E 444 1.44 -43.99 -40.79
CA ILE E 444 2.75 -43.63 -41.28
C ILE E 444 3.58 -44.91 -41.21
N GLU E 445 4.18 -45.32 -42.32
CA GLU E 445 4.94 -46.55 -42.34
C GLU E 445 6.25 -46.41 -43.11
N ASN E 446 7.25 -47.19 -42.69
CA ASN E 446 8.54 -47.21 -43.34
C ASN E 446 8.45 -48.32 -44.39
N THR E 447 8.38 -47.94 -45.67
CA THR E 447 8.24 -48.91 -46.74
C THR E 447 9.57 -49.59 -47.11
N SER E 448 10.60 -49.30 -46.36
CA SER E 448 11.91 -49.87 -46.62
C SER E 448 12.36 -50.84 -45.53
N GLU E 449 13.38 -51.63 -45.84
CA GLU E 449 13.92 -52.58 -44.86
C GLU E 449 14.94 -51.88 -43.98
N ALA E 450 15.38 -50.69 -44.41
CA ALA E 450 16.35 -49.91 -43.67
C ALA E 450 15.80 -49.52 -42.31
N ASN E 451 16.69 -49.39 -41.33
CA ASN E 451 16.28 -49.01 -39.98
C ASN E 451 16.20 -47.49 -39.89
N ASN E 452 15.09 -46.94 -40.35
CA ASN E 452 14.90 -45.49 -40.33
C ASN E 452 14.31 -45.05 -38.99
N TYR E 453 14.40 -43.76 -38.72
CA TYR E 453 13.91 -43.21 -37.47
C TYR E 453 13.37 -41.79 -37.63
N GLY E 454 12.41 -41.44 -36.78
CA GLY E 454 11.84 -40.11 -36.85
C GLY E 454 10.73 -39.88 -35.84
N THR E 455 10.21 -38.66 -35.79
CA THR E 455 9.15 -38.33 -34.86
C THR E 455 8.08 -37.46 -35.50
N LEU E 456 6.82 -37.79 -35.21
CA LEU E 456 5.69 -37.01 -35.70
C LEU E 456 5.36 -36.05 -34.57
N THR E 457 5.50 -34.75 -34.81
CA THR E 457 5.24 -33.78 -33.74
C THR E 457 3.95 -33.01 -33.89
N LYS E 458 3.34 -33.06 -35.06
CA LYS E 458 2.08 -32.34 -35.26
C LYS E 458 1.25 -33.00 -36.34
N PHE E 459 -0.04 -33.14 -36.03
CA PHE E 459 -1.01 -33.72 -36.94
C PHE E 459 -2.31 -32.99 -36.73
N THR E 460 -2.55 -31.98 -37.56
CA THR E 460 -3.77 -31.19 -37.49
C THR E 460 -4.69 -31.58 -38.63
N LEU E 461 -5.93 -31.93 -38.30
CA LEU E 461 -6.91 -32.31 -39.30
C LEU E 461 -7.77 -31.07 -39.62
N VAL E 462 -7.87 -30.71 -40.88
CA VAL E 462 -8.66 -29.55 -41.26
C VAL E 462 -9.77 -29.98 -42.20
N LEU E 463 -11.00 -29.76 -41.77
CA LEU E 463 -12.16 -30.14 -42.56
C LEU E 463 -12.87 -28.92 -43.17
N TYR E 464 -13.16 -29.00 -44.46
CA TYR E 464 -13.88 -27.94 -45.17
C TYR E 464 -15.21 -28.56 -45.60
N GLY E 465 -16.27 -27.75 -45.63
CA GLY E 465 -17.56 -28.30 -46.03
C GLY E 465 -18.77 -27.55 -45.54
N THR E 466 -19.91 -28.22 -45.57
CA THR E 466 -21.15 -27.59 -45.14
C THR E 466 -21.93 -28.52 -44.23
N ALA E 467 -23.08 -28.04 -43.76
CA ALA E 467 -23.95 -28.79 -42.89
C ALA E 467 -25.35 -28.72 -43.51
N TYR F 3 -27.49 14.48 -20.81
CA TYR F 3 -26.69 13.23 -20.66
C TYR F 3 -26.06 13.10 -19.26
N GLN F 4 -26.35 12.00 -18.58
CA GLN F 4 -25.80 11.77 -17.25
C GLN F 4 -24.58 10.84 -17.33
N GLU F 5 -23.42 11.35 -16.93
CA GLU F 5 -22.20 10.55 -16.95
C GLU F 5 -22.31 9.43 -15.91
N PRO F 6 -21.47 8.40 -16.01
CA PRO F 6 -21.48 7.26 -15.07
C PRO F 6 -21.35 7.64 -13.59
N THR F 7 -22.04 6.91 -12.74
CA THR F 7 -22.03 7.17 -11.31
C THR F 7 -21.16 6.15 -10.58
N ASP F 8 -20.55 5.23 -11.32
CA ASP F 8 -19.71 4.20 -10.71
C ASP F 8 -18.67 4.83 -9.80
N PRO F 9 -18.38 4.17 -8.66
CA PRO F 9 -17.41 4.67 -7.69
C PRO F 9 -16.02 4.99 -8.24
N LYS F 10 -15.54 4.19 -9.18
CA LYS F 10 -14.20 4.42 -9.73
C LYS F 10 -14.13 5.25 -11.01
N PHE F 11 -15.28 5.63 -11.57
CA PHE F 11 -15.28 6.42 -12.81
C PHE F 11 -14.39 7.67 -12.70
N PRO F 12 -14.48 8.40 -11.58
CA PRO F 12 -13.67 9.60 -11.40
C PRO F 12 -12.17 9.35 -11.56
N GLN F 13 -11.73 8.11 -11.32
CA GLN F 13 -10.32 7.78 -11.45
C GLN F 13 -9.94 7.31 -12.85
N GLN F 14 -10.93 7.22 -13.74
CA GLN F 14 -10.66 6.79 -15.09
C GLN F 14 -10.36 8.03 -15.93
N TRP F 15 -9.25 8.67 -15.58
CA TRP F 15 -8.77 9.89 -16.22
C TRP F 15 -8.71 9.85 -17.74
N TYR F 16 -8.41 8.68 -18.29
CA TYR F 16 -8.29 8.49 -19.72
C TYR F 16 -9.62 8.55 -20.49
N LEU F 17 -10.74 8.29 -19.79
CA LEU F 17 -12.06 8.31 -20.43
C LEU F 17 -12.59 9.73 -20.53
N SER F 18 -12.54 10.44 -19.41
CA SER F 18 -13.01 11.82 -19.36
C SER F 18 -12.24 12.59 -18.29
N GLY F 19 -11.82 13.81 -18.64
CA GLY F 19 -11.07 14.60 -17.69
C GLY F 19 -11.08 16.09 -18.02
N VAL F 20 -11.06 16.92 -16.98
CA VAL F 20 -11.05 18.37 -17.16
C VAL F 20 -9.82 18.73 -18.01
N THR F 21 -8.68 18.14 -17.65
CA THR F 21 -7.40 18.38 -18.32
C THR F 21 -7.39 18.24 -19.83
N GLN F 22 -8.53 17.89 -20.43
CA GLN F 22 -8.64 17.76 -21.89
C GLN F 22 -7.53 16.85 -22.50
N ARG F 23 -6.92 16.03 -21.65
CA ARG F 23 -5.89 15.09 -22.08
C ARG F 23 -6.47 13.69 -21.85
N ASP F 24 -7.45 13.33 -22.69
CA ASP F 24 -8.14 12.04 -22.60
C ASP F 24 -8.53 11.48 -23.97
N LEU F 25 -9.19 10.34 -24.00
CA LEU F 25 -9.60 9.72 -25.25
C LEU F 25 -10.93 10.26 -25.78
N ASN F 26 -11.44 11.30 -25.11
CA ASN F 26 -12.68 11.96 -25.52
C ASN F 26 -13.84 10.98 -25.71
N VAL F 27 -13.98 10.05 -24.77
CA VAL F 27 -15.01 9.04 -24.83
C VAL F 27 -16.38 9.59 -24.43
N LYS F 28 -16.41 10.46 -23.42
CA LYS F 28 -17.67 11.02 -22.96
C LYS F 28 -18.38 11.74 -24.11
N ALA F 29 -17.60 12.38 -24.96
CA ALA F 29 -18.14 13.10 -26.11
C ALA F 29 -18.93 12.14 -27.01
N ALA F 30 -18.47 10.90 -27.09
CA ALA F 30 -19.14 9.90 -27.92
C ALA F 30 -20.41 9.40 -27.22
N TRP F 31 -20.34 9.23 -25.90
CA TRP F 31 -21.49 8.79 -25.14
C TRP F 31 -22.60 9.82 -25.30
N ALA F 32 -22.21 11.10 -25.21
CA ALA F 32 -23.14 12.21 -25.34
C ALA F 32 -23.86 12.17 -26.69
N GLN F 33 -23.15 11.76 -27.74
CA GLN F 33 -23.75 11.67 -29.07
C GLN F 33 -24.69 10.45 -29.13
N GLY F 34 -24.79 9.72 -28.02
CA GLY F 34 -25.67 8.57 -27.97
C GLY F 34 -25.07 7.20 -28.27
N TYR F 35 -23.75 7.07 -28.23
CA TYR F 35 -23.13 5.78 -28.52
C TYR F 35 -22.44 5.16 -27.32
N THR F 36 -22.84 3.93 -27.00
CA THR F 36 -22.29 3.20 -25.86
C THR F 36 -21.93 1.75 -26.17
N GLY F 37 -22.03 1.38 -27.44
CA GLY F 37 -21.70 0.03 -27.84
C GLY F 37 -22.87 -0.93 -27.92
N HIS F 38 -24.08 -0.42 -27.75
CA HIS F 38 -25.27 -1.26 -27.83
C HIS F 38 -25.30 -2.04 -29.14
N GLY F 39 -25.54 -3.34 -29.05
CA GLY F 39 -25.60 -4.17 -30.24
C GLY F 39 -24.28 -4.64 -30.83
N ILE F 40 -23.16 -4.24 -30.24
CA ILE F 40 -21.87 -4.66 -30.74
C ILE F 40 -21.26 -5.74 -29.87
N VAL F 41 -20.65 -6.74 -30.51
CA VAL F 41 -20.04 -7.86 -29.80
C VAL F 41 -18.52 -7.82 -29.88
N VAL F 42 -17.87 -7.83 -28.72
CA VAL F 42 -16.42 -7.81 -28.66
C VAL F 42 -15.91 -9.04 -27.91
N SER F 43 -14.86 -9.65 -28.44
CA SER F 43 -14.28 -10.82 -27.80
C SER F 43 -12.82 -10.59 -27.41
N ILE F 44 -12.47 -10.94 -26.18
CA ILE F 44 -11.10 -10.80 -25.68
C ILE F 44 -10.37 -12.14 -25.79
N LEU F 45 -9.39 -12.21 -26.69
CA LEU F 45 -8.61 -13.44 -26.85
C LEU F 45 -7.47 -13.35 -25.86
N ASP F 46 -7.60 -14.03 -24.73
CA ASP F 46 -6.58 -13.94 -23.69
C ASP F 46 -6.48 -15.21 -22.84
N ASP F 47 -6.24 -15.02 -21.53
CA ASP F 47 -6.12 -16.14 -20.61
C ASP F 47 -7.43 -16.47 -19.91
N GLY F 48 -8.54 -16.00 -20.48
CA GLY F 48 -9.84 -16.27 -19.89
C GLY F 48 -10.58 -15.01 -19.49
N ILE F 49 -11.82 -15.20 -19.04
CA ILE F 49 -12.64 -14.07 -18.61
C ILE F 49 -13.55 -14.52 -17.45
N GLU F 50 -13.54 -13.74 -16.36
CA GLU F 50 -14.37 -14.06 -15.21
C GLU F 50 -15.79 -13.59 -15.52
N LYS F 51 -16.52 -14.42 -16.26
CA LYS F 51 -17.90 -14.09 -16.67
C LYS F 51 -18.86 -13.74 -15.55
N ASN F 52 -18.57 -14.21 -14.34
CA ASN F 52 -19.44 -13.93 -13.20
C ASN F 52 -19.02 -12.70 -12.40
N HIS F 53 -18.02 -11.98 -12.90
CA HIS F 53 -17.55 -10.77 -12.21
C HIS F 53 -18.71 -9.80 -12.14
N PRO F 54 -18.95 -9.19 -10.97
CA PRO F 54 -20.06 -8.24 -10.82
C PRO F 54 -20.09 -7.07 -11.81
N ASP F 55 -18.96 -6.75 -12.42
CA ASP F 55 -18.95 -5.65 -13.36
C ASP F 55 -18.88 -6.14 -14.81
N LEU F 56 -19.02 -7.45 -15.00
CA LEU F 56 -19.00 -8.05 -16.34
C LEU F 56 -20.22 -8.90 -16.68
N ALA F 57 -20.73 -9.62 -15.69
CA ALA F 57 -21.87 -10.50 -15.91
C ALA F 57 -22.99 -9.87 -16.75
N GLY F 58 -23.37 -8.64 -16.39
CA GLY F 58 -24.43 -7.96 -17.11
C GLY F 58 -24.22 -7.86 -18.62
N ASN F 59 -22.97 -7.87 -19.07
CA ASN F 59 -22.69 -7.78 -20.49
C ASN F 59 -22.07 -9.04 -21.08
N TYR F 60 -21.75 -10.01 -20.24
CA TYR F 60 -21.13 -11.24 -20.72
C TYR F 60 -21.96 -11.92 -21.82
N ASP F 61 -21.29 -12.36 -22.87
CA ASP F 61 -21.95 -13.01 -24.01
C ASP F 61 -21.30 -14.37 -24.27
N PRO F 62 -22.02 -15.46 -23.98
CA PRO F 62 -21.50 -16.82 -24.19
C PRO F 62 -21.19 -17.07 -25.67
N GLY F 63 -21.96 -16.43 -26.55
CA GLY F 63 -21.77 -16.61 -27.98
C GLY F 63 -20.47 -16.04 -28.50
N ALA F 64 -19.82 -15.22 -27.69
CA ALA F 64 -18.55 -14.60 -28.06
C ALA F 64 -17.41 -15.19 -27.23
N SER F 65 -17.68 -16.31 -26.55
CA SER F 65 -16.68 -16.94 -25.71
C SER F 65 -16.45 -18.41 -26.02
N PHE F 66 -15.32 -18.92 -25.52
CA PHE F 66 -14.97 -20.31 -25.69
C PHE F 66 -13.65 -20.58 -25.00
N ASP F 67 -13.40 -21.85 -24.66
CA ASP F 67 -12.18 -22.26 -24.00
C ASP F 67 -11.42 -23.19 -24.94
N VAL F 68 -10.48 -22.62 -25.69
CA VAL F 68 -9.70 -23.39 -26.63
C VAL F 68 -8.62 -24.22 -25.92
N ASN F 69 -8.18 -23.75 -24.77
CA ASN F 69 -7.16 -24.45 -24.02
C ASN F 69 -7.66 -25.79 -23.51
N ASP F 70 -8.88 -25.82 -22.97
CA ASP F 70 -9.43 -27.07 -22.46
C ASP F 70 -10.57 -27.63 -23.29
N GLN F 71 -10.77 -27.05 -24.46
CA GLN F 71 -11.82 -27.52 -25.36
C GLN F 71 -13.22 -27.59 -24.77
N ASP F 72 -13.74 -26.48 -24.28
CA ASP F 72 -15.10 -26.42 -23.76
C ASP F 72 -15.60 -25.00 -23.94
N PRO F 73 -16.91 -24.77 -23.83
CA PRO F 73 -17.40 -23.41 -24.02
C PRO F 73 -17.29 -22.43 -22.86
N ASP F 74 -16.80 -22.90 -21.72
CA ASP F 74 -16.66 -22.04 -20.54
C ASP F 74 -15.25 -21.42 -20.44
N PRO F 75 -15.15 -20.09 -20.64
CA PRO F 75 -13.88 -19.36 -20.59
C PRO F 75 -13.42 -18.90 -19.19
N GLN F 76 -14.04 -19.45 -18.15
CA GLN F 76 -13.67 -19.06 -16.79
C GLN F 76 -12.17 -19.27 -16.58
N PRO F 77 -11.50 -18.30 -15.95
CA PRO F 77 -10.06 -18.41 -15.69
C PRO F 77 -9.72 -19.53 -14.70
N ARG F 78 -8.48 -20.00 -14.76
CA ARG F 78 -8.00 -21.02 -13.84
C ARG F 78 -7.36 -20.28 -12.67
N TYR F 79 -7.96 -20.40 -11.48
CA TYR F 79 -7.45 -19.70 -10.31
C TYR F 79 -6.21 -20.31 -9.70
N THR F 80 -5.28 -19.45 -9.29
CA THR F 80 -4.03 -19.87 -8.68
C THR F 80 -3.63 -18.81 -7.65
N GLN F 81 -2.77 -19.19 -6.70
CA GLN F 81 -2.32 -18.24 -5.67
C GLN F 81 -1.71 -16.97 -6.25
N MET F 82 -0.92 -17.13 -7.32
CA MET F 82 -0.27 -15.99 -7.96
C MET F 82 -1.22 -15.15 -8.85
N ASN F 83 -2.42 -15.66 -9.09
CA ASN F 83 -3.40 -14.97 -9.93
C ASN F 83 -2.88 -14.72 -11.34
N ASP F 84 -2.24 -15.73 -11.91
CA ASP F 84 -1.68 -15.63 -13.25
C ASP F 84 -2.69 -15.30 -14.33
N ASN F 85 -3.87 -15.89 -14.23
CA ASN F 85 -4.90 -15.69 -15.23
C ASN F 85 -5.90 -14.58 -14.97
N ARG F 86 -5.39 -13.42 -14.58
CA ARG F 86 -6.24 -12.24 -14.30
C ARG F 86 -6.20 -11.29 -15.50
N HIS F 87 -5.19 -11.46 -16.34
CA HIS F 87 -4.97 -10.62 -17.51
C HIS F 87 -6.17 -10.42 -18.42
N GLY F 88 -6.79 -11.50 -18.86
CA GLY F 88 -7.94 -11.38 -19.74
C GLY F 88 -9.11 -10.63 -19.13
N THR F 89 -9.33 -10.85 -17.84
CA THR F 89 -10.43 -10.20 -17.13
C THR F 89 -10.21 -8.70 -17.04
N ARG F 90 -8.96 -8.29 -16.85
CA ARG F 90 -8.65 -6.86 -16.77
C ARG F 90 -8.92 -6.21 -18.12
N CYS F 91 -8.49 -6.84 -19.20
CA CYS F 91 -8.71 -6.30 -20.54
C CYS F 91 -10.20 -6.19 -20.85
N ALA F 92 -10.95 -7.23 -20.50
CA ALA F 92 -12.39 -7.24 -20.76
C ALA F 92 -13.08 -6.03 -20.12
N GLY F 93 -12.75 -5.79 -18.86
CA GLY F 93 -13.36 -4.68 -18.14
C GLY F 93 -13.16 -3.34 -18.79
N GLU F 94 -12.01 -3.15 -19.44
CA GLU F 94 -11.71 -1.89 -20.11
C GLU F 94 -12.69 -1.62 -21.24
N VAL F 95 -13.05 -2.69 -21.94
CA VAL F 95 -13.97 -2.58 -23.05
C VAL F 95 -15.42 -2.44 -22.65
N ALA F 96 -15.91 -3.35 -21.80
CA ALA F 96 -17.32 -3.30 -21.44
C ALA F 96 -17.74 -3.50 -19.98
N ALA F 97 -17.02 -2.90 -19.04
CA ALA F 97 -17.43 -3.04 -17.64
C ALA F 97 -18.79 -2.35 -17.53
N VAL F 98 -19.73 -2.97 -16.80
CA VAL F 98 -21.07 -2.39 -16.64
C VAL F 98 -21.04 -0.97 -16.05
N ALA F 99 -21.99 -0.14 -16.47
CA ALA F 99 -22.06 1.23 -15.96
C ALA F 99 -23.23 1.47 -14.98
N ASN F 100 -23.06 2.48 -14.12
CA ASN F 100 -24.06 2.86 -13.14
C ASN F 100 -24.56 1.69 -12.29
N ASN F 101 -23.65 0.86 -11.80
CA ASN F 101 -24.05 -0.28 -11.00
C ASN F 101 -23.31 -0.31 -9.67
N GLY F 102 -22.82 0.87 -9.27
CA GLY F 102 -22.12 0.98 -8.00
C GLY F 102 -20.89 0.09 -7.84
N VAL F 103 -20.39 -0.46 -8.95
CA VAL F 103 -19.23 -1.32 -8.89
C VAL F 103 -18.08 -0.85 -9.78
N CYS F 104 -16.91 -0.71 -9.17
CA CYS F 104 -15.69 -0.32 -9.86
C CYS F 104 -15.91 0.85 -10.84
N GLY F 105 -15.43 0.70 -12.07
CA GLY F 105 -15.59 1.77 -13.06
C GLY F 105 -16.52 1.39 -14.20
N VAL F 106 -16.21 1.86 -15.40
CA VAL F 106 -17.03 1.56 -16.58
C VAL F 106 -16.14 1.27 -17.80
N GLY F 107 -16.67 0.50 -18.75
CA GLY F 107 -15.91 0.22 -19.94
C GLY F 107 -16.18 1.30 -20.96
N VAL F 108 -15.32 1.42 -21.97
CA VAL F 108 -15.53 2.43 -23.00
C VAL F 108 -16.88 2.21 -23.68
N ALA F 109 -17.20 0.95 -23.95
CA ALA F 109 -18.46 0.59 -24.59
C ALA F 109 -19.24 -0.20 -23.54
N TYR F 110 -19.71 0.50 -22.52
CA TYR F 110 -20.42 -0.15 -21.42
C TYR F 110 -21.76 -0.79 -21.74
N ASN F 111 -22.20 -0.74 -22.99
CA ASN F 111 -23.45 -1.39 -23.37
C ASN F 111 -23.22 -2.45 -24.42
N ALA F 112 -21.95 -2.69 -24.74
CA ALA F 112 -21.58 -3.69 -25.72
C ALA F 112 -21.60 -5.04 -25.03
N ARG F 113 -21.65 -6.10 -25.81
CA ARG F 113 -21.64 -7.44 -25.24
C ARG F 113 -20.18 -7.89 -25.30
N ILE F 114 -19.68 -8.39 -24.17
CA ILE F 114 -18.29 -8.81 -24.08
C ILE F 114 -18.16 -10.31 -23.90
N GLY F 115 -17.24 -10.90 -24.67
CA GLY F 115 -16.99 -12.32 -24.57
C GLY F 115 -15.51 -12.54 -24.36
N GLY F 116 -15.12 -13.78 -24.12
CA GLY F 116 -13.71 -14.06 -23.91
C GLY F 116 -13.34 -15.43 -24.40
N VAL F 117 -12.15 -15.54 -25.00
CA VAL F 117 -11.66 -16.83 -25.47
C VAL F 117 -10.46 -17.18 -24.62
N ARG F 118 -10.57 -18.27 -23.88
CA ARG F 118 -9.45 -18.71 -23.04
C ARG F 118 -8.51 -19.45 -23.98
N MET F 119 -7.39 -18.83 -24.32
CA MET F 119 -6.42 -19.47 -25.21
C MET F 119 -4.94 -19.24 -24.91
N LEU F 120 -4.62 -18.46 -23.88
CA LEU F 120 -3.21 -18.20 -23.53
C LEU F 120 -2.74 -19.13 -22.39
N ASP F 121 -3.68 -19.71 -21.66
CA ASP F 121 -3.36 -20.59 -20.53
C ASP F 121 -3.19 -22.04 -20.98
N GLY F 122 -2.09 -22.30 -21.69
CA GLY F 122 -1.82 -23.63 -22.18
C GLY F 122 -0.85 -23.48 -23.34
N GLU F 123 -0.65 -24.53 -24.12
CA GLU F 123 0.25 -24.45 -25.26
C GLU F 123 -0.46 -23.64 -26.33
N VAL F 124 0.10 -22.49 -26.70
CA VAL F 124 -0.50 -21.65 -27.72
C VAL F 124 0.01 -22.05 -29.10
N THR F 125 -0.70 -22.98 -29.74
CA THR F 125 -0.29 -23.46 -31.07
C THR F 125 -0.97 -22.67 -32.18
N ASP F 126 -0.58 -22.96 -33.41
CA ASP F 126 -1.15 -22.29 -34.57
C ASP F 126 -2.66 -22.58 -34.59
N ALA F 127 -3.02 -23.84 -34.38
CA ALA F 127 -4.43 -24.23 -34.36
C ALA F 127 -5.17 -23.48 -33.26
N VAL F 128 -4.50 -23.30 -32.13
CA VAL F 128 -5.13 -22.59 -31.02
C VAL F 128 -5.42 -21.16 -31.42
N GLU F 129 -4.42 -20.49 -31.99
CA GLU F 129 -4.62 -19.11 -32.42
C GLU F 129 -5.71 -19.02 -33.49
N ALA F 130 -5.65 -19.92 -34.46
CA ALA F 130 -6.61 -19.94 -35.56
C ALA F 130 -8.06 -20.11 -35.09
N ARG F 131 -8.30 -21.02 -34.15
CA ARG F 131 -9.65 -21.23 -33.68
C ARG F 131 -10.18 -20.00 -32.90
N SER F 132 -9.27 -19.32 -32.22
CA SER F 132 -9.63 -18.13 -31.44
C SER F 132 -9.93 -16.95 -32.37
N LEU F 133 -9.04 -16.69 -33.31
CA LEU F 133 -9.21 -15.59 -34.25
C LEU F 133 -10.41 -15.82 -35.17
N GLY F 134 -10.74 -17.08 -35.40
CA GLY F 134 -11.86 -17.40 -36.27
C GLY F 134 -13.14 -17.82 -35.57
N LEU F 135 -13.25 -17.51 -34.29
CA LEU F 135 -14.43 -17.88 -33.52
C LEU F 135 -15.65 -17.03 -33.87
N ASN F 136 -16.73 -17.66 -34.32
CA ASN F 136 -17.96 -16.93 -34.65
C ASN F 136 -17.79 -15.64 -35.43
N PRO F 137 -17.16 -15.72 -36.61
CA PRO F 137 -16.94 -14.52 -37.42
C PRO F 137 -18.20 -13.71 -37.72
N ASN F 138 -19.36 -14.36 -37.66
CA ASN F 138 -20.59 -13.65 -37.96
C ASN F 138 -21.38 -13.22 -36.74
N HIS F 139 -20.82 -13.47 -35.56
CA HIS F 139 -21.49 -13.03 -34.35
C HIS F 139 -20.64 -11.96 -33.68
N ILE F 140 -19.33 -12.23 -33.60
CA ILE F 140 -18.36 -11.31 -32.99
C ILE F 140 -17.92 -10.27 -34.02
N HIS F 141 -17.95 -9.00 -33.63
CA HIS F 141 -17.55 -7.91 -34.54
C HIS F 141 -16.07 -7.56 -34.38
N ILE F 142 -15.66 -7.39 -33.13
CA ILE F 142 -14.31 -6.99 -32.80
C ILE F 142 -13.55 -7.98 -31.92
N TYR F 143 -12.32 -8.29 -32.34
CA TYR F 143 -11.44 -9.18 -31.60
C TYR F 143 -10.32 -8.33 -31.00
N SER F 144 -10.01 -8.56 -29.74
CA SER F 144 -8.94 -7.80 -29.09
C SER F 144 -7.87 -8.76 -28.58
N ALA F 145 -6.62 -8.49 -28.94
CA ALA F 145 -5.51 -9.35 -28.53
C ALA F 145 -4.38 -8.60 -27.88
N SER F 146 -4.22 -8.79 -26.57
CA SER F 146 -3.15 -8.15 -25.81
C SER F 146 -2.05 -9.19 -25.53
N TRP F 147 -1.56 -9.83 -26.59
CA TRP F 147 -0.52 -10.83 -26.47
C TRP F 147 0.20 -10.93 -27.81
N GLY F 148 1.26 -11.74 -27.85
CA GLY F 148 2.00 -11.90 -29.07
C GLY F 148 3.37 -12.51 -28.83
N PRO F 149 4.23 -12.53 -29.86
CA PRO F 149 5.58 -13.09 -29.75
C PRO F 149 6.35 -12.47 -28.59
N GLU F 150 7.31 -13.19 -28.05
CA GLU F 150 8.10 -12.69 -26.94
C GLU F 150 8.82 -11.41 -27.33
N ASP F 151 8.90 -10.46 -26.41
CA ASP F 151 9.55 -9.18 -26.68
C ASP F 151 11.02 -9.15 -26.23
N ASP F 152 11.80 -10.15 -26.60
CA ASP F 152 13.18 -10.18 -26.18
C ASP F 152 14.03 -9.24 -27.02
N GLY F 153 13.45 -8.67 -28.07
CA GLY F 153 14.18 -7.76 -28.92
C GLY F 153 15.19 -8.46 -29.83
N LYS F 154 15.01 -9.76 -30.01
CA LYS F 154 15.92 -10.49 -30.88
C LYS F 154 15.21 -11.52 -31.73
N THR F 155 13.89 -11.63 -31.59
CA THR F 155 13.16 -12.59 -32.39
C THR F 155 12.30 -11.92 -33.46
N VAL F 156 12.09 -12.65 -34.54
CA VAL F 156 11.26 -12.22 -35.65
C VAL F 156 10.23 -13.35 -35.73
N ASP F 157 8.98 -13.05 -35.43
CA ASP F 157 7.96 -14.08 -35.43
C ASP F 157 6.59 -13.51 -35.79
N GLY F 158 5.74 -14.36 -36.36
CA GLY F 158 4.41 -13.93 -36.75
C GLY F 158 3.48 -15.13 -36.81
N PRO F 159 2.22 -14.94 -37.24
CA PRO F 159 1.27 -16.04 -37.31
C PRO F 159 1.67 -17.12 -38.31
N ALA F 160 1.30 -18.35 -38.01
CA ALA F 160 1.60 -19.48 -38.89
C ALA F 160 0.44 -19.60 -39.90
N ARG F 161 0.51 -20.61 -40.76
CA ARG F 161 -0.50 -20.82 -41.80
C ARG F 161 -1.96 -20.69 -41.37
N LEU F 162 -2.38 -21.53 -40.42
CA LEU F 162 -3.77 -21.49 -39.97
C LEU F 162 -4.18 -20.11 -39.46
N ALA F 163 -3.33 -19.50 -38.63
CA ALA F 163 -3.64 -18.17 -38.10
C ALA F 163 -3.78 -17.15 -39.23
N GLU F 164 -2.89 -17.20 -40.23
CA GLU F 164 -2.97 -16.28 -41.36
C GLU F 164 -4.29 -16.52 -42.07
N GLU F 165 -4.59 -17.78 -42.34
CA GLU F 165 -5.83 -18.11 -43.02
C GLU F 165 -7.02 -17.59 -42.23
N ALA F 166 -6.91 -17.59 -40.90
CA ALA F 166 -7.99 -17.09 -40.04
C ALA F 166 -8.13 -15.56 -40.20
N PHE F 167 -7.01 -14.86 -40.26
CA PHE F 167 -7.02 -13.41 -40.45
C PHE F 167 -7.65 -13.09 -41.80
N PHE F 168 -7.25 -13.82 -42.82
CA PHE F 168 -7.77 -13.59 -44.16
C PHE F 168 -9.26 -13.90 -44.30
N ARG F 169 -9.70 -15.02 -43.74
CA ARG F 169 -11.12 -15.39 -43.81
C ARG F 169 -11.88 -14.32 -43.05
N GLY F 170 -11.30 -13.88 -41.92
CA GLY F 170 -11.92 -12.87 -41.10
C GLY F 170 -12.23 -11.55 -41.79
N VAL F 171 -11.24 -10.96 -42.46
CA VAL F 171 -11.45 -9.67 -43.13
C VAL F 171 -12.27 -9.82 -44.41
N SER F 172 -12.29 -11.04 -44.95
CA SER F 172 -13.04 -11.32 -46.17
C SER F 172 -14.50 -11.66 -45.93
N GLN F 173 -14.72 -12.60 -45.01
CA GLN F 173 -16.05 -13.09 -44.71
C GLN F 173 -16.67 -12.69 -43.37
N GLY F 174 -15.85 -12.29 -42.42
CA GLY F 174 -16.40 -11.91 -41.12
C GLY F 174 -17.42 -10.78 -41.22
N ARG F 175 -18.27 -10.66 -40.20
CA ARG F 175 -19.30 -9.62 -40.19
C ARG F 175 -20.01 -9.53 -41.54
N GLY F 176 -20.48 -10.67 -42.02
CA GLY F 176 -21.19 -10.70 -43.29
C GLY F 176 -20.48 -10.04 -44.45
N GLY F 177 -19.15 -10.18 -44.53
CA GLY F 177 -18.43 -9.59 -45.63
C GLY F 177 -17.72 -8.29 -45.36
N LEU F 178 -18.17 -7.57 -44.33
CA LEU F 178 -17.55 -6.28 -43.98
C LEU F 178 -16.15 -6.49 -43.38
N GLY F 179 -15.93 -7.68 -42.81
CA GLY F 179 -14.63 -8.00 -42.25
C GLY F 179 -14.50 -7.84 -40.74
N SER F 180 -13.91 -8.85 -40.10
CA SER F 180 -13.70 -8.81 -38.66
C SER F 180 -12.69 -7.70 -38.34
N ILE F 181 -12.88 -7.04 -37.21
CA ILE F 181 -11.95 -5.99 -36.78
C ILE F 181 -10.98 -6.63 -35.78
N PHE F 182 -9.69 -6.66 -36.12
CA PHE F 182 -8.68 -7.23 -35.24
C PHE F 182 -7.81 -6.14 -34.60
N VAL F 183 -7.99 -5.92 -33.30
CA VAL F 183 -7.22 -4.90 -32.56
C VAL F 183 -6.07 -5.59 -31.83
N TRP F 184 -4.85 -5.09 -32.04
CA TRP F 184 -3.65 -5.69 -31.44
C TRP F 184 -2.81 -4.72 -30.60
N ALA F 185 -2.17 -5.23 -29.55
CA ALA F 185 -1.31 -4.42 -28.69
C ALA F 185 0.07 -4.51 -29.35
N SER F 186 0.70 -3.37 -29.60
CA SER F 186 1.99 -3.37 -30.28
C SER F 186 3.18 -4.02 -29.55
N GLY F 187 3.11 -4.17 -28.23
CA GLY F 187 4.21 -4.82 -27.52
C GLY F 187 4.86 -4.09 -26.34
N ASN F 188 5.53 -4.86 -25.48
CA ASN F 188 6.21 -4.31 -24.31
C ASN F 188 7.73 -4.39 -24.40
N GLY F 189 8.27 -4.63 -25.59
CA GLY F 189 9.72 -4.75 -25.72
C GLY F 189 10.54 -3.48 -25.71
N GLY F 190 9.96 -2.36 -25.30
CA GLY F 190 10.69 -1.10 -25.26
C GLY F 190 12.06 -1.15 -24.59
N ARG F 191 12.14 -1.78 -23.43
CA ARG F 191 13.39 -1.85 -22.70
C ARG F 191 14.45 -2.68 -23.42
N GLU F 192 14.03 -3.60 -24.28
CA GLU F 192 14.97 -4.45 -25.02
C GLU F 192 15.21 -3.89 -26.42
N HIS F 193 14.70 -2.68 -26.66
CA HIS F 193 14.84 -2.04 -27.96
C HIS F 193 14.16 -2.83 -29.06
N ASP F 194 13.07 -3.48 -28.72
CA ASP F 194 12.33 -4.29 -29.68
C ASP F 194 11.65 -3.41 -30.72
N SER F 195 11.39 -3.99 -31.89
CA SER F 195 10.73 -3.30 -32.98
C SER F 195 9.43 -4.04 -33.29
N CYS F 196 8.31 -3.33 -33.28
CA CYS F 196 7.06 -4.02 -33.55
C CYS F 196 6.83 -4.37 -35.03
N ASN F 197 7.85 -4.19 -35.85
CA ASN F 197 7.74 -4.55 -37.26
C ASN F 197 8.30 -5.97 -37.38
N CYS F 198 8.87 -6.46 -36.28
CA CYS F 198 9.43 -7.82 -36.24
C CYS F 198 8.41 -8.74 -35.61
N ASP F 199 7.18 -8.23 -35.51
CA ASP F 199 6.06 -8.95 -34.93
C ASP F 199 5.01 -9.08 -36.05
N GLY F 200 4.87 -10.29 -36.60
CA GLY F 200 3.91 -10.52 -37.67
C GLY F 200 2.45 -10.21 -37.40
N TYR F 201 2.05 -10.13 -36.13
CA TYR F 201 0.67 -9.85 -35.82
C TYR F 201 0.36 -8.37 -35.87
N THR F 202 1.21 -7.57 -35.26
CA THR F 202 1.04 -6.13 -35.25
C THR F 202 1.34 -5.59 -36.65
N ASN F 203 2.36 -6.18 -37.27
CA ASN F 203 2.83 -5.80 -38.59
C ASN F 203 1.85 -6.10 -39.73
N SER F 204 0.87 -6.95 -39.46
CA SER F 204 -0.13 -7.32 -40.46
C SER F 204 -1.05 -6.17 -40.81
N ILE F 205 -1.52 -6.12 -42.07
CA ILE F 205 -2.43 -5.05 -42.46
C ILE F 205 -3.85 -5.36 -41.99
N TYR F 206 -4.09 -6.61 -41.58
CA TYR F 206 -5.42 -6.99 -41.11
C TYR F 206 -5.68 -6.58 -39.66
N THR F 207 -4.65 -6.14 -38.96
CA THR F 207 -4.82 -5.74 -37.57
C THR F 207 -4.50 -4.26 -37.34
N LEU F 208 -5.21 -3.64 -36.40
CA LEU F 208 -4.95 -2.25 -36.05
C LEU F 208 -4.02 -2.34 -34.85
N SER F 209 -2.73 -2.09 -35.07
CA SER F 209 -1.76 -2.16 -33.99
C SER F 209 -1.85 -0.87 -33.18
N ILE F 210 -2.01 -1.00 -31.87
CA ILE F 210 -2.16 0.15 -30.98
C ILE F 210 -1.04 0.32 -29.95
N SER F 211 -0.43 1.51 -29.94
CA SER F 211 0.65 1.81 -28.98
C SER F 211 0.14 2.55 -27.76
N SER F 212 1.05 2.85 -26.83
CA SER F 212 0.69 3.52 -25.60
C SER F 212 1.30 4.90 -25.38
N ALA F 213 0.66 5.66 -24.49
CA ALA F 213 1.14 7.00 -24.13
C ALA F 213 0.88 7.12 -22.63
N THR F 214 1.82 7.72 -21.89
CA THR F 214 1.63 7.89 -20.45
C THR F 214 0.69 9.06 -20.20
N GLN F 215 0.22 9.18 -18.95
CA GLN F 215 -0.69 10.25 -18.59
C GLN F 215 -0.16 11.63 -18.94
N PHE F 216 1.15 11.86 -18.77
CA PHE F 216 1.72 13.17 -19.07
C PHE F 216 2.08 13.31 -20.54
N GLY F 217 1.65 12.35 -21.35
CA GLY F 217 1.92 12.42 -22.78
C GLY F 217 3.29 12.01 -23.27
N ASN F 218 3.91 11.03 -22.61
CA ASN F 218 5.24 10.58 -23.02
C ASN F 218 5.23 9.14 -23.50
N VAL F 219 6.31 8.74 -24.17
CA VAL F 219 6.46 7.39 -24.67
C VAL F 219 6.87 6.51 -23.49
N PRO F 220 6.01 5.57 -23.09
CA PRO F 220 6.31 4.68 -21.96
C PRO F 220 7.62 3.91 -22.14
N TRP F 221 8.20 3.47 -21.02
CA TRP F 221 9.45 2.73 -21.09
C TRP F 221 9.29 1.42 -21.85
N TYR F 222 8.08 0.84 -21.80
CA TYR F 222 7.82 -0.43 -22.46
C TYR F 222 7.45 -0.32 -23.93
N SER F 223 7.20 0.90 -24.40
CA SER F 223 6.80 1.13 -25.79
C SER F 223 7.78 0.67 -26.86
N GLU F 224 7.27 0.08 -27.93
CA GLU F 224 8.10 -0.34 -29.07
C GLU F 224 7.76 0.58 -30.23
N ALA F 225 8.76 0.97 -31.01
CA ALA F 225 8.51 1.84 -32.15
C ALA F 225 8.64 1.05 -33.44
N CYS F 226 7.82 1.40 -34.43
CA CYS F 226 7.83 0.78 -35.74
C CYS F 226 6.82 1.53 -36.62
N SER F 227 6.91 1.34 -37.93
CA SER F 227 6.02 2.03 -38.86
C SER F 227 4.67 1.37 -39.07
N SER F 228 4.47 0.18 -38.49
CA SER F 228 3.20 -0.53 -38.68
C SER F 228 2.13 -0.09 -37.70
N THR F 229 2.53 0.53 -36.59
CA THR F 229 1.57 1.01 -35.60
C THR F 229 0.64 2.03 -36.25
N LEU F 230 -0.65 1.93 -35.95
CA LEU F 230 -1.64 2.84 -36.54
C LEU F 230 -2.07 4.00 -35.65
N ALA F 231 -2.32 3.73 -34.36
CA ALA F 231 -2.72 4.79 -33.44
C ALA F 231 -2.34 4.49 -31.99
N THR F 232 -2.71 5.38 -31.09
CA THR F 232 -2.37 5.23 -29.67
C THR F 232 -3.50 5.50 -28.68
N THR F 233 -3.42 4.87 -27.51
CA THR F 233 -4.38 5.09 -26.44
C THR F 233 -3.56 5.14 -25.16
N TYR F 234 -4.09 5.79 -24.13
CA TYR F 234 -3.36 5.92 -22.88
C TYR F 234 -3.15 4.62 -22.13
N SER F 235 -2.11 4.62 -21.31
CA SER F 235 -1.78 3.48 -20.46
C SER F 235 -0.90 3.95 -19.32
N SER F 236 -0.15 3.04 -18.70
CA SER F 236 0.70 3.39 -17.57
C SER F 236 2.03 4.02 -17.96
N GLY F 237 2.65 4.68 -17.00
CA GLY F 237 3.95 5.32 -17.19
C GLY F 237 4.74 5.20 -15.91
N ASN F 238 5.23 6.30 -15.37
CA ASN F 238 5.99 6.23 -14.13
C ASN F 238 5.04 6.22 -12.92
N GLN F 239 5.61 6.15 -11.72
CA GLN F 239 4.80 6.10 -10.52
C GLN F 239 4.09 7.37 -10.08
N ASN F 240 4.23 8.44 -10.86
CA ASN F 240 3.54 9.69 -10.54
C ASN F 240 2.37 9.82 -11.49
N GLU F 241 2.35 8.95 -12.49
CA GLU F 241 1.30 8.95 -13.48
C GLU F 241 0.28 7.86 -13.14
N LYS F 242 -1.00 8.17 -13.32
CA LYS F 242 -2.04 7.21 -13.02
C LYS F 242 -2.07 6.07 -14.05
N GLN F 243 -2.72 4.96 -13.68
CA GLN F 243 -2.78 3.81 -14.55
C GLN F 243 -4.21 3.49 -14.99
N ILE F 244 -4.45 2.25 -15.43
CA ILE F 244 -5.77 1.88 -15.90
C ILE F 244 -6.62 1.20 -14.83
N VAL F 245 -7.85 1.68 -14.70
CA VAL F 245 -8.80 1.14 -13.73
C VAL F 245 -9.75 0.17 -14.41
N THR F 246 -9.83 -1.06 -13.89
CA THR F 246 -10.70 -2.05 -14.51
C THR F 246 -11.01 -3.23 -13.57
N THR F 247 -11.77 -4.18 -14.09
CA THR F 247 -12.16 -5.38 -13.34
C THR F 247 -10.98 -6.34 -13.13
N ASP F 248 -10.85 -6.87 -11.92
CA ASP F 248 -9.77 -7.80 -11.62
C ASP F 248 -10.30 -9.17 -11.19
N LEU F 249 -9.45 -10.17 -11.32
CA LEU F 249 -9.79 -11.54 -10.95
C LEU F 249 -10.31 -11.61 -9.52
N ARG F 250 -11.16 -12.60 -9.26
CA ARG F 250 -11.76 -12.80 -7.95
C ARG F 250 -12.72 -11.66 -7.60
N GLN F 251 -13.44 -11.20 -8.61
CA GLN F 251 -14.43 -10.15 -8.46
C GLN F 251 -13.94 -8.87 -7.80
N LYS F 252 -12.68 -8.54 -8.02
CA LYS F 252 -12.09 -7.33 -7.45
C LYS F 252 -11.99 -6.22 -8.49
N CYS F 253 -11.52 -5.07 -8.04
CA CYS F 253 -11.37 -3.90 -8.89
C CYS F 253 -9.93 -3.44 -8.76
N THR F 254 -9.24 -3.28 -9.88
CA THR F 254 -7.86 -2.85 -9.84
C THR F 254 -7.67 -1.47 -10.46
N GLU F 255 -6.72 -0.73 -9.92
CA GLU F 255 -6.41 0.60 -10.42
C GLU F 255 -5.01 0.57 -11.01
N SER F 256 -4.47 -0.63 -11.17
CA SER F 256 -3.13 -0.74 -11.71
C SER F 256 -2.94 -1.73 -12.86
N HIS F 257 -3.76 -1.61 -13.90
CA HIS F 257 -3.61 -2.45 -15.07
C HIS F 257 -2.62 -1.64 -15.90
N THR F 258 -1.54 -2.27 -16.37
CA THR F 258 -0.50 -1.54 -17.07
C THR F 258 0.01 -2.09 -18.40
N GLY F 259 0.95 -1.37 -18.98
CA GLY F 259 1.58 -1.78 -20.22
C GLY F 259 0.75 -1.75 -21.49
N THR F 260 1.35 -2.25 -22.55
CA THR F 260 0.70 -2.29 -23.86
C THR F 260 -0.64 -3.02 -23.79
N SER F 261 -0.76 -3.96 -22.85
CA SER F 261 -1.98 -4.74 -22.67
C SER F 261 -3.24 -3.90 -22.45
N ALA F 262 -3.08 -2.76 -21.78
CA ALA F 262 -4.22 -1.89 -21.50
C ALA F 262 -4.64 -0.99 -22.66
N SER F 263 -3.75 -0.78 -23.62
CA SER F 263 -4.10 0.09 -24.73
C SER F 263 -5.03 -0.51 -25.78
N ALA F 264 -4.75 -1.74 -26.22
CA ALA F 264 -5.61 -2.38 -27.22
C ALA F 264 -7.09 -2.45 -26.82
N PRO F 265 -7.39 -2.87 -25.58
CA PRO F 265 -8.79 -2.95 -25.15
C PRO F 265 -9.54 -1.62 -25.26
N LEU F 266 -8.85 -0.52 -24.95
CA LEU F 266 -9.49 0.79 -25.05
C LEU F 266 -9.79 1.09 -26.52
N ALA F 267 -8.87 0.75 -27.40
CA ALA F 267 -9.08 0.98 -28.83
C ALA F 267 -10.26 0.13 -29.28
N ALA F 268 -10.34 -1.11 -28.80
CA ALA F 268 -11.43 -2.01 -29.16
C ALA F 268 -12.75 -1.40 -28.71
N GLY F 269 -12.76 -0.80 -27.53
CA GLY F 269 -13.96 -0.19 -27.01
C GLY F 269 -14.41 0.98 -27.88
N ILE F 270 -13.46 1.84 -28.23
CA ILE F 270 -13.76 3.00 -29.06
C ILE F 270 -14.25 2.56 -30.44
N ILE F 271 -13.62 1.51 -30.98
CA ILE F 271 -14.03 1.00 -32.28
C ILE F 271 -15.45 0.43 -32.19
N ALA F 272 -15.81 -0.09 -31.01
CA ALA F 272 -17.15 -0.63 -30.79
C ALA F 272 -18.18 0.50 -30.86
N LEU F 273 -17.83 1.65 -30.29
CA LEU F 273 -18.73 2.79 -30.33
C LEU F 273 -18.88 3.23 -31.77
N THR F 274 -17.79 3.18 -32.52
CA THR F 274 -17.82 3.60 -33.91
C THR F 274 -18.70 2.69 -34.74
N LEU F 275 -18.66 1.38 -34.48
CA LEU F 275 -19.50 0.45 -35.23
C LEU F 275 -20.97 0.70 -34.94
N GLU F 276 -21.29 1.08 -33.71
CA GLU F 276 -22.68 1.34 -33.39
C GLU F 276 -23.12 2.57 -34.19
N ALA F 277 -22.23 3.54 -34.33
CA ALA F 277 -22.54 4.75 -35.08
C ALA F 277 -22.73 4.45 -36.57
N ASN F 278 -22.15 3.35 -37.03
CA ASN F 278 -22.27 2.96 -38.45
C ASN F 278 -21.88 1.49 -38.58
N LYS F 279 -22.88 0.62 -38.55
CA LYS F 279 -22.67 -0.82 -38.65
C LYS F 279 -22.21 -1.32 -40.00
N ASN F 280 -22.24 -0.46 -41.00
CA ASN F 280 -21.85 -0.86 -42.35
C ASN F 280 -20.39 -0.56 -42.70
N LEU F 281 -19.60 -0.22 -41.69
CA LEU F 281 -18.17 0.09 -41.91
C LEU F 281 -17.39 -1.19 -42.20
N THR F 282 -16.50 -1.15 -43.18
CA THR F 282 -15.70 -2.33 -43.50
C THR F 282 -14.44 -2.29 -42.64
N TRP F 283 -13.69 -3.39 -42.62
CA TRP F 283 -12.45 -3.44 -41.85
C TRP F 283 -11.49 -2.34 -42.31
N ARG F 284 -11.55 -1.98 -43.59
CA ARG F 284 -10.70 -0.93 -44.12
C ARG F 284 -11.28 0.45 -43.79
N ASP F 285 -12.60 0.58 -43.82
CA ASP F 285 -13.23 1.85 -43.48
C ASP F 285 -12.75 2.24 -42.08
N MET F 286 -12.76 1.25 -41.19
CA MET F 286 -12.36 1.47 -39.81
C MET F 286 -10.95 2.02 -39.68
N GLN F 287 -10.02 1.48 -40.46
CA GLN F 287 -8.64 1.97 -40.41
C GLN F 287 -8.55 3.40 -40.95
N HIS F 288 -9.39 3.72 -41.93
CA HIS F 288 -9.41 5.06 -42.49
C HIS F 288 -9.86 6.06 -41.43
N LEU F 289 -10.92 5.70 -40.71
CA LEU F 289 -11.44 6.57 -39.67
C LEU F 289 -10.38 6.88 -38.61
N VAL F 290 -9.59 5.86 -38.24
CA VAL F 290 -8.54 6.06 -37.24
C VAL F 290 -7.45 6.99 -37.74
N VAL F 291 -7.03 6.80 -38.99
CA VAL F 291 -5.99 7.65 -39.56
C VAL F 291 -6.44 9.11 -39.60
N GLN F 292 -7.68 9.32 -40.01
CA GLN F 292 -8.22 10.68 -40.13
C GLN F 292 -8.56 11.41 -38.85
N THR F 293 -9.02 10.69 -37.82
CA THR F 293 -9.40 11.33 -36.58
C THR F 293 -8.41 11.35 -35.42
N SER F 294 -7.36 10.53 -35.50
CA SER F 294 -6.37 10.50 -34.42
C SER F 294 -5.62 11.82 -34.26
N LYS F 295 -5.42 12.21 -33.00
CA LYS F 295 -4.76 13.47 -32.68
C LYS F 295 -3.33 13.35 -32.14
N PRO F 296 -2.37 14.06 -32.77
CA PRO F 296 -0.98 14.02 -32.31
C PRO F 296 -0.89 14.90 -31.07
N ALA F 297 -1.33 16.14 -31.23
CA ALA F 297 -1.31 17.17 -30.18
C ALA F 297 -1.39 16.62 -28.77
N HIS F 298 -0.47 17.08 -27.92
CA HIS F 298 -0.37 16.70 -26.53
C HIS F 298 0.65 15.57 -26.31
N LEU F 299 0.84 14.72 -27.33
CA LEU F 299 1.78 13.61 -27.25
C LEU F 299 3.21 14.03 -27.62
N ASN F 300 4.16 13.80 -26.72
CA ASN F 300 5.56 14.16 -26.97
C ASN F 300 6.37 13.02 -27.61
N ALA F 301 7.07 13.34 -28.68
CA ALA F 301 7.89 12.35 -29.38
C ALA F 301 8.99 13.07 -30.13
N ASN F 302 10.15 12.43 -30.22
CA ASN F 302 11.28 13.04 -30.91
C ASN F 302 11.22 12.84 -32.43
N ASP F 303 10.21 12.10 -32.91
CA ASP F 303 10.14 11.83 -34.34
C ASP F 303 8.87 12.22 -35.11
N TRP F 304 8.09 13.17 -34.59
CA TRP F 304 6.90 13.59 -35.33
C TRP F 304 7.33 14.15 -36.69
N ALA F 305 6.68 13.68 -37.74
CA ALA F 305 7.01 14.14 -39.09
C ALA F 305 5.72 14.24 -39.88
N THR F 306 5.69 15.19 -40.82
CA THR F 306 4.49 15.39 -41.63
C THR F 306 4.59 14.62 -42.93
N ASN F 307 3.65 13.70 -43.16
CA ASN F 307 3.68 12.91 -44.39
C ASN F 307 3.20 13.71 -45.61
N GLY F 308 3.21 13.05 -46.77
CA GLY F 308 2.79 13.70 -48.00
C GLY F 308 1.42 14.31 -48.04
N VAL F 309 0.53 13.95 -47.11
CA VAL F 309 -0.80 14.51 -47.13
C VAL F 309 -1.07 15.47 -45.97
N GLY F 310 0.00 15.90 -45.31
CA GLY F 310 -0.13 16.86 -44.22
C GLY F 310 -0.47 16.34 -42.83
N ARG F 311 -0.37 15.03 -42.64
CA ARG F 311 -0.65 14.46 -41.32
C ARG F 311 0.63 14.16 -40.58
N LYS F 312 0.59 14.34 -39.26
CA LYS F 312 1.74 14.08 -38.40
C LYS F 312 1.77 12.61 -37.98
N VAL F 313 2.92 11.97 -38.13
CA VAL F 313 3.05 10.58 -37.74
C VAL F 313 4.32 10.34 -36.94
N SER F 314 4.26 9.41 -36.02
CA SER F 314 5.39 9.05 -35.19
C SER F 314 5.47 7.52 -35.10
N HIS F 315 6.66 6.97 -35.07
CA HIS F 315 6.81 5.52 -34.98
C HIS F 315 6.46 5.01 -33.59
N SER F 316 6.22 5.93 -32.66
CA SER F 316 5.87 5.58 -31.29
C SER F 316 4.37 5.67 -31.08
N TYR F 317 3.70 6.49 -31.88
CA TYR F 317 2.27 6.70 -31.71
C TYR F 317 1.39 6.49 -32.94
N GLY F 318 2.00 6.35 -34.12
CA GLY F 318 1.20 6.17 -35.31
C GLY F 318 0.65 7.54 -35.64
N TYR F 319 -0.67 7.64 -35.85
CA TYR F 319 -1.27 8.92 -36.17
C TYR F 319 -1.66 9.72 -34.94
N GLY F 320 -1.37 9.16 -33.76
CA GLY F 320 -1.70 9.84 -32.53
C GLY F 320 -2.74 9.17 -31.64
N LEU F 321 -3.26 9.95 -30.71
CA LEU F 321 -4.25 9.49 -29.74
C LEU F 321 -5.63 9.33 -30.40
N LEU F 322 -6.34 8.27 -30.04
CA LEU F 322 -7.66 8.05 -30.58
C LEU F 322 -8.62 9.10 -30.01
N ASP F 323 -9.59 9.50 -30.82
CA ASP F 323 -10.60 10.50 -30.42
C ASP F 323 -11.97 9.84 -30.60
N ALA F 324 -12.53 9.29 -29.54
CA ALA F 324 -13.82 8.62 -29.63
C ALA F 324 -14.88 9.53 -30.22
N GLY F 325 -14.97 10.76 -29.72
CA GLY F 325 -15.94 11.71 -30.22
C GLY F 325 -15.80 11.92 -31.72
N ALA F 326 -14.57 12.16 -32.17
CA ALA F 326 -14.30 12.38 -33.58
C ALA F 326 -14.62 11.13 -34.41
N MET F 327 -14.32 9.96 -33.86
CA MET F 327 -14.57 8.69 -34.52
C MET F 327 -16.04 8.48 -34.84
N VAL F 328 -16.89 8.53 -33.81
CA VAL F 328 -18.33 8.32 -34.02
C VAL F 328 -18.93 9.42 -34.92
N ALA F 329 -18.38 10.63 -34.80
CA ALA F 329 -18.86 11.75 -35.59
C ALA F 329 -18.62 11.48 -37.07
N LEU F 330 -17.37 11.23 -37.44
CA LEU F 330 -17.01 10.96 -38.83
C LEU F 330 -17.68 9.69 -39.37
N ALA F 331 -17.81 8.69 -38.51
CA ALA F 331 -18.42 7.41 -38.90
C ALA F 331 -19.81 7.56 -39.52
N GLN F 332 -20.62 8.44 -38.95
CA GLN F 332 -21.99 8.66 -39.41
C GLN F 332 -22.15 9.08 -40.86
N ASN F 333 -21.30 10.00 -41.34
CA ASN F 333 -21.43 10.43 -42.72
C ASN F 333 -20.45 9.74 -43.65
N TRP F 334 -19.76 8.71 -43.13
CA TRP F 334 -18.76 8.00 -43.92
C TRP F 334 -19.26 7.17 -45.10
N THR F 335 -18.64 7.38 -46.25
CA THR F 335 -18.97 6.66 -47.48
C THR F 335 -17.95 5.52 -47.66
N THR F 336 -18.44 4.28 -47.66
CA THR F 336 -17.59 3.11 -47.81
C THR F 336 -16.57 3.29 -48.91
N VAL F 337 -15.30 3.02 -48.59
CA VAL F 337 -14.23 3.17 -49.57
C VAL F 337 -14.36 2.20 -50.74
N ALA F 338 -13.70 2.52 -51.84
CA ALA F 338 -13.73 1.66 -53.03
C ALA F 338 -13.02 0.33 -52.76
N PRO F 339 -13.26 -0.66 -53.63
CA PRO F 339 -12.63 -1.99 -53.46
C PRO F 339 -11.11 -1.87 -53.36
N GLN F 340 -10.53 -2.68 -52.48
CA GLN F 340 -9.08 -2.67 -52.28
C GLN F 340 -8.31 -3.20 -53.48
N ARG F 341 -7.33 -2.41 -53.94
CA ARG F 341 -6.48 -2.81 -55.05
C ARG F 341 -5.11 -3.15 -54.49
N LYS F 342 -4.38 -4.03 -55.17
CA LYS F 342 -3.06 -4.45 -54.71
C LYS F 342 -2.11 -4.39 -55.88
N CYS F 343 -1.02 -3.65 -55.73
CA CYS F 343 -0.06 -3.52 -56.82
C CYS F 343 1.31 -4.03 -56.37
N ILE F 344 1.78 -5.11 -57.02
CA ILE F 344 3.05 -5.72 -56.68
C ILE F 344 4.15 -5.24 -57.61
N ILE F 345 5.27 -4.81 -57.04
CA ILE F 345 6.40 -4.32 -57.82
C ILE F 345 7.72 -4.91 -57.31
N ASP F 346 8.28 -5.87 -58.05
CA ASP F 346 9.55 -6.47 -57.68
C ASP F 346 10.63 -5.48 -58.15
N ILE F 347 11.46 -5.02 -57.23
CA ILE F 347 12.48 -4.02 -57.57
C ILE F 347 13.84 -4.49 -58.09
N LEU F 348 14.46 -5.45 -57.41
CA LEU F 348 15.79 -5.90 -57.81
C LEU F 348 15.93 -6.72 -59.10
N THR F 349 16.96 -6.39 -59.87
CA THR F 349 17.26 -7.10 -61.11
C THR F 349 18.53 -7.92 -60.85
N GLU F 350 19.07 -7.77 -59.65
CA GLU F 350 20.29 -8.48 -59.26
C GLU F 350 20.54 -8.26 -57.78
N PRO F 351 21.21 -9.23 -57.13
CA PRO F 351 21.50 -9.11 -55.71
C PRO F 351 22.30 -7.83 -55.49
N LYS F 352 22.24 -7.30 -54.26
CA LYS F 352 22.96 -6.08 -53.92
C LYS F 352 23.77 -6.28 -52.64
N ASP F 353 25.01 -5.83 -52.63
CA ASP F 353 25.83 -6.00 -51.44
C ASP F 353 25.45 -4.91 -50.46
N ILE F 354 25.30 -5.26 -49.19
CA ILE F 354 24.92 -4.28 -48.18
C ILE F 354 26.09 -3.44 -47.67
N GLY F 355 27.15 -4.10 -47.21
CA GLY F 355 28.29 -3.35 -46.73
C GLY F 355 27.94 -2.40 -45.60
N LYS F 356 28.48 -1.18 -45.67
CA LYS F 356 28.23 -0.18 -44.64
C LYS F 356 26.88 0.47 -44.85
N ARG F 357 26.51 0.66 -46.13
CA ARG F 357 25.25 1.27 -46.47
C ARG F 357 24.85 0.90 -47.89
N LEU F 358 23.55 0.69 -48.08
CA LEU F 358 23.01 0.34 -49.38
C LEU F 358 21.81 1.21 -49.65
N GLU F 359 21.71 1.71 -50.88
CA GLU F 359 20.58 2.54 -51.24
C GLU F 359 20.01 2.00 -52.54
N VAL F 360 18.70 1.82 -52.58
CA VAL F 360 18.04 1.32 -53.78
C VAL F 360 16.92 2.26 -54.18
N ARG F 361 17.05 2.83 -55.37
CA ARG F 361 16.05 3.76 -55.89
C ARG F 361 15.24 3.10 -56.97
N LYS F 362 14.01 3.54 -57.13
CA LYS F 362 13.15 2.95 -58.15
C LYS F 362 11.92 3.81 -58.39
N THR F 363 11.71 4.19 -59.64
CA THR F 363 10.56 4.99 -59.99
C THR F 363 9.48 4.00 -60.39
N VAL F 364 8.31 4.08 -59.75
CA VAL F 364 7.24 3.16 -60.07
C VAL F 364 6.05 3.94 -60.60
N THR F 365 5.19 3.27 -61.35
CA THR F 365 4.01 3.91 -61.89
C THR F 365 2.79 3.48 -61.11
N ALA F 366 3.02 2.66 -60.08
CA ALA F 366 1.94 2.16 -59.24
C ALA F 366 0.83 1.51 -60.06
N CYS F 367 1.22 0.66 -61.01
CA CYS F 367 0.28 -0.05 -61.85
C CYS F 367 -0.61 0.84 -62.71
N LEU F 368 -0.03 1.91 -63.26
CA LEU F 368 -0.78 2.81 -64.10
C LEU F 368 -1.31 2.04 -65.31
N GLY F 369 -2.55 2.33 -65.70
CA GLY F 369 -3.12 1.65 -66.85
C GLY F 369 -3.64 0.25 -66.58
N GLU F 370 -3.44 -0.27 -65.38
CA GLU F 370 -3.93 -1.60 -65.04
C GLU F 370 -5.14 -1.49 -64.11
N PRO F 371 -5.89 -2.59 -63.92
CA PRO F 371 -7.06 -2.59 -63.04
C PRO F 371 -6.74 -2.31 -61.58
N ASN F 372 -5.49 -2.54 -61.19
CA ASN F 372 -5.05 -2.33 -59.81
C ASN F 372 -4.16 -1.09 -59.67
N HIS F 373 -4.43 -0.10 -60.51
CA HIS F 373 -3.70 1.17 -60.48
C HIS F 373 -4.04 1.84 -59.15
N ILE F 374 -3.04 2.36 -58.45
CA ILE F 374 -3.28 2.99 -57.16
C ILE F 374 -2.84 4.46 -57.12
N THR F 375 -3.77 5.33 -56.72
CA THR F 375 -3.45 6.75 -56.63
C THR F 375 -3.58 7.21 -55.18
N ARG F 376 -4.33 6.45 -54.40
CA ARG F 376 -4.55 6.74 -52.98
C ARG F 376 -4.04 5.52 -52.21
N LEU F 377 -2.88 5.65 -51.59
CA LEU F 377 -2.29 4.54 -50.87
C LEU F 377 -2.90 4.26 -49.50
N GLU F 378 -2.82 2.99 -49.08
CA GLU F 378 -3.30 2.58 -47.76
C GLU F 378 -2.07 1.96 -47.11
N HIS F 379 -2.04 0.64 -46.95
CA HIS F 379 -0.83 0.05 -46.36
C HIS F 379 0.20 -0.11 -47.47
N ALA F 380 1.46 -0.25 -47.08
CA ALA F 380 2.53 -0.47 -48.03
C ALA F 380 3.50 -1.45 -47.37
N GLN F 381 3.91 -2.47 -48.11
CA GLN F 381 4.84 -3.46 -47.59
C GLN F 381 6.11 -3.46 -48.40
N ALA F 382 7.23 -3.68 -47.71
CA ALA F 382 8.52 -3.78 -48.38
C ALA F 382 8.98 -5.16 -47.97
N ARG F 383 8.72 -6.16 -48.83
CA ARG F 383 9.11 -7.53 -48.56
C ARG F 383 10.60 -7.70 -48.87
N LEU F 384 11.40 -7.92 -47.85
CA LEU F 384 12.83 -8.05 -48.06
C LEU F 384 13.35 -9.42 -47.72
N THR F 385 14.38 -9.82 -48.46
CA THR F 385 15.05 -11.09 -48.23
C THR F 385 16.53 -10.74 -48.26
N LEU F 386 17.19 -10.90 -47.13
CA LEU F 386 18.60 -10.57 -47.07
C LEU F 386 19.35 -11.43 -46.08
N SER F 387 20.66 -11.43 -46.23
CA SER F 387 21.54 -12.19 -45.33
C SER F 387 22.46 -11.17 -44.65
N TYR F 388 22.78 -11.41 -43.39
CA TYR F 388 23.65 -10.50 -42.66
C TYR F 388 24.25 -11.27 -41.49
N ASN F 389 25.44 -10.88 -41.06
CA ASN F 389 26.11 -11.56 -39.96
C ASN F 389 25.55 -11.18 -38.59
N ARG F 390 25.05 -9.95 -38.47
CA ARG F 390 24.50 -9.48 -37.20
C ARG F 390 23.27 -8.64 -37.48
N ARG F 391 22.12 -9.29 -37.56
CA ARG F 391 20.85 -8.63 -37.88
C ARG F 391 20.53 -7.37 -37.08
N GLY F 392 20.70 -7.42 -35.76
CA GLY F 392 20.41 -6.27 -34.92
C GLY F 392 21.16 -4.98 -35.24
N ASP F 393 22.25 -5.07 -35.99
CA ASP F 393 23.02 -3.87 -36.33
C ASP F 393 22.41 -3.12 -37.50
N LEU F 394 21.48 -3.77 -38.20
CA LEU F 394 20.83 -3.16 -39.36
C LEU F 394 19.76 -2.13 -39.01
N ALA F 395 19.56 -1.20 -39.92
CA ALA F 395 18.53 -0.17 -39.78
C ALA F 395 18.02 0.01 -41.21
N ILE F 396 16.70 -0.14 -41.38
CA ILE F 396 16.12 -0.04 -42.71
C ILE F 396 15.09 1.07 -42.80
N HIS F 397 15.15 1.83 -43.88
CA HIS F 397 14.25 2.95 -44.10
C HIS F 397 13.64 2.91 -45.50
N LEU F 398 12.41 3.40 -45.60
CA LEU F 398 11.72 3.43 -46.87
C LEU F 398 11.17 4.83 -47.06
N VAL F 399 11.57 5.47 -48.15
CA VAL F 399 11.10 6.82 -48.40
C VAL F 399 10.13 6.86 -49.58
N SER F 400 8.93 7.34 -49.34
CA SER F 400 7.93 7.41 -50.39
C SER F 400 8.22 8.56 -51.36
N PRO F 401 7.62 8.51 -52.56
CA PRO F 401 7.83 9.57 -53.55
C PRO F 401 7.54 10.95 -52.97
N MET F 402 6.56 11.03 -52.07
CA MET F 402 6.22 12.31 -51.47
C MET F 402 7.10 12.67 -50.27
N GLY F 403 8.25 11.99 -50.15
CA GLY F 403 9.19 12.29 -49.08
C GLY F 403 8.95 11.75 -47.68
N THR F 404 7.96 10.90 -47.49
CA THR F 404 7.70 10.35 -46.16
C THR F 404 8.68 9.21 -45.89
N ARG F 405 9.42 9.36 -44.80
CA ARG F 405 10.45 8.41 -44.42
C ARG F 405 10.00 7.44 -43.32
N SER F 406 9.69 6.22 -43.72
CA SER F 406 9.26 5.19 -42.80
C SER F 406 10.42 4.31 -42.37
N THR F 407 10.66 4.22 -41.07
CA THR F 407 11.73 3.36 -40.60
C THR F 407 11.13 1.96 -40.40
N LEU F 408 11.43 1.08 -41.34
CA LEU F 408 10.93 -0.28 -41.32
C LEU F 408 11.56 -1.08 -40.18
N LEU F 409 12.82 -0.79 -39.90
CA LEU F 409 13.53 -1.50 -38.84
C LEU F 409 14.63 -0.66 -38.20
N ALA F 410 14.55 -0.48 -36.89
CA ALA F 410 15.57 0.27 -36.18
C ALA F 410 16.53 -0.74 -35.59
N ALA F 411 17.71 -0.29 -35.19
CA ALA F 411 18.69 -1.19 -34.61
C ALA F 411 18.14 -1.88 -33.36
N ARG F 412 18.48 -3.16 -33.23
CA ARG F 412 18.07 -3.98 -32.10
C ARG F 412 19.36 -4.60 -31.54
N PRO F 413 20.01 -3.88 -30.62
CA PRO F 413 21.25 -4.35 -30.01
C PRO F 413 21.31 -5.79 -29.53
N HIS F 414 20.18 -6.35 -29.09
CA HIS F 414 20.18 -7.73 -28.61
C HIS F 414 20.04 -8.79 -29.72
N ASP F 415 19.69 -8.35 -30.92
CA ASP F 415 19.51 -9.29 -32.02
C ASP F 415 20.85 -9.62 -32.66
N TYR F 416 21.41 -10.77 -32.29
CA TYR F 416 22.71 -11.20 -32.80
C TYR F 416 22.54 -12.30 -33.85
N SER F 417 21.30 -12.51 -34.28
CA SER F 417 21.01 -13.54 -35.27
C SER F 417 21.80 -13.38 -36.55
N ALA F 418 22.10 -14.51 -37.19
CA ALA F 418 22.83 -14.51 -38.44
C ALA F 418 21.93 -15.04 -39.54
N ASP F 419 20.64 -15.18 -39.22
CA ASP F 419 19.68 -15.71 -40.17
C ASP F 419 19.03 -14.68 -41.09
N GLY F 420 19.37 -13.41 -40.92
CA GLY F 420 18.79 -12.37 -41.76
C GLY F 420 17.27 -12.33 -41.81
N PHE F 421 16.74 -11.95 -42.96
CA PHE F 421 15.29 -11.89 -43.16
C PHE F 421 14.92 -12.68 -44.40
N ASN F 422 13.97 -13.59 -44.26
CA ASN F 422 13.52 -14.42 -45.38
C ASN F 422 12.11 -13.99 -45.82
N ASP F 423 12.08 -13.10 -46.80
CA ASP F 423 10.84 -12.55 -47.33
C ASP F 423 9.94 -12.00 -46.23
N TRP F 424 10.52 -11.17 -45.37
CA TRP F 424 9.77 -10.56 -44.27
C TRP F 424 9.08 -9.29 -44.80
N ALA F 425 7.79 -9.16 -44.55
CA ALA F 425 7.02 -8.02 -45.05
C ALA F 425 6.91 -6.81 -44.11
N PHE F 426 7.95 -5.97 -44.10
CA PHE F 426 7.93 -4.76 -43.28
C PHE F 426 6.78 -3.90 -43.77
N MET F 427 5.91 -3.49 -42.85
CA MET F 427 4.75 -2.69 -43.22
C MET F 427 4.76 -1.28 -42.64
N THR F 428 4.26 -0.32 -43.41
CA THR F 428 4.20 1.05 -42.93
C THR F 428 2.84 1.66 -43.20
N THR F 429 2.34 2.45 -42.26
CA THR F 429 1.04 3.10 -42.40
C THR F 429 1.24 4.60 -42.55
N HIS F 430 2.50 5.03 -42.58
CA HIS F 430 2.83 6.44 -42.66
C HIS F 430 2.55 7.17 -43.97
N SER F 431 2.45 6.44 -45.07
CA SER F 431 2.19 7.09 -46.35
C SER F 431 0.74 6.91 -46.78
N TRP F 432 -0.11 6.68 -45.78
CA TRP F 432 -1.54 6.48 -46.00
C TRP F 432 -2.12 7.70 -46.73
N ASP F 433 -2.86 7.44 -47.81
CA ASP F 433 -3.50 8.45 -48.64
C ASP F 433 -2.58 9.19 -49.61
N GLU F 434 -1.29 8.89 -49.60
CA GLU F 434 -0.36 9.53 -50.52
C GLU F 434 -0.49 8.92 -51.90
N ASP F 435 0.07 9.59 -52.91
CA ASP F 435 0.06 9.05 -54.26
C ASP F 435 1.35 8.23 -54.27
N PRO F 436 1.24 6.92 -54.48
CA PRO F 436 2.41 6.04 -54.50
C PRO F 436 3.33 6.08 -55.71
N SER F 437 2.91 6.71 -56.81
CA SER F 437 3.77 6.75 -58.00
C SER F 437 4.93 7.72 -57.80
N GLY F 438 6.08 7.37 -58.40
CA GLY F 438 7.24 8.21 -58.27
C GLY F 438 8.42 7.40 -57.82
N GLU F 439 9.44 8.07 -57.29
CA GLU F 439 10.64 7.36 -56.85
C GLU F 439 10.58 6.93 -55.37
N TRP F 440 10.76 5.63 -55.14
CA TRP F 440 10.77 5.08 -53.80
C TRP F 440 12.24 4.79 -53.51
N VAL F 441 12.65 4.97 -52.25
CA VAL F 441 14.04 4.73 -51.89
C VAL F 441 14.13 3.83 -50.66
N LEU F 442 14.91 2.77 -50.77
CA LEU F 442 15.10 1.85 -49.66
C LEU F 442 16.50 2.10 -49.13
N GLU F 443 16.62 2.21 -47.81
CA GLU F 443 17.93 2.45 -47.21
C GLU F 443 18.25 1.42 -46.17
N ILE F 444 19.38 0.74 -46.35
CA ILE F 444 19.84 -0.27 -45.40
C ILE F 444 21.21 0.21 -44.95
N GLU F 445 21.39 0.33 -43.63
CA GLU F 445 22.65 0.82 -43.11
C GLU F 445 23.13 0.03 -41.91
N ASN F 446 24.45 -0.05 -41.77
CA ASN F 446 25.06 -0.73 -40.65
C ASN F 446 25.24 0.35 -39.58
N THR F 447 24.43 0.29 -38.52
CA THR F 447 24.50 1.29 -37.45
C THR F 447 25.64 1.05 -36.47
N SER F 448 26.47 0.07 -36.76
CA SER F 448 27.59 -0.27 -35.89
C SER F 448 28.95 0.04 -36.54
N GLU F 449 29.99 0.08 -35.72
CA GLU F 449 31.34 0.34 -36.23
C GLU F 449 31.96 -0.97 -36.71
N ALA F 450 31.34 -2.08 -36.32
CA ALA F 450 31.81 -3.41 -36.70
C ALA F 450 31.76 -3.58 -38.21
N ASN F 451 32.70 -4.36 -38.75
CA ASN F 451 32.75 -4.61 -40.18
C ASN F 451 31.79 -5.76 -40.51
N ASN F 452 30.51 -5.44 -40.65
CA ASN F 452 29.50 -6.44 -40.96
C ASN F 452 29.38 -6.62 -42.47
N TYR F 453 28.77 -7.74 -42.87
CA TYR F 453 28.62 -8.04 -44.29
C TYR F 453 27.32 -8.79 -44.58
N GLY F 454 26.79 -8.60 -45.78
CA GLY F 454 25.56 -9.27 -46.15
C GLY F 454 25.09 -8.91 -47.53
N THR F 455 24.01 -9.54 -47.98
CA THR F 455 23.48 -9.29 -49.31
C THR F 455 21.96 -9.19 -49.32
N LEU F 456 21.43 -8.21 -50.05
CA LEU F 456 19.99 -8.03 -50.21
C LEU F 456 19.66 -8.76 -51.51
N THR F 457 18.86 -9.82 -51.43
CA THR F 457 18.53 -10.58 -52.63
C THR F 457 17.13 -10.36 -53.16
N LYS F 458 16.26 -9.76 -52.35
CA LYS F 458 14.90 -9.51 -52.80
C LYS F 458 14.32 -8.31 -52.10
N PHE F 459 13.68 -7.46 -52.90
CA PHE F 459 13.01 -6.26 -52.40
C PHE F 459 11.75 -6.06 -53.24
N THR F 460 10.62 -6.55 -52.71
CA THR F 460 9.35 -6.41 -53.40
C THR F 460 8.49 -5.38 -52.71
N LEU F 461 8.03 -4.39 -53.47
CA LEU F 461 7.17 -3.34 -52.93
C LEU F 461 5.72 -3.74 -53.21
N VAL F 462 4.91 -3.75 -52.17
CA VAL F 462 3.50 -4.10 -52.32
C VAL F 462 2.63 -2.93 -51.87
N LEU F 463 1.87 -2.40 -52.80
CA LEU F 463 1.00 -1.27 -52.52
C LEU F 463 -0.46 -1.67 -52.46
N TYR F 464 -1.14 -1.23 -51.40
CA TYR F 464 -2.56 -1.50 -51.23
C TYR F 464 -3.24 -0.13 -51.33
N GLY F 465 -4.47 -0.09 -51.84
CA GLY F 465 -5.16 1.19 -51.93
C GLY F 465 -6.23 1.28 -52.99
N THR F 466 -6.61 2.51 -53.32
CA THR F 466 -7.64 2.74 -54.30
C THR F 466 -7.22 3.77 -55.34
N ALA F 467 -8.16 4.09 -56.23
CA ALA F 467 -7.93 5.07 -57.29
C ALA F 467 -9.21 5.89 -57.46
N ARG G 2 -24.13 38.35 15.36
CA ARG G 2 -22.74 37.94 15.52
C ARG G 2 -21.94 38.31 14.27
N VAL G 3 -20.81 38.99 14.45
CA VAL G 3 -20.01 39.44 13.31
C VAL G 3 -18.59 38.92 13.29
N ARG G 4 -17.99 38.89 12.10
CA ARG G 4 -16.61 38.45 11.96
C ARG G 4 -15.74 39.50 12.66
N ARG H 2 -38.63 32.32 47.99
CA ARG H 2 -38.55 30.87 48.15
C ARG H 2 -39.31 30.45 49.41
N VAL H 3 -40.18 29.47 49.28
CA VAL H 3 -40.98 29.01 50.41
C VAL H 3 -40.80 27.55 50.80
N ARG H 4 -41.10 27.22 52.05
CA ARG H 4 -41.01 25.85 52.52
C ARG H 4 -42.09 25.09 51.77
N ARG I 2 20.70 -14.21 -6.33
CA ARG I 2 21.11 -12.80 -6.42
C ARG I 2 21.12 -12.33 -7.87
N VAL I 3 20.46 -11.20 -8.14
CA VAL I 3 20.36 -10.70 -9.50
C VAL I 3 20.95 -9.30 -9.73
N ARG I 4 21.31 -9.01 -10.98
CA ARG I 4 21.85 -7.70 -11.33
C ARG I 4 20.69 -6.73 -11.16
N ARG J 2 16.10 -20.84 28.64
CA ARG J 2 17.45 -20.72 29.20
C ARG J 2 17.43 -21.19 30.66
N VAL J 3 18.38 -22.06 31.01
CA VAL J 3 18.43 -22.62 32.36
C VAL J 3 19.73 -22.36 33.11
N ARG J 4 19.66 -22.38 34.43
CA ARG J 4 20.85 -22.18 35.26
C ARG J 4 21.73 -23.40 35.00
N ARG K 2 10.57 -23.33 -61.82
CA ARG K 2 9.27 -23.67 -62.37
C ARG K 2 9.41 -24.15 -63.81
N VAL K 3 8.84 -25.31 -64.12
CA VAL K 3 8.96 -25.87 -65.47
C VAL K 3 7.63 -26.09 -66.20
N ARG K 4 7.72 -26.15 -67.53
CA ARG K 4 6.55 -26.41 -68.36
C ARG K 4 6.17 -27.86 -68.04
N ARG L 2 4.02 -17.52 -26.86
CA ARG L 2 3.16 -16.34 -26.87
C ARG L 2 2.96 -15.84 -25.44
N VAL L 3 3.17 -14.54 -25.23
CA VAL L 3 3.05 -13.95 -23.90
C VAL L 3 2.02 -12.85 -23.76
N ARG L 4 1.53 -12.65 -22.54
CA ARG L 4 0.57 -11.60 -22.27
C ARG L 4 1.37 -10.29 -22.49
#